data_6DVD
#
_entry.id   6DVD
#
_cell.length_a   142.135
_cell.length_b   161.485
_cell.length_c   239.367
_cell.angle_alpha   90.00
_cell.angle_beta   90.00
_cell.angle_gamma   90.00
#
_symmetry.space_group_name_H-M   'P 21 21 21'
#
loop_
_entity.id
_entity.type
_entity.pdbx_description
1 polymer 'DNA-directed RNA polymerase subunit alpha'
2 polymer 'DNA-directed RNA polymerase subunit beta'
3 polymer "DNA-directed RNA polymerase subunit beta'"
4 polymer 'DNA-directed RNA polymerase subunit omega'
5 polymer 'ECF RNA polymerase sigma factor SigL'
6 polymer "DNA (5'-D(*GP*CP*AP*TP*CP*CP*GP*TP*GP*A)-3')"
7 polymer "DNA (5'-D(P*CP*GP*TP*GP*TP*CP*AP*GP*TP*AP*GP*CP*TP*GP*TP*CP*AP*CP*GP*GP*AP*TP*GP*C)-3')"
8 non-polymer 'ZINC ION'
#
loop_
_entity_poly.entity_id
_entity_poly.type
_entity_poly.pdbx_seq_one_letter_code
_entity_poly.pdbx_strand_id
1 'polypeptide(L)'
;MGHHHHHHHHHHMLISQRPTLSEDVLTDNRSQFVIEPLEPGFGYTLGNSLRRTLLSSIPGAAVTSIRIDGVLHEFTTVPG
VKEDVTEIILNLKSLVVSSEEDEPVTMYLRKQGPGEVTAGDIVPPAGVTVHNPGMHIATLNDKGKLEVELVVERGRGYVP
AVQNRASGAEIGRIPVDSIYSPVLKVTYKVDATRVEQRTDFDKLILDVETKNSISPRDALASAGKTLVELFGLARELNVE
AEGIEIGPSPAEADHIASFALPIDDLDLTVRSYNCLKREGVHTVGELVARTESDLLDIRNFGQKSIDEVKIKLHQLGLSL
KDSPPSFDPSEVAGYDVATGTWSTEGAYDEQDYAETEQL
;
A,B
2 'polypeptide(L)'
;MLEGCILADSRQSKTAASPSPSRPQSSSNNSVPGAPNRVSFAKLREPLEVPGLLDVQTDSFEWLIGSPRWRESAAERGDV
NPVGGLEEVLYELSPIEDFSGSMSLSFSDPRFDDVKAPVDECKDKDMTYAAPLFVTAEFINNNTGEIKSQTVFMGDFPMM
TEKGTFIINGTERVVVSQLVRSPGVYFDETIDKSTDKTLHSVKVIPSRGAWLEFDVDKRDTVGVRIDRKRRQPVTVLLKA
LGWTSEQIVERFGFSEIMRSTLEKDNTVGTDEALLDIYRKLRPGEPPTKESAQTLLENLFFKEKRYDLARVGRYKVNKKL
GLHVGEPITSSTLTEEDVVATIEYLVRLHEGQTTMTVPGGVEVPVETDDIDHFGNRRLRTVGELIQNQIRVGMSRMERVV
RERMTTQDVEAITPQTLINIRPVVAAIKEFFGTSQLSQFMDQNNPLSGLTHKRRLSALGPGGLSRERAGLEVRDVHPSHY
GRMCPIETPEGPNIGLIGSLSVYARVNPFGFIETPYRKVVDGVVSDEIVYLTADEEDRHVVAQANSPIDADGRFVEPRVL
VRRKAGEVEYVPSSEVDYMDVSPRQMVSVATAMIPFLEHDDANRALMGANMQRQAVPLVRSEAPLVGTGMELRAAIDAGD
VVVAEESGVIEEVSADYITVMHDNGTRRTYRMRKFARSNHGTCANQCPIVDAGDRVEAGQVIADGPCTDDGEMALGKNLL
VAIMPWEGHNYEDAIILSNRLVEEDVLTSIHIEEHEIDARDTKLGAEEITRDIPNISDEVLADLDERGIVRIGAEVRDGD
ILVGKVTPKGETELTPEERLLRAIFGEKAREVRDTSLKVPHGESGKVIGIRVFSREDEDELPAGVNELVRVYVAQKRKIS
DGDKLAGRHGNKGVIGKILPVEDMPFLADGTPVDIILNTHGVPRRMNIGQILETHLGWCAHSGWKVDAAKGVPDWAARLP
DELLEAQPNAIVSTPVFDGAQEAELQGLLSCTLPNRDGDVLVDADGKAMLFDGRSGEPFPYPVTVGYMYIMKLHHLVDDK
IHARSTGPYSMITQQPLGGKAQFGGQRFGEMECWAMQAYGAAYTLQELLTIKSDDTVGRVKVYEAIVKGENIPEPGIPES
FKVLLKELQSLCLNVEVLSSDGAAIELREGEDEDLERAAANLGINLSRNESASVEDLA
;
C
3 'polypeptide(L)'
;MLDVNFFDELRIGLATAEDIRQWSYGEVKKPETINYRTLKPEKDGLFCEKIFGPTRDWECYCGKYKRVRFKGIICERCGV
EVTRAKVRRERMGHIELAAPVTHIWYFKGVPSRLGYLLDLAPKDLEKIIYFAAYVITSVDEEMRHNELSTLEAEMAVERK
AVEDQRDGELEARAQKLEADLAELEAEGAKADARRKVRDGGEREMRQIRDRAQRELDRLEDIWSTFTKLAPKQLIVDENL
YRELVDRYGEYFTGAMGAESIQKLIENFDIDAEAESLRDVIRNGKGQKKLRALKRLKVVAAFQQSGNSPMGMVLDAVPVI
PPELRPMVQLDGGRFATSDLNDLYRRVINRNNRLKRLIDLGAPEIIVNNEKRMLQESVDALFDNGRRGRPVTGPGNRPLK
SLSDLLKGKQGRFRQNLLGKRVDYSGRSVIVVGPQLKLHQCGLPKLMALELFKPFVMKRLVDLNHAQNIKSAKRMVERQR
PQVWDVLEEVIAEHPVLLNRAPTLHRLGIQAFEPMLVEGKAIQLHPLVCEAFNADFDGDQMAVHLPLSAEAQAEARILML
SSNNILSPASGRPLAMPRLDMVTGLYYLTTEVPGDTGEYQPASGDHPETGVYSSPAEAIMAADRGVLSVRAKIKVRLTQL
RPPVEIEAELFGHSGWQPGDAWMAETTLGRVMFNELLPLGYPFVNKQMHKKVQAAIINDLAERYPMIVVAQTVDKLKDAG
FYWATRSGVTVSMADVLVPPRKKEILDHYEERADKVEKQFQRGALNHDERNEALVEIWKEATDEVGQALREHYPDDNPII
TIVDSGATGNFTQTRTLAGMKGLVTNPKGEFIPRPVKSSFREGLTVLEYFINTHGARKGLADTALRTADSGYLTRRLVDV
SQDVIVREHDCQTERGIVVELAERAPDGTLIRDPYIETSAYARTLGTDAVDEAGNVIVERGQDLGDPEIDALLAAGITQV
KVRSVLTCATSTGVCATCYGRSMATGKLVDIGEAVGIVAAQSIGEPGTQLTMRTFHQGGVGEDITGGLPRVQELFEARVP
RGKAPIADVTGRVRLEDGERFYKITIVPDDGGEEVVYDKISKRQRLRVFKHEDGSERVLSDGDHVEVGQQLMEGSADPHE
VLRVQGPREVQIHLVREVQEVYRAQGVSIHDKHIEVIVRQMLRRVTIIDSGSTEFLPGSLIDRAEFEAENRRVVAEGGEP
AAGRPVLMGITKASLATDSWLSAASFQETTRVLTDAAINCRSDKLNGLKENVIIGKLIPAGTGINRYRNIAVQPTEEARA
AAYTIPSYEDQYYSPDFGAATGAAVPLDDYGYSDYR
;
D
4 'polypeptide(L)'
;MSISQSDASLAAVPAVDQFDPSSGASGGYDTPLGITNPPIDELLDRVSSKYALVIYAAKRARQINDYYNQLGEGILEYVG
PLVEPGLQEKPLSIALREIHADLLEHTEGE
;
E
5 'polypeptide(L)'
;MARVSGAAAAEAALMRALYDEHAAVLWRYALRLTGDAAQAEDVVQETLLRAWQHPEVIGDTARPARAWLFTVARNMIIDE
RRSARFRNVVGSTDQSGTPEQSTPDEVNAALDRLLIADALAQLSAEHRAVIQRSYYRGWSTAQIATDLGIAEGTVKSRLH
YAVRALRLTLQELGVTR
;
F
6 'polydeoxyribonucleotide' (DG)(DC)(DA)(DT)(DC)(DC)(DG)(DT)(DG)(DA) G
7 'polydeoxyribonucleotide'
;(DC)(DG)(DT)(DG)(DT)(DC)(DA)(DG)(DT)(DA)(DG)(DC)(DT)(DG)(DT)(DC)(DA)(DC)(DG)(DG)
(DA)(DT)(DG)(DC)
;
H
#
loop_
_chem_comp.id
_chem_comp.type
_chem_comp.name
_chem_comp.formula
DA DNA linking 2'-DEOXYADENOSINE-5'-MONOPHOSPHATE 'C10 H14 N5 O6 P'
DC DNA linking 2'-DEOXYCYTIDINE-5'-MONOPHOSPHATE 'C9 H14 N3 O7 P'
DG DNA linking 2'-DEOXYGUANOSINE-5'-MONOPHOSPHATE 'C10 H14 N5 O7 P'
DT DNA linking THYMIDINE-5'-MONOPHOSPHATE 'C10 H15 N2 O8 P'
ZN non-polymer 'ZINC ION' 'Zn 2'
#
# COMPACT_ATOMS: atom_id res chain seq x y z
N LEU A 14 54.08 -35.26 -24.28
CA LEU A 14 53.17 -34.12 -24.16
C LEU A 14 53.94 -32.81 -24.07
N ILE A 15 54.30 -32.25 -25.22
CA ILE A 15 55.09 -31.01 -25.29
C ILE A 15 54.47 -30.11 -26.36
N SER A 16 54.99 -28.89 -26.43
CA SER A 16 54.33 -27.82 -27.17
C SER A 16 54.47 -27.98 -28.68
N GLN A 17 53.39 -27.66 -29.39
CA GLN A 17 53.41 -27.38 -30.82
C GLN A 17 52.64 -26.09 -31.03
N ARG A 18 53.28 -25.11 -31.68
CA ARG A 18 52.71 -23.77 -31.74
C ARG A 18 51.38 -23.79 -32.48
N PRO A 19 50.34 -23.13 -31.94
CA PRO A 19 49.02 -23.20 -32.56
C PRO A 19 48.95 -22.41 -33.86
N THR A 20 48.01 -22.82 -34.71
CA THR A 20 47.83 -22.23 -36.03
C THR A 20 46.39 -21.77 -36.20
N LEU A 21 46.21 -20.63 -36.86
CA LEU A 21 44.90 -20.07 -37.14
C LEU A 21 44.70 -20.02 -38.65
N SER A 22 43.66 -20.68 -39.14
CA SER A 22 43.34 -20.72 -40.55
C SER A 22 41.87 -20.36 -40.75
N GLU A 23 41.60 -19.52 -41.74
CA GLU A 23 40.27 -18.97 -41.96
C GLU A 23 39.48 -19.81 -42.97
N ASP A 24 38.22 -20.05 -42.65
CA ASP A 24 37.27 -20.68 -43.55
C ASP A 24 36.13 -19.72 -43.81
N VAL A 25 35.76 -19.56 -45.08
CA VAL A 25 34.72 -18.62 -45.49
C VAL A 25 33.43 -19.39 -45.75
N LEU A 26 32.32 -18.86 -45.24
CA LEU A 26 30.99 -19.39 -45.52
C LEU A 26 30.20 -18.49 -46.45
N THR A 27 30.09 -17.21 -46.14
CA THR A 27 29.50 -16.21 -47.02
C THR A 27 30.41 -14.98 -47.01
N ASP A 28 29.98 -13.94 -47.71
CA ASP A 28 30.77 -12.71 -47.78
C ASP A 28 30.84 -11.98 -46.45
N ASN A 29 29.94 -12.29 -45.51
CA ASN A 29 29.93 -11.65 -44.20
C ASN A 29 29.89 -12.67 -43.07
N ARG A 30 30.46 -13.85 -43.30
CA ARG A 30 30.56 -14.87 -42.25
C ARG A 30 31.76 -15.75 -42.55
N SER A 31 32.58 -15.99 -41.54
CA SER A 31 33.76 -16.82 -41.69
C SER A 31 34.00 -17.60 -40.40
N GLN A 32 34.46 -18.83 -40.53
CA GLN A 32 34.84 -19.65 -39.39
C GLN A 32 36.36 -19.65 -39.24
N PHE A 33 36.82 -19.60 -38.00
CA PHE A 33 38.24 -19.57 -37.68
C PHE A 33 38.56 -20.71 -36.72
N VAL A 34 39.50 -21.57 -37.11
CA VAL A 34 39.93 -22.70 -36.30
C VAL A 34 41.30 -22.40 -35.72
N ILE A 35 41.47 -22.62 -34.42
CA ILE A 35 42.73 -22.39 -33.74
C ILE A 35 43.10 -23.67 -33.00
N GLU A 36 44.24 -24.25 -33.36
CA GLU A 36 44.69 -25.51 -32.79
C GLU A 36 46.20 -25.63 -32.99
N PRO A 37 46.91 -26.34 -32.11
CA PRO A 37 46.37 -27.00 -30.91
C PRO A 37 46.41 -26.10 -29.67
N LEU A 38 45.44 -26.29 -28.79
CA LEU A 38 45.36 -25.57 -27.53
C LEU A 38 45.35 -26.56 -26.38
N GLU A 39 45.79 -26.08 -25.22
CA GLU A 39 45.77 -26.91 -24.02
C GLU A 39 44.34 -27.32 -23.68
N PRO A 40 44.16 -28.46 -23.01
CA PRO A 40 42.80 -28.88 -22.66
C PRO A 40 42.13 -27.90 -21.71
N GLY A 41 40.86 -27.61 -21.99
CA GLY A 41 40.11 -26.62 -21.25
C GLY A 41 40.38 -25.19 -21.64
N PHE A 42 41.34 -24.93 -22.53
CA PHE A 42 41.70 -23.58 -22.93
C PHE A 42 40.82 -23.05 -24.05
N GLY A 43 40.16 -23.93 -24.81
CA GLY A 43 39.48 -23.50 -26.01
C GLY A 43 38.28 -22.61 -25.74
N TYR A 44 37.54 -22.90 -24.66
CA TYR A 44 36.32 -22.14 -24.37
C TYR A 44 36.65 -20.71 -23.95
N THR A 45 37.73 -20.52 -23.19
CA THR A 45 38.02 -19.18 -22.69
C THR A 45 38.60 -18.29 -23.77
N LEU A 46 39.29 -18.87 -24.77
CA LEU A 46 39.80 -18.07 -25.87
C LEU A 46 38.65 -17.57 -26.75
N GLY A 47 37.73 -18.46 -27.12
CA GLY A 47 36.63 -18.06 -27.97
C GLY A 47 35.73 -17.02 -27.34
N ASN A 48 35.64 -17.01 -26.01
CA ASN A 48 34.82 -16.02 -25.33
C ASN A 48 35.51 -14.66 -25.29
N SER A 49 36.80 -14.64 -24.96
CA SER A 49 37.53 -13.38 -24.93
C SER A 49 37.55 -12.71 -26.30
N LEU A 50 37.58 -13.51 -27.37
CA LEU A 50 37.45 -12.94 -28.72
C LEU A 50 36.02 -12.49 -28.98
N ARG A 51 35.04 -13.32 -28.59
CA ARG A 51 33.64 -12.97 -28.81
C ARG A 51 33.25 -11.70 -28.05
N ARG A 52 33.69 -11.60 -26.80
CA ARG A 52 33.32 -10.42 -26.00
C ARG A 52 33.96 -9.16 -26.57
N THR A 53 35.19 -9.26 -27.07
CA THR A 53 35.81 -8.10 -27.69
C THR A 53 35.20 -7.81 -29.06
N LEU A 54 34.76 -8.84 -29.78
CA LEU A 54 34.13 -8.62 -31.08
C LEU A 54 32.80 -7.90 -30.93
N LEU A 55 31.93 -8.40 -30.06
CA LEU A 55 30.59 -7.84 -29.90
C LEU A 55 30.58 -6.47 -29.25
N SER A 56 31.75 -5.89 -28.91
CA SER A 56 31.75 -4.68 -28.10
C SER A 56 32.63 -3.57 -28.66
N SER A 57 33.90 -3.88 -28.95
CA SER A 57 34.91 -2.86 -29.18
C SER A 57 35.54 -2.94 -30.57
N ILE A 58 34.73 -3.27 -31.58
CA ILE A 58 35.19 -3.24 -32.97
C ILE A 58 34.81 -1.89 -33.56
N PRO A 59 35.76 -1.12 -34.08
CA PRO A 59 35.45 0.22 -34.58
C PRO A 59 34.51 0.16 -35.78
N GLY A 60 33.62 1.15 -35.85
CA GLY A 60 32.67 1.26 -36.94
C GLY A 60 32.09 2.65 -36.99
N ALA A 61 31.41 2.95 -38.10
CA ALA A 61 30.79 4.24 -38.33
C ALA A 61 29.29 4.11 -38.36
N ALA A 62 28.61 5.09 -37.76
CA ALA A 62 27.15 5.11 -37.75
C ALA A 62 26.68 6.55 -37.79
N VAL A 63 25.37 6.72 -37.98
CA VAL A 63 24.78 8.04 -38.07
C VAL A 63 24.54 8.58 -36.67
N THR A 64 25.08 9.78 -36.39
CA THR A 64 24.88 10.41 -35.09
C THR A 64 23.52 11.09 -35.01
N SER A 65 23.27 12.03 -35.91
CA SER A 65 22.02 12.79 -35.92
C SER A 65 21.53 12.93 -37.35
N ILE A 66 20.25 13.30 -37.48
CA ILE A 66 19.64 13.58 -38.77
C ILE A 66 19.00 14.95 -38.70
N ARG A 67 18.51 15.43 -39.86
CA ARG A 67 17.87 16.73 -39.94
C ARG A 67 16.93 16.73 -41.13
N ILE A 68 15.63 16.69 -40.85
CA ILE A 68 14.58 16.79 -41.87
C ILE A 68 14.10 18.23 -41.89
N ASP A 69 13.85 18.75 -43.09
CA ASP A 69 13.55 20.17 -43.25
C ASP A 69 12.22 20.54 -42.61
N GLY A 70 11.16 19.80 -42.93
CA GLY A 70 9.83 20.19 -42.50
C GLY A 70 9.51 19.86 -41.06
N VAL A 71 10.41 19.18 -40.35
CA VAL A 71 10.15 18.75 -38.98
C VAL A 71 11.12 19.45 -38.04
N LEU A 72 10.71 19.55 -36.78
CA LEU A 72 11.53 20.10 -35.73
C LEU A 72 11.80 19.12 -34.60
N HIS A 73 11.15 17.95 -34.60
CA HIS A 73 11.38 16.92 -33.61
C HIS A 73 10.86 15.60 -34.16
N GLU A 74 11.09 14.53 -33.39
CA GLU A 74 10.75 13.18 -33.85
C GLU A 74 9.25 12.99 -33.99
N PHE A 75 8.47 13.62 -33.11
CA PHE A 75 7.06 13.27 -32.95
C PHE A 75 6.19 14.12 -33.87
N THR A 76 6.31 13.85 -35.16
CA THR A 76 5.50 14.54 -36.16
C THR A 76 5.51 13.71 -37.45
N THR A 77 4.82 14.21 -38.46
CA THR A 77 4.73 13.57 -39.76
C THR A 77 5.25 14.50 -40.84
N VAL A 78 5.56 13.92 -41.99
CA VAL A 78 5.93 14.67 -43.20
C VAL A 78 4.82 14.49 -44.22
N PRO A 79 4.36 15.56 -44.87
CA PRO A 79 3.26 15.41 -45.82
C PRO A 79 3.62 14.49 -46.98
N GLY A 80 2.74 13.53 -47.24
CA GLY A 80 2.87 12.64 -48.36
C GLY A 80 3.59 11.34 -48.08
N VAL A 81 4.35 11.26 -47.00
CA VAL A 81 5.07 10.04 -46.65
C VAL A 81 4.17 9.19 -45.75
N LYS A 82 4.28 7.88 -45.88
CA LYS A 82 3.41 6.97 -45.14
C LYS A 82 3.87 6.78 -43.70
N GLU A 83 5.16 6.93 -43.43
CA GLU A 83 5.71 6.72 -42.10
C GLU A 83 5.91 8.06 -41.39
N ASP A 84 5.63 8.07 -40.09
CA ASP A 84 5.97 9.23 -39.29
C ASP A 84 7.48 9.32 -39.12
N VAL A 85 7.93 10.46 -38.59
CA VAL A 85 9.36 10.69 -38.42
C VAL A 85 9.97 9.67 -37.47
N THR A 86 9.22 9.25 -36.45
CA THR A 86 9.73 8.26 -35.52
C THR A 86 9.95 6.92 -36.22
N GLU A 87 8.99 6.48 -37.03
CA GLU A 87 9.16 5.23 -37.77
C GLU A 87 10.26 5.36 -38.82
N ILE A 88 10.45 6.55 -39.40
CA ILE A 88 11.54 6.76 -40.34
C ILE A 88 12.88 6.62 -39.64
N ILE A 89 12.99 7.15 -38.41
CA ILE A 89 14.24 7.06 -37.67
C ILE A 89 14.53 5.62 -37.27
N LEU A 90 13.49 4.85 -36.92
CA LEU A 90 13.70 3.44 -36.59
C LEU A 90 14.21 2.66 -37.78
N ASN A 91 13.78 3.03 -39.00
CA ASN A 91 14.31 2.40 -40.19
C ASN A 91 15.76 2.80 -40.44
N LEU A 92 16.14 4.02 -40.04
CA LEU A 92 17.50 4.49 -40.21
C LEU A 92 18.46 3.90 -39.19
N LYS A 93 17.95 3.27 -38.13
CA LYS A 93 18.83 2.53 -37.22
C LYS A 93 19.38 1.27 -37.86
N SER A 94 18.73 0.78 -38.92
CA SER A 94 19.21 -0.37 -39.66
C SER A 94 20.35 -0.04 -40.61
N LEU A 95 20.61 1.25 -40.84
CA LEU A 95 21.63 1.65 -41.80
C LEU A 95 23.01 1.18 -41.37
N VAL A 96 23.74 0.57 -42.30
CA VAL A 96 25.15 0.21 -42.10
C VAL A 96 25.99 1.10 -43.00
N VAL A 97 27.06 1.64 -42.45
CA VAL A 97 27.87 2.62 -43.16
C VAL A 97 29.27 2.58 -42.57
N SER A 98 30.26 2.94 -43.38
CA SER A 98 31.65 3.04 -42.94
C SER A 98 32.20 4.38 -43.41
N SER A 99 33.02 5.01 -42.57
CA SER A 99 33.58 6.32 -42.86
C SER A 99 35.09 6.30 -42.70
N GLU A 100 35.79 6.97 -43.61
CA GLU A 100 37.25 7.08 -43.55
C GLU A 100 37.71 8.31 -42.79
N GLU A 101 36.83 9.28 -42.56
CA GLU A 101 37.26 10.59 -42.08
C GLU A 101 37.56 10.60 -40.58
N ASP A 102 36.89 9.76 -39.79
CA ASP A 102 36.98 9.77 -38.34
C ASP A 102 36.60 11.12 -37.74
N GLU A 103 35.86 11.93 -38.48
CA GLU A 103 35.40 13.24 -38.04
C GLU A 103 33.97 13.44 -38.55
N PRO A 104 33.20 14.32 -37.92
CA PRO A 104 31.82 14.53 -38.35
C PRO A 104 31.73 14.90 -39.83
N VAL A 105 30.85 14.22 -40.54
CA VAL A 105 30.63 14.44 -41.97
C VAL A 105 29.15 14.23 -42.26
N THR A 106 28.65 14.89 -43.30
CA THR A 106 27.22 14.99 -43.56
C THR A 106 26.84 14.26 -44.84
N MET A 107 25.85 13.38 -44.73
CA MET A 107 25.20 12.76 -45.86
C MET A 107 23.91 13.52 -46.19
N TYR A 108 23.45 13.36 -47.44
CA TYR A 108 22.28 14.08 -47.92
C TYR A 108 21.34 13.12 -48.62
N LEU A 109 20.06 13.52 -48.67
CA LEU A 109 19.03 12.71 -49.31
C LEU A 109 17.89 13.61 -49.74
N ARG A 110 17.64 13.68 -51.05
CA ARG A 110 16.50 14.38 -51.60
C ARG A 110 15.76 13.44 -52.54
N LYS A 111 14.45 13.35 -52.39
CA LYS A 111 13.65 12.49 -53.26
C LYS A 111 12.22 13.02 -53.29
N GLN A 112 11.65 13.09 -54.50
CA GLN A 112 10.30 13.57 -54.71
C GLN A 112 9.40 12.40 -55.08
N GLY A 113 8.22 12.34 -54.46
CA GLY A 113 7.27 11.30 -54.77
C GLY A 113 6.67 11.46 -56.15
N PRO A 114 5.98 10.43 -56.63
CA PRO A 114 5.75 9.14 -55.97
C PRO A 114 6.99 8.25 -55.98
N GLY A 115 6.91 7.12 -55.28
CA GLY A 115 8.00 6.17 -55.22
C GLY A 115 8.46 5.92 -53.80
N GLU A 116 9.39 4.99 -53.68
CA GLU A 116 9.94 4.57 -52.40
C GLU A 116 11.38 5.07 -52.28
N VAL A 117 11.70 5.65 -51.12
CA VAL A 117 13.06 6.10 -50.83
C VAL A 117 13.81 4.95 -50.17
N THR A 118 14.94 4.58 -50.75
CA THR A 118 15.78 3.51 -50.23
C THR A 118 17.12 4.08 -49.75
N ALA A 119 17.93 3.20 -49.16
CA ALA A 119 19.24 3.61 -48.66
C ALA A 119 20.18 4.01 -49.79
N GLY A 120 19.93 3.53 -51.01
CA GLY A 120 20.75 3.93 -52.14
C GLY A 120 20.47 5.34 -52.61
N ASP A 121 19.31 5.90 -52.27
CA ASP A 121 18.98 7.27 -52.63
C ASP A 121 19.80 8.30 -51.86
N ILE A 122 20.60 7.87 -50.89
CA ILE A 122 21.49 8.78 -50.16
C ILE A 122 22.72 9.06 -51.01
N VAL A 123 23.15 10.32 -51.01
CA VAL A 123 24.38 10.71 -51.71
C VAL A 123 25.48 10.90 -50.67
N PRO A 124 26.32 9.89 -50.44
CA PRO A 124 27.34 10.01 -49.40
C PRO A 124 28.52 10.85 -49.88
N PRO A 125 29.14 11.61 -48.98
CA PRO A 125 30.32 12.39 -49.38
C PRO A 125 31.55 11.50 -49.55
N ALA A 126 32.67 12.11 -49.90
CA ALA A 126 33.90 11.34 -50.10
C ALA A 126 34.35 10.73 -48.77
N GLY A 127 34.63 9.43 -48.80
CA GLY A 127 35.11 8.74 -47.62
C GLY A 127 34.14 7.75 -47.04
N VAL A 128 32.86 8.10 -47.01
CA VAL A 128 31.83 7.26 -46.43
C VAL A 128 31.04 6.60 -47.54
N THR A 129 30.40 5.47 -47.21
CA THR A 129 29.69 4.69 -48.21
C THR A 129 28.63 3.83 -47.54
N VAL A 130 27.50 3.66 -48.24
CA VAL A 130 26.37 2.87 -47.75
C VAL A 130 26.51 1.44 -48.25
N HIS A 131 26.25 0.47 -47.37
CA HIS A 131 26.53 -0.93 -47.65
C HIS A 131 25.28 -1.78 -47.84
N ASN A 132 24.08 -1.19 -47.82
CA ASN A 132 22.85 -1.90 -48.17
C ASN A 132 21.89 -0.93 -48.83
N PRO A 133 22.15 -0.58 -50.10
CA PRO A 133 21.34 0.48 -50.76
C PRO A 133 19.88 0.11 -50.95
N GLY A 134 19.47 -1.13 -50.67
CA GLY A 134 18.10 -1.54 -50.89
C GLY A 134 17.20 -1.47 -49.68
N MET A 135 17.65 -0.83 -48.58
CA MET A 135 16.85 -0.76 -47.38
C MET A 135 15.70 0.21 -47.54
N HIS A 136 14.51 -0.21 -47.12
CA HIS A 136 13.36 0.68 -47.12
C HIS A 136 13.52 1.76 -46.06
N ILE A 137 13.21 3.00 -46.44
CA ILE A 137 13.26 4.14 -45.54
C ILE A 137 11.90 4.79 -45.40
N ALA A 138 11.24 5.06 -46.53
CA ALA A 138 9.92 5.69 -46.51
C ALA A 138 9.23 5.43 -47.83
N THR A 139 7.90 5.59 -47.82
CA THR A 139 7.07 5.49 -49.01
C THR A 139 6.44 6.85 -49.27
N LEU A 140 6.64 7.38 -50.47
CA LEU A 140 6.17 8.71 -50.84
C LEU A 140 5.13 8.60 -51.93
N ASN A 141 4.03 9.34 -51.78
CA ASN A 141 3.00 9.40 -52.79
C ASN A 141 3.23 10.64 -53.66
N ASP A 142 2.17 11.13 -54.33
CA ASP A 142 2.32 12.26 -55.24
C ASP A 142 2.76 13.51 -54.50
N LYS A 143 2.16 13.79 -53.36
CA LYS A 143 2.41 15.02 -52.62
C LYS A 143 3.63 14.92 -51.71
N GLY A 144 4.31 13.79 -51.67
CA GLY A 144 5.37 13.57 -50.71
C GLY A 144 6.73 14.05 -51.18
N LYS A 145 7.38 14.86 -50.37
CA LYS A 145 8.75 15.31 -50.61
C LYS A 145 9.56 15.09 -49.34
N LEU A 146 10.71 14.43 -49.48
CA LEU A 146 11.57 14.10 -48.35
C LEU A 146 12.96 14.66 -48.60
N GLU A 147 13.45 15.47 -47.66
CA GLU A 147 14.78 16.07 -47.73
C GLU A 147 15.43 15.91 -46.36
N VAL A 148 16.47 15.07 -46.30
CA VAL A 148 17.07 14.65 -45.03
C VAL A 148 18.59 14.86 -45.10
N GLU A 149 19.14 15.45 -44.04
CA GLU A 149 20.58 15.45 -43.81
C GLU A 149 20.91 14.42 -42.74
N LEU A 150 22.08 13.79 -42.87
CA LEU A 150 22.48 12.72 -41.96
C LEU A 150 23.95 12.90 -41.60
N VAL A 151 24.20 13.22 -40.33
CA VAL A 151 25.56 13.33 -39.81
C VAL A 151 26.06 11.95 -39.43
N VAL A 152 27.23 11.57 -39.92
CA VAL A 152 27.83 10.27 -39.66
C VAL A 152 29.21 10.48 -39.06
N GLU A 153 29.40 10.05 -37.83
CA GLU A 153 30.69 10.04 -37.16
C GLU A 153 31.21 8.61 -37.11
N ARG A 154 32.30 8.40 -36.37
CA ARG A 154 32.90 7.08 -36.24
C ARG A 154 33.32 6.86 -34.80
N GLY A 155 32.81 5.79 -34.20
CA GLY A 155 33.17 5.41 -32.85
C GLY A 155 33.23 3.91 -32.68
N ARG A 156 32.76 3.41 -31.54
CA ARG A 156 32.71 1.97 -31.30
C ARG A 156 31.61 1.68 -30.28
N GLY A 157 31.07 0.47 -30.35
CA GLY A 157 30.06 0.06 -29.40
C GLY A 157 28.73 0.76 -29.65
N TYR A 158 28.03 1.08 -28.57
CA TYR A 158 26.74 1.74 -28.62
C TYR A 158 26.77 2.97 -27.73
N VAL A 159 26.42 4.12 -28.29
CA VAL A 159 26.28 5.36 -27.56
C VAL A 159 24.86 5.87 -27.77
N PRO A 160 24.14 6.28 -26.72
CA PRO A 160 22.79 6.80 -26.91
C PRO A 160 22.82 8.16 -27.58
N ALA A 161 21.62 8.66 -27.89
CA ALA A 161 21.49 9.96 -28.55
C ALA A 161 22.03 11.07 -27.64
N VAL A 162 22.92 11.88 -28.19
CA VAL A 162 23.52 12.98 -27.45
C VAL A 162 22.49 14.10 -27.32
N GLN A 163 22.29 14.57 -26.09
CA GLN A 163 21.29 15.59 -25.83
C GLN A 163 21.63 16.90 -26.54
N ASN A 164 20.60 17.71 -26.78
CA ASN A 164 20.81 19.04 -27.35
C ASN A 164 21.34 20.03 -26.32
N ARG A 165 21.14 19.75 -25.04
CA ARG A 165 21.72 20.60 -23.99
C ARG A 165 23.22 20.34 -23.83
N ALA A 166 23.66 19.11 -24.04
CA ALA A 166 25.08 18.80 -23.93
C ALA A 166 25.85 19.23 -25.19
N SER A 167 25.26 19.02 -26.37
CA SER A 167 25.86 19.44 -27.61
C SER A 167 25.48 20.89 -27.92
N GLY A 168 26.13 21.43 -28.94
CA GLY A 168 25.80 22.75 -29.46
C GLY A 168 24.72 22.73 -30.52
N ALA A 169 24.09 21.58 -30.76
CA ALA A 169 23.07 21.48 -31.78
C ALA A 169 21.84 22.28 -31.39
N GLU A 170 21.25 22.95 -32.37
CA GLU A 170 20.09 23.80 -32.13
C GLU A 170 18.81 22.98 -32.30
N ILE A 171 17.68 23.65 -32.47
CA ILE A 171 16.38 22.98 -32.34
C ILE A 171 16.16 22.01 -33.49
N GLY A 172 16.59 22.35 -34.70
CA GLY A 172 16.25 21.56 -35.87
C GLY A 172 16.87 20.19 -35.90
N ARG A 173 18.00 20.00 -35.21
CA ARG A 173 18.72 18.74 -35.28
C ARG A 173 18.06 17.68 -34.42
N ILE A 174 17.97 16.47 -34.97
CA ILE A 174 17.35 15.34 -34.28
C ILE A 174 18.41 14.29 -33.97
N PRO A 175 18.85 14.18 -32.71
CA PRO A 175 19.83 13.14 -32.37
C PRO A 175 19.21 11.75 -32.41
N VAL A 176 20.02 10.78 -32.83
CA VAL A 176 19.62 9.38 -32.91
C VAL A 176 20.66 8.53 -32.20
N ASP A 177 20.21 7.42 -31.64
CA ASP A 177 21.15 6.46 -31.05
C ASP A 177 22.10 5.94 -32.14
N SER A 178 23.33 5.65 -31.74
CA SER A 178 24.37 5.21 -32.65
C SER A 178 24.81 3.80 -32.27
N ILE A 179 24.73 2.88 -33.23
CA ILE A 179 25.20 1.51 -33.03
C ILE A 179 26.43 1.30 -33.90
N TYR A 180 27.61 1.52 -33.33
CA TYR A 180 28.85 1.49 -34.10
C TYR A 180 29.41 0.08 -34.30
N SER A 181 28.78 -0.95 -33.74
CA SER A 181 29.52 -2.19 -33.95
C SER A 181 29.18 -2.81 -35.30
N PRO A 182 30.18 -3.26 -36.06
CA PRO A 182 29.93 -3.84 -37.38
C PRO A 182 29.71 -5.35 -37.37
N VAL A 183 29.94 -6.03 -36.25
CA VAL A 183 29.76 -7.47 -36.16
C VAL A 183 28.31 -7.76 -35.80
N LEU A 184 27.77 -8.85 -36.34
CA LEU A 184 26.35 -9.18 -36.17
C LEU A 184 26.12 -10.32 -35.19
N LYS A 185 26.88 -11.41 -35.32
CA LYS A 185 26.65 -12.60 -34.50
C LYS A 185 27.94 -13.39 -34.42
N VAL A 186 28.36 -13.71 -33.19
CA VAL A 186 29.62 -14.42 -32.94
C VAL A 186 29.33 -15.58 -32.00
N THR A 187 29.84 -16.76 -32.34
CA THR A 187 29.72 -17.94 -31.50
C THR A 187 30.98 -18.77 -31.66
N TYR A 188 31.05 -19.88 -30.91
CA TYR A 188 32.20 -20.77 -30.98
C TYR A 188 31.82 -22.13 -30.45
N LYS A 189 32.58 -23.13 -30.88
CA LYS A 189 32.51 -24.49 -30.36
C LYS A 189 33.91 -25.07 -30.33
N VAL A 190 34.14 -25.99 -29.38
CA VAL A 190 35.43 -26.63 -29.26
C VAL A 190 35.25 -28.14 -29.34
N ASP A 191 36.29 -28.82 -29.82
CA ASP A 191 36.32 -30.28 -29.87
C ASP A 191 37.45 -30.75 -28.97
N ALA A 192 37.11 -31.36 -27.85
CA ALA A 192 38.09 -31.83 -26.88
C ALA A 192 38.48 -33.27 -27.21
N THR A 193 39.79 -33.52 -27.26
CA THR A 193 40.32 -34.86 -27.50
C THR A 193 40.61 -35.47 -26.13
N ARG A 194 39.61 -36.13 -25.56
CA ARG A 194 39.69 -36.71 -24.23
C ARG A 194 40.10 -38.18 -24.24
N VAL A 195 40.68 -38.65 -25.34
CA VAL A 195 41.18 -40.02 -25.39
C VAL A 195 42.31 -40.15 -24.38
N GLU A 196 42.10 -41.00 -23.37
CA GLU A 196 43.08 -41.20 -22.31
C GLU A 196 44.42 -41.67 -22.87
N GLN A 197 45.32 -40.72 -23.09
CA GLN A 197 46.63 -40.99 -23.69
C GLN A 197 47.54 -39.83 -23.36
N ARG A 198 48.78 -39.90 -23.83
CA ARG A 198 49.76 -38.85 -23.55
C ARG A 198 49.40 -37.53 -24.22
N THR A 199 48.50 -37.53 -25.21
CA THR A 199 48.20 -36.35 -26.00
C THR A 199 46.74 -35.97 -25.83
N ASP A 200 46.50 -34.80 -25.25
CA ASP A 200 45.18 -34.20 -25.16
C ASP A 200 45.27 -32.75 -25.62
N PHE A 201 44.27 -32.29 -26.37
CA PHE A 201 44.28 -30.92 -26.86
C PHE A 201 42.86 -30.51 -27.22
N ASP A 202 42.64 -29.20 -27.22
CA ASP A 202 41.35 -28.60 -27.58
C ASP A 202 41.51 -27.80 -28.87
N LYS A 203 40.57 -27.97 -29.78
CA LYS A 203 40.53 -27.22 -31.03
C LYS A 203 39.37 -26.24 -30.99
N LEU A 204 39.67 -24.95 -31.09
CA LEU A 204 38.65 -23.92 -31.04
C LEU A 204 38.17 -23.57 -32.45
N ILE A 205 36.86 -23.42 -32.60
CA ILE A 205 36.24 -23.04 -33.87
C ILE A 205 35.46 -21.76 -33.62
N LEU A 206 36.01 -20.62 -34.04
CA LEU A 206 35.36 -19.34 -33.85
C LEU A 206 34.53 -18.99 -35.08
N ASP A 207 33.27 -18.63 -34.84
CA ASP A 207 32.34 -18.26 -35.91
C ASP A 207 32.04 -16.76 -35.78
N VAL A 208 32.29 -16.01 -36.85
CA VAL A 208 32.14 -14.57 -36.86
C VAL A 208 31.24 -14.17 -38.02
N GLU A 209 30.23 -13.34 -37.74
CA GLU A 209 29.34 -12.81 -38.76
C GLU A 209 29.27 -11.30 -38.62
N THR A 210 29.49 -10.59 -39.72
CA THR A 210 29.50 -9.13 -39.74
C THR A 210 28.29 -8.61 -40.53
N LYS A 211 28.26 -7.30 -40.71
CA LYS A 211 27.14 -6.61 -41.35
C LYS A 211 27.58 -5.90 -42.63
N ASN A 212 28.44 -6.56 -43.41
CA ASN A 212 28.88 -6.07 -44.71
C ASN A 212 29.67 -4.77 -44.62
N SER A 213 29.86 -4.24 -43.41
CA SER A 213 30.70 -3.06 -43.27
C SER A 213 32.18 -3.44 -43.35
N ILE A 214 32.57 -4.51 -42.67
CA ILE A 214 33.91 -5.07 -42.75
C ILE A 214 33.79 -6.58 -42.88
N SER A 215 34.83 -7.19 -43.42
CA SER A 215 34.87 -8.64 -43.55
C SER A 215 35.16 -9.29 -42.21
N PRO A 216 34.78 -10.56 -42.03
CA PRO A 216 34.97 -11.20 -40.72
C PRO A 216 36.40 -11.23 -40.23
N ARG A 217 37.37 -11.41 -41.13
CA ARG A 217 38.76 -11.47 -40.71
C ARG A 217 39.27 -10.10 -40.28
N ASP A 218 38.74 -9.03 -40.87
CA ASP A 218 39.14 -7.69 -40.44
C ASP A 218 38.66 -7.41 -39.02
N ALA A 219 37.47 -7.90 -38.67
CA ALA A 219 36.96 -7.72 -37.31
C ALA A 219 37.78 -8.50 -36.30
N LEU A 220 38.05 -9.77 -36.60
CA LEU A 220 38.89 -10.58 -35.71
C LEU A 220 40.28 -9.99 -35.58
N ALA A 221 40.78 -9.35 -36.64
CA ALA A 221 42.08 -8.68 -36.56
C ALA A 221 42.00 -7.49 -35.61
N SER A 222 40.90 -6.75 -35.62
CA SER A 222 40.74 -5.62 -34.71
C SER A 222 40.65 -6.10 -33.27
N ALA A 223 39.91 -7.18 -33.03
CA ALA A 223 39.89 -7.77 -31.69
C ALA A 223 41.23 -8.37 -31.33
N GLY A 224 41.99 -8.83 -32.33
CA GLY A 224 43.32 -9.35 -32.05
C GLY A 224 44.27 -8.28 -31.55
N LYS A 225 44.34 -7.15 -32.27
CA LYS A 225 45.17 -6.04 -31.83
C LYS A 225 44.67 -5.43 -30.53
N THR A 226 43.37 -5.58 -30.24
CA THR A 226 42.83 -5.12 -28.96
C THR A 226 43.43 -5.92 -27.80
N LEU A 227 43.37 -7.25 -27.90
CA LEU A 227 43.81 -8.11 -26.80
C LEU A 227 45.31 -8.27 -26.75
N VAL A 228 45.99 -8.24 -27.91
CA VAL A 228 47.44 -8.23 -27.92
C VAL A 228 47.98 -7.02 -27.15
N GLU A 229 47.38 -5.85 -27.41
CA GLU A 229 47.76 -4.65 -26.68
C GLU A 229 47.40 -4.76 -25.20
N LEU A 230 46.25 -5.35 -24.91
CA LEU A 230 45.74 -5.35 -23.53
C LEU A 230 46.49 -6.35 -22.65
N PHE A 231 46.65 -7.59 -23.12
CA PHE A 231 47.35 -8.59 -22.33
C PHE A 231 48.82 -8.24 -22.13
N GLY A 232 49.34 -7.25 -22.87
CA GLY A 232 50.72 -6.84 -22.75
C GLY A 232 50.99 -6.06 -21.47
N LEU A 233 49.92 -5.85 -20.70
CA LEU A 233 50.04 -5.21 -19.38
C LEU A 233 50.52 -6.17 -18.31
N ALA A 234 50.28 -7.47 -18.46
CA ALA A 234 50.80 -8.44 -17.50
C ALA A 234 52.26 -8.81 -17.79
N ARG A 235 52.76 -8.53 -18.99
CA ARG A 235 54.12 -8.87 -19.35
C ARG A 235 55.13 -7.87 -18.79
N GLU A 236 54.74 -6.61 -18.64
CA GLU A 236 55.63 -5.62 -18.07
C GLU A 236 55.82 -5.88 -16.57
N LEU A 237 57.06 -5.81 -16.12
CA LEU A 237 57.37 -6.11 -14.73
C LEU A 237 57.10 -4.89 -13.86
N ASN A 238 57.22 -5.08 -12.55
CA ASN A 238 56.93 -4.04 -11.58
C ASN A 238 58.18 -3.26 -11.23
N MET B 13 39.34 3.16 -33.33
CA MET B 13 38.20 3.49 -32.48
C MET B 13 38.47 4.77 -31.69
N LEU B 14 38.54 4.63 -30.37
CA LEU B 14 38.82 5.74 -29.47
C LEU B 14 39.84 5.28 -28.43
N ILE B 15 40.54 6.25 -27.84
CA ILE B 15 41.62 5.96 -26.91
C ILE B 15 41.04 5.56 -25.56
N SER B 16 41.63 4.52 -24.96
CA SER B 16 41.29 4.08 -23.61
C SER B 16 42.61 3.89 -22.87
N GLN B 17 43.01 4.88 -22.10
CA GLN B 17 44.36 4.94 -21.53
C GLN B 17 44.31 4.71 -20.01
N ARG B 18 45.52 4.67 -19.43
CA ARG B 18 45.82 4.52 -18.02
C ARG B 18 45.47 3.18 -17.39
N PRO B 19 45.61 2.02 -18.08
CA PRO B 19 45.44 0.75 -17.35
C PRO B 19 46.77 0.25 -16.80
N THR B 20 46.86 0.14 -15.48
CA THR B 20 48.11 -0.18 -14.82
C THR B 20 48.00 -1.47 -14.02
N LEU B 21 49.15 -2.10 -13.78
CA LEU B 21 49.24 -3.35 -13.04
C LEU B 21 50.02 -3.10 -11.76
N SER B 22 49.41 -3.41 -10.61
CA SER B 22 50.05 -3.30 -9.32
C SER B 22 50.10 -4.69 -8.67
N GLU B 23 51.02 -4.85 -7.72
CA GLU B 23 51.23 -6.12 -7.05
C GLU B 23 51.36 -5.92 -5.55
N ASP B 24 50.61 -6.72 -4.79
CA ASP B 24 50.77 -6.83 -3.35
C ASP B 24 51.25 -8.23 -3.03
N VAL B 25 52.32 -8.32 -2.24
CA VAL B 25 52.99 -9.59 -1.96
C VAL B 25 52.51 -10.10 -0.62
N LEU B 26 51.65 -11.11 -0.63
CA LEU B 26 51.22 -11.75 0.61
C LEU B 26 52.34 -12.60 1.20
N THR B 27 52.73 -13.66 0.49
CA THR B 27 53.86 -14.49 0.85
C THR B 27 54.87 -14.47 -0.30
N ASP B 28 56.01 -15.13 -0.07
CA ASP B 28 57.07 -15.13 -1.07
C ASP B 28 56.65 -15.84 -2.36
N ASN B 29 55.68 -16.74 -2.27
CA ASN B 29 55.19 -17.49 -3.43
C ASN B 29 53.67 -17.37 -3.56
N ARG B 30 53.15 -16.18 -3.26
CA ARG B 30 51.74 -15.88 -3.45
C ARG B 30 51.56 -14.36 -3.41
N SER B 31 51.04 -13.80 -4.49
CA SER B 31 50.84 -12.36 -4.59
C SER B 31 49.49 -12.07 -5.21
N GLN B 32 48.97 -10.88 -4.94
CA GLN B 32 47.73 -10.39 -5.52
C GLN B 32 48.03 -9.30 -6.53
N PHE B 33 47.41 -9.38 -7.70
CA PHE B 33 47.60 -8.42 -8.77
C PHE B 33 46.28 -7.74 -9.09
N VAL B 34 46.35 -6.45 -9.43
CA VAL B 34 45.18 -5.66 -9.78
C VAL B 34 45.44 -4.95 -11.10
N ILE B 35 44.55 -5.17 -12.06
CA ILE B 35 44.62 -4.50 -13.36
C ILE B 35 43.50 -3.46 -13.38
N GLU B 36 43.88 -2.19 -13.27
CA GLU B 36 42.91 -1.14 -13.03
C GLU B 36 43.36 0.19 -13.67
N PRO B 37 42.46 0.90 -14.36
CA PRO B 37 41.10 0.48 -14.67
C PRO B 37 40.94 -0.06 -16.08
N LEU B 38 40.03 -1.02 -16.25
CA LEU B 38 39.69 -1.57 -17.55
C LEU B 38 38.33 -1.07 -17.99
N GLU B 39 38.11 -1.06 -19.30
CA GLU B 39 36.83 -0.61 -19.84
C GLU B 39 35.72 -1.61 -19.51
N PRO B 40 34.48 -1.15 -19.36
CA PRO B 40 33.36 -2.07 -19.16
C PRO B 40 33.00 -2.76 -20.46
N GLY B 41 33.02 -4.08 -20.45
CA GLY B 41 33.40 -4.85 -19.28
C GLY B 41 34.54 -5.81 -19.57
N PHE B 42 35.73 -5.25 -19.81
CA PHE B 42 36.88 -6.06 -20.17
C PHE B 42 37.43 -6.85 -19.00
N GLY B 43 37.08 -6.49 -17.77
CA GLY B 43 37.57 -7.23 -16.60
C GLY B 43 37.19 -8.69 -16.64
N TYR B 44 36.04 -9.03 -17.23
CA TYR B 44 35.63 -10.41 -17.36
C TYR B 44 36.19 -11.08 -18.61
N THR B 45 36.49 -10.31 -19.65
CA THR B 45 37.05 -10.89 -20.86
C THR B 45 38.41 -11.51 -20.59
N LEU B 46 39.36 -10.69 -20.13
CA LEU B 46 40.70 -11.14 -19.79
C LEU B 46 40.81 -11.65 -18.35
N GLY B 47 39.68 -11.90 -17.70
CA GLY B 47 39.68 -12.42 -16.35
C GLY B 47 39.89 -13.92 -16.31
N ASN B 48 38.94 -14.67 -16.88
CA ASN B 48 39.07 -16.12 -16.92
C ASN B 48 40.19 -16.57 -17.83
N SER B 49 40.59 -15.74 -18.81
CA SER B 49 41.66 -16.12 -19.71
C SER B 49 43.02 -16.07 -19.01
N LEU B 50 43.25 -15.05 -18.18
CA LEU B 50 44.50 -14.98 -17.44
C LEU B 50 44.64 -16.11 -16.44
N ARG B 51 43.53 -16.55 -15.85
CA ARG B 51 43.61 -17.66 -14.90
C ARG B 51 43.93 -18.97 -15.60
N ARG B 52 43.20 -19.28 -16.68
CA ARG B 52 43.43 -20.55 -17.37
C ARG B 52 44.80 -20.60 -18.04
N THR B 53 45.35 -19.43 -18.40
CA THR B 53 46.70 -19.41 -18.98
C THR B 53 47.74 -19.73 -17.92
N LEU B 54 47.55 -19.22 -16.69
CA LEU B 54 48.46 -19.53 -15.61
C LEU B 54 48.38 -21.01 -15.23
N LEU B 55 47.17 -21.52 -15.04
CA LEU B 55 46.98 -22.86 -14.50
C LEU B 55 47.31 -23.96 -15.51
N SER B 56 47.39 -23.64 -16.81
CA SER B 56 47.47 -24.70 -17.80
C SER B 56 48.45 -24.43 -18.93
N SER B 57 49.31 -23.41 -18.84
CA SER B 57 50.19 -23.10 -19.96
C SER B 57 51.50 -22.47 -19.46
N ILE B 58 52.08 -23.06 -18.42
CA ILE B 58 53.42 -22.69 -17.97
C ILE B 58 54.23 -23.97 -17.85
N PRO B 59 55.36 -24.09 -18.54
CA PRO B 59 56.11 -25.35 -18.51
C PRO B 59 56.75 -25.59 -17.15
N GLY B 60 56.50 -26.77 -16.59
CA GLY B 60 57.07 -27.17 -15.31
C GLY B 60 57.36 -28.65 -15.31
N ALA B 61 57.93 -29.12 -14.20
CA ALA B 61 58.31 -30.51 -14.05
C ALA B 61 57.74 -31.06 -12.75
N ALA B 62 57.37 -32.35 -12.79
CA ALA B 62 56.85 -33.04 -11.62
C ALA B 62 57.04 -34.54 -11.82
N VAL B 63 56.80 -35.29 -10.75
CA VAL B 63 56.98 -36.74 -10.81
C VAL B 63 55.87 -37.35 -11.65
N THR B 64 56.26 -38.18 -12.62
CA THR B 64 55.30 -38.85 -13.51
C THR B 64 54.89 -40.21 -12.98
N SER B 65 55.85 -41.01 -12.50
CA SER B 65 55.56 -42.32 -11.95
C SER B 65 56.65 -42.68 -10.94
N ILE B 66 56.29 -43.53 -9.98
CA ILE B 66 57.24 -44.01 -8.98
C ILE B 66 57.20 -45.54 -8.96
N ARG B 67 58.22 -46.12 -8.35
CA ARG B 67 58.32 -47.57 -8.20
C ARG B 67 59.00 -47.86 -6.87
N ILE B 68 58.29 -48.53 -5.97
CA ILE B 68 58.76 -48.79 -4.62
C ILE B 68 59.24 -50.23 -4.54
N ASP B 69 60.48 -50.41 -4.11
CA ASP B 69 61.03 -51.76 -3.93
C ASP B 69 60.32 -52.46 -2.78
N GLY B 70 59.92 -53.71 -3.02
CA GLY B 70 59.12 -54.45 -2.05
C GLY B 70 57.63 -54.31 -2.22
N VAL B 71 57.17 -53.56 -3.22
CA VAL B 71 55.75 -53.38 -3.50
C VAL B 71 55.52 -53.85 -4.94
N LEU B 72 54.83 -54.99 -5.09
CA LEU B 72 54.61 -55.57 -6.42
C LEU B 72 53.12 -55.67 -6.72
N HIS B 73 52.37 -56.52 -6.01
CA HIS B 73 50.96 -56.75 -6.30
C HIS B 73 50.04 -56.28 -5.19
N GLU B 74 50.58 -55.62 -4.16
CA GLU B 74 49.77 -55.26 -2.99
C GLU B 74 49.25 -53.84 -3.08
N PHE B 75 50.16 -52.86 -3.01
CA PHE B 75 49.87 -51.43 -2.98
C PHE B 75 49.05 -51.03 -1.75
N THR B 76 49.00 -51.87 -0.73
CA THR B 76 48.26 -51.56 0.50
C THR B 76 49.17 -50.99 1.58
N THR B 77 50.32 -51.63 1.81
CA THR B 77 51.23 -51.21 2.87
C THR B 77 52.66 -51.45 2.40
N VAL B 78 53.57 -50.60 2.85
CA VAL B 78 55.00 -50.75 2.61
C VAL B 78 55.65 -51.19 3.92
N PRO B 79 56.33 -52.34 3.95
CA PRO B 79 56.96 -52.78 5.20
C PRO B 79 58.19 -51.94 5.53
N GLY B 80 58.35 -51.65 6.81
CA GLY B 80 59.49 -50.88 7.28
C GLY B 80 59.24 -49.39 7.40
N VAL B 81 58.05 -48.91 7.06
CA VAL B 81 57.70 -47.50 7.20
C VAL B 81 56.29 -47.40 7.75
N LYS B 82 56.00 -46.30 8.44
CA LYS B 82 54.69 -46.11 9.02
C LYS B 82 53.65 -45.74 7.97
N GLU B 83 54.02 -44.89 7.03
CA GLU B 83 53.09 -44.49 5.96
C GLU B 83 52.80 -45.67 5.05
N ASP B 84 51.54 -45.78 4.63
CA ASP B 84 51.15 -46.79 3.65
C ASP B 84 51.53 -46.30 2.26
N VAL B 85 51.07 -47.01 1.23
CA VAL B 85 51.50 -46.71 -0.14
C VAL B 85 50.97 -45.36 -0.60
N THR B 86 49.67 -45.12 -0.39
CA THR B 86 49.05 -43.92 -0.93
C THR B 86 49.53 -42.65 -0.21
N GLU B 87 49.85 -42.75 1.08
CA GLU B 87 50.38 -41.58 1.78
C GLU B 87 51.77 -41.21 1.27
N ILE B 88 52.54 -42.20 0.81
CA ILE B 88 53.82 -41.91 0.18
C ILE B 88 53.62 -41.15 -1.11
N ILE B 89 52.61 -41.54 -1.90
CA ILE B 89 52.37 -40.92 -3.20
C ILE B 89 52.00 -39.45 -3.05
N LEU B 90 51.30 -39.10 -1.97
CA LEU B 90 50.81 -37.72 -1.81
C LEU B 90 51.96 -36.74 -1.63
N ASN B 91 52.76 -36.92 -0.57
CA ASN B 91 53.87 -36.00 -0.34
C ASN B 91 54.93 -36.09 -1.44
N LEU B 92 55.00 -37.21 -2.16
CA LEU B 92 55.84 -37.25 -3.35
C LEU B 92 55.25 -36.42 -4.48
N LYS B 93 53.92 -36.37 -4.58
CA LYS B 93 53.28 -35.56 -5.62
C LYS B 93 53.53 -34.08 -5.39
N SER B 94 53.61 -33.66 -4.13
CA SER B 94 53.87 -32.25 -3.79
C SER B 94 55.34 -31.90 -3.86
N LEU B 95 56.22 -32.84 -4.20
CA LEU B 95 57.63 -32.54 -4.35
C LEU B 95 57.83 -31.59 -5.51
N VAL B 96 58.43 -30.43 -5.23
CA VAL B 96 58.68 -29.42 -6.24
C VAL B 96 60.02 -29.71 -6.90
N VAL B 97 60.06 -29.61 -8.22
CA VAL B 97 61.25 -29.96 -8.98
C VAL B 97 61.24 -29.21 -10.30
N SER B 98 62.44 -28.95 -10.82
CA SER B 98 62.62 -28.31 -12.12
C SER B 98 63.68 -29.07 -12.90
N SER B 99 63.51 -29.14 -14.22
CA SER B 99 64.41 -29.90 -15.06
C SER B 99 64.80 -29.09 -16.29
N GLU B 100 66.06 -29.21 -16.70
CA GLU B 100 66.53 -28.61 -17.95
C GLU B 100 66.46 -29.57 -19.12
N GLU B 101 66.10 -30.83 -18.89
CA GLU B 101 66.02 -31.84 -19.93
C GLU B 101 64.56 -32.11 -20.26
N ASP B 102 64.24 -32.11 -21.56
CA ASP B 102 62.86 -32.34 -21.99
C ASP B 102 62.46 -33.79 -21.80
N GLU B 103 63.37 -34.71 -22.13
CA GLU B 103 63.09 -36.14 -22.01
C GLU B 103 62.92 -36.53 -20.55
N PRO B 104 62.21 -37.62 -20.28
CA PRO B 104 62.05 -38.07 -18.89
C PRO B 104 63.40 -38.39 -18.25
N VAL B 105 63.47 -38.16 -16.94
CA VAL B 105 64.68 -38.38 -16.15
C VAL B 105 64.31 -39.19 -14.92
N THR B 106 65.02 -40.29 -14.71
CA THR B 106 64.78 -41.16 -13.57
C THR B 106 65.65 -40.75 -12.39
N MET B 107 65.04 -40.66 -11.21
CA MET B 107 65.76 -40.39 -9.98
C MET B 107 65.53 -41.54 -9.00
N TYR B 108 66.51 -41.77 -8.14
CA TYR B 108 66.42 -42.82 -7.13
C TYR B 108 66.50 -42.21 -5.74
N LEU B 109 65.72 -42.76 -4.82
CA LEU B 109 65.71 -42.33 -3.42
C LEU B 109 65.90 -43.55 -2.55
N ARG B 110 66.96 -43.54 -1.73
CA ARG B 110 67.30 -44.69 -0.89
C ARG B 110 67.87 -44.20 0.44
N LYS B 111 67.38 -44.78 1.52
CA LYS B 111 67.91 -44.54 2.85
C LYS B 111 67.48 -45.67 3.77
N GLN B 112 68.42 -46.16 4.58
CA GLN B 112 68.19 -47.29 5.46
C GLN B 112 68.30 -46.85 6.92
N GLY B 113 67.92 -47.75 7.82
CA GLY B 113 68.03 -47.50 9.23
C GLY B 113 66.88 -46.68 9.76
N PRO B 114 66.61 -46.79 11.07
CA PRO B 114 65.56 -45.97 11.67
C PRO B 114 65.89 -44.49 11.57
N GLY B 115 64.88 -43.70 11.21
CA GLY B 115 65.06 -42.27 11.03
C GLY B 115 63.89 -41.68 10.25
N GLU B 116 64.20 -40.64 9.47
CA GLU B 116 63.20 -39.96 8.67
C GLU B 116 63.76 -39.66 7.29
N VAL B 117 62.92 -39.84 6.28
CA VAL B 117 63.28 -39.52 4.90
C VAL B 117 62.84 -38.11 4.60
N THR B 118 63.63 -37.41 3.77
CA THR B 118 63.31 -36.08 3.30
C THR B 118 63.55 -36.01 1.80
N ALA B 119 63.11 -34.91 1.20
CA ALA B 119 63.43 -34.64 -0.19
C ALA B 119 64.86 -34.15 -0.38
N GLY B 120 65.62 -34.02 0.70
CA GLY B 120 67.03 -33.73 0.63
C GLY B 120 67.85 -35.00 0.61
N ASP B 121 67.31 -36.07 1.18
CA ASP B 121 67.93 -37.39 1.12
C ASP B 121 67.85 -38.02 -0.26
N ILE B 122 67.26 -37.33 -1.22
CA ILE B 122 67.22 -37.80 -2.60
C ILE B 122 68.51 -37.38 -3.29
N VAL B 123 68.92 -38.15 -4.30
CA VAL B 123 70.08 -37.83 -5.11
C VAL B 123 69.58 -37.35 -6.48
N PRO B 124 69.75 -36.06 -6.80
CA PRO B 124 69.23 -35.55 -8.06
C PRO B 124 70.26 -35.63 -9.17
N PRO B 125 69.94 -36.29 -10.27
CA PRO B 125 70.84 -36.28 -11.43
C PRO B 125 71.00 -34.87 -11.98
N ALA B 126 72.08 -34.68 -12.75
CA ALA B 126 72.42 -33.37 -13.26
C ALA B 126 71.32 -32.84 -14.18
N GLY B 127 70.92 -31.59 -13.95
CA GLY B 127 69.88 -30.93 -14.71
C GLY B 127 68.61 -30.68 -13.93
N VAL B 128 68.34 -31.50 -12.91
CA VAL B 128 67.14 -31.35 -12.09
C VAL B 128 67.53 -30.76 -10.75
N THR B 129 66.55 -30.14 -10.09
CA THR B 129 66.78 -29.47 -8.82
C THR B 129 65.56 -29.63 -7.93
N VAL B 130 65.78 -30.12 -6.71
CA VAL B 130 64.72 -30.25 -5.72
C VAL B 130 64.71 -28.99 -4.86
N HIS B 131 63.60 -28.25 -4.91
CA HIS B 131 63.52 -26.96 -4.26
C HIS B 131 63.02 -27.02 -2.81
N ASN B 132 62.55 -28.18 -2.35
CA ASN B 132 62.07 -28.34 -0.97
C ASN B 132 62.78 -29.52 -0.32
N PRO B 133 64.07 -29.37 0.01
CA PRO B 133 64.79 -30.49 0.62
C PRO B 133 64.28 -30.87 2.00
N GLY B 134 63.62 -29.96 2.71
CA GLY B 134 63.11 -30.25 4.04
C GLY B 134 61.75 -30.90 4.07
N MET B 135 61.17 -31.23 2.92
CA MET B 135 59.84 -31.83 2.87
C MET B 135 59.88 -33.26 3.39
N HIS B 136 59.04 -33.55 4.39
CA HIS B 136 58.94 -34.91 4.91
C HIS B 136 58.34 -35.83 3.85
N ILE B 137 58.88 -37.06 3.77
CA ILE B 137 58.43 -38.06 2.81
C ILE B 137 57.97 -39.33 3.51
N ALA B 138 58.78 -39.83 4.44
CA ALA B 138 58.44 -41.08 5.11
C ALA B 138 59.20 -41.18 6.43
N THR B 139 58.60 -41.90 7.39
CA THR B 139 59.25 -42.23 8.65
C THR B 139 59.73 -43.67 8.57
N LEU B 140 61.03 -43.87 8.82
CA LEU B 140 61.62 -45.20 8.71
C LEU B 140 61.51 -45.94 10.04
N ASN B 141 60.95 -47.14 10.00
CA ASN B 141 60.84 -47.96 11.19
C ASN B 141 62.21 -48.46 11.61
N ASP B 142 62.27 -49.07 12.79
CA ASP B 142 63.52 -49.62 13.31
C ASP B 142 64.05 -50.69 12.36
N LYS B 143 65.32 -50.57 11.99
CA LYS B 143 65.95 -51.44 10.99
C LYS B 143 65.17 -51.42 9.68
N GLY B 144 64.69 -50.24 9.31
CA GLY B 144 63.89 -50.06 8.11
C GLY B 144 64.70 -49.60 6.93
N LYS B 145 64.26 -50.00 5.74
CA LYS B 145 64.93 -49.64 4.49
C LYS B 145 63.87 -49.31 3.44
N LEU B 146 64.13 -48.26 2.66
CA LEU B 146 63.20 -47.83 1.64
C LEU B 146 63.96 -47.49 0.37
N GLU B 147 63.60 -48.15 -0.73
CA GLU B 147 64.13 -47.85 -2.05
C GLU B 147 62.98 -47.52 -2.97
N VAL B 148 63.06 -46.36 -3.64
CA VAL B 148 62.01 -45.92 -4.53
C VAL B 148 62.63 -45.15 -5.68
N GLU B 149 62.12 -45.39 -6.89
CA GLU B 149 62.60 -44.75 -8.10
C GLU B 149 61.55 -43.76 -8.59
N LEU B 150 61.99 -42.56 -8.93
CA LEU B 150 61.09 -41.48 -9.36
C LEU B 150 61.37 -41.11 -10.81
N VAL B 151 60.32 -40.82 -11.55
CA VAL B 151 60.40 -40.41 -12.95
C VAL B 151 59.90 -38.98 -13.06
N VAL B 152 60.72 -38.11 -13.61
CA VAL B 152 60.41 -36.68 -13.74
C VAL B 152 60.34 -36.33 -15.22
N GLU B 153 59.29 -35.61 -15.61
CA GLU B 153 59.10 -35.19 -16.99
C GLU B 153 58.63 -33.74 -17.01
N ARG B 154 58.83 -33.09 -18.16
CA ARG B 154 58.33 -31.74 -18.37
C ARG B 154 56.91 -31.80 -18.93
N GLY B 155 56.19 -30.70 -18.74
CA GLY B 155 54.84 -30.60 -19.24
C GLY B 155 54.16 -29.35 -18.70
N ARG B 156 52.88 -29.23 -19.03
CA ARG B 156 52.09 -28.06 -18.66
C ARG B 156 50.74 -28.51 -18.11
N GLY B 157 50.28 -27.79 -17.08
CA GLY B 157 48.96 -28.06 -16.53
C GLY B 157 48.95 -29.23 -15.56
N TYR B 158 47.81 -29.92 -15.52
CA TYR B 158 47.59 -31.07 -14.65
C TYR B 158 47.08 -32.22 -15.50
N VAL B 159 47.79 -33.34 -15.45
CA VAL B 159 47.47 -34.52 -16.25
C VAL B 159 47.18 -35.67 -15.30
N PRO B 160 46.09 -36.42 -15.49
CA PRO B 160 45.77 -37.52 -14.57
C PRO B 160 46.80 -38.64 -14.65
N ALA B 161 46.71 -39.54 -13.67
CA ALA B 161 47.59 -40.70 -13.64
C ALA B 161 47.21 -41.75 -14.68
N VAL B 162 45.95 -41.75 -15.12
CA VAL B 162 45.49 -42.77 -16.07
C VAL B 162 46.22 -42.64 -17.39
N GLN B 163 46.57 -41.41 -17.79
CA GLN B 163 47.31 -41.21 -19.02
C GLN B 163 48.77 -41.64 -18.89
N ASN B 164 49.27 -41.81 -17.67
CA ASN B 164 50.62 -42.31 -17.43
C ASN B 164 50.65 -43.81 -17.20
N ARG B 165 49.57 -44.53 -17.54
CA ARG B 165 49.56 -45.98 -17.35
C ARG B 165 50.57 -46.67 -18.26
N ALA B 166 50.87 -46.10 -19.43
CA ALA B 166 51.84 -46.67 -20.32
C ALA B 166 53.27 -46.32 -19.95
N SER B 167 53.47 -45.25 -19.16
CA SER B 167 54.81 -44.86 -18.76
C SER B 167 55.41 -45.80 -17.72
N GLY B 168 54.58 -46.59 -17.04
CA GLY B 168 55.07 -47.49 -16.02
C GLY B 168 55.39 -48.87 -16.59
N ALA B 169 56.57 -49.36 -16.25
CA ALA B 169 56.98 -50.70 -16.68
C ALA B 169 56.21 -51.77 -15.92
N GLU B 170 56.03 -52.92 -16.56
CA GLU B 170 55.30 -54.03 -15.94
C GLU B 170 56.15 -54.69 -14.88
N ILE B 171 56.44 -53.97 -13.80
CA ILE B 171 57.24 -54.48 -12.69
C ILE B 171 57.03 -53.57 -11.48
N GLY B 172 55.82 -53.59 -10.92
CA GLY B 172 55.53 -52.83 -9.71
C GLY B 172 55.67 -51.33 -9.86
N ARG B 173 55.52 -50.80 -11.07
CA ARG B 173 55.57 -49.37 -11.32
C ARG B 173 54.16 -48.82 -11.33
N ILE B 174 53.95 -47.72 -10.60
CA ILE B 174 52.64 -47.11 -10.42
C ILE B 174 52.69 -45.71 -11.00
N PRO B 175 51.70 -45.30 -11.81
CA PRO B 175 51.64 -43.92 -12.28
C PRO B 175 50.94 -43.02 -11.29
N VAL B 176 51.30 -41.74 -11.32
CA VAL B 176 50.78 -40.75 -10.39
C VAL B 176 50.28 -39.53 -11.16
N ASP B 177 49.44 -38.75 -10.50
CA ASP B 177 49.03 -37.47 -11.04
C ASP B 177 50.23 -36.54 -11.13
N SER B 178 50.36 -35.84 -12.25
CA SER B 178 51.49 -34.96 -12.50
C SER B 178 51.02 -33.51 -12.40
N ILE B 179 51.50 -32.81 -11.37
CA ILE B 179 51.21 -31.38 -11.22
C ILE B 179 52.33 -30.63 -11.93
N TYR B 180 52.24 -30.60 -13.26
CA TYR B 180 53.27 -29.93 -14.06
C TYR B 180 53.29 -28.42 -13.80
N SER B 181 52.11 -27.82 -13.65
CA SER B 181 52.01 -26.37 -13.61
C SER B 181 52.71 -25.82 -12.37
N PRO B 182 53.52 -24.76 -12.52
CA PRO B 182 54.19 -24.20 -11.33
C PRO B 182 53.24 -23.48 -10.39
N VAL B 183 52.11 -22.98 -10.88
CA VAL B 183 51.14 -22.30 -10.04
C VAL B 183 50.17 -23.33 -9.48
N LEU B 184 49.68 -23.08 -8.27
CA LEU B 184 48.84 -24.02 -7.54
C LEU B 184 47.38 -23.62 -7.47
N LYS B 185 47.10 -22.34 -7.25
CA LYS B 185 45.72 -21.89 -7.05
C LYS B 185 45.60 -20.45 -7.51
N VAL B 186 44.65 -20.20 -8.42
CA VAL B 186 44.41 -18.86 -8.95
C VAL B 186 42.91 -18.59 -8.91
N THR B 187 42.52 -17.47 -8.31
CA THR B 187 41.14 -17.02 -8.28
C THR B 187 41.08 -15.56 -8.72
N TYR B 188 39.94 -15.17 -9.27
CA TYR B 188 39.80 -13.81 -9.79
C TYR B 188 38.38 -13.31 -9.58
N LYS B 189 38.27 -12.01 -9.31
CA LYS B 189 36.99 -11.33 -9.20
C LYS B 189 37.13 -9.95 -9.84
N VAL B 190 36.00 -9.36 -10.20
CA VAL B 190 35.95 -8.06 -10.86
C VAL B 190 35.10 -7.11 -10.03
N ASP B 191 35.63 -5.93 -9.76
CA ASP B 191 34.92 -4.87 -9.05
C ASP B 191 34.65 -3.71 -10.00
N ALA B 192 34.27 -2.57 -9.43
CA ALA B 192 33.97 -1.37 -10.20
C ALA B 192 34.85 -0.22 -9.73
N THR B 193 35.20 0.66 -10.66
CA THR B 193 35.98 1.85 -10.35
C THR B 193 35.56 2.96 -11.29
N ARG B 194 35.80 4.20 -10.86
CA ARG B 194 35.37 5.38 -11.61
C ARG B 194 36.61 6.11 -12.14
N VAL B 195 36.74 6.16 -13.46
CA VAL B 195 37.87 6.86 -14.07
C VAL B 195 37.59 8.35 -14.14
N GLU B 196 36.41 8.74 -14.63
CA GLU B 196 36.03 10.13 -14.72
C GLU B 196 34.66 10.33 -14.07
N GLN B 197 33.59 10.05 -14.82
CA GLN B 197 32.25 10.01 -14.27
C GLN B 197 31.59 8.64 -14.42
N ARG B 198 32.07 7.80 -15.32
CA ARG B 198 31.57 6.43 -15.42
C ARG B 198 31.97 5.65 -14.17
N THR B 199 31.03 4.90 -13.60
CA THR B 199 31.28 4.13 -12.39
C THR B 199 31.29 2.63 -12.64
N ASP B 200 31.33 2.20 -13.90
CA ASP B 200 31.31 0.79 -14.24
C ASP B 200 32.61 0.30 -14.87
N PHE B 201 33.63 1.14 -14.92
CA PHE B 201 34.95 0.69 -15.39
C PHE B 201 35.48 -0.38 -14.45
N ASP B 202 35.97 -1.48 -15.04
CA ASP B 202 36.25 -2.69 -14.27
C ASP B 202 37.62 -2.64 -13.61
N LYS B 203 37.70 -3.19 -12.41
CA LYS B 203 38.95 -3.44 -11.71
C LYS B 203 39.09 -4.94 -11.51
N LEU B 204 40.12 -5.53 -12.12
CA LEU B 204 40.35 -6.96 -12.06
C LEU B 204 41.34 -7.28 -10.94
N ILE B 205 41.01 -8.29 -10.13
CA ILE B 205 41.83 -8.70 -9.01
C ILE B 205 42.25 -10.14 -9.22
N LEU B 206 43.55 -10.39 -9.32
CA LEU B 206 44.10 -11.72 -9.53
C LEU B 206 44.85 -12.17 -8.28
N ASP B 207 44.48 -13.33 -7.75
CA ASP B 207 45.13 -13.93 -6.59
C ASP B 207 45.76 -15.24 -7.06
N VAL B 208 47.09 -15.25 -7.17
CA VAL B 208 47.83 -16.39 -7.67
C VAL B 208 48.74 -16.91 -6.57
N GLU B 209 48.60 -18.19 -6.23
CA GLU B 209 49.50 -18.87 -5.31
C GLU B 209 50.31 -19.88 -6.10
N THR B 210 51.63 -19.82 -5.96
CA THR B 210 52.54 -20.62 -6.77
C THR B 210 53.48 -21.41 -5.87
N LYS B 211 54.17 -22.37 -6.48
CA LYS B 211 55.26 -23.06 -5.82
C LYS B 211 56.50 -22.18 -5.79
N ASN B 212 57.52 -22.63 -5.06
CA ASN B 212 58.77 -21.89 -4.97
C ASN B 212 59.65 -22.06 -6.22
N SER B 213 59.14 -22.72 -7.26
CA SER B 213 59.88 -22.81 -8.51
C SER B 213 60.04 -21.44 -9.16
N ILE B 214 58.97 -20.65 -9.17
CA ILE B 214 58.99 -19.28 -9.69
C ILE B 214 58.08 -18.42 -8.83
N SER B 215 58.33 -17.11 -8.89
CA SER B 215 57.53 -16.15 -8.14
C SER B 215 56.24 -15.84 -8.88
N PRO B 216 55.23 -15.30 -8.19
CA PRO B 216 53.98 -14.92 -8.88
C PRO B 216 54.19 -13.88 -9.96
N ARG B 217 55.23 -13.05 -9.84
CA ARG B 217 55.51 -12.05 -10.86
C ARG B 217 55.81 -12.71 -12.20
N ASP B 218 56.79 -13.62 -12.23
CA ASP B 218 57.21 -14.23 -13.48
C ASP B 218 56.13 -15.15 -14.04
N ALA B 219 55.33 -15.78 -13.17
CA ALA B 219 54.23 -16.61 -13.64
C ALA B 219 53.22 -15.80 -14.42
N LEU B 220 52.84 -14.63 -13.91
CA LEU B 220 51.92 -13.75 -14.63
C LEU B 220 52.55 -13.22 -15.91
N ALA B 221 53.84 -12.86 -15.86
CA ALA B 221 54.52 -12.39 -17.06
C ALA B 221 54.65 -13.50 -18.09
N SER B 222 54.81 -14.74 -17.64
CA SER B 222 54.83 -15.87 -18.56
C SER B 222 53.49 -16.05 -19.26
N ALA B 223 52.39 -15.87 -18.53
CA ALA B 223 51.07 -15.99 -19.13
C ALA B 223 50.80 -14.86 -20.11
N GLY B 224 51.38 -13.69 -19.89
CA GLY B 224 51.16 -12.57 -20.80
C GLY B 224 51.80 -12.79 -22.15
N LYS B 225 53.03 -13.33 -22.17
CA LYS B 225 53.71 -13.56 -23.43
C LYS B 225 53.00 -14.61 -24.27
N THR B 226 52.62 -15.72 -23.65
CA THR B 226 51.91 -16.77 -24.37
C THR B 226 50.53 -16.33 -24.85
N LEU B 227 49.93 -15.34 -24.20
CA LEU B 227 48.63 -14.85 -24.64
C LEU B 227 48.78 -13.82 -25.76
N VAL B 228 49.80 -12.96 -25.68
CA VAL B 228 50.06 -12.02 -26.77
C VAL B 228 50.41 -12.78 -28.04
N GLU B 229 51.17 -13.86 -27.91
CA GLU B 229 51.44 -14.72 -29.07
C GLU B 229 50.17 -15.37 -29.58
N LEU B 230 49.28 -15.77 -28.68
CA LEU B 230 48.04 -16.43 -29.08
C LEU B 230 47.15 -15.48 -29.88
N PHE B 231 46.80 -14.34 -29.29
CA PHE B 231 46.00 -13.35 -30.00
C PHE B 231 46.78 -12.66 -31.11
N GLY B 232 48.10 -12.82 -31.15
CA GLY B 232 48.85 -12.33 -32.29
C GLY B 232 48.50 -13.03 -33.58
N LEU B 233 48.06 -14.29 -33.48
CA LEU B 233 47.61 -15.01 -34.66
C LEU B 233 46.44 -14.31 -35.33
N ALA B 234 45.51 -13.77 -34.53
CA ALA B 234 44.41 -13.01 -35.09
C ALA B 234 44.87 -11.63 -35.56
N ARG B 235 45.82 -11.03 -34.86
CA ARG B 235 46.31 -9.71 -35.22
C ARG B 235 47.01 -9.73 -36.58
N GLU B 236 47.70 -10.82 -36.91
CA GLU B 236 48.42 -10.91 -38.17
C GLU B 236 47.50 -10.97 -39.39
N LEU B 237 46.18 -11.03 -39.19
CA LEU B 237 45.28 -11.21 -40.33
C LEU B 237 45.17 -9.96 -41.19
N ASN B 238 45.24 -8.78 -40.60
CA ASN B 238 45.00 -7.56 -41.36
C ASN B 238 45.76 -6.37 -40.82
N VAL B 239 46.06 -6.38 -39.51
CA VAL B 239 46.68 -5.26 -38.81
C VAL B 239 45.83 -4.01 -39.03
N GLU B 240 44.57 -4.09 -38.63
CA GLU B 240 43.66 -2.94 -38.71
C GLU B 240 43.77 -2.11 -37.43
N ALA B 241 43.19 -0.91 -37.48
CA ALA B 241 43.30 0.03 -36.38
C ALA B 241 42.40 -0.37 -35.21
N GLU B 242 42.79 0.10 -34.02
CA GLU B 242 42.03 -0.09 -32.80
C GLU B 242 42.62 0.81 -31.72
N GLY B 243 41.74 1.41 -30.92
CA GLY B 243 42.19 2.37 -29.93
C GLY B 243 42.96 1.70 -28.80
N ILE B 244 44.07 2.33 -28.42
CA ILE B 244 44.93 1.80 -27.36
C ILE B 244 44.58 2.43 -26.02
N SER C 28 -8.10 -22.13 -38.79
CA SER C 28 -7.89 -20.69 -38.69
C SER C 28 -8.76 -20.09 -37.59
N ASN C 29 -8.37 -18.92 -37.09
CA ASN C 29 -9.07 -18.23 -36.03
C ASN C 29 -9.60 -16.90 -36.52
N ASN C 30 -10.89 -16.66 -36.30
CA ASN C 30 -11.54 -15.38 -36.61
C ASN C 30 -11.40 -15.02 -38.09
N SER C 31 -11.99 -15.86 -38.93
CA SER C 31 -11.99 -15.63 -40.38
C SER C 31 -13.29 -14.90 -40.76
N VAL C 32 -13.38 -13.66 -40.29
CA VAL C 32 -14.55 -12.84 -40.56
C VAL C 32 -14.18 -11.41 -40.98
N PRO C 33 -13.09 -10.77 -40.46
CA PRO C 33 -12.79 -9.41 -40.92
C PRO C 33 -11.69 -9.33 -41.97
N GLY C 34 -10.90 -10.39 -42.12
CA GLY C 34 -9.74 -10.34 -42.98
C GLY C 34 -8.46 -10.08 -42.20
N ALA C 35 -8.37 -10.70 -41.04
CA ALA C 35 -7.27 -10.49 -40.11
C ALA C 35 -6.13 -11.45 -40.41
N PRO C 36 -4.96 -11.26 -39.78
CA PRO C 36 -3.88 -12.25 -39.94
C PRO C 36 -4.32 -13.63 -39.50
N ASN C 37 -3.74 -14.65 -40.16
CA ASN C 37 -4.13 -16.04 -39.95
C ASN C 37 -3.42 -16.60 -38.72
N ARG C 38 -4.10 -16.56 -37.57
CA ARG C 38 -3.61 -17.18 -36.36
C ARG C 38 -4.24 -18.57 -36.23
N VAL C 39 -3.41 -19.58 -36.06
CA VAL C 39 -3.85 -20.97 -36.09
C VAL C 39 -4.18 -21.42 -34.66
N SER C 40 -5.40 -21.93 -34.47
CA SER C 40 -5.90 -22.23 -33.14
C SER C 40 -5.84 -23.74 -32.87
N PHE C 41 -5.50 -24.09 -31.64
CA PHE C 41 -5.52 -25.48 -31.18
C PHE C 41 -6.92 -25.84 -30.70
N ALA C 42 -7.92 -25.53 -31.50
CA ALA C 42 -9.31 -25.63 -31.08
C ALA C 42 -9.89 -26.99 -31.47
N LYS C 43 -10.41 -27.72 -30.48
CA LYS C 43 -11.11 -28.96 -30.73
C LYS C 43 -12.62 -28.80 -30.73
N LEU C 44 -13.13 -27.70 -30.18
CA LEU C 44 -14.56 -27.43 -30.10
C LEU C 44 -14.89 -26.25 -31.00
N ARG C 45 -15.93 -26.40 -31.81
CA ARG C 45 -16.36 -25.34 -32.70
C ARG C 45 -17.06 -24.22 -31.90
N GLU C 46 -16.99 -23.01 -32.44
CA GLU C 46 -17.63 -21.86 -31.81
C GLU C 46 -18.99 -21.64 -32.45
N PRO C 47 -20.09 -21.90 -31.75
CA PRO C 47 -21.41 -21.73 -32.39
C PRO C 47 -21.82 -20.28 -32.53
N LEU C 48 -21.49 -19.43 -31.56
CA LEU C 48 -21.88 -18.03 -31.56
C LEU C 48 -20.63 -17.17 -31.39
N GLU C 49 -20.44 -16.23 -32.32
CA GLU C 49 -19.28 -15.36 -32.26
C GLU C 49 -19.45 -14.30 -31.17
N VAL C 50 -18.33 -13.71 -30.77
CA VAL C 50 -18.30 -12.73 -29.67
C VAL C 50 -19.21 -11.56 -30.03
N PRO C 51 -20.08 -11.10 -29.13
CA PRO C 51 -20.92 -9.95 -29.42
C PRO C 51 -20.11 -8.66 -29.46
N GLY C 52 -20.78 -7.54 -29.69
CA GLY C 52 -20.12 -6.25 -29.61
C GLY C 52 -19.68 -5.96 -28.20
N LEU C 53 -18.36 -5.98 -27.97
CA LEU C 53 -17.82 -5.77 -26.63
C LEU C 53 -18.16 -4.39 -26.07
N LEU C 54 -18.70 -3.49 -26.89
CA LEU C 54 -19.09 -2.16 -26.46
C LEU C 54 -20.61 -2.01 -26.38
N ASP C 55 -21.36 -3.11 -26.45
CA ASP C 55 -22.82 -3.02 -26.48
C ASP C 55 -23.40 -2.52 -25.15
N VAL C 56 -22.70 -2.77 -24.04
CA VAL C 56 -23.22 -2.34 -22.74
C VAL C 56 -23.33 -0.83 -22.68
N GLN C 57 -22.29 -0.12 -23.12
CA GLN C 57 -22.36 1.34 -23.17
C GLN C 57 -23.22 1.82 -24.32
N THR C 58 -23.20 1.11 -25.45
CA THR C 58 -23.90 1.57 -26.65
C THR C 58 -25.41 1.43 -26.49
N ASP C 59 -25.89 0.20 -26.25
CA ASP C 59 -27.33 -0.05 -26.23
C ASP C 59 -28.02 0.79 -25.16
N SER C 60 -27.36 0.98 -24.01
CA SER C 60 -27.99 1.71 -22.92
C SER C 60 -28.28 3.16 -23.31
N PHE C 61 -27.38 3.78 -24.08
CA PHE C 61 -27.57 5.16 -24.47
C PHE C 61 -28.53 5.30 -25.65
N GLU C 62 -28.57 4.31 -26.54
CA GLU C 62 -29.49 4.37 -27.67
C GLU C 62 -30.94 4.28 -27.20
N TRP C 63 -31.20 3.49 -26.17
CA TRP C 63 -32.54 3.44 -25.59
C TRP C 63 -32.90 4.75 -24.90
N LEU C 64 -31.92 5.42 -24.29
CA LEU C 64 -32.20 6.64 -23.55
C LEU C 64 -32.68 7.75 -24.47
N ILE C 65 -32.08 7.88 -25.65
CA ILE C 65 -32.40 8.96 -26.57
C ILE C 65 -33.30 8.48 -27.71
N GLY C 66 -33.77 7.24 -27.66
CA GLY C 66 -34.70 6.72 -28.65
C GLY C 66 -34.17 6.75 -30.07
N SER C 67 -32.95 6.26 -30.26
CA SER C 67 -32.34 6.26 -31.58
C SER C 67 -33.07 5.27 -32.49
N PRO C 68 -32.96 5.45 -33.82
CA PRO C 68 -33.57 4.49 -34.73
C PRO C 68 -33.00 3.09 -34.62
N ARG C 69 -31.73 2.95 -34.24
CA ARG C 69 -31.14 1.62 -34.08
C ARG C 69 -31.84 0.85 -32.97
N TRP C 70 -32.03 1.49 -31.80
CA TRP C 70 -32.71 0.82 -30.70
C TRP C 70 -34.17 0.54 -31.05
N ARG C 71 -34.82 1.44 -31.77
CA ARG C 71 -36.23 1.23 -32.13
C ARG C 71 -36.38 0.05 -33.07
N GLU C 72 -35.51 -0.06 -34.08
CA GLU C 72 -35.55 -1.21 -34.98
C GLU C 72 -35.22 -2.49 -34.23
N SER C 73 -34.30 -2.42 -33.26
CA SER C 73 -34.00 -3.58 -32.45
C SER C 73 -35.20 -3.99 -31.58
N ALA C 74 -35.88 -3.02 -30.99
CA ALA C 74 -37.07 -3.31 -30.21
C ALA C 74 -38.24 -3.76 -31.09
N ALA C 75 -38.24 -3.37 -32.36
CA ALA C 75 -39.33 -3.78 -33.25
C ALA C 75 -39.29 -5.29 -33.49
N GLU C 76 -38.14 -5.82 -33.89
CA GLU C 76 -38.00 -7.26 -34.07
C GLU C 76 -38.00 -8.02 -32.75
N ARG C 77 -37.82 -7.32 -31.63
CA ARG C 77 -37.88 -7.95 -30.31
C ARG C 77 -39.31 -8.33 -29.91
N GLY C 78 -40.31 -7.89 -30.67
CA GLY C 78 -41.70 -8.17 -30.36
C GLY C 78 -42.41 -7.04 -29.64
N ASP C 79 -41.70 -5.96 -29.31
CA ASP C 79 -42.31 -4.85 -28.59
C ASP C 79 -43.38 -4.17 -29.44
N VAL C 80 -44.41 -3.67 -28.76
CA VAL C 80 -45.48 -2.91 -29.39
C VAL C 80 -45.53 -1.54 -28.72
N ASN C 81 -45.35 -0.49 -29.52
CA ASN C 81 -45.23 0.89 -29.04
C ASN C 81 -44.15 1.01 -27.97
N PRO C 82 -42.88 0.82 -28.33
CA PRO C 82 -41.81 1.00 -27.34
C PRO C 82 -41.55 2.48 -27.07
N VAL C 83 -40.98 2.74 -25.90
CA VAL C 83 -40.76 4.10 -25.43
C VAL C 83 -39.31 4.23 -24.98
N GLY C 84 -38.61 5.22 -25.52
CA GLY C 84 -37.24 5.49 -25.14
C GLY C 84 -37.15 6.07 -23.74
N GLY C 85 -35.90 6.19 -23.27
CA GLY C 85 -35.67 6.69 -21.93
C GLY C 85 -36.16 8.12 -21.73
N LEU C 86 -35.90 8.99 -22.70
CA LEU C 86 -36.38 10.36 -22.60
C LEU C 86 -37.90 10.44 -22.71
N GLU C 87 -38.47 9.71 -23.68
CA GLU C 87 -39.93 9.68 -23.81
C GLU C 87 -40.59 9.10 -22.57
N GLU C 88 -39.89 8.21 -21.87
CA GLU C 88 -40.44 7.63 -20.63
C GLU C 88 -40.50 8.67 -19.52
N VAL C 89 -39.53 9.60 -19.48
CA VAL C 89 -39.54 10.64 -18.46
C VAL C 89 -40.66 11.64 -18.72
N LEU C 90 -40.86 12.01 -19.99
CA LEU C 90 -41.87 13.03 -20.29
C LEU C 90 -43.27 12.53 -20.05
N TYR C 91 -43.53 11.24 -20.27
CA TYR C 91 -44.87 10.70 -20.05
C TYR C 91 -45.17 10.55 -18.57
N GLU C 92 -44.17 10.14 -17.77
CA GLU C 92 -44.36 10.08 -16.33
C GLU C 92 -44.59 11.45 -15.73
N LEU C 93 -43.94 12.48 -16.30
CA LEU C 93 -44.11 13.84 -15.80
C LEU C 93 -45.45 14.44 -16.23
N SER C 94 -45.80 14.27 -17.51
CA SER C 94 -47.01 14.88 -18.03
C SER C 94 -48.25 14.20 -17.44
N PRO C 95 -49.28 14.98 -17.07
CA PRO C 95 -49.27 16.43 -17.16
C PRO C 95 -49.02 17.12 -15.82
N ILE C 96 -48.92 18.44 -15.83
CA ILE C 96 -48.73 19.24 -14.62
C ILE C 96 -49.99 20.08 -14.42
N GLU C 97 -50.62 19.95 -13.26
CA GLU C 97 -51.87 20.64 -12.97
C GLU C 97 -51.83 21.20 -11.55
N ASP C 98 -52.60 22.25 -11.33
CA ASP C 98 -52.73 22.87 -10.02
C ASP C 98 -53.85 22.18 -9.23
N PHE C 99 -54.16 22.71 -8.06
CA PHE C 99 -55.20 22.12 -7.21
C PHE C 99 -56.57 22.20 -7.87
N SER C 100 -56.80 23.22 -8.71
CA SER C 100 -58.10 23.39 -9.33
C SER C 100 -58.24 22.54 -10.59
N GLY C 101 -57.19 22.50 -11.42
CA GLY C 101 -57.26 21.87 -12.72
C GLY C 101 -57.52 22.82 -13.86
N SER C 102 -57.43 24.13 -13.63
CA SER C 102 -57.67 25.12 -14.68
C SER C 102 -56.48 25.28 -15.60
N MET C 103 -55.28 24.88 -15.17
CA MET C 103 -54.06 25.02 -15.95
C MET C 103 -53.40 23.66 -16.10
N SER C 104 -52.86 23.41 -17.29
CA SER C 104 -52.24 22.12 -17.59
C SER C 104 -51.06 22.33 -18.54
N LEU C 105 -49.99 21.56 -18.32
CA LEU C 105 -48.81 21.57 -19.16
C LEU C 105 -48.42 20.13 -19.49
N SER C 106 -47.96 19.91 -20.71
CA SER C 106 -47.61 18.58 -21.19
C SER C 106 -46.40 18.66 -22.10
N PHE C 107 -45.65 17.56 -22.16
CA PHE C 107 -44.47 17.46 -23.00
C PHE C 107 -44.58 16.22 -23.90
N SER C 108 -43.99 16.31 -25.08
CA SER C 108 -44.03 15.22 -26.04
C SER C 108 -42.99 15.48 -27.13
N ASP C 109 -42.64 14.41 -27.84
CA ASP C 109 -41.76 14.44 -29.00
C ASP C 109 -40.40 15.05 -28.67
N PRO C 110 -39.50 14.31 -28.01
CA PRO C 110 -38.13 14.80 -27.85
C PRO C 110 -37.30 14.50 -29.08
N ARG C 111 -36.54 15.50 -29.52
CA ARG C 111 -35.72 15.37 -30.72
C ARG C 111 -34.43 16.15 -30.53
N PHE C 112 -33.40 15.75 -31.29
CA PHE C 112 -32.07 16.33 -31.18
C PHE C 112 -31.67 16.97 -32.50
N ASP C 113 -31.12 18.18 -32.42
CA ASP C 113 -30.45 18.77 -33.56
C ASP C 113 -29.04 18.17 -33.68
N ASP C 114 -28.28 18.62 -34.67
CA ASP C 114 -26.94 18.09 -34.87
C ASP C 114 -26.04 18.47 -33.68
N VAL C 115 -24.90 17.78 -33.59
CA VAL C 115 -23.98 17.99 -32.49
C VAL C 115 -23.37 19.39 -32.59
N LYS C 116 -23.15 20.02 -31.45
CA LYS C 116 -22.68 21.40 -31.43
C LYS C 116 -21.27 21.52 -32.00
N ALA C 117 -20.38 20.59 -31.65
CA ALA C 117 -19.01 20.62 -32.12
C ALA C 117 -18.52 19.19 -32.30
N PRO C 118 -17.62 18.94 -33.24
CA PRO C 118 -17.09 17.58 -33.44
C PRO C 118 -16.39 17.05 -32.20
N VAL C 119 -16.08 15.76 -32.24
CA VAL C 119 -15.53 15.08 -31.07
C VAL C 119 -14.14 15.63 -30.74
N ASP C 120 -13.28 15.78 -31.75
CA ASP C 120 -11.92 16.24 -31.50
C ASP C 120 -11.85 17.72 -31.17
N GLU C 121 -12.83 18.52 -31.61
CA GLU C 121 -12.82 19.94 -31.28
C GLU C 121 -13.09 20.18 -29.81
N CYS C 122 -13.97 19.35 -29.20
CA CYS C 122 -14.27 19.50 -27.79
C CYS C 122 -13.05 19.19 -26.92
N LYS C 123 -12.27 18.17 -27.31
CA LYS C 123 -11.05 17.87 -26.57
C LYS C 123 -10.07 19.02 -26.64
N ASP C 124 -10.02 19.72 -27.77
CA ASP C 124 -9.05 20.80 -27.93
C ASP C 124 -9.46 22.04 -27.14
N LYS C 125 -10.70 22.47 -27.31
CA LYS C 125 -11.19 23.70 -26.68
C LYS C 125 -11.82 23.46 -25.32
N ASP C 126 -11.69 22.25 -24.77
CA ASP C 126 -12.15 21.94 -23.41
C ASP C 126 -13.64 22.21 -23.23
N MET C 127 -14.44 21.85 -24.23
CA MET C 127 -15.88 21.94 -24.15
C MET C 127 -16.48 20.54 -24.03
N THR C 128 -17.80 20.45 -24.11
CA THR C 128 -18.52 19.21 -23.87
C THR C 128 -19.27 18.80 -25.13
N TYR C 129 -19.02 17.57 -25.57
CA TYR C 129 -19.71 16.99 -26.72
C TYR C 129 -21.20 16.85 -26.41
N ALA C 130 -22.04 17.64 -27.08
CA ALA C 130 -23.46 17.66 -26.76
C ALA C 130 -24.26 18.07 -27.99
N ALA C 131 -25.55 17.74 -27.96
CA ALA C 131 -26.50 18.11 -28.99
C ALA C 131 -27.72 18.74 -28.34
N PRO C 132 -28.23 19.84 -28.89
CA PRO C 132 -29.38 20.51 -28.28
C PRO C 132 -30.64 19.65 -28.35
N LEU C 133 -31.37 19.64 -27.24
CA LEU C 133 -32.57 18.81 -27.11
C LEU C 133 -33.81 19.70 -27.24
N PHE C 134 -34.70 19.34 -28.17
CA PHE C 134 -35.95 20.06 -28.39
C PHE C 134 -37.11 19.15 -28.00
N VAL C 135 -38.11 19.74 -27.34
CA VAL C 135 -39.34 19.05 -26.98
C VAL C 135 -40.52 19.90 -27.44
N THR C 136 -41.71 19.30 -27.39
CA THR C 136 -42.94 19.98 -27.75
C THR C 136 -43.82 20.11 -26.52
N ALA C 137 -44.07 21.35 -26.10
CA ALA C 137 -44.88 21.64 -24.92
C ALA C 137 -46.07 22.48 -25.31
N GLU C 138 -47.16 22.35 -24.54
CA GLU C 138 -48.38 23.09 -24.81
C GLU C 138 -49.12 23.33 -23.50
N PHE C 139 -49.84 24.45 -23.45
CA PHE C 139 -50.60 24.83 -22.27
C PHE C 139 -52.07 24.57 -22.52
N ILE C 140 -52.67 23.72 -21.67
CA ILE C 140 -54.08 23.37 -21.77
C ILE C 140 -54.84 24.10 -20.68
N ASN C 141 -55.80 24.93 -21.09
CA ASN C 141 -56.59 25.74 -20.17
C ASN C 141 -58.04 25.25 -20.21
N ASN C 142 -58.48 24.66 -19.10
CA ASN C 142 -59.85 24.16 -19.03
C ASN C 142 -60.88 25.26 -18.88
N ASN C 143 -60.50 26.39 -18.26
CA ASN C 143 -61.44 27.46 -18.00
C ASN C 143 -61.55 28.47 -19.14
N THR C 144 -60.73 28.34 -20.19
CA THR C 144 -60.85 29.19 -21.37
C THR C 144 -60.99 28.42 -22.68
N GLY C 145 -60.64 27.13 -22.71
CA GLY C 145 -60.85 26.32 -23.89
C GLY C 145 -60.01 26.68 -25.10
N GLU C 146 -58.71 26.93 -24.89
CA GLU C 146 -57.80 27.22 -25.98
C GLU C 146 -56.39 26.84 -25.56
N ILE C 147 -55.59 26.39 -26.53
CA ILE C 147 -54.29 25.81 -26.28
C ILE C 147 -53.25 26.45 -27.19
N LYS C 148 -52.09 26.77 -26.63
CA LYS C 148 -50.94 27.28 -27.37
C LYS C 148 -49.82 26.26 -27.30
N SER C 149 -49.42 25.74 -28.46
CA SER C 149 -48.39 24.71 -28.54
C SER C 149 -47.19 25.25 -29.33
N GLN C 150 -45.99 24.87 -28.90
CA GLN C 150 -44.77 25.32 -29.54
C GLN C 150 -43.64 24.37 -29.18
N THR C 151 -42.45 24.66 -29.69
CA THR C 151 -41.25 23.87 -29.44
C THR C 151 -40.37 24.59 -28.43
N VAL C 152 -39.96 23.87 -27.38
CA VAL C 152 -39.15 24.43 -26.32
C VAL C 152 -37.82 23.70 -26.27
N PHE C 153 -36.73 24.46 -26.28
CA PHE C 153 -35.39 23.92 -26.13
C PHE C 153 -35.13 23.62 -24.66
N MET C 154 -34.76 22.37 -24.36
CA MET C 154 -34.56 21.95 -22.98
C MET C 154 -33.13 22.13 -22.50
N GLY C 155 -32.14 21.80 -23.32
CA GLY C 155 -30.76 21.95 -22.92
C GLY C 155 -29.77 21.22 -23.80
N ASP C 156 -28.50 21.62 -23.74
CA ASP C 156 -27.45 20.92 -24.45
C ASP C 156 -27.22 19.56 -23.79
N PHE C 157 -27.55 18.50 -24.51
CA PHE C 157 -27.58 17.16 -23.93
C PHE C 157 -26.28 16.43 -24.22
N PRO C 158 -25.53 16.00 -23.20
CA PRO C 158 -24.27 15.30 -23.46
C PRO C 158 -24.49 14.04 -24.27
N MET C 159 -23.73 13.90 -25.36
CA MET C 159 -23.86 12.79 -26.28
C MET C 159 -22.70 11.81 -26.11
N MET C 160 -23.00 10.54 -26.39
CA MET C 160 -22.02 9.46 -26.27
C MET C 160 -21.30 9.26 -27.60
N THR C 161 -19.97 9.17 -27.53
CA THR C 161 -19.18 8.95 -28.72
C THR C 161 -19.36 7.51 -29.22
N GLU C 162 -18.90 7.27 -30.45
CA GLU C 162 -18.99 5.93 -31.02
C GLU C 162 -18.15 4.92 -30.24
N LYS C 163 -17.11 5.40 -29.56
CA LYS C 163 -16.27 4.54 -28.73
C LYS C 163 -16.89 4.27 -27.36
N GLY C 164 -18.12 4.71 -27.13
CA GLY C 164 -18.79 4.46 -25.87
C GLY C 164 -18.41 5.39 -24.74
N THR C 165 -17.80 6.53 -25.05
CA THR C 165 -17.36 7.48 -24.04
C THR C 165 -18.11 8.80 -24.19
N PHE C 166 -18.08 9.59 -23.13
CA PHE C 166 -18.55 10.97 -23.14
C PHE C 166 -17.36 11.92 -23.04
N ILE C 167 -17.56 13.14 -23.50
CA ILE C 167 -16.54 14.19 -23.42
C ILE C 167 -17.12 15.33 -22.61
N ILE C 168 -16.63 15.49 -21.38
CA ILE C 168 -17.03 16.58 -20.49
C ILE C 168 -15.81 17.47 -20.29
N ASN C 169 -15.88 18.69 -20.81
CA ASN C 169 -14.80 19.68 -20.69
C ASN C 169 -13.49 19.15 -21.27
N GLY C 170 -13.58 18.51 -22.44
CA GLY C 170 -12.40 18.08 -23.15
C GLY C 170 -11.69 16.87 -22.59
N THR C 171 -12.38 16.04 -21.82
CA THR C 171 -11.80 14.83 -21.26
C THR C 171 -12.76 13.67 -21.49
N GLU C 172 -12.29 12.62 -22.15
CA GLU C 172 -13.12 11.45 -22.38
C GLU C 172 -13.44 10.76 -21.07
N ARG C 173 -14.73 10.63 -20.77
CA ARG C 173 -15.20 10.02 -19.54
C ARG C 173 -16.04 8.79 -19.85
N VAL C 174 -16.03 7.84 -18.93
CA VAL C 174 -16.75 6.57 -19.09
C VAL C 174 -17.75 6.45 -17.94
N VAL C 175 -19.02 6.28 -18.28
CA VAL C 175 -20.05 5.99 -17.28
C VAL C 175 -20.04 4.49 -17.03
N VAL C 176 -19.78 4.09 -15.79
CA VAL C 176 -19.59 2.70 -15.42
C VAL C 176 -20.91 2.11 -14.94
N SER C 177 -21.23 0.91 -15.41
CA SER C 177 -22.44 0.23 -14.98
C SER C 177 -22.37 -0.09 -13.49
N GLN C 178 -23.47 0.10 -12.79
CA GLN C 178 -23.52 -0.04 -11.34
C GLN C 178 -24.37 -1.25 -10.96
N LEU C 179 -23.85 -2.05 -10.03
CA LEU C 179 -24.61 -3.15 -9.44
C LEU C 179 -25.38 -2.64 -8.22
N VAL C 180 -26.69 -2.85 -8.22
CA VAL C 180 -27.55 -2.42 -7.12
C VAL C 180 -28.53 -3.54 -6.79
N ARG C 181 -29.10 -3.45 -5.60
CA ARG C 181 -30.11 -4.40 -5.16
C ARG C 181 -31.40 -4.16 -5.93
N SER C 182 -31.88 -5.18 -6.62
CA SER C 182 -33.05 -5.04 -7.47
C SER C 182 -34.29 -4.69 -6.64
N PRO C 183 -35.21 -3.90 -7.19
CA PRO C 183 -36.45 -3.61 -6.48
C PRO C 183 -37.30 -4.88 -6.34
N GLY C 184 -37.88 -5.06 -5.17
CA GLY C 184 -38.70 -6.22 -4.91
C GLY C 184 -38.86 -6.45 -3.42
N VAL C 185 -39.56 -7.53 -3.10
CA VAL C 185 -39.81 -7.93 -1.72
C VAL C 185 -38.86 -9.08 -1.38
N TYR C 186 -38.05 -8.90 -0.34
CA TYR C 186 -37.00 -9.83 0.01
C TYR C 186 -37.16 -10.31 1.45
N PHE C 187 -36.79 -11.56 1.68
CA PHE C 187 -36.95 -12.22 2.98
C PHE C 187 -35.61 -12.73 3.46
N ASP C 188 -35.41 -12.66 4.79
CA ASP C 188 -34.14 -13.01 5.40
C ASP C 188 -34.38 -13.90 6.62
N GLU C 189 -33.50 -14.88 6.79
CA GLU C 189 -33.54 -15.79 7.94
C GLU C 189 -32.34 -15.48 8.83
N THR C 190 -32.56 -14.59 9.80
CA THR C 190 -31.53 -14.21 10.75
C THR C 190 -31.69 -15.01 12.05
N ILE C 191 -30.58 -15.13 12.78
CA ILE C 191 -30.54 -15.86 14.04
C ILE C 191 -30.31 -14.86 15.17
N ASP C 192 -31.14 -14.95 16.21
CA ASP C 192 -31.07 -14.00 17.31
C ASP C 192 -29.82 -14.23 18.16
N LYS C 193 -29.38 -13.17 18.84
CA LYS C 193 -28.14 -13.22 19.60
C LYS C 193 -28.35 -13.84 20.98
N SER C 194 -29.37 -13.39 21.70
CA SER C 194 -29.54 -13.74 23.11
C SER C 194 -30.39 -14.99 23.32
N THR C 195 -31.46 -15.15 22.55
CA THR C 195 -32.38 -16.27 22.75
C THR C 195 -32.10 -17.45 21.81
N ASP C 196 -31.25 -17.27 20.80
CA ASP C 196 -30.83 -18.35 19.91
C ASP C 196 -32.01 -18.99 19.19
N LYS C 197 -32.98 -18.17 18.78
CA LYS C 197 -34.12 -18.62 18.00
C LYS C 197 -34.04 -18.03 16.60
N THR C 198 -34.58 -18.77 15.63
CA THR C 198 -34.52 -18.38 14.22
C THR C 198 -35.56 -17.30 13.96
N LEU C 199 -35.10 -16.10 13.63
CA LEU C 199 -35.98 -14.98 13.31
C LEU C 199 -36.13 -14.85 11.80
N HIS C 200 -37.05 -13.98 11.40
CA HIS C 200 -37.30 -13.73 9.98
C HIS C 200 -37.70 -12.27 9.79
N SER C 201 -37.29 -11.70 8.66
CA SER C 201 -37.54 -10.30 8.37
C SER C 201 -37.83 -10.14 6.88
N VAL C 202 -38.60 -9.10 6.56
CA VAL C 202 -38.99 -8.79 5.19
C VAL C 202 -38.57 -7.35 4.88
N LYS C 203 -38.21 -7.11 3.62
CA LYS C 203 -37.89 -5.78 3.14
C LYS C 203 -38.58 -5.54 1.81
N VAL C 204 -39.18 -4.36 1.66
CA VAL C 204 -39.84 -3.96 0.43
C VAL C 204 -39.07 -2.75 -0.09
N ILE C 205 -38.18 -2.98 -1.05
CA ILE C 205 -37.30 -1.94 -1.58
C ILE C 205 -37.94 -1.39 -2.85
N PRO C 206 -38.44 -0.16 -2.84
CA PRO C 206 -39.02 0.42 -4.07
C PRO C 206 -37.95 1.01 -4.97
N SER C 207 -38.32 1.16 -6.24
CA SER C 207 -37.45 1.86 -7.18
C SER C 207 -37.33 3.35 -6.83
N ARG C 208 -38.26 3.87 -6.03
CA ARG C 208 -38.22 5.24 -5.52
C ARG C 208 -39.27 5.35 -4.43
N GLY C 209 -38.98 6.14 -3.41
CA GLY C 209 -39.94 6.42 -2.36
C GLY C 209 -39.55 5.92 -0.99
N ALA C 210 -40.54 5.75 -0.12
CA ALA C 210 -40.29 5.34 1.25
C ALA C 210 -40.09 3.83 1.34
N TRP C 211 -39.34 3.42 2.36
CA TRP C 211 -39.07 2.02 2.60
C TRP C 211 -40.08 1.43 3.59
N LEU C 212 -40.14 0.10 3.61
CA LEU C 212 -41.12 -0.60 4.43
C LEU C 212 -40.58 -2.00 4.72
N GLU C 213 -40.36 -2.30 5.99
CA GLU C 213 -39.78 -3.58 6.39
C GLU C 213 -40.55 -4.16 7.56
N PHE C 214 -41.09 -5.37 7.37
CA PHE C 214 -41.74 -6.14 8.41
C PHE C 214 -40.74 -7.11 9.02
N ASP C 215 -41.02 -7.54 10.26
CA ASP C 215 -40.11 -8.45 10.94
C ASP C 215 -40.85 -9.15 12.06
N VAL C 216 -40.32 -10.31 12.44
CA VAL C 216 -40.78 -11.08 13.59
C VAL C 216 -39.63 -11.11 14.60
N ASP C 217 -39.80 -10.39 15.71
CA ASP C 217 -38.76 -10.29 16.73
C ASP C 217 -38.69 -11.60 17.52
N LYS C 218 -37.95 -11.59 18.63
CA LYS C 218 -37.76 -12.78 19.45
C LYS C 218 -38.90 -13.01 20.42
N ARG C 219 -39.91 -12.16 20.44
CA ARG C 219 -41.05 -12.30 21.34
C ARG C 219 -42.29 -12.83 20.62
N ASP C 220 -42.12 -13.42 19.45
CA ASP C 220 -43.21 -14.01 18.67
C ASP C 220 -44.31 -12.99 18.37
N THR C 221 -43.89 -11.75 18.08
CA THR C 221 -44.80 -10.69 17.67
C THR C 221 -44.32 -10.12 16.34
N VAL C 222 -45.26 -9.59 15.58
CA VAL C 222 -44.99 -9.06 14.24
C VAL C 222 -45.12 -7.54 14.28
N GLY C 223 -44.14 -6.85 13.68
CA GLY C 223 -44.14 -5.41 13.62
C GLY C 223 -43.69 -4.92 12.26
N VAL C 224 -43.69 -3.59 12.10
CA VAL C 224 -43.36 -2.97 10.82
C VAL C 224 -42.72 -1.62 11.07
N ARG C 225 -41.54 -1.42 10.48
CA ARG C 225 -40.87 -0.14 10.46
C ARG C 225 -41.17 0.56 9.14
N ILE C 226 -41.66 1.79 9.21
CA ILE C 226 -42.06 2.57 8.04
C ILE C 226 -41.07 3.70 7.87
N ASP C 227 -40.22 3.61 6.84
CA ASP C 227 -39.22 4.64 6.54
C ASP C 227 -38.29 4.88 7.73
N ARG C 228 -37.74 3.79 8.25
CA ARG C 228 -36.74 3.81 9.34
C ARG C 228 -37.35 4.23 10.67
N LYS C 229 -38.58 4.75 10.64
CA LYS C 229 -39.23 5.26 11.84
C LYS C 229 -39.49 4.11 12.83
N ARG C 230 -40.16 4.46 13.93
CA ARG C 230 -40.36 3.51 15.02
C ARG C 230 -41.15 2.29 14.56
N ARG C 231 -40.89 1.16 15.21
CA ARG C 231 -41.49 -0.12 14.84
C ARG C 231 -42.84 -0.25 15.54
N GLN C 232 -43.91 -0.14 14.78
CA GLN C 232 -45.27 -0.29 15.27
C GLN C 232 -45.71 -1.75 15.18
N PRO C 233 -46.69 -2.16 15.98
CA PRO C 233 -47.28 -3.49 15.78
C PRO C 233 -47.88 -3.62 14.39
N VAL C 234 -47.80 -4.83 13.83
CA VAL C 234 -48.20 -5.04 12.44
C VAL C 234 -49.68 -4.79 12.23
N THR C 235 -50.50 -4.89 13.27
CA THR C 235 -51.93 -4.64 13.15
C THR C 235 -52.28 -3.16 13.22
N VAL C 236 -51.35 -2.31 13.68
CA VAL C 236 -51.58 -0.87 13.63
C VAL C 236 -51.66 -0.39 12.18
N LEU C 237 -50.88 -1.01 11.29
CA LEU C 237 -50.94 -0.65 9.88
C LEU C 237 -52.21 -1.19 9.22
N LEU C 238 -52.63 -2.39 9.62
CA LEU C 238 -53.82 -2.99 9.02
C LEU C 238 -55.08 -2.22 9.41
N LYS C 239 -55.18 -1.77 10.66
CA LYS C 239 -56.33 -1.01 11.08
C LYS C 239 -56.40 0.36 10.42
N ALA C 240 -55.23 0.94 10.09
CA ALA C 240 -55.21 2.26 9.48
C ALA C 240 -55.68 2.22 8.02
N LEU C 241 -55.53 1.08 7.35
CA LEU C 241 -55.93 0.95 5.96
C LEU C 241 -57.41 0.66 5.79
N GLY C 242 -58.15 0.46 6.88
CA GLY C 242 -59.57 0.17 6.80
C GLY C 242 -59.95 -1.27 7.02
N TRP C 243 -59.11 -2.07 7.66
CA TRP C 243 -59.40 -3.47 7.94
C TRP C 243 -59.89 -3.60 9.37
N THR C 244 -61.05 -4.25 9.53
CA THR C 244 -61.62 -4.44 10.85
C THR C 244 -60.82 -5.46 11.65
N SER C 245 -60.97 -5.40 12.98
CA SER C 245 -60.27 -6.34 13.85
C SER C 245 -60.79 -7.77 13.68
N GLU C 246 -61.96 -7.95 13.07
CA GLU C 246 -62.48 -9.29 12.83
C GLU C 246 -61.90 -9.89 11.55
N GLN C 247 -61.81 -9.09 10.49
CA GLN C 247 -61.24 -9.56 9.22
C GLN C 247 -59.76 -9.88 9.35
N ILE C 248 -59.08 -9.32 10.35
CA ILE C 248 -57.67 -9.65 10.56
C ILE C 248 -57.53 -11.05 11.15
N VAL C 249 -58.39 -11.39 12.12
CA VAL C 249 -58.37 -12.74 12.69
C VAL C 249 -58.74 -13.78 11.64
N GLU C 250 -59.58 -13.40 10.67
CA GLU C 250 -59.98 -14.32 9.62
C GLU C 250 -58.82 -14.70 8.71
N ARG C 251 -57.86 -13.78 8.52
CA ARG C 251 -56.77 -14.00 7.59
C ARG C 251 -55.54 -14.64 8.23
N PHE C 252 -55.25 -14.29 9.48
CA PHE C 252 -54.03 -14.72 10.16
C PHE C 252 -54.33 -15.64 11.34
N GLY C 253 -55.41 -16.42 11.26
CA GLY C 253 -55.81 -17.25 12.39
C GLY C 253 -55.06 -18.56 12.52
N PHE C 254 -54.45 -19.03 11.43
CA PHE C 254 -53.77 -20.33 11.44
C PHE C 254 -52.46 -20.31 12.24
N SER C 255 -51.96 -19.13 12.61
CA SER C 255 -50.71 -19.02 13.36
C SER C 255 -51.00 -18.44 14.74
N GLU C 256 -50.29 -18.95 15.74
CA GLU C 256 -50.45 -18.44 17.10
C GLU C 256 -49.64 -17.18 17.35
N ILE C 257 -48.65 -16.89 16.49
CA ILE C 257 -47.86 -15.68 16.66
C ILE C 257 -48.60 -14.43 16.19
N MET C 258 -49.63 -14.59 15.36
CA MET C 258 -50.46 -13.46 14.96
C MET C 258 -51.63 -13.24 15.91
N ARG C 259 -52.12 -14.30 16.55
CA ARG C 259 -53.12 -14.13 17.59
C ARG C 259 -52.54 -13.37 18.79
N SER C 260 -51.24 -13.50 19.03
CA SER C 260 -50.57 -12.78 20.10
C SER C 260 -50.23 -11.34 19.71
N THR C 261 -50.39 -10.97 18.45
CA THR C 261 -50.10 -9.62 18.00
C THR C 261 -51.30 -8.70 18.15
N LEU C 262 -52.47 -9.13 17.69
CA LEU C 262 -53.68 -8.33 17.83
C LEU C 262 -54.11 -8.19 19.29
N GLU C 263 -53.73 -9.15 20.15
CA GLU C 263 -54.07 -9.07 21.55
C GLU C 263 -53.14 -8.12 22.30
N LYS C 264 -51.83 -8.26 22.10
CA LYS C 264 -50.87 -7.35 22.69
C LYS C 264 -50.93 -5.95 22.09
N ASP C 265 -51.74 -5.74 21.07
CA ASP C 265 -51.86 -4.43 20.44
C ASP C 265 -52.33 -3.40 21.44
N ASN C 266 -51.91 -2.14 21.23
CA ASN C 266 -52.22 -1.06 22.15
C ASN C 266 -53.54 -0.36 21.80
N THR C 267 -53.64 0.15 20.58
CA THR C 267 -54.80 0.93 20.15
C THR C 267 -55.59 0.18 19.09
N VAL C 268 -56.90 0.40 19.08
CA VAL C 268 -57.80 -0.21 18.13
C VAL C 268 -58.68 0.88 17.52
N GLY C 269 -59.01 0.71 16.23
CA GLY C 269 -59.83 1.67 15.53
C GLY C 269 -59.24 2.11 14.22
N THR C 270 -60.09 2.30 13.21
CA THR C 270 -59.59 2.72 11.89
C THR C 270 -59.05 4.14 11.94
N ASP C 271 -59.75 5.04 12.63
CA ASP C 271 -59.31 6.42 12.78
C ASP C 271 -58.39 6.62 13.99
N GLU C 272 -58.03 5.54 14.69
CA GLU C 272 -57.14 5.61 15.84
C GLU C 272 -55.72 5.17 15.50
N ALA C 273 -55.55 3.99 14.90
CA ALA C 273 -54.24 3.57 14.44
C ALA C 273 -53.77 4.37 13.24
N LEU C 274 -54.68 5.09 12.57
CA LEU C 274 -54.29 5.95 11.47
C LEU C 274 -53.61 7.22 11.99
N LEU C 275 -54.06 7.74 13.12
CA LEU C 275 -53.38 8.85 13.76
C LEU C 275 -52.12 8.41 14.49
N ASP C 276 -52.11 7.17 14.99
CA ASP C 276 -50.91 6.63 15.63
C ASP C 276 -49.75 6.59 14.64
N ILE C 277 -50.03 6.25 13.38
CA ILE C 277 -48.99 6.27 12.36
C ILE C 277 -48.57 7.70 12.03
N TYR C 278 -49.52 8.64 12.07
CA TYR C 278 -49.22 10.03 11.72
C TYR C 278 -48.25 10.65 12.72
N ARG C 279 -48.43 10.37 14.02
CA ARG C 279 -47.61 11.01 15.03
C ARG C 279 -46.22 10.41 15.16
N LYS C 280 -46.00 9.21 14.62
CA LYS C 280 -44.67 8.60 14.60
C LYS C 280 -43.92 8.85 13.29
N LEU C 281 -44.64 9.20 12.22
CA LEU C 281 -44.07 9.44 10.90
C LEU C 281 -43.73 10.91 10.67
N ARG C 282 -44.68 11.81 10.94
CA ARG C 282 -44.49 13.25 10.81
C ARG C 282 -44.80 13.90 12.15
N PRO C 283 -43.88 13.83 13.11
CA PRO C 283 -44.15 14.39 14.43
C PRO C 283 -44.19 15.91 14.41
N GLY C 284 -44.86 16.47 15.40
CA GLY C 284 -44.96 17.91 15.54
C GLY C 284 -46.07 18.56 14.75
N GLU C 285 -46.97 17.78 14.16
CA GLU C 285 -48.06 18.31 13.35
C GLU C 285 -49.41 17.88 13.93
N PRO C 286 -50.45 18.71 13.76
CA PRO C 286 -51.77 18.34 14.26
C PRO C 286 -52.32 17.15 13.49
N PRO C 287 -52.72 16.09 14.20
CA PRO C 287 -53.19 14.88 13.51
C PRO C 287 -54.68 14.91 13.19
N THR C 288 -55.01 15.07 11.91
CA THR C 288 -56.38 15.04 11.43
C THR C 288 -56.66 13.68 10.79
N LYS C 289 -57.89 13.21 10.94
CA LYS C 289 -58.29 11.93 10.34
C LYS C 289 -58.10 11.93 8.82
N GLU C 290 -58.07 13.10 8.19
CA GLU C 290 -57.88 13.20 6.75
C GLU C 290 -56.50 13.71 6.36
N SER C 291 -55.67 14.12 7.33
CA SER C 291 -54.29 14.45 7.03
C SER C 291 -53.40 13.21 7.04
N ALA C 292 -53.80 12.19 7.81
CA ALA C 292 -53.14 10.89 7.75
C ALA C 292 -53.73 10.00 6.66
N GLN C 293 -55.01 10.17 6.36
CA GLN C 293 -55.62 9.48 5.22
C GLN C 293 -55.01 9.93 3.90
N THR C 294 -54.37 11.10 3.88
CA THR C 294 -53.77 11.63 2.66
C THR C 294 -52.34 11.12 2.43
N LEU C 295 -51.52 11.07 3.47
CA LEU C 295 -50.13 10.68 3.27
C LEU C 295 -49.98 9.16 3.17
N LEU C 296 -50.78 8.40 3.92
CA LEU C 296 -50.72 6.95 3.82
C LEU C 296 -51.17 6.44 2.45
N GLU C 297 -51.80 7.30 1.65
CA GLU C 297 -52.09 6.97 0.26
C GLU C 297 -51.01 7.48 -0.69
N ASN C 298 -50.45 8.66 -0.40
CA ASN C 298 -49.45 9.26 -1.28
C ASN C 298 -48.08 8.62 -1.10
N LEU C 299 -47.76 8.11 0.09
CA LEU C 299 -46.44 7.56 0.34
C LEU C 299 -46.27 6.14 -0.18
N PHE C 300 -47.35 5.43 -0.49
CA PHE C 300 -47.25 4.05 -0.92
C PHE C 300 -48.14 3.66 -2.09
N PHE C 301 -49.15 4.46 -2.45
CA PHE C 301 -50.11 4.06 -3.46
C PHE C 301 -50.37 5.10 -4.54
N LYS C 302 -49.86 6.33 -4.38
CA LYS C 302 -49.88 7.33 -5.44
C LYS C 302 -48.52 7.34 -6.13
N GLU C 303 -48.53 7.47 -7.46
CA GLU C 303 -47.32 7.33 -8.27
C GLU C 303 -46.41 8.53 -8.10
N LYS C 304 -46.84 9.51 -7.30
CA LYS C 304 -46.05 10.71 -7.07
C LYS C 304 -44.84 10.42 -6.18
N ARG C 305 -45.07 9.83 -5.00
CA ARG C 305 -44.03 9.61 -4.02
C ARG C 305 -43.74 8.12 -3.79
N TYR C 306 -44.16 7.27 -4.72
CA TYR C 306 -43.84 5.85 -4.62
C TYR C 306 -43.93 5.24 -6.01
N ASP C 307 -42.99 4.33 -6.31
CA ASP C 307 -42.95 3.71 -7.62
C ASP C 307 -42.08 2.46 -7.64
N LEU C 308 -42.68 1.31 -7.93
CA LEU C 308 -41.94 0.12 -8.31
C LEU C 308 -41.79 0.12 -9.83
N ALA C 309 -40.54 0.02 -10.30
CA ALA C 309 -40.30 0.02 -11.73
C ALA C 309 -40.96 -1.20 -12.38
N ARG C 310 -40.92 -1.22 -13.72
CA ARG C 310 -41.42 -2.38 -14.44
C ARG C 310 -40.72 -3.66 -14.02
N VAL C 311 -39.48 -3.55 -13.55
CA VAL C 311 -38.77 -4.70 -12.98
C VAL C 311 -39.15 -4.90 -11.52
N GLY C 312 -39.42 -3.80 -10.80
CA GLY C 312 -39.79 -3.93 -9.40
C GLY C 312 -41.17 -4.56 -9.21
N ARG C 313 -42.13 -4.17 -10.05
CA ARG C 313 -43.45 -4.78 -10.00
C ARG C 313 -43.39 -6.25 -10.40
N TYR C 314 -42.58 -6.57 -11.42
CA TYR C 314 -42.47 -7.94 -11.88
C TYR C 314 -41.79 -8.83 -10.85
N LYS C 315 -40.79 -8.29 -10.14
CA LYS C 315 -40.11 -9.06 -9.12
C LYS C 315 -41.01 -9.35 -7.92
N VAL C 316 -42.05 -8.55 -7.70
CA VAL C 316 -42.99 -8.81 -6.63
C VAL C 316 -44.05 -9.82 -7.08
N ASN C 317 -44.49 -9.72 -8.34
CA ASN C 317 -45.53 -10.62 -8.84
C ASN C 317 -45.05 -12.05 -8.99
N LYS C 318 -43.73 -12.28 -9.00
CA LYS C 318 -43.20 -13.64 -8.99
C LYS C 318 -42.90 -14.12 -7.58
N LYS C 319 -42.40 -13.23 -6.72
CA LYS C 319 -42.03 -13.63 -5.37
C LYS C 319 -43.25 -13.98 -4.53
N LEU C 320 -44.38 -13.31 -4.76
CA LEU C 320 -45.60 -13.61 -4.03
C LEU C 320 -46.53 -14.57 -4.78
N GLY C 321 -46.41 -14.66 -6.10
CA GLY C 321 -47.28 -15.53 -6.87
C GLY C 321 -48.66 -14.95 -7.16
N LEU C 322 -48.72 -13.67 -7.52
CA LEU C 322 -49.99 -13.02 -7.83
C LEU C 322 -49.82 -12.13 -9.06
N HIS C 323 -50.88 -12.05 -9.86
CA HIS C 323 -50.88 -11.25 -11.09
C HIS C 323 -49.77 -11.68 -12.04
N VAL C 324 -49.43 -12.97 -12.04
CA VAL C 324 -48.26 -13.47 -12.76
C VAL C 324 -48.63 -13.65 -14.23
N GLY C 325 -49.89 -13.36 -14.56
CA GLY C 325 -50.36 -13.45 -15.93
C GLY C 325 -50.83 -12.12 -16.48
N GLU C 326 -51.13 -11.18 -15.60
CA GLU C 326 -51.62 -9.88 -16.01
C GLU C 326 -50.50 -9.09 -16.69
N PRO C 327 -50.81 -8.32 -17.74
CA PRO C 327 -49.78 -7.45 -18.32
C PRO C 327 -49.32 -6.41 -17.33
N ILE C 328 -48.01 -6.12 -17.35
CA ILE C 328 -47.39 -5.22 -16.40
C ILE C 328 -47.91 -3.80 -16.64
N THR C 329 -48.93 -3.40 -15.88
CA THR C 329 -49.48 -2.06 -15.95
C THR C 329 -49.42 -1.30 -14.65
N SER C 330 -49.48 -1.99 -13.50
CA SER C 330 -49.44 -1.34 -12.20
C SER C 330 -48.01 -0.94 -11.89
N SER C 331 -47.73 0.37 -11.93
CA SER C 331 -46.43 0.91 -11.54
C SER C 331 -46.38 1.29 -10.07
N THR C 332 -47.21 0.67 -9.23
CA THR C 332 -47.38 1.10 -7.85
C THR C 332 -47.59 -0.10 -6.95
N LEU C 333 -47.26 0.07 -5.68
CA LEU C 333 -47.61 -0.92 -4.67
C LEU C 333 -49.11 -0.85 -4.38
N THR C 334 -49.71 -2.01 -4.10
CA THR C 334 -51.13 -2.09 -3.81
C THR C 334 -51.34 -2.63 -2.41
N GLU C 335 -52.57 -2.45 -1.91
CA GLU C 335 -52.90 -2.96 -0.58
C GLU C 335 -52.88 -4.48 -0.54
N GLU C 336 -53.21 -5.13 -1.67
CA GLU C 336 -53.18 -6.58 -1.74
C GLU C 336 -51.77 -7.12 -1.48
N ASP C 337 -50.76 -6.41 -1.98
CA ASP C 337 -49.38 -6.89 -1.82
C ASP C 337 -48.94 -6.81 -0.37
N VAL C 338 -49.39 -5.79 0.36
CA VAL C 338 -48.99 -5.64 1.75
C VAL C 338 -49.48 -6.82 2.59
N VAL C 339 -50.71 -7.25 2.36
CA VAL C 339 -51.26 -8.38 3.11
C VAL C 339 -50.56 -9.67 2.72
N ALA C 340 -50.37 -9.89 1.41
CA ALA C 340 -49.70 -11.11 0.96
C ALA C 340 -48.25 -11.16 1.41
N THR C 341 -47.64 -10.00 1.65
CA THR C 341 -46.28 -9.98 2.18
C THR C 341 -46.26 -10.43 3.64
N ILE C 342 -47.20 -9.92 4.45
CA ILE C 342 -47.31 -10.37 5.84
C ILE C 342 -47.72 -11.84 5.88
N GLU C 343 -48.50 -12.29 4.90
CA GLU C 343 -48.85 -13.70 4.82
C GLU C 343 -47.64 -14.55 4.47
N TYR C 344 -46.77 -14.06 3.59
CA TYR C 344 -45.55 -14.78 3.23
C TYR C 344 -44.61 -14.90 4.44
N LEU C 345 -44.57 -13.87 5.28
CA LEU C 345 -43.62 -13.84 6.38
C LEU C 345 -44.02 -14.81 7.49
N VAL C 346 -45.29 -14.76 7.91
CA VAL C 346 -45.72 -15.53 9.07
C VAL C 346 -45.61 -17.03 8.82
N ARG C 347 -45.80 -17.46 7.56
CA ARG C 347 -45.70 -18.88 7.27
C ARG C 347 -44.25 -19.36 7.33
N LEU C 348 -43.31 -18.56 6.83
CA LEU C 348 -41.91 -18.96 6.87
C LEU C 348 -41.38 -19.08 8.30
N HIS C 349 -41.94 -18.29 9.23
CA HIS C 349 -41.43 -18.30 10.59
C HIS C 349 -41.66 -19.65 11.27
N GLU C 350 -42.82 -20.25 11.04
CA GLU C 350 -43.18 -21.52 11.68
C GLU C 350 -43.02 -22.71 10.75
N GLY C 351 -42.02 -22.67 9.86
CA GLY C 351 -41.61 -23.85 9.13
C GLY C 351 -42.35 -24.15 7.85
N GLN C 352 -43.33 -23.33 7.47
CA GLN C 352 -44.03 -23.60 6.21
C GLN C 352 -43.12 -23.36 5.02
N THR C 353 -43.36 -24.11 3.95
CA THR C 353 -42.52 -24.06 2.76
C THR C 353 -43.29 -23.74 1.49
N THR C 354 -44.60 -23.54 1.55
CA THR C 354 -45.40 -23.30 0.36
C THR C 354 -46.59 -22.42 0.73
N MET C 355 -46.95 -21.51 -0.18
CA MET C 355 -48.05 -20.59 0.04
C MET C 355 -48.64 -20.15 -1.29
N THR C 356 -49.96 -20.04 -1.34
CA THR C 356 -50.68 -19.45 -2.46
C THR C 356 -51.52 -18.29 -1.95
N VAL C 357 -51.33 -17.12 -2.55
CA VAL C 357 -52.14 -15.95 -2.17
C VAL C 357 -53.59 -16.18 -2.59
N PRO C 358 -54.58 -15.79 -1.78
CA PRO C 358 -55.98 -15.90 -2.22
C PRO C 358 -56.22 -15.32 -3.60
N GLY C 359 -56.45 -16.20 -4.57
CA GLY C 359 -56.54 -15.77 -5.95
C GLY C 359 -55.20 -15.67 -6.66
N GLY C 360 -54.20 -16.41 -6.19
CA GLY C 360 -52.88 -16.33 -6.77
C GLY C 360 -52.27 -17.71 -6.95
N VAL C 361 -51.26 -17.76 -7.82
CA VAL C 361 -50.62 -19.03 -8.14
C VAL C 361 -49.72 -19.47 -6.97
N GLU C 362 -49.38 -20.75 -6.99
CA GLU C 362 -48.55 -21.31 -5.93
C GLU C 362 -47.11 -20.84 -6.06
N VAL C 363 -46.45 -20.61 -4.93
CA VAL C 363 -45.09 -20.10 -4.90
C VAL C 363 -44.40 -20.59 -3.63
N PRO C 364 -43.12 -20.97 -3.69
CA PRO C 364 -42.44 -21.47 -2.50
C PRO C 364 -42.14 -20.35 -1.51
N VAL C 365 -42.02 -20.75 -0.25
CA VAL C 365 -41.75 -19.83 0.85
C VAL C 365 -40.32 -20.05 1.31
N GLU C 366 -39.44 -19.10 1.01
CA GLU C 366 -38.02 -19.23 1.30
C GLU C 366 -37.40 -17.85 1.41
N THR C 367 -36.14 -17.82 1.85
CA THR C 367 -35.37 -16.59 1.95
C THR C 367 -34.55 -16.39 0.68
N ASP C 368 -34.23 -15.13 0.40
CA ASP C 368 -33.56 -14.76 -0.85
C ASP C 368 -32.11 -14.40 -0.58
N ASP C 369 -31.31 -14.49 -1.65
CA ASP C 369 -29.86 -14.32 -1.52
C ASP C 369 -29.46 -12.85 -1.48
N ILE C 370 -30.13 -12.01 -2.28
CA ILE C 370 -29.83 -10.60 -2.53
C ILE C 370 -28.44 -10.43 -3.14
N ASP C 371 -27.63 -11.49 -3.13
CA ASP C 371 -26.41 -11.55 -3.92
C ASP C 371 -26.58 -12.31 -5.22
N HIS C 372 -27.61 -13.14 -5.33
CA HIS C 372 -27.93 -13.82 -6.57
C HIS C 372 -28.16 -12.80 -7.68
N PHE C 373 -27.60 -13.08 -8.86
CA PHE C 373 -27.72 -12.12 -9.98
C PHE C 373 -29.14 -12.00 -10.53
N GLY C 374 -30.12 -12.67 -9.93
CA GLY C 374 -31.51 -12.47 -10.27
C GLY C 374 -32.17 -11.51 -9.32
N ASN C 375 -31.58 -11.36 -8.13
CA ASN C 375 -32.00 -10.35 -7.17
C ASN C 375 -31.04 -9.17 -7.09
N ARG C 376 -29.88 -9.26 -7.73
CA ARG C 376 -28.92 -8.16 -7.82
C ARG C 376 -28.99 -7.59 -9.23
N ARG C 377 -29.29 -6.29 -9.33
CA ARG C 377 -29.60 -5.66 -10.61
C ARG C 377 -28.45 -4.75 -11.05
N LEU C 378 -28.28 -4.65 -12.37
CA LEU C 378 -27.26 -3.83 -12.98
C LEU C 378 -27.95 -2.74 -13.80
N ARG C 379 -27.71 -1.48 -13.44
CA ARG C 379 -28.24 -0.34 -14.18
C ARG C 379 -27.11 0.35 -14.93
N THR C 380 -27.30 0.54 -16.23
CA THR C 380 -26.25 0.96 -17.14
C THR C 380 -26.29 2.47 -17.36
N VAL C 381 -25.77 2.93 -18.51
CA VAL C 381 -25.57 4.36 -18.73
C VAL C 381 -26.91 5.08 -18.87
N GLY C 382 -27.79 4.53 -19.71
CA GLY C 382 -29.04 5.22 -19.99
C GLY C 382 -29.90 5.45 -18.75
N GLU C 383 -29.99 4.44 -17.87
CA GLU C 383 -30.79 4.59 -16.66
C GLU C 383 -30.13 5.58 -15.70
N LEU C 384 -28.81 5.48 -15.53
CA LEU C 384 -28.12 6.40 -14.63
C LEU C 384 -28.27 7.85 -15.08
N ILE C 385 -28.39 8.08 -16.39
CA ILE C 385 -28.67 9.42 -16.89
C ILE C 385 -30.16 9.74 -16.76
N GLN C 386 -31.02 8.74 -17.01
CA GLN C 386 -32.46 8.96 -16.94
C GLN C 386 -32.89 9.40 -15.55
N ASN C 387 -32.32 8.77 -14.51
CA ASN C 387 -32.68 9.15 -13.14
C ASN C 387 -32.29 10.59 -12.84
N GLN C 388 -31.13 11.03 -13.35
CA GLN C 388 -30.72 12.41 -13.16
C GLN C 388 -31.60 13.37 -13.95
N ILE C 389 -31.99 12.97 -15.16
CA ILE C 389 -32.94 13.77 -15.93
C ILE C 389 -34.28 13.85 -15.20
N ARG C 390 -34.74 12.72 -14.65
CA ARG C 390 -36.00 12.70 -13.92
C ARG C 390 -35.97 13.65 -12.73
N VAL C 391 -34.86 13.64 -11.97
CA VAL C 391 -34.74 14.54 -10.84
C VAL C 391 -34.71 16.00 -11.32
N GLY C 392 -34.00 16.26 -12.42
CA GLY C 392 -33.97 17.60 -12.97
C GLY C 392 -35.33 18.06 -13.48
N MET C 393 -36.10 17.12 -14.04
CA MET C 393 -37.44 17.46 -14.51
C MET C 393 -38.37 17.78 -13.33
N SER C 394 -38.25 17.02 -12.24
CA SER C 394 -39.13 17.23 -11.09
C SER C 394 -38.88 18.58 -10.44
N ARG C 395 -37.63 19.07 -10.49
CA ARG C 395 -37.35 20.40 -9.95
C ARG C 395 -37.89 21.49 -10.86
N MET C 396 -37.94 21.24 -12.17
CA MET C 396 -38.58 22.18 -13.07
C MET C 396 -40.10 22.14 -12.95
N GLU C 397 -40.65 20.96 -12.64
CA GLU C 397 -42.09 20.83 -12.46
C GLU C 397 -42.59 21.75 -11.34
N ARG C 398 -41.83 21.87 -10.26
CA ARG C 398 -42.18 22.80 -9.20
C ARG C 398 -42.10 24.25 -9.68
N VAL C 399 -41.13 24.54 -10.57
CA VAL C 399 -41.06 25.88 -11.16
C VAL C 399 -42.30 26.15 -12.01
N VAL C 400 -42.79 25.11 -12.70
CA VAL C 400 -43.97 25.28 -13.54
C VAL C 400 -45.19 25.63 -12.69
N ARG C 401 -45.50 24.80 -11.69
CA ARG C 401 -46.67 25.03 -10.87
C ARG C 401 -46.62 26.39 -10.16
N GLU C 402 -45.41 26.87 -9.82
CA GLU C 402 -45.31 28.16 -9.17
C GLU C 402 -45.48 29.30 -10.18
N ARG C 403 -44.95 29.14 -11.39
CA ARG C 403 -45.08 30.16 -12.41
C ARG C 403 -46.48 30.22 -13.03
N MET C 404 -47.28 29.17 -12.85
CA MET C 404 -48.65 29.18 -13.37
C MET C 404 -49.55 30.05 -12.51
N THR C 405 -49.51 29.86 -11.19
CA THR C 405 -50.40 30.57 -10.27
C THR C 405 -50.00 32.02 -10.05
N THR C 406 -48.87 32.46 -10.60
CA THR C 406 -48.43 33.85 -10.48
C THR C 406 -48.74 34.67 -11.72
N GLN C 407 -48.42 34.16 -12.91
CA GLN C 407 -48.67 34.85 -14.15
C GLN C 407 -50.15 34.80 -14.51
N ASP C 408 -50.53 35.59 -15.51
CA ASP C 408 -51.91 35.60 -15.97
C ASP C 408 -52.22 34.35 -16.78
N VAL C 409 -53.51 34.06 -16.92
CA VAL C 409 -53.94 32.81 -17.54
C VAL C 409 -54.29 33.04 -19.01
N GLU C 410 -53.68 34.05 -19.62
CA GLU C 410 -53.89 34.32 -21.04
C GLU C 410 -52.64 34.72 -21.81
N ALA C 411 -51.59 35.20 -21.15
CA ALA C 411 -50.32 35.47 -21.82
C ALA C 411 -49.29 34.39 -21.54
N ILE C 412 -49.70 33.24 -21.03
CA ILE C 412 -48.79 32.16 -20.70
C ILE C 412 -48.49 31.35 -21.95
N THR C 413 -47.21 31.13 -22.21
CA THR C 413 -46.72 30.24 -23.24
C THR C 413 -45.84 29.18 -22.60
N PRO C 414 -45.60 28.05 -23.28
CA PRO C 414 -44.64 27.08 -22.75
C PRO C 414 -43.26 27.67 -22.49
N GLN C 415 -42.88 28.73 -23.21
CA GLN C 415 -41.59 29.37 -22.98
C GLN C 415 -41.54 30.06 -21.62
N THR C 416 -42.68 30.58 -21.16
CA THR C 416 -42.69 31.32 -19.90
C THR C 416 -42.75 30.41 -18.69
N LEU C 417 -43.34 29.22 -18.83
CA LEU C 417 -43.47 28.30 -17.70
C LEU C 417 -42.21 27.46 -17.48
N ILE C 418 -41.32 27.39 -18.46
CA ILE C 418 -40.21 26.45 -18.44
C ILE C 418 -38.93 27.19 -18.10
N ASN C 419 -38.31 26.79 -16.99
CA ASN C 419 -37.00 27.30 -16.57
C ASN C 419 -36.05 26.11 -16.55
N ILE C 420 -35.19 26.03 -17.56
CA ILE C 420 -34.33 24.85 -17.75
C ILE C 420 -33.07 24.87 -16.91
N ARG C 421 -32.91 25.87 -16.02
CA ARG C 421 -31.73 25.92 -15.18
C ARG C 421 -31.58 24.70 -14.28
N PRO C 422 -32.61 24.23 -13.56
CA PRO C 422 -32.43 23.01 -12.76
C PRO C 422 -32.27 21.75 -13.58
N VAL C 423 -32.57 21.78 -14.88
CA VAL C 423 -32.47 20.59 -15.71
C VAL C 423 -31.03 20.36 -16.16
N VAL C 424 -30.44 21.35 -16.83
CA VAL C 424 -29.08 21.20 -17.33
C VAL C 424 -28.09 21.15 -16.17
N ALA C 425 -28.41 21.77 -15.04
CA ALA C 425 -27.56 21.67 -13.86
C ALA C 425 -27.66 20.33 -13.18
N ALA C 426 -28.63 19.50 -13.56
CA ALA C 426 -28.76 18.16 -13.01
C ALA C 426 -27.93 17.14 -13.79
N ILE C 427 -27.88 17.28 -15.11
CA ILE C 427 -26.99 16.44 -15.91
C ILE C 427 -25.54 16.89 -15.77
N LYS C 428 -25.32 18.19 -15.51
CA LYS C 428 -23.97 18.67 -15.27
C LYS C 428 -23.42 18.15 -13.95
N GLU C 429 -24.25 18.14 -12.90
CA GLU C 429 -23.82 17.60 -11.62
C GLU C 429 -23.47 16.12 -11.72
N PHE C 430 -24.16 15.38 -12.58
CA PHE C 430 -23.90 13.95 -12.73
C PHE C 430 -22.55 13.71 -13.41
N PHE C 431 -22.42 14.15 -14.67
CA PHE C 431 -21.17 13.93 -15.39
C PHE C 431 -20.01 14.65 -14.74
N GLY C 432 -20.27 15.73 -14.02
CA GLY C 432 -19.21 16.47 -13.37
C GLY C 432 -18.73 15.84 -12.09
N THR C 433 -19.66 15.31 -11.28
CA THR C 433 -19.32 14.72 -9.99
C THR C 433 -20.19 13.49 -9.78
N SER C 434 -19.59 12.31 -9.95
CA SER C 434 -20.29 11.05 -9.72
C SER C 434 -19.27 9.93 -9.63
N GLN C 435 -19.53 8.98 -8.73
CA GLN C 435 -18.69 7.79 -8.64
C GLN C 435 -18.83 6.91 -9.87
N LEU C 436 -19.86 7.13 -10.68
CA LEU C 436 -20.06 6.38 -11.92
C LEU C 436 -19.49 7.08 -13.14
N SER C 437 -19.42 8.42 -13.11
CA SER C 437 -18.73 9.17 -14.14
C SER C 437 -17.24 9.17 -13.81
N GLN C 438 -16.47 8.34 -14.50
CA GLN C 438 -15.09 8.06 -14.13
C GLN C 438 -14.13 8.54 -15.22
N PHE C 439 -13.03 9.14 -14.79
CA PHE C 439 -11.92 9.48 -15.67
C PHE C 439 -11.42 8.22 -16.38
N MET C 440 -11.53 8.20 -17.70
CA MET C 440 -11.32 6.98 -18.46
C MET C 440 -9.89 6.47 -18.31
N ASP C 441 -9.75 5.18 -18.02
CA ASP C 441 -8.45 4.52 -17.96
C ASP C 441 -7.93 4.32 -19.37
N GLN C 442 -6.84 5.02 -19.71
CA GLN C 442 -6.33 5.04 -21.08
C GLN C 442 -4.85 4.68 -21.11
N ASN C 443 -4.44 3.65 -20.35
CA ASN C 443 -3.08 3.17 -20.45
C ASN C 443 -2.86 2.46 -21.78
N ASN C 444 -3.77 1.57 -22.15
CA ASN C 444 -3.70 0.85 -23.41
C ASN C 444 -5.13 0.55 -23.86
N PRO C 445 -5.32 0.15 -25.12
CA PRO C 445 -6.69 -0.18 -25.58
C PRO C 445 -7.42 -1.19 -24.71
N LEU C 446 -6.73 -2.20 -24.19
CA LEU C 446 -7.39 -3.16 -23.31
C LEU C 446 -7.87 -2.47 -22.03
N SER C 447 -7.09 -1.50 -21.54
CA SER C 447 -7.52 -0.76 -20.36
C SER C 447 -8.77 0.06 -20.64
N GLY C 448 -8.87 0.61 -21.85
CA GLY C 448 -10.06 1.40 -22.21
C GLY C 448 -11.28 0.52 -22.45
N LEU C 449 -11.08 -0.66 -23.03
CA LEU C 449 -12.20 -1.56 -23.27
C LEU C 449 -12.70 -2.18 -21.96
N THR C 450 -11.78 -2.50 -21.05
CA THR C 450 -12.19 -3.07 -19.77
C THR C 450 -12.97 -2.06 -18.94
N HIS C 451 -12.54 -0.80 -18.92
CA HIS C 451 -13.18 0.21 -18.10
C HIS C 451 -14.65 0.39 -18.46
N LYS C 452 -14.97 0.30 -19.75
CA LYS C 452 -16.35 0.48 -20.17
C LYS C 452 -17.21 -0.72 -19.80
N ARG C 453 -16.61 -1.90 -19.69
CA ARG C 453 -17.33 -3.11 -19.30
C ARG C 453 -17.25 -3.36 -17.80
N ARG C 454 -16.84 -2.37 -17.01
CA ARG C 454 -16.74 -2.56 -15.57
C ARG C 454 -18.12 -2.58 -14.92
N LEU C 455 -18.28 -3.43 -13.90
CA LEU C 455 -19.49 -3.52 -13.12
C LEU C 455 -19.14 -3.19 -11.67
N SER C 456 -19.54 -2.01 -11.21
CA SER C 456 -19.17 -1.52 -9.89
C SER C 456 -20.33 -1.65 -8.92
N ALA C 457 -20.04 -2.11 -7.71
CA ALA C 457 -21.04 -2.17 -6.65
C ALA C 457 -21.08 -0.90 -5.82
N LEU C 458 -20.08 -0.03 -5.95
CA LEU C 458 -20.03 1.20 -5.19
C LEU C 458 -20.83 2.31 -5.88
N GLY C 459 -21.12 3.36 -5.12
CA GLY C 459 -21.87 4.48 -5.63
C GLY C 459 -23.19 4.68 -4.93
N PRO C 460 -23.91 5.73 -5.30
CA PRO C 460 -25.22 5.99 -4.68
C PRO C 460 -26.21 4.88 -5.03
N GLY C 461 -27.02 4.51 -4.04
CA GLY C 461 -27.97 3.43 -4.19
C GLY C 461 -27.39 2.05 -4.00
N GLY C 462 -26.07 1.88 -4.13
CA GLY C 462 -25.45 0.59 -3.95
C GLY C 462 -25.08 0.33 -2.50
N LEU C 463 -23.80 0.45 -2.17
CA LEU C 463 -23.33 0.21 -0.81
C LEU C 463 -22.10 1.05 -0.55
N SER C 464 -21.87 1.33 0.73
CA SER C 464 -20.63 1.96 1.16
C SER C 464 -19.52 0.93 1.29
N ARG C 465 -18.28 1.36 1.10
CA ARG C 465 -17.16 0.45 1.22
C ARG C 465 -17.03 -0.10 2.64
N GLU C 466 -17.38 0.70 3.64
CA GLU C 466 -17.37 0.24 5.02
C GLU C 466 -18.56 -0.67 5.34
N ARG C 467 -19.59 -0.68 4.50
CA ARG C 467 -20.73 -1.57 4.68
C ARG C 467 -20.74 -2.68 3.65
N ALA C 468 -19.63 -3.40 3.53
CA ALA C 468 -19.51 -4.49 2.56
C ALA C 468 -18.71 -5.61 3.22
N GLY C 469 -19.39 -6.68 3.60
CA GLY C 469 -18.74 -7.82 4.21
C GLY C 469 -18.06 -8.71 3.18
N LEU C 470 -17.51 -9.82 3.67
CA LEU C 470 -16.82 -10.80 2.83
C LEU C 470 -17.78 -11.63 1.99
N GLU C 471 -19.07 -11.33 2.02
CA GLU C 471 -20.07 -12.09 1.26
C GLU C 471 -20.47 -11.40 -0.04
N VAL C 472 -20.45 -10.07 -0.09
CA VAL C 472 -20.77 -9.37 -1.32
C VAL C 472 -19.66 -9.49 -2.34
N ARG C 473 -18.43 -9.75 -1.89
CA ARG C 473 -17.26 -9.65 -2.75
C ARG C 473 -16.86 -10.98 -3.41
N ASP C 474 -17.16 -12.11 -2.78
CA ASP C 474 -16.70 -13.37 -3.31
C ASP C 474 -17.59 -13.84 -4.47
N VAL C 475 -17.13 -14.89 -5.15
CA VAL C 475 -17.78 -15.36 -6.37
C VAL C 475 -19.07 -16.09 -6.01
N HIS C 476 -20.14 -15.81 -6.77
CA HIS C 476 -21.44 -16.43 -6.65
C HIS C 476 -21.67 -17.39 -7.81
N PRO C 477 -22.34 -18.52 -7.59
CA PRO C 477 -22.57 -19.46 -8.69
C PRO C 477 -23.42 -18.89 -9.82
N SER C 478 -24.23 -17.87 -9.56
CA SER C 478 -25.00 -17.23 -10.61
C SER C 478 -24.15 -16.31 -11.49
N HIS C 479 -22.91 -16.02 -11.09
CA HIS C 479 -22.01 -15.20 -11.88
C HIS C 479 -21.45 -15.95 -13.09
N TYR C 480 -21.75 -17.23 -13.25
CA TYR C 480 -21.25 -18.00 -14.38
C TYR C 480 -21.78 -17.42 -15.68
N GLY C 481 -20.86 -17.04 -16.58
CA GLY C 481 -21.24 -16.47 -17.85
C GLY C 481 -21.80 -15.07 -17.79
N ARG C 482 -21.77 -14.42 -16.63
CA ARG C 482 -22.29 -13.07 -16.48
C ARG C 482 -21.23 -12.11 -15.98
N MET C 483 -20.69 -12.32 -14.78
CA MET C 483 -19.58 -11.53 -14.28
C MET C 483 -18.35 -12.43 -14.13
N CYS C 484 -17.18 -11.88 -14.46
CA CYS C 484 -15.97 -12.67 -14.44
C CYS C 484 -15.58 -13.03 -13.01
N PRO C 485 -15.15 -14.27 -12.77
CA PRO C 485 -14.64 -14.65 -11.45
C PRO C 485 -13.16 -14.35 -11.24
N ILE C 486 -12.46 -13.87 -12.27
CA ILE C 486 -11.03 -13.61 -12.20
C ILE C 486 -10.72 -12.11 -12.20
N GLU C 487 -11.19 -11.39 -13.22
CA GLU C 487 -10.84 -9.99 -13.39
C GLU C 487 -11.55 -9.14 -12.33
N THR C 488 -10.77 -8.67 -11.36
CA THR C 488 -11.21 -7.76 -10.31
C THR C 488 -9.95 -7.28 -9.59
N PRO C 489 -9.92 -6.02 -9.14
CA PRO C 489 -8.71 -5.53 -8.47
C PRO C 489 -8.46 -6.31 -7.18
N GLU C 490 -7.19 -6.34 -6.78
CA GLU C 490 -6.79 -7.03 -5.55
C GLU C 490 -6.59 -6.07 -4.38
N GLY C 491 -6.91 -4.79 -4.56
CA GLY C 491 -6.81 -3.82 -3.50
C GLY C 491 -8.04 -3.84 -2.61
N PRO C 492 -8.38 -2.68 -2.04
CA PRO C 492 -9.56 -2.62 -1.17
C PRO C 492 -10.88 -2.75 -1.91
N ASN C 493 -10.87 -2.73 -3.25
CA ASN C 493 -12.09 -2.85 -4.05
C ASN C 493 -12.27 -4.24 -4.64
N ILE C 494 -11.69 -5.26 -4.01
CA ILE C 494 -11.79 -6.62 -4.53
C ILE C 494 -13.23 -7.11 -4.38
N GLY C 495 -13.76 -7.67 -5.47
CA GLY C 495 -15.12 -8.19 -5.47
C GLY C 495 -16.18 -7.13 -5.68
N LEU C 496 -15.88 -5.90 -5.25
CA LEU C 496 -16.83 -4.80 -5.43
C LEU C 496 -16.88 -4.32 -6.86
N ILE C 497 -15.85 -4.58 -7.66
CA ILE C 497 -15.78 -4.17 -9.05
C ILE C 497 -15.44 -5.40 -9.88
N GLY C 498 -16.33 -5.73 -10.83
CA GLY C 498 -16.12 -6.85 -11.71
C GLY C 498 -16.20 -6.43 -13.18
N SER C 499 -15.83 -7.37 -14.04
CA SER C 499 -15.89 -7.17 -15.48
C SER C 499 -16.96 -8.09 -16.07
N LEU C 500 -17.78 -7.55 -16.95
CA LEU C 500 -18.83 -8.34 -17.59
C LEU C 500 -18.21 -9.47 -18.40
N SER C 501 -18.82 -10.65 -18.32
CA SER C 501 -18.36 -11.78 -19.10
C SER C 501 -18.45 -11.48 -20.59
N VAL C 502 -17.72 -12.26 -21.39
CA VAL C 502 -17.57 -11.98 -22.81
C VAL C 502 -18.93 -11.98 -23.50
N TYR C 503 -19.63 -13.10 -23.46
CA TYR C 503 -20.89 -13.24 -24.18
C TYR C 503 -22.08 -12.65 -23.43
N ALA C 504 -21.87 -12.09 -22.25
CA ALA C 504 -22.98 -11.61 -21.44
C ALA C 504 -23.57 -10.33 -22.03
N ARG C 505 -24.83 -10.07 -21.68
CA ARG C 505 -25.52 -8.86 -22.08
C ARG C 505 -26.55 -8.51 -21.01
N VAL C 506 -27.15 -7.32 -21.13
CA VAL C 506 -28.10 -6.82 -20.17
C VAL C 506 -29.46 -6.69 -20.85
N ASN C 507 -30.50 -7.16 -20.18
CA ASN C 507 -31.87 -7.01 -20.67
C ASN C 507 -32.45 -5.67 -20.25
N PRO C 508 -33.54 -5.23 -20.87
CA PRO C 508 -34.14 -3.94 -20.48
C PRO C 508 -34.59 -3.86 -19.03
N PHE C 509 -34.57 -4.98 -18.28
CA PHE C 509 -34.93 -4.92 -16.88
C PHE C 509 -33.76 -4.54 -16.00
N GLY C 510 -32.56 -5.03 -16.32
CA GLY C 510 -31.38 -4.72 -15.53
C GLY C 510 -30.56 -5.94 -15.18
N PHE C 511 -31.11 -7.13 -15.43
CA PHE C 511 -30.41 -8.37 -15.16
C PHE C 511 -29.51 -8.73 -16.34
N ILE C 512 -28.54 -9.62 -16.06
CA ILE C 512 -27.55 -10.01 -17.05
C ILE C 512 -27.94 -11.36 -17.64
N GLU C 513 -27.97 -11.43 -18.97
CA GLU C 513 -28.31 -12.64 -19.69
C GLU C 513 -27.05 -13.26 -20.31
N THR C 514 -27.04 -14.58 -20.39
CA THR C 514 -25.95 -15.32 -21.00
C THR C 514 -26.52 -16.35 -21.97
N PRO C 515 -25.90 -16.52 -23.14
CA PRO C 515 -26.46 -17.41 -24.15
C PRO C 515 -26.21 -18.88 -23.85
N TYR C 516 -27.09 -19.71 -24.42
CA TYR C 516 -26.98 -21.16 -24.29
C TYR C 516 -27.54 -21.80 -25.54
N ARG C 517 -27.03 -23.00 -25.85
CA ARG C 517 -27.55 -23.79 -26.96
C ARG C 517 -28.61 -24.74 -26.42
N LYS C 518 -29.83 -24.61 -26.94
CA LYS C 518 -30.95 -25.40 -26.45
C LYS C 518 -30.83 -26.84 -26.93
N VAL C 519 -30.82 -27.78 -25.98
CA VAL C 519 -30.78 -29.20 -26.28
C VAL C 519 -32.19 -29.76 -26.12
N VAL C 520 -32.75 -30.23 -27.23
CA VAL C 520 -34.13 -30.71 -27.25
C VAL C 520 -34.23 -32.00 -26.44
N ASP C 521 -33.79 -33.12 -27.03
CA ASP C 521 -33.82 -34.43 -26.39
C ASP C 521 -32.45 -35.08 -26.57
N GLY C 522 -31.48 -34.62 -25.78
CA GLY C 522 -30.11 -35.09 -25.94
C GLY C 522 -29.53 -34.80 -27.29
N VAL C 523 -30.03 -33.77 -27.96
CA VAL C 523 -29.59 -33.40 -29.30
C VAL C 523 -29.18 -31.93 -29.28
N VAL C 524 -27.91 -31.66 -29.60
CA VAL C 524 -27.43 -30.29 -29.63
C VAL C 524 -28.02 -29.57 -30.84
N SER C 525 -28.66 -28.44 -30.58
CA SER C 525 -29.26 -27.62 -31.61
C SER C 525 -28.51 -26.30 -31.74
N ASP C 526 -28.48 -25.76 -32.96
CA ASP C 526 -27.87 -24.46 -33.20
C ASP C 526 -28.77 -23.31 -32.77
N GLU C 527 -29.95 -23.60 -32.23
CA GLU C 527 -30.81 -22.56 -31.69
C GLU C 527 -30.25 -22.06 -30.36
N ILE C 528 -30.08 -20.75 -30.25
CA ILE C 528 -29.47 -20.12 -29.09
C ILE C 528 -30.47 -19.16 -28.46
N VAL C 529 -30.56 -19.19 -27.14
CA VAL C 529 -31.48 -18.34 -26.39
C VAL C 529 -30.76 -17.82 -25.15
N TYR C 530 -31.02 -16.55 -24.81
CA TYR C 530 -30.43 -15.93 -23.64
C TYR C 530 -31.33 -16.14 -22.42
N LEU C 531 -30.72 -16.56 -21.31
CA LEU C 531 -31.44 -16.82 -20.08
C LEU C 531 -30.95 -15.89 -18.99
N THR C 532 -31.87 -15.49 -18.10
CA THR C 532 -31.50 -14.67 -16.96
C THR C 532 -30.98 -15.57 -15.84
N ALA C 533 -30.64 -14.96 -14.70
CA ALA C 533 -30.05 -15.71 -13.60
C ALA C 533 -31.04 -16.72 -13.03
N ASP C 534 -32.25 -16.25 -12.69
CA ASP C 534 -33.26 -17.17 -12.15
C ASP C 534 -33.83 -18.08 -13.24
N GLU C 535 -33.80 -17.63 -14.50
CA GLU C 535 -34.24 -18.50 -15.59
C GLU C 535 -33.28 -19.67 -15.80
N GLU C 536 -31.99 -19.45 -15.54
CA GLU C 536 -31.01 -20.53 -15.69
C GLU C 536 -31.21 -21.61 -14.63
N ASP C 537 -31.68 -21.24 -13.44
CA ASP C 537 -31.84 -22.23 -12.38
C ASP C 537 -33.01 -23.17 -12.65
N ARG C 538 -34.04 -22.71 -13.37
CA ARG C 538 -35.18 -23.56 -13.69
C ARG C 538 -34.84 -24.62 -14.72
N HIS C 539 -33.61 -24.69 -15.20
CA HIS C 539 -33.15 -25.73 -16.11
C HIS C 539 -31.79 -26.23 -15.63
N VAL C 540 -31.24 -27.20 -16.35
CA VAL C 540 -29.89 -27.69 -16.11
C VAL C 540 -29.12 -27.59 -17.42
N VAL C 541 -27.86 -27.15 -17.33
CA VAL C 541 -27.04 -26.88 -18.49
C VAL C 541 -25.79 -27.75 -18.43
N ALA C 542 -25.37 -28.25 -19.60
CA ALA C 542 -24.19 -29.09 -19.68
C ALA C 542 -22.94 -28.24 -19.89
N GLN C 543 -21.81 -28.75 -19.41
CA GLN C 543 -20.54 -28.05 -19.58
C GLN C 543 -20.19 -27.97 -21.05
N ALA C 544 -19.45 -26.92 -21.42
CA ALA C 544 -19.20 -26.63 -22.82
C ALA C 544 -18.42 -27.76 -23.50
N ASN C 545 -17.46 -28.35 -22.80
CA ASN C 545 -16.60 -29.38 -23.39
C ASN C 545 -17.23 -30.77 -23.28
N SER C 546 -18.48 -30.89 -23.69
CA SER C 546 -19.10 -32.21 -23.67
C SER C 546 -18.84 -32.95 -24.98
N PRO C 547 -18.53 -34.24 -24.92
CA PRO C 547 -18.39 -35.03 -26.15
C PRO C 547 -19.74 -35.15 -26.84
N ILE C 548 -19.80 -34.69 -28.09
CA ILE C 548 -21.05 -34.58 -28.83
C ILE C 548 -20.91 -35.27 -30.18
N ASP C 549 -21.94 -36.03 -30.55
CA ASP C 549 -21.99 -36.63 -31.87
C ASP C 549 -22.08 -35.55 -32.94
N ALA C 550 -21.64 -35.89 -34.16
CA ALA C 550 -21.76 -34.97 -35.28
C ALA C 550 -23.22 -34.59 -35.53
N ASP C 551 -24.15 -35.48 -35.20
CA ASP C 551 -25.57 -35.14 -35.28
C ASP C 551 -26.02 -34.31 -34.09
N GLY C 552 -25.43 -34.52 -32.91
CA GLY C 552 -25.74 -33.71 -31.76
C GLY C 552 -25.92 -34.49 -30.47
N ARG C 553 -25.93 -35.81 -30.54
CA ARG C 553 -26.21 -36.63 -29.38
C ARG C 553 -24.98 -36.77 -28.49
N PHE C 554 -25.19 -36.65 -27.18
CA PHE C 554 -24.10 -36.79 -26.23
C PHE C 554 -23.54 -38.21 -26.27
N VAL C 555 -22.22 -38.32 -26.11
CA VAL C 555 -21.59 -39.63 -26.14
C VAL C 555 -21.83 -40.38 -24.83
N GLU C 556 -21.69 -39.70 -23.70
CA GLU C 556 -21.95 -40.39 -22.45
C GLU C 556 -23.38 -40.13 -21.98
N PRO C 557 -24.03 -41.14 -21.40
CA PRO C 557 -25.34 -40.88 -20.78
C PRO C 557 -25.25 -39.89 -19.63
N ARG C 558 -24.24 -40.04 -18.77
CA ARG C 558 -24.03 -39.15 -17.64
C ARG C 558 -22.97 -38.12 -18.01
N VAL C 559 -23.33 -36.84 -17.87
CA VAL C 559 -22.44 -35.74 -18.22
C VAL C 559 -22.40 -34.74 -17.07
N LEU C 560 -21.26 -34.07 -16.92
CA LEU C 560 -21.12 -33.03 -15.91
C LEU C 560 -22.07 -31.88 -16.23
N VAL C 561 -22.97 -31.59 -15.29
CA VAL C 561 -24.04 -30.62 -15.50
C VAL C 561 -24.17 -29.73 -14.27
N ARG C 562 -24.33 -28.43 -14.51
CA ARG C 562 -24.55 -27.47 -13.44
C ARG C 562 -26.03 -27.40 -13.10
N ARG C 563 -26.34 -27.32 -11.81
CA ARG C 563 -27.70 -27.24 -11.32
C ARG C 563 -27.84 -26.05 -10.39
N LYS C 564 -29.09 -25.76 -10.00
CA LYS C 564 -29.38 -24.67 -9.10
C LYS C 564 -28.59 -24.82 -7.80
N ALA C 565 -28.26 -23.67 -7.20
CA ALA C 565 -27.53 -23.59 -5.93
C ALA C 565 -26.11 -24.12 -6.03
N GLY C 566 -25.54 -24.09 -7.24
CA GLY C 566 -24.15 -24.45 -7.45
C GLY C 566 -23.84 -25.89 -7.17
N GLU C 567 -24.60 -26.81 -7.78
CA GLU C 567 -24.38 -28.24 -7.65
C GLU C 567 -23.90 -28.80 -8.97
N VAL C 568 -22.84 -29.59 -8.91
CA VAL C 568 -22.27 -30.25 -10.09
C VAL C 568 -22.36 -31.75 -9.89
N GLU C 569 -22.91 -32.45 -10.88
CA GLU C 569 -23.08 -33.90 -10.80
C GLU C 569 -23.39 -34.44 -12.18
N TYR C 570 -23.17 -35.73 -12.35
CA TYR C 570 -23.55 -36.41 -13.58
C TYR C 570 -25.07 -36.59 -13.63
N VAL C 571 -25.61 -36.63 -14.85
CA VAL C 571 -27.05 -36.65 -15.05
C VAL C 571 -27.34 -37.26 -16.42
N PRO C 572 -28.50 -37.91 -16.61
CA PRO C 572 -28.77 -38.57 -17.90
C PRO C 572 -28.78 -37.57 -19.06
N SER C 573 -28.51 -38.11 -20.26
CA SER C 573 -28.48 -37.29 -21.45
C SER C 573 -29.85 -36.73 -21.81
N SER C 574 -30.92 -37.42 -21.42
CA SER C 574 -32.28 -36.95 -21.66
C SER C 574 -32.71 -35.87 -20.68
N GLU C 575 -31.82 -35.40 -19.81
CA GLU C 575 -32.12 -34.35 -18.85
C GLU C 575 -31.50 -33.02 -19.22
N VAL C 576 -30.50 -32.99 -20.09
CA VAL C 576 -29.81 -31.76 -20.45
C VAL C 576 -30.76 -30.89 -21.25
N ASP C 577 -31.08 -29.70 -20.70
CA ASP C 577 -31.95 -28.75 -21.39
C ASP C 577 -31.15 -27.80 -22.28
N TYR C 578 -30.04 -27.27 -21.78
CA TYR C 578 -29.20 -26.35 -22.54
C TYR C 578 -27.74 -26.74 -22.30
N MET C 579 -26.84 -26.03 -22.98
CA MET C 579 -25.41 -26.22 -22.74
C MET C 579 -24.69 -24.92 -23.09
N ASP C 580 -23.47 -24.79 -22.57
CA ASP C 580 -22.71 -23.55 -22.74
C ASP C 580 -22.35 -23.33 -24.20
N VAL C 581 -22.24 -22.05 -24.57
CA VAL C 581 -21.88 -21.70 -25.95
C VAL C 581 -20.42 -22.00 -26.20
N SER C 582 -19.53 -21.40 -25.41
CA SER C 582 -18.10 -21.55 -25.55
C SER C 582 -17.49 -21.91 -24.21
N PRO C 583 -16.34 -22.59 -24.22
CA PRO C 583 -15.66 -22.87 -22.93
C PRO C 583 -15.33 -21.60 -22.16
N ARG C 584 -14.98 -20.51 -22.86
CA ARG C 584 -14.53 -19.29 -22.22
C ARG C 584 -15.73 -18.41 -21.86
N GLN C 585 -16.91 -19.03 -21.73
CA GLN C 585 -18.13 -18.27 -21.49
C GLN C 585 -18.11 -17.56 -20.15
N MET C 586 -17.34 -18.04 -19.18
CA MET C 586 -17.35 -17.50 -17.84
C MET C 586 -16.35 -16.37 -17.61
N VAL C 587 -15.35 -16.23 -18.47
CA VAL C 587 -14.26 -15.30 -18.21
C VAL C 587 -14.56 -13.97 -18.88
N SER C 588 -13.78 -12.96 -18.49
CA SER C 588 -13.90 -11.62 -19.06
C SER C 588 -13.01 -11.50 -20.30
N VAL C 589 -13.00 -10.31 -20.89
CA VAL C 589 -12.20 -10.08 -22.09
C VAL C 589 -10.72 -10.14 -21.75
N ALA C 590 -10.30 -9.38 -20.75
CA ALA C 590 -8.89 -9.39 -20.34
C ALA C 590 -8.50 -10.75 -19.77
N THR C 591 -9.42 -11.39 -19.05
CA THR C 591 -9.13 -12.72 -18.52
C THR C 591 -8.96 -13.74 -19.64
N ALA C 592 -9.76 -13.62 -20.71
CA ALA C 592 -9.66 -14.53 -21.83
C ALA C 592 -8.38 -14.36 -22.63
N MET C 593 -7.62 -13.30 -22.38
CA MET C 593 -6.39 -13.04 -23.12
C MET C 593 -5.17 -13.70 -22.49
N ILE C 594 -5.36 -14.49 -21.43
CA ILE C 594 -4.27 -15.17 -20.75
C ILE C 594 -4.18 -16.59 -21.35
N PRO C 595 -3.16 -16.89 -22.14
CA PRO C 595 -3.04 -18.25 -22.67
C PRO C 595 -2.68 -19.23 -21.57
N PHE C 596 -3.16 -20.47 -21.73
CA PHE C 596 -2.99 -21.52 -20.72
C PHE C 596 -3.49 -21.06 -19.36
N LEU C 597 -4.63 -20.37 -19.35
CA LEU C 597 -5.20 -19.88 -18.10
C LEU C 597 -5.58 -21.04 -17.18
N GLU C 598 -6.01 -22.16 -17.73
CA GLU C 598 -6.43 -23.31 -16.93
C GLU C 598 -5.28 -23.91 -16.14
N HIS C 599 -4.04 -23.48 -16.38
CA HIS C 599 -2.88 -23.98 -15.66
C HIS C 599 -2.39 -23.01 -14.59
N ASP C 600 -3.04 -21.85 -14.44
CA ASP C 600 -2.64 -20.84 -13.47
C ASP C 600 -3.68 -20.75 -12.37
N ASP C 601 -3.20 -20.60 -11.13
CA ASP C 601 -4.11 -20.43 -10.01
C ASP C 601 -4.79 -19.06 -10.09
N ALA C 602 -5.94 -18.95 -9.41
CA ALA C 602 -6.75 -17.75 -9.51
C ALA C 602 -6.04 -16.53 -8.91
N ASN C 603 -5.13 -16.74 -7.96
CA ASN C 603 -4.42 -15.62 -7.35
C ASN C 603 -3.58 -14.88 -8.37
N ARG C 604 -2.68 -15.59 -9.04
CA ARG C 604 -1.81 -14.93 -10.03
C ARG C 604 -2.57 -14.63 -11.32
N ALA C 605 -3.61 -15.41 -11.62
CA ALA C 605 -4.40 -15.13 -12.82
C ALA C 605 -5.11 -13.79 -12.69
N LEU C 606 -5.56 -13.44 -11.48
CA LEU C 606 -6.14 -12.12 -11.24
C LEU C 606 -5.11 -11.02 -11.53
N MET C 607 -3.88 -11.19 -11.03
CA MET C 607 -2.84 -10.22 -11.31
C MET C 607 -2.47 -10.19 -12.78
N GLY C 608 -2.62 -11.32 -13.48
CA GLY C 608 -2.29 -11.35 -14.89
C GLY C 608 -3.21 -10.49 -15.74
N ALA C 609 -4.51 -10.53 -15.44
CA ALA C 609 -5.46 -9.71 -16.19
C ALA C 609 -5.43 -8.25 -15.73
N ASN C 610 -5.19 -8.00 -14.45
CA ASN C 610 -5.14 -6.63 -13.96
C ASN C 610 -3.93 -5.89 -14.50
N MET C 611 -2.78 -6.58 -14.61
CA MET C 611 -1.58 -5.94 -15.11
C MET C 611 -1.57 -5.79 -16.63
N GLN C 612 -2.40 -6.56 -17.33
CA GLN C 612 -2.53 -6.36 -18.78
C GLN C 612 -3.08 -4.97 -19.09
N ARG C 613 -4.00 -4.48 -18.25
CA ARG C 613 -4.50 -3.12 -18.42
C ARG C 613 -3.45 -2.07 -18.09
N GLN C 614 -2.39 -2.45 -17.39
CA GLN C 614 -1.34 -1.52 -17.01
C GLN C 614 -0.19 -1.47 -18.00
N ALA C 615 -0.30 -2.17 -19.12
CA ALA C 615 0.75 -2.16 -20.12
C ALA C 615 0.90 -0.77 -20.73
N VAL C 616 2.10 -0.46 -21.18
CA VAL C 616 2.44 0.84 -21.77
C VAL C 616 2.58 0.65 -23.27
N PRO C 617 1.98 1.53 -24.09
CA PRO C 617 2.15 1.44 -25.54
C PRO C 617 3.59 1.75 -25.94
N LEU C 618 4.22 0.79 -26.61
CA LEU C 618 5.61 0.94 -27.01
C LEU C 618 5.70 1.71 -28.32
N VAL C 619 6.94 2.05 -28.71
CA VAL C 619 7.17 2.75 -29.96
C VAL C 619 6.68 1.92 -31.13
N ARG C 620 7.22 0.72 -31.29
CA ARG C 620 6.70 -0.28 -32.20
C ARG C 620 6.07 -1.40 -31.39
N SER C 621 5.10 -2.09 -31.99
CA SER C 621 4.35 -3.13 -31.29
C SER C 621 4.47 -4.46 -32.04
N GLU C 622 4.59 -5.54 -31.28
CA GLU C 622 4.66 -6.90 -31.82
C GLU C 622 3.47 -7.70 -31.30
N ALA C 623 2.76 -8.34 -32.21
CA ALA C 623 1.72 -9.27 -31.79
C ALA C 623 2.35 -10.49 -31.14
N PRO C 624 1.73 -11.07 -30.11
CA PRO C 624 2.35 -12.20 -29.42
C PRO C 624 2.35 -13.45 -30.28
N LEU C 625 3.42 -14.23 -30.14
CA LEU C 625 3.49 -15.52 -30.83
C LEU C 625 2.45 -16.48 -30.28
N VAL C 626 2.34 -16.56 -28.95
CA VAL C 626 1.32 -17.37 -28.30
C VAL C 626 0.11 -16.49 -28.02
N GLY C 627 -1.04 -16.85 -28.59
CA GLY C 627 -2.24 -16.06 -28.46
C GLY C 627 -3.41 -16.91 -27.97
N THR C 628 -4.57 -16.26 -27.90
CA THR C 628 -5.81 -16.90 -27.50
C THR C 628 -6.95 -16.66 -28.48
N GLY C 629 -6.72 -15.86 -29.52
CA GLY C 629 -7.76 -15.46 -30.44
C GLY C 629 -8.49 -14.20 -30.03
N MET C 630 -8.52 -13.90 -28.72
CA MET C 630 -9.21 -12.71 -28.23
C MET C 630 -8.51 -11.42 -28.62
N GLU C 631 -7.20 -11.47 -28.94
CA GLU C 631 -6.45 -10.26 -29.21
C GLU C 631 -7.02 -9.47 -30.38
N LEU C 632 -7.62 -10.16 -31.36
CA LEU C 632 -8.17 -9.46 -32.51
C LEU C 632 -9.42 -8.68 -32.13
N ARG C 633 -10.44 -9.35 -31.60
CA ARG C 633 -11.70 -8.70 -31.28
C ARG C 633 -11.54 -7.71 -30.12
N ALA C 634 -10.58 -7.95 -29.23
CA ALA C 634 -10.35 -7.00 -28.14
C ALA C 634 -9.80 -5.68 -28.65
N ALA C 635 -9.02 -5.71 -29.72
CA ALA C 635 -8.47 -4.46 -30.27
C ALA C 635 -9.49 -3.72 -31.12
N ILE C 636 -10.23 -4.44 -31.96
CA ILE C 636 -11.18 -3.80 -32.86
C ILE C 636 -12.33 -3.18 -32.07
N ASP C 637 -12.93 -3.96 -31.16
CA ASP C 637 -14.07 -3.45 -30.41
C ASP C 637 -13.68 -2.34 -29.44
N ALA C 638 -12.40 -2.24 -29.07
CA ALA C 638 -11.98 -1.18 -28.15
C ALA C 638 -12.10 0.20 -28.78
N GLY C 639 -11.98 0.28 -30.11
CA GLY C 639 -12.15 1.54 -30.81
C GLY C 639 -10.92 2.38 -30.95
N ASP C 640 -9.73 1.84 -30.67
CA ASP C 640 -8.49 2.58 -30.83
C ASP C 640 -7.80 2.32 -32.15
N VAL C 641 -8.29 1.37 -32.95
CA VAL C 641 -7.78 1.13 -34.30
C VAL C 641 -8.63 1.95 -35.27
N VAL C 642 -8.41 1.74 -36.57
CA VAL C 642 -9.16 2.43 -37.61
C VAL C 642 -9.70 1.36 -38.56
N VAL C 643 -10.99 1.06 -38.44
CA VAL C 643 -11.63 0.06 -39.30
C VAL C 643 -12.28 0.76 -40.48
N ALA C 644 -12.36 0.06 -41.60
CA ALA C 644 -12.98 0.62 -42.80
C ALA C 644 -14.49 0.46 -42.71
N GLU C 645 -15.22 1.57 -42.86
CA GLU C 645 -16.66 1.52 -42.75
C GLU C 645 -17.30 0.86 -43.98
N GLU C 646 -16.82 1.21 -45.17
CA GLU C 646 -17.35 0.68 -46.41
C GLU C 646 -16.22 0.11 -47.25
N SER C 647 -16.55 -0.91 -48.04
CA SER C 647 -15.57 -1.54 -48.91
C SER C 647 -15.13 -0.58 -50.02
N GLY C 648 -13.88 -0.70 -50.42
CA GLY C 648 -13.35 0.14 -51.47
C GLY C 648 -11.86 -0.08 -51.66
N VAL C 649 -11.24 0.87 -52.37
CA VAL C 649 -9.81 0.83 -52.65
C VAL C 649 -9.16 2.07 -52.05
N ILE C 650 -7.87 1.97 -51.76
CA ILE C 650 -7.13 3.05 -51.13
C ILE C 650 -6.75 4.07 -52.20
N GLU C 651 -7.35 5.26 -52.13
CA GLU C 651 -7.04 6.31 -53.08
C GLU C 651 -5.70 6.97 -52.75
N GLU C 652 -5.59 7.54 -51.55
CA GLU C 652 -4.36 8.18 -51.11
C GLU C 652 -4.11 7.82 -49.65
N VAL C 653 -2.90 7.39 -49.34
CA VAL C 653 -2.52 7.00 -48.00
C VAL C 653 -1.31 7.83 -47.58
N SER C 654 -1.38 8.39 -46.38
CA SER C 654 -0.28 9.17 -45.82
C SER C 654 -0.22 8.90 -44.32
N ALA C 655 0.86 9.38 -43.70
CA ALA C 655 0.97 9.29 -42.25
C ALA C 655 -0.06 10.16 -41.54
N ASP C 656 -0.75 11.04 -42.27
CA ASP C 656 -1.75 11.94 -41.71
C ASP C 656 -3.17 11.45 -41.90
N TYR C 657 -3.51 10.90 -43.07
CA TYR C 657 -4.87 10.45 -43.31
C TYR C 657 -4.87 9.36 -44.37
N ILE C 658 -5.95 8.58 -44.39
CA ILE C 658 -6.18 7.53 -45.37
C ILE C 658 -7.49 7.82 -46.07
N THR C 659 -7.48 7.79 -47.40
CA THR C 659 -8.67 8.02 -48.21
C THR C 659 -9.07 6.72 -48.91
N VAL C 660 -10.35 6.38 -48.82
CA VAL C 660 -10.89 5.16 -49.41
C VAL C 660 -11.87 5.55 -50.50
N MET C 661 -11.65 5.01 -51.70
CA MET C 661 -12.56 5.22 -52.83
C MET C 661 -13.54 4.06 -52.87
N HIS C 662 -14.80 4.35 -52.52
CA HIS C 662 -15.81 3.30 -52.45
C HIS C 662 -16.20 2.83 -53.85
N ASP C 663 -16.98 1.74 -53.88
CA ASP C 663 -17.42 1.19 -55.16
C ASP C 663 -18.46 2.09 -55.82
N ASN C 664 -19.37 2.67 -55.03
CA ASN C 664 -20.39 3.54 -55.59
C ASN C 664 -19.78 4.80 -56.17
N GLY C 665 -18.74 5.34 -55.53
CA GLY C 665 -18.07 6.52 -56.03
C GLY C 665 -17.69 7.51 -54.96
N THR C 666 -18.31 7.41 -53.79
CA THR C 666 -18.03 8.34 -52.70
C THR C 666 -16.68 8.05 -52.07
N ARG C 667 -16.17 9.03 -51.34
CA ARG C 667 -14.88 8.92 -50.67
C ARG C 667 -15.05 9.21 -49.19
N ARG C 668 -14.43 8.37 -48.36
CA ARG C 668 -14.36 8.60 -46.92
C ARG C 668 -12.90 8.62 -46.51
N THR C 669 -12.51 9.66 -45.76
CA THR C 669 -11.13 9.86 -45.36
C THR C 669 -11.01 9.79 -43.85
N TYR C 670 -10.14 8.91 -43.36
CA TYR C 670 -9.92 8.71 -41.94
C TYR C 670 -8.61 9.39 -41.55
N ARG C 671 -8.68 10.30 -40.59
CA ARG C 671 -7.50 11.00 -40.10
C ARG C 671 -6.85 10.21 -38.97
N MET C 672 -5.52 10.20 -38.95
CA MET C 672 -4.77 9.43 -37.97
C MET C 672 -4.46 10.26 -36.74
N ARG C 673 -4.67 9.66 -35.57
CA ARG C 673 -4.34 10.30 -34.30
C ARG C 673 -2.87 10.09 -34.01
N LYS C 674 -2.07 11.15 -34.17
CA LYS C 674 -0.61 11.05 -34.15
C LYS C 674 -0.06 11.73 -32.90
N PHE C 675 0.60 10.95 -32.05
CA PHE C 675 1.31 11.45 -30.87
C PHE C 675 0.39 12.28 -29.97
N ALA C 676 -0.73 11.68 -29.58
CA ALA C 676 -1.69 12.32 -28.71
C ALA C 676 -1.54 11.82 -27.28
N ARG C 677 -1.55 12.75 -26.33
CA ARG C 677 -1.44 12.39 -24.92
C ARG C 677 -2.72 11.72 -24.45
N SER C 678 -2.58 10.55 -23.81
CA SER C 678 -3.73 9.86 -23.27
C SER C 678 -4.10 10.45 -21.91
N ASN C 679 -5.12 9.86 -21.29
CA ASN C 679 -5.54 10.30 -19.96
C ASN C 679 -4.46 10.07 -18.91
N HIS C 680 -3.57 9.11 -19.14
CA HIS C 680 -2.54 8.76 -18.17
C HIS C 680 -1.14 8.97 -18.74
N GLY C 681 -1.00 9.88 -19.70
CA GLY C 681 0.31 10.23 -20.21
C GLY C 681 0.93 9.23 -21.15
N THR C 682 0.19 8.23 -21.61
CA THR C 682 0.72 7.28 -22.56
C THR C 682 0.54 7.82 -23.98
N CYS C 683 1.29 7.24 -24.92
CA CYS C 683 1.34 7.71 -26.29
C CYS C 683 0.27 6.99 -27.12
N ALA C 684 -0.75 7.72 -27.55
CA ALA C 684 -1.79 7.20 -28.43
C ALA C 684 -1.42 7.62 -29.86
N ASN C 685 -0.82 6.70 -30.60
CA ASN C 685 -0.33 6.97 -31.94
C ASN C 685 -0.83 5.89 -32.89
N GLN C 686 -1.65 6.28 -33.86
CA GLN C 686 -2.12 5.38 -34.89
C GLN C 686 -1.19 5.41 -36.09
N CYS C 687 -1.21 4.32 -36.87
CA CYS C 687 -0.39 4.24 -38.06
C CYS C 687 -1.10 3.42 -39.13
N PRO C 688 -1.06 3.87 -40.39
CA PRO C 688 -1.74 3.12 -41.46
C PRO C 688 -1.11 1.74 -41.66
N ILE C 689 -1.93 0.82 -42.16
CA ILE C 689 -1.49 -0.52 -42.51
C ILE C 689 -1.54 -0.76 -44.01
N VAL C 690 -2.60 -0.29 -44.68
CA VAL C 690 -2.74 -0.50 -46.11
C VAL C 690 -1.79 0.42 -46.87
N ASP C 691 -1.60 0.10 -48.15
CA ASP C 691 -0.77 0.87 -49.06
C ASP C 691 -1.64 1.42 -50.19
N ALA C 692 -1.00 2.11 -51.13
CA ALA C 692 -1.71 2.77 -52.22
C ALA C 692 -2.28 1.73 -53.18
N GLY C 693 -3.60 1.75 -53.36
CA GLY C 693 -4.23 0.86 -54.31
C GLY C 693 -4.49 -0.54 -53.79
N ASP C 694 -4.88 -0.68 -52.53
CA ASP C 694 -5.17 -1.97 -51.92
C ASP C 694 -6.67 -2.14 -51.77
N ARG C 695 -7.22 -3.19 -52.36
CA ARG C 695 -8.63 -3.52 -52.16
C ARG C 695 -8.85 -3.98 -50.74
N VAL C 696 -9.68 -3.24 -50.00
CA VAL C 696 -9.92 -3.50 -48.59
C VAL C 696 -11.43 -3.65 -48.38
N GLU C 697 -11.83 -4.71 -47.67
CA GLU C 697 -13.23 -4.99 -47.45
C GLU C 697 -13.77 -4.18 -46.27
N ALA C 698 -15.09 -4.21 -46.10
CA ALA C 698 -15.72 -3.43 -45.04
C ALA C 698 -15.46 -4.07 -43.67
N GLY C 699 -15.32 -3.22 -42.66
CA GLY C 699 -15.01 -3.70 -41.32
C GLY C 699 -13.59 -4.16 -41.12
N GLN C 700 -12.72 -3.95 -42.09
CA GLN C 700 -11.33 -4.39 -42.00
C GLN C 700 -10.45 -3.28 -41.43
N VAL C 701 -9.44 -3.68 -40.67
CA VAL C 701 -8.52 -2.74 -40.04
C VAL C 701 -7.60 -2.17 -41.11
N ILE C 702 -7.74 -0.88 -41.42
CA ILE C 702 -6.83 -0.19 -42.33
C ILE C 702 -5.72 0.54 -41.59
N ALA C 703 -5.82 0.65 -40.27
CA ALA C 703 -4.81 1.32 -39.45
C ALA C 703 -5.03 0.92 -38.00
N ASP C 704 -3.93 0.66 -37.29
CA ASP C 704 -3.99 0.25 -35.90
C ASP C 704 -3.28 1.28 -35.02
N GLY C 705 -3.73 1.38 -33.77
CA GLY C 705 -3.20 2.35 -32.86
C GLY C 705 -2.22 1.76 -31.86
N PRO C 706 -2.18 2.32 -30.66
CA PRO C 706 -1.23 1.84 -29.65
C PRO C 706 -1.55 0.40 -29.23
N CYS C 707 -0.50 -0.33 -28.89
CA CYS C 707 -0.60 -1.72 -28.45
C CYS C 707 -1.38 -2.58 -29.45
N THR C 708 -1.10 -2.37 -30.73
CA THR C 708 -1.79 -3.11 -31.78
C THR C 708 -0.82 -3.43 -32.92
N ASP C 709 -0.90 -4.66 -33.42
CA ASP C 709 -0.06 -5.13 -34.52
C ASP C 709 -0.95 -5.89 -35.49
N ASP C 710 -1.17 -5.31 -36.67
CA ASP C 710 -2.01 -5.91 -37.71
C ASP C 710 -3.43 -6.18 -37.21
N GLY C 711 -3.85 -5.40 -36.22
CA GLY C 711 -5.19 -5.49 -35.68
C GLY C 711 -5.36 -6.35 -34.44
N GLU C 712 -4.26 -6.72 -33.79
CA GLU C 712 -4.31 -7.58 -32.62
C GLU C 712 -3.69 -6.86 -31.43
N MET C 713 -4.24 -7.10 -30.25
CA MET C 713 -3.73 -6.49 -29.02
C MET C 713 -2.27 -6.86 -28.78
N ALA C 714 -1.37 -5.90 -28.99
CA ALA C 714 0.06 -6.12 -28.84
C ALA C 714 0.55 -5.40 -27.59
N LEU C 715 0.23 -5.98 -26.43
CA LEU C 715 0.56 -5.36 -25.15
C LEU C 715 2.02 -5.52 -24.76
N GLY C 716 2.82 -6.23 -25.53
CA GLY C 716 4.21 -6.43 -25.18
C GLY C 716 5.04 -6.90 -26.34
N LYS C 717 6.16 -7.57 -26.01
CA LYS C 717 7.11 -8.05 -27.00
C LYS C 717 7.44 -9.51 -26.71
N ASN C 718 7.81 -10.23 -27.77
CA ASN C 718 8.26 -11.61 -27.65
C ASN C 718 9.75 -11.60 -27.31
N LEU C 719 10.08 -12.06 -26.11
CA LEU C 719 11.45 -12.01 -25.60
C LEU C 719 12.00 -13.42 -25.43
N LEU C 720 13.27 -13.60 -25.80
CA LEU C 720 13.96 -14.87 -25.60
C LEU C 720 14.34 -14.99 -24.13
N VAL C 721 13.69 -15.93 -23.43
CA VAL C 721 13.81 -16.04 -21.98
C VAL C 721 14.56 -17.31 -21.63
N ALA C 722 15.39 -17.23 -20.59
CA ALA C 722 16.06 -18.38 -20.00
C ALA C 722 15.68 -18.46 -18.54
N ILE C 723 15.25 -19.65 -18.10
CA ILE C 723 14.77 -19.85 -16.74
C ILE C 723 15.93 -20.40 -15.93
N MET C 724 16.67 -19.50 -15.27
CA MET C 724 17.83 -19.90 -14.47
C MET C 724 18.25 -18.78 -13.54
N PRO C 725 18.70 -19.08 -12.32
CA PRO C 725 19.33 -18.05 -11.49
C PRO C 725 20.63 -17.60 -12.13
N TRP C 726 20.95 -16.32 -11.97
CA TRP C 726 22.13 -15.74 -12.62
C TRP C 726 22.80 -14.77 -11.65
N GLU C 727 23.78 -15.28 -10.91
CA GLU C 727 24.65 -14.48 -10.04
C GLU C 727 23.87 -13.62 -9.05
N GLY C 728 22.64 -14.00 -8.71
CA GLY C 728 21.87 -13.27 -7.74
C GLY C 728 21.21 -12.00 -8.23
N HIS C 729 21.48 -11.58 -9.47
CA HIS C 729 20.85 -10.36 -9.99
C HIS C 729 19.35 -10.52 -10.23
N ASN C 730 18.84 -11.75 -10.28
CA ASN C 730 17.41 -11.98 -10.32
C ASN C 730 16.96 -12.68 -9.05
N TYR C 731 17.20 -12.06 -7.91
CA TYR C 731 16.92 -12.65 -6.60
C TYR C 731 15.49 -12.32 -6.18
N GLU C 732 14.70 -13.38 -5.95
CA GLU C 732 13.25 -13.33 -5.75
C GLU C 732 12.55 -12.22 -6.54
N ASP C 733 12.06 -12.58 -7.71
CA ASP C 733 11.21 -11.76 -8.59
C ASP C 733 11.98 -10.64 -9.28
N ALA C 734 13.29 -10.53 -9.10
CA ALA C 734 14.05 -9.57 -9.88
C ALA C 734 14.25 -10.10 -11.29
N ILE C 735 14.51 -9.18 -12.22
CA ILE C 735 14.59 -9.50 -13.64
C ILE C 735 15.89 -8.95 -14.23
N ILE C 736 16.56 -9.77 -15.02
CA ILE C 736 17.78 -9.38 -15.73
C ILE C 736 17.43 -9.23 -17.20
N LEU C 737 17.93 -8.16 -17.82
CA LEU C 737 17.64 -7.86 -19.22
C LEU C 737 18.93 -7.76 -20.03
N SER C 738 18.85 -8.23 -21.27
CA SER C 738 19.92 -7.96 -22.23
C SER C 738 19.83 -6.52 -22.71
N ASN C 739 20.98 -5.90 -22.93
CA ASN C 739 21.04 -4.48 -23.29
C ASN C 739 20.52 -4.31 -24.71
N ARG C 740 20.25 -5.43 -25.39
CA ARG C 740 19.65 -5.36 -26.71
C ARG C 740 18.30 -4.66 -26.68
N LEU C 741 17.51 -4.90 -25.62
CA LEU C 741 16.22 -4.23 -25.50
C LEU C 741 16.38 -2.73 -25.36
N VAL C 742 17.53 -2.26 -24.89
CA VAL C 742 17.79 -0.82 -24.83
C VAL C 742 18.29 -0.32 -26.18
N GLU C 743 19.25 -1.04 -26.78
CA GLU C 743 19.86 -0.59 -28.01
C GLU C 743 18.87 -0.59 -29.18
N GLU C 744 17.88 -1.48 -29.14
CA GLU C 744 16.96 -1.66 -30.26
C GLU C 744 15.56 -1.15 -29.96
N ASP C 745 15.38 -0.42 -28.86
CA ASP C 745 14.10 0.22 -28.52
C ASP C 745 12.96 -0.79 -28.48
N VAL C 746 13.25 -1.98 -27.97
CA VAL C 746 12.23 -3.02 -27.88
C VAL C 746 11.21 -2.68 -26.79
N LEU C 747 11.70 -2.28 -25.62
CA LEU C 747 10.84 -1.88 -24.51
C LEU C 747 10.86 -0.36 -24.31
N THR C 748 11.11 0.39 -25.38
CA THR C 748 11.09 1.84 -25.32
C THR C 748 9.68 2.34 -25.60
N SER C 749 9.22 3.30 -24.79
CA SER C 749 7.88 3.83 -24.91
C SER C 749 7.92 5.35 -24.85
N ILE C 750 6.94 5.98 -25.51
CA ILE C 750 6.82 7.43 -25.52
C ILE C 750 5.83 7.84 -24.42
N HIS C 751 6.14 8.94 -23.75
CA HIS C 751 5.29 9.47 -22.69
C HIS C 751 5.18 10.98 -22.85
N ILE C 752 3.95 11.49 -22.70
CA ILE C 752 3.67 12.90 -22.93
C ILE C 752 3.02 13.48 -21.68
N GLU C 753 3.59 14.56 -21.16
CA GLU C 753 3.04 15.29 -20.03
C GLU C 753 2.43 16.61 -20.50
N GLU C 754 1.44 17.09 -19.77
CA GLU C 754 0.77 18.35 -20.07
C GLU C 754 1.08 19.36 -18.97
N HIS C 755 1.67 20.48 -19.35
CA HIS C 755 1.98 21.56 -18.43
C HIS C 755 1.19 22.81 -18.84
N GLU C 756 0.80 23.59 -17.83
CA GLU C 756 -0.19 24.64 -18.04
C GLU C 756 0.06 25.78 -17.06
N ILE C 757 -0.11 27.01 -17.53
CA ILE C 757 -0.03 28.18 -16.69
C ILE C 757 -0.85 29.29 -17.33
N ASP C 758 -1.35 30.20 -16.50
CA ASP C 758 -2.20 31.28 -16.97
C ASP C 758 -1.72 32.61 -16.39
N ALA C 759 -2.09 33.69 -17.07
CA ALA C 759 -1.78 35.05 -16.64
C ALA C 759 -3.07 35.74 -16.24
N ARG C 760 -3.18 36.10 -14.97
CA ARG C 760 -4.41 36.63 -14.40
C ARG C 760 -4.30 38.13 -14.15
N ASP C 761 -5.40 38.70 -13.67
CA ASP C 761 -5.46 40.07 -13.20
C ASP C 761 -5.28 40.06 -11.68
N THR C 762 -4.29 40.77 -11.19
CA THR C 762 -3.98 40.82 -9.77
C THR C 762 -4.37 42.18 -9.21
N LYS C 763 -4.17 42.34 -7.89
CA LYS C 763 -4.58 43.57 -7.22
C LYS C 763 -3.72 44.77 -7.64
N LEU C 764 -2.45 44.53 -7.96
CA LEU C 764 -1.52 45.60 -8.28
C LEU C 764 -1.24 45.71 -9.78
N GLY C 765 -1.93 44.94 -10.60
CA GLY C 765 -1.74 45.00 -12.04
C GLY C 765 -2.26 43.78 -12.75
N ALA C 766 -1.47 43.22 -13.66
CA ALA C 766 -1.87 42.06 -14.41
C ALA C 766 -0.65 41.21 -14.73
N GLU C 767 -0.74 39.92 -14.42
CA GLU C 767 0.31 38.99 -14.83
C GLU C 767 0.45 38.99 -16.34
N GLU C 768 1.68 39.13 -16.82
CA GLU C 768 1.95 39.14 -18.25
C GLU C 768 2.98 38.08 -18.59
N ILE C 769 2.71 37.34 -19.67
CA ILE C 769 3.63 36.34 -20.19
C ILE C 769 4.61 37.04 -21.12
N THR C 770 5.87 37.13 -20.71
CA THR C 770 6.85 37.89 -21.46
C THR C 770 8.21 37.19 -21.39
N ARG C 771 9.01 37.41 -22.43
CA ARG C 771 10.39 36.91 -22.43
C ARG C 771 11.25 37.67 -21.43
N ASP C 772 10.87 38.91 -21.11
CA ASP C 772 11.62 39.74 -20.19
C ASP C 772 11.34 39.27 -18.76
N ILE C 773 12.31 38.59 -18.16
CA ILE C 773 12.21 38.10 -16.79
C ILE C 773 13.32 38.74 -15.98
N PRO C 774 13.03 39.28 -14.80
CA PRO C 774 14.08 40.02 -14.05
C PRO C 774 15.20 39.09 -13.59
N ASN C 775 16.44 39.56 -13.79
CA ASN C 775 17.64 38.91 -13.25
C ASN C 775 17.81 37.49 -13.79
N ILE C 776 17.55 37.31 -15.08
CA ILE C 776 17.76 36.04 -15.77
C ILE C 776 18.64 36.30 -16.98
N SER C 777 19.65 35.45 -17.17
CA SER C 777 20.59 35.63 -18.27
C SER C 777 19.90 35.35 -19.61
N ASP C 778 20.54 35.82 -20.68
CA ASP C 778 20.06 35.52 -22.03
C ASP C 778 20.25 34.06 -22.41
N GLU C 779 20.94 33.27 -21.57
CA GLU C 779 21.21 31.88 -21.89
C GLU C 779 20.04 30.97 -21.47
N VAL C 780 19.44 31.25 -20.31
CA VAL C 780 18.28 30.48 -19.88
C VAL C 780 17.08 30.75 -20.80
N LEU C 781 16.88 32.01 -21.16
CA LEU C 781 15.80 32.42 -22.05
C LEU C 781 16.11 32.13 -23.52
N ALA C 782 17.22 31.48 -23.82
CA ALA C 782 17.62 31.27 -25.21
C ALA C 782 16.68 30.31 -25.93
N ASP C 783 16.04 29.40 -25.20
CA ASP C 783 15.11 28.45 -25.80
C ASP C 783 13.69 28.99 -25.87
N LEU C 784 13.48 30.27 -25.59
CA LEU C 784 12.17 30.90 -25.65
C LEU C 784 12.04 31.73 -26.92
N ASP C 785 10.81 31.84 -27.42
CA ASP C 785 10.52 32.73 -28.54
C ASP C 785 10.35 34.16 -28.01
N GLU C 786 9.88 35.06 -28.86
CA GLU C 786 9.75 36.45 -28.44
C GLU C 786 8.63 36.67 -27.44
N ARG C 787 7.70 35.71 -27.31
CA ARG C 787 6.59 35.82 -26.39
C ARG C 787 6.93 35.34 -24.98
N GLY C 788 8.08 34.71 -24.79
CA GLY C 788 8.41 34.07 -23.54
C GLY C 788 8.03 32.61 -23.46
N ILE C 789 7.62 32.01 -24.57
CA ILE C 789 7.21 30.61 -24.63
C ILE C 789 8.37 29.79 -25.19
N VAL C 790 8.58 28.59 -24.63
CA VAL C 790 9.57 27.69 -25.19
C VAL C 790 9.14 27.31 -26.61
N ARG C 791 10.13 27.16 -27.49
CA ARG C 791 9.85 26.89 -28.90
C ARG C 791 9.72 25.40 -29.15
N ILE C 792 8.96 25.06 -30.20
CA ILE C 792 8.73 23.65 -30.53
C ILE C 792 10.05 22.99 -30.91
N GLY C 793 10.27 21.78 -30.38
CA GLY C 793 11.45 21.01 -30.66
C GLY C 793 12.60 21.21 -29.69
N ALA C 794 12.51 22.20 -28.80
CA ALA C 794 13.58 22.45 -27.85
C ALA C 794 13.55 21.41 -26.74
N GLU C 795 14.71 20.79 -26.48
CA GLU C 795 14.82 19.84 -25.38
C GLU C 795 14.95 20.60 -24.06
N VAL C 796 14.18 20.18 -23.07
CA VAL C 796 14.12 20.87 -21.78
C VAL C 796 14.35 19.87 -20.66
N ARG C 797 15.29 20.19 -19.78
CA ARG C 797 15.51 19.42 -18.56
C ARG C 797 14.61 19.97 -17.45
N ASP C 798 14.77 19.43 -16.25
CA ASP C 798 14.02 19.93 -15.11
C ASP C 798 14.59 21.28 -14.66
N GLY C 799 13.69 22.21 -14.33
CA GLY C 799 14.08 23.56 -13.97
C GLY C 799 14.13 24.54 -15.12
N ASP C 800 14.10 24.06 -16.36
CA ASP C 800 14.09 24.97 -17.51
C ASP C 800 12.79 25.76 -17.55
N ILE C 801 12.85 26.94 -18.15
CA ILE C 801 11.69 27.81 -18.27
C ILE C 801 10.87 27.38 -19.48
N LEU C 802 9.58 27.11 -19.24
CA LEU C 802 8.62 26.83 -20.31
C LEU C 802 7.85 28.09 -20.72
N VAL C 803 7.27 28.80 -19.77
CA VAL C 803 6.52 30.02 -20.03
C VAL C 803 6.99 31.08 -19.04
N GLY C 804 7.47 32.20 -19.56
CA GLY C 804 7.96 33.28 -18.71
C GLY C 804 6.87 34.23 -18.28
N LYS C 805 6.43 34.11 -17.02
CA LYS C 805 5.37 34.95 -16.47
C LYS C 805 5.89 35.72 -15.28
N VAL C 806 5.55 37.01 -15.22
CA VAL C 806 5.95 37.89 -14.12
C VAL C 806 4.70 38.45 -13.47
N THR C 807 4.71 38.54 -12.15
CA THR C 807 3.60 39.06 -11.39
C THR C 807 4.04 40.29 -10.59
N PRO C 808 3.28 41.39 -10.62
CA PRO C 808 3.68 42.59 -9.88
C PRO C 808 3.48 42.41 -8.39
N LYS C 809 4.55 42.60 -7.63
CA LYS C 809 4.52 42.49 -6.17
C LYS C 809 4.63 43.88 -5.56
N GLY C 810 3.85 44.10 -4.49
CA GLY C 810 3.84 45.41 -3.87
C GLY C 810 5.13 45.74 -3.14
N GLU C 811 5.38 47.04 -3.00
CA GLU C 811 6.58 47.49 -2.30
C GLU C 811 6.48 47.19 -0.81
N THR C 812 5.29 47.30 -0.24
CA THR C 812 5.05 47.01 1.18
C THR C 812 5.13 45.53 1.51
N GLU C 813 5.52 44.69 0.55
CA GLU C 813 5.65 43.24 0.77
C GLU C 813 7.10 42.77 0.73
N LEU C 814 8.05 43.67 0.96
CA LEU C 814 9.45 43.38 0.76
C LEU C 814 10.16 43.07 2.08
N THR C 815 11.08 42.11 2.03
CA THR C 815 11.91 41.78 3.18
C THR C 815 12.86 42.93 3.47
N PRO C 816 13.23 43.13 4.75
CA PRO C 816 14.29 44.11 5.05
C PRO C 816 15.58 43.84 4.31
N GLU C 817 16.02 42.57 4.22
CA GLU C 817 17.21 42.26 3.45
C GLU C 817 16.97 42.46 1.96
N GLU C 818 15.76 42.11 1.49
CA GLU C 818 15.45 42.25 0.06
C GLU C 818 15.40 43.71 -0.36
N ARG C 819 14.93 44.60 0.52
CA ARG C 819 14.90 46.02 0.17
C ARG C 819 16.30 46.62 0.20
N LEU C 820 17.16 46.16 1.11
CA LEU C 820 18.56 46.56 1.09
C LEU C 820 19.28 45.95 -0.10
N LEU C 821 19.02 44.67 -0.39
CA LEU C 821 19.64 44.03 -1.54
C LEU C 821 19.20 44.69 -2.85
N ARG C 822 17.99 45.26 -2.88
CA ARG C 822 17.55 45.98 -4.07
C ARG C 822 18.27 47.32 -4.20
N ALA C 823 18.63 47.93 -3.07
CA ALA C 823 19.31 49.22 -3.11
C ALA C 823 20.79 49.07 -3.45
N ILE C 824 21.42 47.99 -2.96
CA ILE C 824 22.85 47.78 -3.23
C ILE C 824 23.11 47.23 -4.63
N PHE C 825 22.07 47.01 -5.42
CA PHE C 825 22.22 46.65 -6.82
C PHE C 825 21.62 47.69 -7.76
N GLY C 826 20.99 48.73 -7.22
CA GLY C 826 20.52 49.86 -8.01
C GLY C 826 19.47 49.54 -9.04
N GLU C 827 18.87 48.35 -8.96
CA GLU C 827 17.87 47.91 -9.94
C GLU C 827 16.50 48.43 -9.51
N LYS C 828 16.14 49.60 -10.03
CA LYS C 828 14.81 50.13 -9.82
C LYS C 828 13.83 49.53 -10.83
N ALA C 829 12.55 49.81 -10.62
CA ALA C 829 11.46 49.42 -11.52
C ALA C 829 11.37 47.91 -11.71
N ARG C 830 11.83 47.12 -10.75
CA ARG C 830 11.68 45.66 -10.79
C ARG C 830 10.58 45.20 -9.84
N GLU C 831 9.44 45.90 -9.85
CA GLU C 831 8.36 45.63 -8.91
C GLU C 831 7.67 44.30 -9.19
N VAL C 832 8.16 43.56 -10.19
CA VAL C 832 7.61 42.26 -10.55
C VAL C 832 8.59 41.17 -10.10
N ARG C 833 8.03 40.00 -9.82
CA ARG C 833 8.80 38.84 -9.40
C ARG C 833 8.62 37.71 -10.41
N ASP C 834 9.46 36.69 -10.28
CA ASP C 834 9.45 35.57 -11.21
C ASP C 834 8.38 34.56 -10.79
N THR C 835 7.45 34.28 -11.71
CA THR C 835 6.45 33.24 -11.54
C THR C 835 6.33 32.44 -12.83
N SER C 836 7.46 32.09 -13.42
CA SER C 836 7.48 31.39 -14.69
C SER C 836 7.16 29.92 -14.51
N LEU C 837 6.54 29.34 -15.53
CA LEU C 837 6.25 27.90 -15.54
C LEU C 837 7.54 27.13 -15.81
N LYS C 838 8.01 26.39 -14.82
CA LYS C 838 9.24 25.62 -14.93
C LYS C 838 8.94 24.13 -14.96
N VAL C 839 9.88 23.37 -15.52
CA VAL C 839 9.72 21.93 -15.65
C VAL C 839 9.85 21.28 -14.28
N PRO C 840 8.95 20.38 -13.90
CA PRO C 840 9.04 19.74 -12.58
C PRO C 840 10.25 18.83 -12.48
N HIS C 841 10.59 18.49 -11.24
CA HIS C 841 11.70 17.57 -10.99
C HIS C 841 11.37 16.18 -11.53
N GLY C 842 12.31 15.61 -12.28
CA GLY C 842 12.13 14.29 -12.85
C GLY C 842 11.58 14.27 -14.27
N GLU C 843 11.30 15.43 -14.84
CA GLU C 843 10.78 15.53 -16.20
C GLU C 843 11.87 15.99 -17.15
N SER C 844 11.80 15.52 -18.40
CA SER C 844 12.75 15.89 -19.44
C SER C 844 12.26 15.32 -20.76
N GLY C 845 12.31 16.15 -21.80
CA GLY C 845 11.89 15.71 -23.11
C GLY C 845 11.80 16.86 -24.08
N LYS C 846 11.37 16.53 -25.30
CA LYS C 846 11.22 17.52 -26.37
C LYS C 846 9.83 18.13 -26.33
N VAL C 847 9.77 19.46 -26.43
CA VAL C 847 8.48 20.15 -26.51
C VAL C 847 7.90 19.90 -27.90
N ILE C 848 6.73 19.26 -27.94
CA ILE C 848 6.15 18.83 -29.20
C ILE C 848 4.96 19.69 -29.63
N GLY C 849 4.33 20.43 -28.72
CA GLY C 849 3.17 21.22 -29.08
C GLY C 849 2.96 22.35 -28.11
N ILE C 850 2.42 23.46 -28.62
CA ILE C 850 2.09 24.62 -27.83
C ILE C 850 0.66 25.05 -28.18
N ARG C 851 -0.14 25.33 -27.16
CA ARG C 851 -1.49 25.84 -27.35
C ARG C 851 -1.64 27.09 -26.49
N VAL C 852 -2.04 28.19 -27.11
CA VAL C 852 -2.15 29.49 -26.44
C VAL C 852 -3.58 29.96 -26.53
N PHE C 853 -4.13 30.39 -25.41
CA PHE C 853 -5.47 30.97 -25.33
C PHE C 853 -5.36 32.35 -24.68
N SER C 854 -5.96 33.35 -25.33
CA SER C 854 -5.86 34.73 -24.89
C SER C 854 -7.23 35.37 -24.84
N ARG C 855 -7.54 36.07 -23.74
CA ARG C 855 -8.76 36.85 -23.69
C ARG C 855 -8.79 37.93 -24.75
N GLU C 856 -7.61 38.48 -25.10
CA GLU C 856 -7.54 39.49 -26.14
C GLU C 856 -8.03 38.96 -27.48
N ASP C 857 -7.92 37.66 -27.71
CA ASP C 857 -8.28 37.08 -29.00
C ASP C 857 -9.54 36.23 -28.89
N GLU C 858 -10.59 36.79 -28.30
CA GLU C 858 -11.94 36.22 -28.29
C GLU C 858 -12.05 34.84 -27.66
N ASP C 859 -10.94 34.30 -27.16
CA ASP C 859 -10.96 33.01 -26.48
C ASP C 859 -11.54 33.19 -25.09
N GLU C 860 -12.63 32.48 -24.79
CA GLU C 860 -13.34 32.65 -23.53
C GLU C 860 -12.58 31.94 -22.42
N LEU C 861 -11.93 32.72 -21.56
CA LEU C 861 -11.26 32.26 -20.36
C LEU C 861 -12.12 32.55 -19.14
N PRO C 862 -11.87 31.87 -18.02
CA PRO C 862 -12.59 32.23 -16.79
C PRO C 862 -12.30 33.66 -16.39
N ALA C 863 -13.29 34.29 -15.76
CA ALA C 863 -13.20 35.70 -15.40
C ALA C 863 -11.99 35.96 -14.53
N GLY C 864 -11.15 36.91 -14.95
CA GLY C 864 -9.93 37.23 -14.25
C GLY C 864 -8.66 36.72 -14.90
N VAL C 865 -8.77 36.02 -16.02
CA VAL C 865 -7.61 35.45 -16.73
C VAL C 865 -7.44 36.21 -18.04
N ASN C 866 -6.18 36.45 -18.42
CA ASN C 866 -5.87 37.17 -19.65
C ASN C 866 -5.16 36.32 -20.69
N GLU C 867 -4.54 35.21 -20.29
CA GLU C 867 -3.82 34.38 -21.24
C GLU C 867 -3.65 32.99 -20.64
N LEU C 868 -3.73 31.96 -21.49
CA LEU C 868 -3.58 30.58 -21.08
C LEU C 868 -2.70 29.86 -22.09
N VAL C 869 -1.67 29.15 -21.58
CA VAL C 869 -0.72 28.45 -22.43
C VAL C 869 -0.58 27.01 -21.93
N ARG C 870 -0.68 26.06 -22.85
CA ARG C 870 -0.43 24.65 -22.55
C ARG C 870 0.76 24.18 -23.38
N VAL C 871 1.75 23.59 -22.71
CA VAL C 871 2.96 23.09 -23.34
C VAL C 871 2.98 21.58 -23.23
N TYR C 872 3.15 20.90 -24.35
CA TYR C 872 3.20 19.44 -24.39
C TYR C 872 4.65 18.98 -24.55
N VAL C 873 5.13 18.22 -23.58
CA VAL C 873 6.49 17.68 -23.58
C VAL C 873 6.42 16.17 -23.71
N ALA C 874 7.22 15.61 -24.61
CA ALA C 874 7.26 14.17 -24.85
C ALA C 874 8.65 13.65 -24.54
N GLN C 875 8.71 12.58 -23.76
CA GLN C 875 9.96 11.91 -23.42
C GLN C 875 9.99 10.53 -24.06
N LYS C 876 11.16 10.12 -24.53
CA LYS C 876 11.36 8.79 -25.10
C LYS C 876 12.05 7.95 -24.02
N ARG C 877 11.27 7.10 -23.36
CA ARG C 877 11.73 6.36 -22.19
C ARG C 877 12.15 4.95 -22.60
N LYS C 878 13.46 4.71 -22.62
CA LYS C 878 13.97 3.35 -22.74
C LYS C 878 13.75 2.59 -21.44
N ILE C 879 13.95 1.27 -21.50
CA ILE C 879 13.76 0.45 -20.33
C ILE C 879 14.92 0.66 -19.37
N SER C 880 14.62 1.02 -18.13
CA SER C 880 15.62 1.42 -17.15
C SER C 880 15.66 0.43 -15.99
N ASP C 881 16.74 0.54 -15.20
CA ASP C 881 16.87 -0.29 -14.02
C ASP C 881 15.77 0.05 -13.02
N GLY C 882 14.89 -0.92 -12.77
CA GLY C 882 13.79 -0.76 -11.84
C GLY C 882 12.43 -0.63 -12.49
N ASP C 883 12.38 -0.43 -13.80
CA ASP C 883 11.10 -0.41 -14.50
C ASP C 883 10.40 -1.75 -14.35
N LYS C 884 9.10 -1.71 -14.04
CA LYS C 884 8.36 -2.91 -13.71
C LYS C 884 7.87 -3.58 -14.98
N LEU C 885 8.37 -4.79 -15.24
CA LEU C 885 7.87 -5.64 -16.32
C LEU C 885 6.94 -6.69 -15.73
N ALA C 886 6.24 -7.40 -16.63
CA ALA C 886 5.34 -8.47 -16.23
C ALA C 886 4.94 -9.27 -17.46
N GLY C 887 4.42 -10.47 -17.21
CA GLY C 887 3.85 -11.30 -18.24
C GLY C 887 2.34 -11.32 -18.18
N ARG C 888 1.76 -12.39 -18.71
CA ARG C 888 0.31 -12.57 -18.72
C ARG C 888 -0.19 -13.51 -17.63
N HIS C 889 0.70 -14.07 -16.82
CA HIS C 889 0.33 -15.04 -15.80
C HIS C 889 0.55 -14.50 -14.38
N GLY C 890 0.47 -13.18 -14.22
CA GLY C 890 0.68 -12.60 -12.91
C GLY C 890 2.10 -12.71 -12.40
N ASN C 891 3.07 -12.90 -13.29
CA ASN C 891 4.47 -12.98 -12.92
C ASN C 891 5.11 -11.62 -13.16
N LYS C 892 5.25 -10.84 -12.09
CA LYS C 892 5.75 -9.48 -12.19
C LYS C 892 7.11 -9.36 -11.52
N GLY C 893 7.87 -8.36 -11.96
CA GLY C 893 9.19 -8.10 -11.42
C GLY C 893 9.82 -6.85 -11.98
N VAL C 894 10.71 -6.22 -11.21
CA VAL C 894 11.39 -5.02 -11.66
C VAL C 894 12.73 -5.40 -12.29
N ILE C 895 13.26 -4.48 -13.08
CA ILE C 895 14.52 -4.71 -13.80
C ILE C 895 15.67 -4.58 -12.81
N GLY C 896 16.29 -5.71 -12.45
CA GLY C 896 17.36 -5.70 -11.48
C GLY C 896 18.73 -5.39 -12.06
N LYS C 897 18.95 -5.75 -13.33
CA LYS C 897 20.25 -5.53 -13.95
C LYS C 897 20.12 -5.64 -15.47
N ILE C 898 20.73 -4.69 -16.17
CA ILE C 898 20.75 -4.70 -17.63
C ILE C 898 22.20 -4.98 -18.03
N LEU C 899 22.49 -6.24 -18.35
CA LEU C 899 23.85 -6.64 -18.70
C LEU C 899 24.16 -6.30 -20.15
N PRO C 900 25.44 -6.12 -20.49
CA PRO C 900 25.81 -6.03 -21.90
C PRO C 900 25.46 -7.32 -22.63
N VAL C 901 25.29 -7.20 -23.95
CA VAL C 901 24.88 -8.35 -24.76
C VAL C 901 25.88 -9.49 -24.65
N GLU C 902 27.17 -9.16 -24.51
CA GLU C 902 28.18 -10.21 -24.40
C GLU C 902 28.12 -10.92 -23.05
N ASP C 903 27.63 -10.25 -22.01
CA ASP C 903 27.54 -10.88 -20.69
C ASP C 903 26.38 -11.87 -20.61
N MET C 904 25.34 -11.68 -21.41
CA MET C 904 24.15 -12.51 -21.30
C MET C 904 24.46 -13.94 -21.73
N PRO C 905 23.87 -14.94 -21.06
CA PRO C 905 24.02 -16.32 -21.51
C PRO C 905 23.47 -16.50 -22.92
N PHE C 906 24.31 -17.00 -23.82
CA PHE C 906 23.96 -17.12 -25.22
C PHE C 906 23.87 -18.59 -25.63
N LEU C 907 23.03 -18.86 -26.62
CA LEU C 907 22.77 -20.22 -27.08
C LEU C 907 23.98 -20.73 -27.86
N ALA C 908 23.80 -21.88 -28.53
CA ALA C 908 24.91 -22.50 -29.24
C ALA C 908 25.37 -21.65 -30.42
N ASP C 909 24.44 -21.01 -31.11
CA ASP C 909 24.75 -20.20 -32.28
C ASP C 909 25.05 -18.74 -31.94
N GLY C 910 25.37 -18.45 -30.68
CA GLY C 910 25.80 -17.13 -30.28
C GLY C 910 24.69 -16.13 -30.02
N THR C 911 23.45 -16.45 -30.34
CA THR C 911 22.35 -15.53 -30.08
C THR C 911 22.13 -15.42 -28.59
N PRO C 912 22.36 -14.26 -27.96
CA PRO C 912 22.15 -14.16 -26.52
C PRO C 912 20.69 -14.06 -26.16
N VAL C 913 20.36 -14.55 -24.97
CA VAL C 913 18.99 -14.43 -24.49
C VAL C 913 18.69 -12.97 -24.15
N ASP C 914 17.40 -12.65 -24.08
CA ASP C 914 16.97 -11.29 -23.82
C ASP C 914 16.64 -11.04 -22.36
N ILE C 915 16.05 -12.03 -21.67
CA ILE C 915 15.58 -11.85 -20.30
C ILE C 915 15.85 -13.13 -19.53
N ILE C 916 16.29 -12.98 -18.28
CA ILE C 916 16.66 -14.11 -17.43
C ILE C 916 15.69 -14.12 -16.25
N LEU C 917 14.71 -15.02 -16.29
CA LEU C 917 13.73 -15.14 -15.22
C LEU C 917 14.19 -16.16 -14.20
N ASN C 918 14.12 -15.79 -12.92
CA ASN C 918 14.58 -16.67 -11.86
C ASN C 918 13.68 -17.90 -11.75
N THR C 919 14.29 -19.05 -11.52
CA THR C 919 13.54 -20.30 -11.39
C THR C 919 12.78 -20.35 -10.07
N HIS C 920 13.33 -19.76 -9.01
CA HIS C 920 12.75 -19.90 -7.68
C HIS C 920 11.36 -19.29 -7.56
N GLY C 921 11.01 -18.33 -8.42
CA GLY C 921 9.72 -17.69 -8.35
C GLY C 921 8.69 -18.26 -9.31
N VAL C 922 8.80 -19.55 -9.61
CA VAL C 922 7.89 -20.20 -10.56
C VAL C 922 7.03 -21.24 -9.86
N PRO C 923 7.58 -22.23 -9.15
CA PRO C 923 6.73 -23.30 -8.60
C PRO C 923 5.84 -22.83 -7.46
N ARG C 924 6.17 -21.72 -6.80
CA ARG C 924 5.35 -21.25 -5.68
C ARG C 924 4.03 -20.68 -6.16
N ARG C 925 4.07 -19.83 -7.20
CA ARG C 925 2.91 -19.09 -7.64
C ARG C 925 1.88 -19.96 -8.36
N MET C 926 2.22 -21.21 -8.68
CA MET C 926 1.32 -22.12 -9.38
C MET C 926 0.92 -21.60 -10.76
N ASN C 927 1.79 -20.80 -11.38
CA ASN C 927 1.50 -20.27 -12.70
C ASN C 927 2.38 -20.90 -13.76
N ILE C 928 2.21 -22.21 -13.98
CA ILE C 928 2.97 -22.93 -14.99
C ILE C 928 2.66 -22.45 -16.40
N GLY C 929 1.60 -21.65 -16.58
CA GLY C 929 1.28 -21.12 -17.89
C GLY C 929 2.43 -20.39 -18.54
N GLN C 930 3.28 -19.74 -17.74
CA GLN C 930 4.46 -19.09 -18.31
C GLN C 930 5.46 -20.12 -18.81
N ILE C 931 5.59 -21.26 -18.14
CA ILE C 931 6.47 -22.31 -18.59
C ILE C 931 5.91 -22.97 -19.85
N LEU C 932 4.59 -23.18 -19.88
CA LEU C 932 3.96 -23.76 -21.05
C LEU C 932 3.97 -22.79 -22.24
N GLU C 933 3.78 -21.50 -21.96
CA GLU C 933 3.90 -20.50 -23.03
C GLU C 933 5.33 -20.43 -23.55
N THR C 934 6.31 -20.59 -22.66
CA THR C 934 7.71 -20.57 -23.08
C THR C 934 8.00 -21.70 -24.06
N HIS C 935 7.40 -22.88 -23.84
CA HIS C 935 7.58 -24.00 -24.75
C HIS C 935 6.91 -23.73 -26.10
N LEU C 936 5.60 -23.47 -26.07
CA LEU C 936 4.89 -23.16 -27.31
C LEU C 936 5.43 -21.91 -27.97
N GLY C 937 5.97 -20.97 -27.18
CA GLY C 937 6.56 -19.78 -27.76
C GLY C 937 7.80 -20.09 -28.59
N TRP C 938 8.60 -21.05 -28.16
CA TRP C 938 9.75 -21.45 -28.96
C TRP C 938 9.34 -22.20 -30.21
N CYS C 939 8.34 -23.08 -30.11
CA CYS C 939 7.84 -23.78 -31.27
C CYS C 939 7.32 -22.79 -32.31
N ALA C 940 6.68 -21.72 -31.87
CA ALA C 940 6.22 -20.69 -32.80
C ALA C 940 7.40 -19.96 -33.42
N HIS C 941 8.46 -19.74 -32.65
CA HIS C 941 9.62 -19.00 -33.16
C HIS C 941 10.38 -19.82 -34.20
N SER C 942 10.43 -21.14 -34.01
CA SER C 942 11.22 -22.01 -34.87
C SER C 942 10.41 -22.70 -35.95
N GLY C 943 9.17 -23.10 -35.65
CA GLY C 943 8.38 -23.90 -36.56
C GLY C 943 8.60 -25.39 -36.34
N TRP C 944 7.71 -26.18 -36.92
CA TRP C 944 7.78 -27.62 -36.70
C TRP C 944 7.28 -28.35 -37.94
N LYS C 945 7.59 -29.65 -37.98
CA LYS C 945 7.15 -30.53 -39.06
C LYS C 945 6.93 -31.91 -38.45
N VAL C 946 5.67 -32.32 -38.35
CA VAL C 946 5.33 -33.61 -37.75
C VAL C 946 5.56 -34.71 -38.79
N ASP C 947 6.07 -35.85 -38.32
CA ASP C 947 6.37 -36.98 -39.20
C ASP C 947 5.10 -37.50 -39.86
N ALA C 948 4.95 -37.25 -41.17
CA ALA C 948 3.76 -37.71 -41.88
C ALA C 948 3.89 -39.16 -42.34
N ALA C 949 5.12 -39.64 -42.53
CA ALA C 949 5.32 -41.02 -42.96
C ALA C 949 4.80 -42.00 -41.90
N LYS C 950 4.28 -43.13 -42.37
CA LYS C 950 3.67 -44.15 -41.51
C LYS C 950 2.53 -43.57 -40.69
N GLY C 951 1.74 -42.69 -41.31
CA GLY C 951 0.54 -42.15 -40.70
C GLY C 951 0.81 -40.97 -39.79
N VAL C 952 -0.29 -40.42 -39.29
CA VAL C 952 -0.22 -39.31 -38.33
C VAL C 952 0.06 -39.89 -36.94
N PRO C 953 1.05 -39.37 -36.22
CA PRO C 953 1.37 -39.93 -34.90
C PRO C 953 0.20 -39.84 -33.94
N ASP C 954 0.31 -40.61 -32.85
CA ASP C 954 -0.81 -40.78 -31.92
C ASP C 954 -1.05 -39.55 -31.05
N TRP C 955 -0.12 -38.61 -30.96
CA TRP C 955 -0.34 -37.41 -30.17
C TRP C 955 -0.98 -36.29 -30.97
N ALA C 956 -0.77 -36.27 -32.29
CA ALA C 956 -1.30 -35.23 -33.15
C ALA C 956 -2.62 -35.61 -33.81
N ALA C 957 -3.27 -36.67 -33.33
CA ALA C 957 -4.54 -37.09 -33.92
C ALA C 957 -5.64 -36.06 -33.67
N ARG C 958 -5.62 -35.39 -32.51
CA ARG C 958 -6.60 -34.38 -32.20
C ARG C 958 -6.29 -33.04 -32.86
N LEU C 959 -5.03 -32.79 -33.21
CA LEU C 959 -4.64 -31.50 -33.75
C LEU C 959 -5.26 -31.29 -35.13
N PRO C 960 -5.66 -30.06 -35.46
CA PRO C 960 -6.10 -29.77 -36.83
C PRO C 960 -4.96 -29.96 -37.81
N ASP C 961 -5.33 -30.21 -39.07
CA ASP C 961 -4.33 -30.44 -40.12
C ASP C 961 -3.48 -29.20 -40.38
N GLU C 962 -3.99 -28.01 -40.07
CA GLU C 962 -3.22 -26.78 -40.25
C GLU C 962 -2.03 -26.70 -39.31
N LEU C 963 -2.05 -27.45 -38.21
CA LEU C 963 -1.00 -27.37 -37.20
C LEU C 963 0.15 -28.33 -37.47
N LEU C 964 -0.03 -29.33 -38.34
CA LEU C 964 0.99 -30.34 -38.54
C LEU C 964 2.27 -29.78 -39.12
N GLU C 965 2.21 -28.63 -39.79
CA GLU C 965 3.39 -27.96 -40.31
C GLU C 965 3.32 -26.48 -39.95
N ALA C 966 4.45 -25.93 -39.51
CA ALA C 966 4.53 -24.53 -39.14
C ALA C 966 5.85 -23.94 -39.61
N GLN C 967 5.80 -22.70 -40.04
CA GLN C 967 6.98 -21.94 -40.43
C GLN C 967 7.49 -21.13 -39.25
N PRO C 968 8.76 -20.71 -39.28
CA PRO C 968 9.29 -19.90 -38.17
C PRO C 968 8.51 -18.60 -38.01
N ASN C 969 8.42 -18.15 -36.76
CA ASN C 969 7.64 -16.96 -36.39
C ASN C 969 6.19 -17.07 -36.84
N ALA C 970 5.57 -18.19 -36.50
CA ALA C 970 4.15 -18.41 -36.76
C ALA C 970 3.32 -18.04 -35.55
N ILE C 971 2.11 -17.58 -35.80
CA ILE C 971 1.20 -17.14 -34.76
C ILE C 971 0.20 -18.25 -34.47
N VAL C 972 -0.08 -18.48 -33.18
CA VAL C 972 -0.97 -19.55 -32.76
C VAL C 972 -1.92 -19.03 -31.70
N SER C 973 -3.05 -19.73 -31.55
CA SER C 973 -4.08 -19.41 -30.58
C SER C 973 -4.26 -20.56 -29.61
N THR C 974 -4.22 -20.25 -28.31
CA THR C 974 -4.53 -21.22 -27.25
C THR C 974 -5.73 -20.67 -26.48
N PRO C 975 -6.95 -20.97 -26.92
CA PRO C 975 -8.12 -20.44 -26.23
C PRO C 975 -8.19 -20.91 -24.78
N VAL C 976 -8.77 -20.05 -23.92
CA VAL C 976 -8.89 -20.36 -22.51
C VAL C 976 -9.77 -21.60 -22.32
N PHE C 977 -9.34 -22.50 -21.44
CA PHE C 977 -9.99 -23.78 -21.11
C PHE C 977 -10.08 -24.71 -22.31
N ASP C 978 -9.56 -24.29 -23.48
CA ASP C 978 -9.39 -25.16 -24.64
C ASP C 978 -7.94 -25.04 -25.07
N GLY C 979 -7.66 -25.19 -26.36
CA GLY C 979 -6.31 -24.93 -26.85
C GLY C 979 -5.36 -26.11 -26.66
N ALA C 980 -4.07 -25.78 -26.58
CA ALA C 980 -3.03 -26.81 -26.60
C ALA C 980 -3.02 -27.62 -25.31
N GLN C 981 -3.00 -28.94 -25.45
CA GLN C 981 -2.81 -29.84 -24.33
C GLN C 981 -1.32 -30.20 -24.20
N GLU C 982 -0.94 -30.63 -23.00
CA GLU C 982 0.47 -30.95 -22.75
C GLU C 982 0.94 -32.14 -23.57
N ALA C 983 0.04 -33.01 -24.00
CA ALA C 983 0.42 -34.12 -24.87
C ALA C 983 0.88 -33.61 -26.23
N GLU C 984 0.12 -32.69 -26.82
CA GLU C 984 0.51 -32.11 -28.10
C GLU C 984 1.69 -31.17 -27.96
N LEU C 985 1.81 -30.49 -26.82
CA LEU C 985 2.92 -29.57 -26.61
C LEU C 985 4.24 -30.32 -26.49
N GLN C 986 4.24 -31.44 -25.76
CA GLN C 986 5.43 -32.27 -25.66
C GLN C 986 5.86 -32.77 -27.03
N GLY C 987 4.90 -33.11 -27.89
CA GLY C 987 5.22 -33.62 -29.20
C GLY C 987 5.79 -32.57 -30.14
N LEU C 988 5.42 -31.31 -29.95
CA LEU C 988 5.92 -30.25 -30.82
C LEU C 988 7.39 -29.95 -30.52
N LEU C 989 7.79 -30.03 -29.26
CA LEU C 989 9.19 -29.83 -28.91
C LEU C 989 10.09 -30.88 -29.54
N SER C 990 9.54 -32.05 -29.88
CA SER C 990 10.34 -33.12 -30.45
C SER C 990 10.63 -32.90 -31.93
N CYS C 991 9.78 -32.14 -32.63
CA CYS C 991 9.90 -31.93 -34.07
C CYS C 991 10.10 -30.45 -34.39
N THR C 992 10.85 -29.75 -33.56
CA THR C 992 11.13 -28.34 -33.81
C THR C 992 12.04 -28.19 -35.01
N LEU C 993 11.81 -27.15 -35.82
CA LEU C 993 12.59 -26.93 -37.01
C LEU C 993 14.01 -26.50 -36.66
N PRO C 994 15.00 -26.90 -37.45
CA PRO C 994 16.38 -26.47 -37.19
C PRO C 994 16.61 -25.04 -37.68
N ASN C 995 17.70 -24.46 -37.19
CA ASN C 995 18.04 -23.09 -37.55
C ASN C 995 18.65 -23.07 -38.95
N ARG C 996 19.30 -21.96 -39.30
CA ARG C 996 19.89 -21.84 -40.62
C ARG C 996 21.06 -22.79 -40.82
N ASP C 997 21.80 -23.08 -39.75
CA ASP C 997 22.93 -24.02 -39.85
C ASP C 997 22.47 -25.47 -39.87
N GLY C 998 21.17 -25.74 -39.69
CA GLY C 998 20.66 -27.09 -39.69
C GLY C 998 20.67 -27.78 -38.35
N ASP C 999 21.05 -27.08 -37.27
CA ASP C 999 21.15 -27.65 -35.94
C ASP C 999 19.92 -27.30 -35.13
N VAL C 1000 19.49 -28.24 -34.28
CA VAL C 1000 18.35 -28.01 -33.40
C VAL C 1000 18.89 -27.55 -32.05
N LEU C 1001 18.53 -26.33 -31.65
CA LEU C 1001 19.14 -25.74 -30.47
C LEU C 1001 18.46 -26.21 -29.19
N VAL C 1002 17.15 -26.41 -29.22
CA VAL C 1002 16.37 -26.80 -28.04
C VAL C 1002 15.99 -28.26 -28.16
N ASP C 1003 16.24 -29.03 -27.11
CA ASP C 1003 16.00 -30.45 -27.12
C ASP C 1003 14.51 -30.76 -27.00
N ALA C 1004 14.18 -32.05 -26.89
CA ALA C 1004 12.79 -32.46 -26.76
C ALA C 1004 12.20 -32.11 -25.40
N ASP C 1005 13.04 -31.97 -24.38
CA ASP C 1005 12.54 -31.59 -23.06
C ASP C 1005 12.13 -30.12 -23.00
N GLY C 1006 12.60 -29.30 -23.93
CA GLY C 1006 12.36 -27.87 -23.90
C GLY C 1006 13.51 -27.05 -23.36
N LYS C 1007 14.63 -27.67 -23.03
CA LYS C 1007 15.81 -26.99 -22.52
C LYS C 1007 16.86 -26.87 -23.61
N ALA C 1008 17.94 -26.17 -23.29
CA ALA C 1008 19.02 -25.98 -24.24
C ALA C 1008 20.30 -25.65 -23.48
N MET C 1009 21.43 -25.91 -24.13
CA MET C 1009 22.74 -25.71 -23.54
C MET C 1009 23.17 -24.26 -23.74
N LEU C 1010 23.41 -23.55 -22.65
CA LEU C 1010 23.77 -22.15 -22.68
C LEU C 1010 25.25 -21.96 -22.32
N PHE C 1011 25.81 -20.85 -22.78
CA PHE C 1011 27.20 -20.49 -22.52
C PHE C 1011 27.24 -19.27 -21.60
N ASP C 1012 28.09 -19.33 -20.58
CA ASP C 1012 28.29 -18.18 -19.70
C ASP C 1012 29.09 -17.13 -20.43
N GLY C 1013 28.43 -16.03 -20.81
CA GLY C 1013 29.09 -14.97 -21.55
C GLY C 1013 30.16 -14.23 -20.78
N ARG C 1014 30.24 -14.43 -19.47
CA ARG C 1014 31.25 -13.76 -18.65
C ARG C 1014 32.56 -14.51 -18.60
N SER C 1015 32.52 -15.84 -18.62
CA SER C 1015 33.74 -16.66 -18.60
C SER C 1015 33.96 -17.44 -19.89
N GLY C 1016 32.90 -17.99 -20.48
CA GLY C 1016 32.99 -18.77 -21.69
C GLY C 1016 32.66 -20.24 -21.49
N GLU C 1017 32.85 -20.75 -20.28
CA GLU C 1017 32.52 -22.13 -20.00
C GLU C 1017 31.02 -22.35 -20.18
N PRO C 1018 30.61 -23.42 -20.84
CA PRO C 1018 29.17 -23.70 -20.98
C PRO C 1018 28.56 -24.02 -19.64
N PHE C 1019 27.28 -23.67 -19.49
CA PHE C 1019 26.59 -23.93 -18.24
C PHE C 1019 26.42 -25.43 -18.04
N PRO C 1020 26.63 -25.93 -16.82
CA PRO C 1020 26.77 -27.38 -16.62
C PRO C 1020 25.54 -28.19 -16.99
N TYR C 1021 24.36 -27.59 -17.01
CA TYR C 1021 23.13 -28.31 -17.28
C TYR C 1021 22.28 -27.54 -18.28
N PRO C 1022 21.42 -28.23 -19.02
CA PRO C 1022 20.51 -27.54 -19.94
C PRO C 1022 19.53 -26.66 -19.18
N VAL C 1023 19.09 -25.59 -19.85
CA VAL C 1023 18.21 -24.59 -19.26
C VAL C 1023 17.02 -24.38 -20.20
N THR C 1024 15.82 -24.33 -19.61
CA THR C 1024 14.62 -24.07 -20.39
C THR C 1024 14.72 -22.72 -21.08
N VAL C 1025 14.65 -22.73 -22.40
CA VAL C 1025 14.81 -21.54 -23.22
C VAL C 1025 13.67 -21.47 -24.23
N GLY C 1026 13.01 -20.34 -24.28
CA GLY C 1026 11.94 -20.12 -25.23
C GLY C 1026 11.60 -18.66 -25.33
N TYR C 1027 10.38 -18.37 -25.80
CA TYR C 1027 9.91 -17.02 -25.98
C TYR C 1027 8.67 -16.78 -25.15
N MET C 1028 8.68 -15.70 -24.37
CA MET C 1028 7.59 -15.34 -23.49
C MET C 1028 7.19 -13.90 -23.76
N TYR C 1029 5.88 -13.63 -23.71
CA TYR C 1029 5.36 -12.30 -23.99
C TYR C 1029 5.47 -11.45 -22.72
N ILE C 1030 6.33 -10.44 -22.76
CA ILE C 1030 6.60 -9.57 -21.62
C ILE C 1030 6.03 -8.19 -21.93
N MET C 1031 5.38 -7.59 -20.93
CA MET C 1031 4.75 -6.29 -21.07
C MET C 1031 5.42 -5.27 -20.16
N LYS C 1032 5.53 -4.03 -20.62
CA LYS C 1032 6.07 -2.94 -19.83
C LYS C 1032 4.91 -2.25 -19.13
N LEU C 1033 4.83 -2.40 -17.81
CA LEU C 1033 3.75 -1.83 -17.04
C LEU C 1033 4.03 -0.36 -16.74
N HIS C 1034 2.96 0.38 -16.46
CA HIS C 1034 3.09 1.81 -16.19
C HIS C 1034 3.52 2.05 -14.75
N HIS C 1035 4.58 1.39 -14.32
CA HIS C 1035 5.20 1.60 -13.02
C HIS C 1035 6.70 1.79 -13.25
N LEU C 1036 7.05 2.92 -13.85
CA LEU C 1036 8.41 3.21 -14.27
C LEU C 1036 9.14 4.02 -13.20
N VAL C 1037 10.44 3.75 -13.06
CA VAL C 1037 11.23 4.48 -12.08
C VAL C 1037 11.38 5.95 -12.46
N ASP C 1038 11.23 6.28 -13.75
CA ASP C 1038 11.30 7.68 -14.16
C ASP C 1038 10.21 8.51 -13.47
N ASP C 1039 9.11 7.88 -13.09
CA ASP C 1039 8.07 8.54 -12.30
C ASP C 1039 8.18 8.24 -10.81
N LYS C 1040 8.63 7.05 -10.44
CA LYS C 1040 8.55 6.58 -9.06
C LYS C 1040 9.77 6.96 -8.22
N ILE C 1041 10.73 7.67 -8.76
CA ILE C 1041 11.85 8.16 -7.96
C ILE C 1041 11.54 9.57 -7.48
N HIS C 1042 11.86 9.84 -6.23
CA HIS C 1042 11.58 11.15 -5.64
C HIS C 1042 12.48 11.35 -4.43
N ALA C 1043 12.92 12.59 -4.24
CA ALA C 1043 13.74 12.96 -3.10
C ALA C 1043 13.58 14.45 -2.85
N ARG C 1044 13.88 14.86 -1.62
CA ARG C 1044 13.67 16.24 -1.21
C ARG C 1044 14.62 16.60 -0.07
N SER C 1045 15.38 17.67 -0.25
CA SER C 1045 16.12 18.25 0.87
C SER C 1045 15.20 19.13 1.71
N THR C 1046 14.78 20.26 1.15
CA THR C 1046 13.76 21.12 1.72
C THR C 1046 12.74 21.43 0.63
N GLY C 1047 11.75 22.26 0.98
CA GLY C 1047 10.74 22.65 0.03
C GLY C 1047 9.53 23.27 0.70
N PRO C 1048 8.38 23.19 0.03
CA PRO C 1048 7.17 23.80 0.59
C PRO C 1048 6.68 23.07 1.82
N TYR C 1049 6.00 23.81 2.68
CA TYR C 1049 5.40 23.27 3.90
C TYR C 1049 3.93 23.64 3.95
N SER C 1050 3.12 22.74 4.49
CA SER C 1050 1.70 23.02 4.66
C SER C 1050 1.50 24.19 5.61
N MET C 1051 0.74 25.18 5.15
CA MET C 1051 0.66 26.46 5.87
C MET C 1051 0.17 26.29 7.30
N ILE C 1052 -0.81 25.41 7.51
CA ILE C 1052 -1.44 25.30 8.82
C ILE C 1052 -0.55 24.54 9.79
N THR C 1053 -0.09 23.35 9.41
CA THR C 1053 0.69 22.51 10.30
C THR C 1053 2.19 22.73 10.21
N GLN C 1054 2.66 23.49 9.21
CA GLN C 1054 4.07 23.81 9.02
C GLN C 1054 4.93 22.56 8.86
N GLN C 1055 4.34 21.48 8.37
CA GLN C 1055 5.04 20.25 8.06
C GLN C 1055 5.24 20.13 6.55
N PRO C 1056 6.25 19.38 6.11
CA PRO C 1056 6.49 19.24 4.66
C PRO C 1056 5.27 18.72 3.92
N LEU C 1057 5.18 19.09 2.64
CA LEU C 1057 4.07 18.67 1.80
C LEU C 1057 4.15 17.17 1.53
N GLY C 1058 3.11 16.65 0.88
CA GLY C 1058 3.05 15.24 0.54
C GLY C 1058 2.97 15.00 -0.95
N GLY C 1059 3.35 13.80 -1.39
CA GLY C 1059 3.31 13.46 -2.79
C GLY C 1059 4.49 13.99 -3.58
N LYS C 1060 4.85 13.31 -4.66
CA LYS C 1060 5.98 13.74 -5.48
C LYS C 1060 5.63 14.99 -6.29
N ALA C 1061 4.38 15.12 -6.72
CA ALA C 1061 3.98 16.27 -7.53
C ALA C 1061 4.13 17.58 -6.78
N GLN C 1062 3.97 17.56 -5.46
CA GLN C 1062 4.15 18.74 -4.64
C GLN C 1062 5.54 18.85 -4.04
N PHE C 1063 6.51 18.07 -4.55
CA PHE C 1063 7.89 18.10 -4.08
C PHE C 1063 7.98 17.80 -2.58
N GLY C 1064 7.07 16.96 -2.08
CA GLY C 1064 7.00 16.70 -0.66
C GLY C 1064 7.94 15.61 -0.19
N GLY C 1065 8.08 15.53 1.14
CA GLY C 1065 8.93 14.54 1.76
C GLY C 1065 8.15 13.32 2.22
N GLN C 1066 8.89 12.29 2.61
CA GLN C 1066 8.30 11.04 3.06
C GLN C 1066 7.71 11.20 4.46
N ARG C 1067 6.66 10.43 4.74
CA ARG C 1067 5.98 10.49 6.03
C ARG C 1067 6.58 9.45 6.95
N PHE C 1068 7.25 9.90 8.01
CA PHE C 1068 7.73 9.00 9.06
C PHE C 1068 6.55 8.72 9.99
N GLY C 1069 5.83 7.65 9.70
CA GLY C 1069 4.55 7.38 10.31
C GLY C 1069 4.65 6.90 11.75
N GLU C 1070 3.50 6.48 12.26
CA GLU C 1070 3.41 6.04 13.66
C GLU C 1070 4.16 4.74 13.88
N MET C 1071 3.98 3.76 12.98
CA MET C 1071 4.71 2.52 13.09
C MET C 1071 6.21 2.73 12.98
N GLU C 1072 6.64 3.70 12.17
CA GLU C 1072 8.06 3.96 12.00
C GLU C 1072 8.69 4.55 13.26
N CYS C 1073 7.90 5.27 14.06
CA CYS C 1073 8.43 5.81 15.31
C CYS C 1073 8.68 4.71 16.34
N TRP C 1074 7.84 3.66 16.33
CA TRP C 1074 8.05 2.54 17.24
C TRP C 1074 9.39 1.86 16.97
N ALA C 1075 9.78 1.78 15.70
CA ALA C 1075 11.05 1.16 15.36
C ALA C 1075 12.22 1.96 15.90
N MET C 1076 12.11 3.29 15.88
CA MET C 1076 13.16 4.13 16.46
C MET C 1076 13.29 3.88 17.96
N GLN C 1077 12.16 3.87 18.67
CA GLN C 1077 12.19 3.66 20.12
C GLN C 1077 12.67 2.26 20.46
N ALA C 1078 12.27 1.25 19.67
CA ALA C 1078 12.76 -0.10 19.91
C ALA C 1078 14.27 -0.17 19.77
N TYR C 1079 14.83 0.60 18.84
CA TYR C 1079 16.28 0.72 18.73
C TYR C 1079 16.87 1.55 19.85
N GLY C 1080 16.07 2.40 20.49
CA GLY C 1080 16.60 3.37 21.43
C GLY C 1080 17.25 4.57 20.77
N ALA C 1081 17.05 4.76 19.46
CA ALA C 1081 17.62 5.88 18.72
C ALA C 1081 16.82 7.13 19.06
N ALA C 1082 17.12 7.70 20.23
CA ALA C 1082 16.37 8.85 20.71
C ALA C 1082 16.63 10.10 19.87
N TYR C 1083 17.90 10.40 19.60
CA TYR C 1083 18.24 11.61 18.89
C TYR C 1083 17.76 11.56 17.44
N THR C 1084 17.84 10.39 16.81
CA THR C 1084 17.30 10.24 15.46
C THR C 1084 15.79 10.48 15.46
N LEU C 1085 15.11 10.05 16.52
CA LEU C 1085 13.67 10.25 16.60
C LEU C 1085 13.33 11.71 16.86
N GLN C 1086 14.06 12.37 17.76
CA GLN C 1086 13.85 13.79 17.99
C GLN C 1086 14.16 14.61 16.74
N GLU C 1087 15.23 14.24 16.03
CA GLU C 1087 15.62 14.99 14.85
C GLU C 1087 14.57 14.90 13.75
N LEU C 1088 13.93 13.73 13.61
CA LEU C 1088 12.93 13.56 12.56
C LEU C 1088 11.69 14.41 12.82
N LEU C 1089 11.23 14.46 14.08
CA LEU C 1089 9.98 15.11 14.42
C LEU C 1089 10.13 16.59 14.74
N THR C 1090 11.35 17.13 14.69
CA THR C 1090 11.57 18.53 15.02
C THR C 1090 12.23 19.29 13.89
N ILE C 1091 13.56 19.30 13.85
CA ILE C 1091 14.28 20.18 12.92
C ILE C 1091 14.08 19.74 11.48
N LYS C 1092 13.80 18.46 11.24
CA LYS C 1092 13.58 17.96 9.89
C LYS C 1092 12.12 17.98 9.48
N SER C 1093 11.25 18.62 10.27
CA SER C 1093 9.82 18.62 9.95
C SER C 1093 9.18 19.97 10.23
N ASP C 1094 8.72 20.18 11.47
CA ASP C 1094 7.84 21.30 11.78
C ASP C 1094 8.44 22.26 12.80
N ASP C 1095 9.75 22.22 13.02
CA ASP C 1095 10.43 23.24 13.81
C ASP C 1095 10.63 24.46 12.93
N THR C 1096 9.85 25.51 13.15
CA THR C 1096 9.87 26.67 12.26
C THR C 1096 11.24 27.33 12.23
N VAL C 1097 11.83 27.54 13.40
CA VAL C 1097 13.16 28.17 13.46
C VAL C 1097 14.27 27.14 13.41
N GLY C 1098 14.02 25.90 13.85
CA GLY C 1098 15.06 24.90 13.85
C GLY C 1098 15.48 24.46 12.47
N ARG C 1099 14.51 24.33 11.56
CA ARG C 1099 14.83 23.86 10.21
C ARG C 1099 15.70 24.89 9.47
N VAL C 1100 15.46 26.18 9.70
CA VAL C 1100 16.26 27.21 9.04
C VAL C 1100 17.66 27.24 9.65
N LYS C 1101 17.76 27.15 10.98
CA LYS C 1101 19.06 27.13 11.62
C LYS C 1101 19.84 25.87 11.32
N VAL C 1102 19.16 24.79 10.94
CA VAL C 1102 19.87 23.58 10.52
C VAL C 1102 20.47 23.79 9.13
N TYR C 1103 19.71 24.39 8.22
CA TYR C 1103 20.22 24.64 6.87
C TYR C 1103 21.44 25.57 6.91
N GLU C 1104 21.41 26.59 7.77
CA GLU C 1104 22.56 27.47 7.90
C GLU C 1104 23.74 26.75 8.52
N ALA C 1105 23.49 25.87 9.49
CA ALA C 1105 24.59 25.15 10.14
C ALA C 1105 25.30 24.21 9.17
N ILE C 1106 24.59 23.72 8.16
CA ILE C 1106 25.21 22.83 7.18
C ILE C 1106 26.07 23.62 6.21
N VAL C 1107 25.53 24.71 5.67
CA VAL C 1107 26.28 25.51 4.70
C VAL C 1107 27.42 26.28 5.36
N LYS C 1108 27.38 26.44 6.68
CA LYS C 1108 28.48 27.04 7.42
C LYS C 1108 29.53 26.03 7.88
N GLY C 1109 29.22 24.74 7.82
CA GLY C 1109 30.08 23.73 8.38
C GLY C 1109 29.98 23.57 9.87
N GLU C 1110 29.07 24.30 10.53
CA GLU C 1110 28.90 24.20 11.97
C GLU C 1110 28.23 22.87 12.33
N ASN C 1111 28.06 22.66 13.63
CA ASN C 1111 27.35 21.48 14.11
C ASN C 1111 25.84 21.73 14.08
N ILE C 1112 25.09 20.64 14.12
CA ILE C 1112 23.63 20.73 14.09
C ILE C 1112 23.14 21.32 15.41
N PRO C 1113 22.30 22.36 15.38
CA PRO C 1113 21.84 22.97 16.63
C PRO C 1113 20.89 22.09 17.42
N GLU C 1114 20.38 22.60 18.54
CA GLU C 1114 19.48 21.84 19.39
C GLU C 1114 18.04 22.00 18.93
N PRO C 1115 17.28 20.93 18.82
CA PRO C 1115 15.90 21.04 18.33
C PRO C 1115 15.02 21.84 19.29
N GLY C 1116 14.07 22.56 18.72
CA GLY C 1116 13.14 23.39 19.46
C GLY C 1116 11.83 22.67 19.73
N ILE C 1117 10.74 23.43 19.72
CA ILE C 1117 9.40 22.93 20.01
C ILE C 1117 8.64 22.84 18.69
N PRO C 1118 7.96 21.73 18.42
CA PRO C 1118 7.21 21.61 17.16
C PRO C 1118 6.08 22.60 17.07
N GLU C 1119 5.92 23.20 15.88
CA GLU C 1119 4.82 24.12 15.65
C GLU C 1119 3.47 23.40 15.67
N SER C 1120 3.46 22.12 15.30
CA SER C 1120 2.21 21.35 15.32
C SER C 1120 1.70 21.17 16.74
N PHE C 1121 2.60 21.09 17.73
CA PHE C 1121 2.17 21.02 19.12
C PHE C 1121 1.59 22.35 19.58
N LYS C 1122 2.13 23.47 19.08
CA LYS C 1122 1.54 24.77 19.40
C LYS C 1122 0.11 24.87 18.89
N VAL C 1123 -0.15 24.28 17.72
CA VAL C 1123 -1.50 24.30 17.15
C VAL C 1123 -2.44 23.45 17.99
N LEU C 1124 -1.94 22.31 18.50
CA LEU C 1124 -2.78 21.43 19.32
C LEU C 1124 -3.32 22.17 20.54
N LEU C 1125 -2.47 22.91 21.23
CA LEU C 1125 -2.91 23.65 22.41
C LEU C 1125 -3.91 24.74 22.04
N LYS C 1126 -3.64 25.48 20.96
CA LYS C 1126 -4.56 26.51 20.51
C LYS C 1126 -5.89 25.93 20.05
N GLU C 1127 -5.92 24.64 19.70
CA GLU C 1127 -7.19 23.99 19.36
C GLU C 1127 -7.93 23.52 20.60
N LEU C 1128 -7.19 23.01 21.60
CA LEU C 1128 -7.82 22.62 22.84
C LEU C 1128 -8.45 23.81 23.56
N GLN C 1129 -7.87 25.00 23.39
CA GLN C 1129 -8.45 26.20 23.99
C GLN C 1129 -9.81 26.51 23.36
N SER C 1130 -9.95 26.28 22.05
CA SER C 1130 -11.21 26.55 21.37
C SER C 1130 -12.33 25.63 21.83
N LEU C 1131 -12.00 24.51 22.48
CA LEU C 1131 -12.99 23.60 23.04
C LEU C 1131 -13.24 23.87 24.53
N CYS C 1132 -12.91 25.07 25.00
CA CYS C 1132 -13.08 25.45 26.41
C CYS C 1132 -12.29 24.52 27.33
N LEU C 1133 -11.02 24.33 27.01
CA LEU C 1133 -10.10 23.56 27.82
C LEU C 1133 -8.88 24.43 28.12
N ASN C 1134 -8.65 24.72 29.41
CA ASN C 1134 -7.54 25.58 29.82
C ASN C 1134 -6.30 24.72 29.96
N VAL C 1135 -5.51 24.66 28.89
CA VAL C 1135 -4.27 23.90 28.85
C VAL C 1135 -3.11 24.86 29.07
N GLU C 1136 -2.19 24.49 29.97
CA GLU C 1136 -1.04 25.32 30.28
C GLU C 1136 0.17 24.43 30.52
N VAL C 1137 1.34 24.93 30.11
CA VAL C 1137 2.61 24.25 30.32
C VAL C 1137 3.27 24.86 31.56
N LEU C 1138 3.64 24.01 32.51
CA LEU C 1138 4.22 24.44 33.77
C LEU C 1138 5.71 24.14 33.81
N SER C 1139 6.45 24.99 34.50
CA SER C 1139 7.88 24.79 34.70
C SER C 1139 8.09 23.92 35.94
N SER C 1140 9.34 23.80 36.39
CA SER C 1140 9.64 22.97 37.55
C SER C 1140 9.04 23.57 38.83
N ASP C 1141 9.03 24.89 38.94
CA ASP C 1141 8.44 25.52 40.13
C ASP C 1141 6.91 25.46 40.08
N GLY C 1142 6.33 25.47 38.89
CA GLY C 1142 4.89 25.42 38.73
C GLY C 1142 4.28 26.62 38.04
N ALA C 1143 5.05 27.64 37.67
CA ALA C 1143 4.50 28.82 37.02
C ALA C 1143 4.26 28.54 35.54
N ALA C 1144 3.10 28.98 35.05
CA ALA C 1144 2.78 28.82 33.64
C ALA C 1144 3.72 29.65 32.77
N ILE C 1145 4.18 29.06 31.67
CA ILE C 1145 5.09 29.72 30.74
C ILE C 1145 4.34 29.97 29.44
N GLU C 1146 4.44 31.19 28.92
CA GLU C 1146 3.74 31.57 27.71
C GLU C 1146 4.55 31.15 26.49
N LEU C 1147 3.86 30.55 25.51
CA LEU C 1147 4.51 30.02 24.32
C LEU C 1147 4.48 31.08 23.22
N ARG C 1148 5.35 32.08 23.38
CA ARG C 1148 5.54 33.14 22.39
C ARG C 1148 4.23 33.88 22.10
N GLU C 1149 3.43 34.07 23.13
CA GLU C 1149 2.14 34.74 22.97
C GLU C 1149 1.69 35.29 24.32
N GLY C 1150 0.75 36.23 24.26
CA GLY C 1150 0.19 36.81 25.47
C GLY C 1150 -1.31 36.63 25.56
N GLU C 1151 -1.97 37.49 26.35
CA GLU C 1151 -3.42 37.41 26.51
C GLU C 1151 -3.93 38.76 26.98
N ASP C 1152 -4.91 39.30 26.26
CA ASP C 1152 -5.56 40.56 26.63
C ASP C 1152 -7.07 40.35 26.68
N GLU C 1153 -7.76 41.31 27.29
CA GLU C 1153 -9.20 41.24 27.43
C GLU C 1153 -9.88 42.42 26.74
N ASP D 3 13.35 29.70 24.28
CA ASP D 3 12.30 28.75 24.65
C ASP D 3 12.88 27.34 24.74
N VAL D 4 13.44 27.02 25.90
CA VAL D 4 14.07 25.72 26.13
C VAL D 4 12.99 24.64 26.14
N ASN D 5 13.39 23.37 26.06
CA ASN D 5 12.46 22.26 25.90
C ASN D 5 12.35 21.40 27.17
N PHE D 6 12.74 21.93 28.33
CA PHE D 6 12.57 21.20 29.59
C PHE D 6 11.59 21.99 30.46
N PHE D 7 10.32 21.59 30.41
CA PHE D 7 9.30 22.04 31.35
C PHE D 7 8.52 20.82 31.80
N ASP D 8 8.33 20.69 33.11
CA ASP D 8 7.89 19.44 33.71
C ASP D 8 6.45 19.08 33.34
N GLU D 9 5.47 19.81 33.87
CA GLU D 9 4.08 19.39 33.79
C GLU D 9 3.33 20.10 32.68
N LEU D 10 2.28 19.43 32.21
CA LEU D 10 1.31 19.99 31.26
C LEU D 10 -0.07 19.86 31.89
N ARG D 11 -0.64 20.98 32.32
CA ARG D 11 -1.88 21.01 33.07
C ARG D 11 -3.07 21.26 32.15
N ILE D 12 -4.15 20.52 32.37
CA ILE D 12 -5.41 20.71 31.66
C ILE D 12 -6.51 20.91 32.70
N GLY D 13 -7.48 21.76 32.35
CA GLY D 13 -8.59 22.02 33.25
C GLY D 13 -9.73 22.70 32.52
N LEU D 14 -10.84 22.85 33.25
CA LEU D 14 -12.00 23.52 32.70
C LEU D 14 -11.71 25.01 32.49
N ALA D 15 -12.12 25.52 31.33
CA ALA D 15 -11.90 26.92 30.99
C ALA D 15 -13.09 27.74 31.47
N THR D 16 -12.85 28.65 32.42
CA THR D 16 -13.88 29.54 32.90
C THR D 16 -14.32 30.48 31.77
N ALA D 17 -15.59 30.87 31.80
CA ALA D 17 -16.08 31.88 30.87
C ALA D 17 -15.32 33.20 31.02
N GLU D 18 -14.68 33.41 32.18
CA GLU D 18 -13.80 34.56 32.35
C GLU D 18 -12.43 34.32 31.72
N ASP D 19 -11.99 33.06 31.67
CA ASP D 19 -10.75 32.74 30.97
C ASP D 19 -10.90 32.93 29.47
N ILE D 20 -12.10 32.63 28.94
CA ILE D 20 -12.35 32.79 27.51
C ILE D 20 -12.21 34.26 27.11
N ARG D 21 -12.66 35.17 27.98
CA ARG D 21 -12.50 36.59 27.73
C ARG D 21 -11.06 37.04 27.96
N GLN D 22 -10.37 36.43 28.93
CA GLN D 22 -8.97 36.76 29.16
C GLN D 22 -8.10 36.41 27.96
N TRP D 23 -8.47 35.36 27.22
CA TRP D 23 -7.74 35.01 26.01
C TRP D 23 -8.12 35.91 24.84
N SER D 24 -9.40 36.26 24.74
CA SER D 24 -9.92 36.85 23.52
C SER D 24 -9.43 38.28 23.33
N TYR D 25 -8.94 38.59 22.14
CA TYR D 25 -8.53 39.93 21.77
C TYR D 25 -9.68 40.76 21.19
N GLY D 26 -10.92 40.39 21.49
CA GLY D 26 -12.08 41.10 21.00
C GLY D 26 -13.21 40.14 20.69
N GLU D 27 -14.42 40.69 20.58
CA GLU D 27 -15.61 39.90 20.30
C GLU D 27 -15.90 39.89 18.80
N VAL D 28 -16.29 38.74 18.29
CA VAL D 28 -16.68 38.58 16.89
C VAL D 28 -18.17 38.90 16.82
N LYS D 29 -18.50 40.13 16.43
CA LYS D 29 -19.88 40.59 16.40
C LYS D 29 -20.59 40.22 15.10
N LYS D 30 -20.08 40.71 13.98
CA LYS D 30 -20.70 40.48 12.68
C LYS D 30 -20.41 39.06 12.19
N PRO D 31 -21.32 38.47 11.42
CA PRO D 31 -21.08 37.13 10.86
C PRO D 31 -20.31 37.11 9.54
N GLU D 32 -19.97 38.27 8.99
CA GLU D 32 -19.27 38.32 7.71
C GLU D 32 -17.84 37.79 7.86
N THR D 33 -17.26 37.42 6.72
CA THR D 33 -15.89 36.94 6.69
C THR D 33 -14.96 38.01 6.13
N ILE D 34 -14.95 38.16 4.81
CA ILE D 34 -14.13 39.17 4.14
C ILE D 34 -15.00 39.88 3.11
N ASN D 35 -14.37 40.79 2.35
CA ASN D 35 -14.99 41.39 1.18
C ASN D 35 -14.48 40.67 -0.06
N TYR D 36 -15.41 40.26 -0.92
CA TYR D 36 -15.10 39.41 -2.05
C TYR D 36 -14.64 40.19 -3.28
N ARG D 37 -14.13 41.41 -3.08
CA ARG D 37 -13.42 42.15 -4.12
C ARG D 37 -12.03 42.56 -3.65
N THR D 38 -11.94 43.27 -2.52
CA THR D 38 -10.66 43.74 -2.01
C THR D 38 -9.92 42.70 -1.19
N LEU D 39 -10.53 41.55 -0.91
CA LEU D 39 -10.01 40.50 -0.05
C LEU D 39 -9.75 40.97 1.38
N LYS D 40 -10.12 42.20 1.71
CA LYS D 40 -9.93 42.73 3.05
C LYS D 40 -11.00 42.18 3.99
N PRO D 41 -10.64 41.70 5.17
CA PRO D 41 -11.65 41.16 6.09
C PRO D 41 -12.50 42.28 6.68
N GLU D 42 -13.80 42.00 6.81
CA GLU D 42 -14.73 42.97 7.38
C GLU D 42 -14.45 43.17 8.86
N LYS D 43 -14.75 44.38 9.34
CA LYS D 43 -14.52 44.71 10.73
C LYS D 43 -15.46 43.90 11.63
N ASP D 44 -14.92 43.43 12.75
CA ASP D 44 -15.66 42.64 13.73
C ASP D 44 -16.19 41.33 13.15
N GLY D 45 -15.64 40.89 12.02
CA GLY D 45 -16.02 39.62 11.43
C GLY D 45 -15.14 38.49 11.93
N LEU D 46 -15.35 37.31 11.33
CA LEU D 46 -14.59 36.13 11.72
C LEU D 46 -13.11 36.22 11.35
N PHE D 47 -12.70 37.24 10.62
CA PHE D 47 -11.30 37.43 10.24
C PHE D 47 -10.84 38.85 10.54
N CYS D 48 -11.48 39.51 11.50
CA CYS D 48 -11.22 40.92 11.77
C CYS D 48 -9.77 41.13 12.17
N GLU D 49 -9.10 42.07 11.49
CA GLU D 49 -7.71 42.36 11.79
C GLU D 49 -7.55 43.11 13.10
N LYS D 50 -8.57 43.88 13.50
CA LYS D 50 -8.55 44.52 14.81
C LYS D 50 -8.49 43.48 15.93
N ILE D 51 -9.10 42.32 15.72
CA ILE D 51 -9.16 41.27 16.73
C ILE D 51 -7.96 40.34 16.59
N PHE D 52 -7.85 39.68 15.45
CA PHE D 52 -6.90 38.58 15.28
C PHE D 52 -5.52 39.04 14.84
N GLY D 53 -5.43 40.00 13.92
CA GLY D 53 -4.15 40.49 13.48
C GLY D 53 -4.11 40.87 12.02
N PRO D 54 -3.03 41.52 11.59
CA PRO D 54 -2.98 42.04 10.21
C PRO D 54 -2.79 40.93 9.20
N THR D 55 -3.41 41.13 8.03
CA THR D 55 -3.25 40.18 6.93
C THR D 55 -1.79 40.10 6.49
N ARG D 56 -1.16 41.26 6.27
CA ARG D 56 0.22 41.35 5.88
C ARG D 56 1.04 41.97 6.99
N ASP D 57 2.35 41.72 6.97
CA ASP D 57 3.23 42.17 8.04
C ASP D 57 3.33 43.69 8.03
N TRP D 58 3.09 44.30 9.19
CA TRP D 58 3.18 45.74 9.41
C TRP D 58 2.23 46.53 8.51
N GLU D 59 1.15 45.92 8.05
CA GLU D 59 0.14 46.59 7.24
C GLU D 59 -1.18 46.60 7.97
N CYS D 60 -1.77 47.78 8.12
CA CYS D 60 -3.04 47.92 8.82
C CYS D 60 -4.21 47.82 7.83
N TYR D 61 -5.42 47.88 8.37
CA TYR D 61 -6.63 47.74 7.55
C TYR D 61 -6.90 48.99 6.73
N CYS D 62 -6.90 50.16 7.36
CA CYS D 62 -7.20 51.40 6.67
C CYS D 62 -6.07 51.85 5.75
N GLY D 63 -4.89 51.24 5.85
CA GLY D 63 -3.79 51.58 4.97
C GLY D 63 -2.95 52.75 5.42
N LYS D 64 -3.15 53.26 6.63
CA LYS D 64 -2.38 54.40 7.13
C LYS D 64 -0.96 53.97 7.53
N TYR D 65 -0.82 52.82 8.15
CA TYR D 65 0.47 52.33 8.64
C TYR D 65 0.86 51.11 7.80
N LYS D 66 1.83 51.31 6.90
CA LYS D 66 2.31 50.24 6.03
C LYS D 66 3.80 49.99 6.16
N ARG D 67 4.52 50.77 6.97
CA ARG D 67 5.97 50.68 7.08
C ARG D 67 6.36 50.09 8.43
N VAL D 68 7.59 49.57 8.48
CA VAL D 68 8.06 48.87 9.67
C VAL D 68 8.41 49.82 10.80
N ARG D 69 8.62 51.10 10.50
CA ARG D 69 9.05 52.04 11.53
C ARG D 69 8.00 52.22 12.62
N PHE D 70 6.72 52.07 12.28
CA PHE D 70 5.65 52.17 13.26
C PHE D 70 5.37 50.81 13.88
N LYS D 71 6.37 50.26 14.57
CA LYS D 71 6.28 48.93 15.13
C LYS D 71 5.61 49.00 16.51
N GLY D 72 4.44 48.40 16.64
CA GLY D 72 3.72 48.33 17.90
C GLY D 72 2.65 49.37 18.09
N ILE D 73 2.31 50.15 17.06
CA ILE D 73 1.34 51.23 17.19
C ILE D 73 -0.07 50.66 17.04
N ILE D 74 -0.95 51.03 17.97
CA ILE D 74 -2.37 50.69 17.87
C ILE D 74 -3.02 51.77 17.02
N CYS D 75 -3.39 51.42 15.79
CA CYS D 75 -4.00 52.40 14.89
C CYS D 75 -5.30 52.92 15.47
N GLU D 76 -5.50 54.23 15.39
CA GLU D 76 -6.68 54.85 15.99
C GLU D 76 -7.91 54.78 15.09
N ARG D 77 -7.73 54.66 13.79
CA ARG D 77 -8.86 54.67 12.87
C ARG D 77 -9.43 53.29 12.58
N CYS D 78 -8.59 52.25 12.62
CA CYS D 78 -9.04 50.89 12.38
C CYS D 78 -8.80 49.95 13.55
N GLY D 79 -8.05 50.36 14.57
CA GLY D 79 -7.85 49.54 15.75
C GLY D 79 -6.93 48.36 15.59
N VAL D 80 -6.27 48.22 14.44
CA VAL D 80 -5.42 47.08 14.16
C VAL D 80 -4.01 47.38 14.63
N GLU D 81 -3.40 46.41 15.32
CA GLU D 81 -2.00 46.49 15.69
C GLU D 81 -1.14 46.24 14.45
N VAL D 82 0.16 46.54 14.58
CA VAL D 82 1.07 46.40 13.44
C VAL D 82 2.26 45.52 13.82
N THR D 83 2.03 44.21 13.86
CA THR D 83 3.09 43.22 13.94
C THR D 83 2.97 42.27 12.75
N ARG D 84 3.78 41.22 12.75
CA ARG D 84 3.72 40.26 11.66
C ARG D 84 2.42 39.47 11.70
N ALA D 85 2.06 38.88 10.56
CA ALA D 85 0.87 38.05 10.46
C ALA D 85 1.01 36.75 11.23
N LYS D 86 2.14 36.51 11.89
CA LYS D 86 2.31 35.32 12.71
C LYS D 86 1.34 35.31 13.89
N VAL D 87 0.83 36.47 14.30
CA VAL D 87 -0.11 36.53 15.41
C VAL D 87 -1.47 35.97 15.03
N ARG D 88 -1.82 35.95 13.74
CA ARG D 88 -3.10 35.40 13.29
C ARG D 88 -3.18 33.89 13.44
N ARG D 89 -2.15 33.24 14.00
CA ARG D 89 -2.19 31.82 14.29
C ARG D 89 -2.34 31.54 15.77
N GLU D 90 -2.31 32.57 16.62
CA GLU D 90 -2.33 32.38 18.07
C GLU D 90 -3.29 33.30 18.81
N ARG D 91 -3.77 34.39 18.21
CA ARG D 91 -4.68 35.30 18.91
C ARG D 91 -6.09 34.74 18.87
N MET D 92 -6.67 34.49 20.03
CA MET D 92 -8.00 33.90 20.14
C MET D 92 -9.07 34.99 20.14
N GLY D 93 -10.25 34.62 19.64
CA GLY D 93 -11.43 35.45 19.72
C GLY D 93 -12.48 34.80 20.62
N HIS D 94 -13.64 35.46 20.68
CA HIS D 94 -14.72 34.94 21.49
C HIS D 94 -16.03 35.57 21.04
N ILE D 95 -17.12 34.82 21.24
CA ILE D 95 -18.48 35.31 21.02
C ILE D 95 -19.16 35.40 22.39
N GLU D 96 -19.74 36.56 22.68
CA GLU D 96 -20.46 36.76 23.94
C GLU D 96 -21.90 36.33 23.73
N LEU D 97 -22.32 35.28 24.42
CA LEU D 97 -23.64 34.71 24.22
C LEU D 97 -24.70 35.46 25.02
N ALA D 98 -25.85 35.68 24.38
CA ALA D 98 -26.97 36.33 25.05
C ALA D 98 -27.76 35.38 25.93
N ALA D 99 -27.43 34.10 25.94
CA ALA D 99 -28.07 33.12 26.79
C ALA D 99 -27.05 32.03 27.07
N PRO D 100 -26.92 31.59 28.33
CA PRO D 100 -25.93 30.55 28.66
C PRO D 100 -26.18 29.28 27.88
N VAL D 101 -25.11 28.52 27.67
CA VAL D 101 -25.14 27.29 26.89
C VAL D 101 -24.31 26.24 27.61
N THR D 102 -24.64 24.96 27.37
CA THR D 102 -23.95 23.85 28.00
C THR D 102 -22.96 23.22 27.03
N HIS D 103 -21.80 22.85 27.57
CA HIS D 103 -20.78 22.16 26.76
C HIS D 103 -21.24 20.74 26.48
N ILE D 104 -21.40 20.40 25.19
CA ILE D 104 -21.96 19.11 24.81
C ILE D 104 -21.09 17.95 25.27
N TRP D 105 -19.80 18.20 25.53
CA TRP D 105 -18.93 17.13 26.00
C TRP D 105 -19.38 16.58 27.34
N TYR D 106 -20.02 17.40 28.18
CA TYR D 106 -20.41 17.00 29.52
C TYR D 106 -21.89 16.68 29.64
N PHE D 107 -22.69 16.94 28.61
CA PHE D 107 -24.10 16.59 28.59
C PHE D 107 -24.34 15.26 27.87
N LYS D 108 -24.02 15.20 26.58
CA LYS D 108 -24.33 14.01 25.79
C LYS D 108 -23.24 12.94 25.93
N GLY D 109 -22.00 13.35 26.21
CA GLY D 109 -20.91 12.40 26.38
C GLY D 109 -21.20 11.41 27.50
N VAL D 110 -21.06 10.12 27.20
CA VAL D 110 -21.44 9.08 28.15
C VAL D 110 -20.23 8.72 29.02
N PRO D 111 -20.40 8.59 30.34
CA PRO D 111 -21.66 8.87 31.04
C PRO D 111 -21.87 10.38 31.22
N SER D 112 -23.14 10.81 31.23
CA SER D 112 -23.47 12.23 31.34
C SER D 112 -22.86 12.85 32.58
N ARG D 113 -21.89 13.75 32.40
CA ARG D 113 -21.20 14.35 33.53
C ARG D 113 -22.13 15.23 34.34
N LEU D 114 -23.04 15.94 33.68
CA LEU D 114 -24.01 16.75 34.42
C LEU D 114 -25.03 15.87 35.15
N GLY D 115 -25.43 14.77 34.51
CA GLY D 115 -26.40 13.87 35.14
C GLY D 115 -25.86 13.21 36.39
N TYR D 116 -24.55 13.00 36.45
CA TYR D 116 -23.93 12.45 37.65
C TYR D 116 -23.78 13.48 38.75
N LEU D 117 -23.79 14.78 38.42
CA LEU D 117 -23.59 15.81 39.42
C LEU D 117 -24.89 16.21 40.09
N LEU D 118 -25.97 16.33 39.30
CA LEU D 118 -27.27 16.74 39.80
C LEU D 118 -28.22 15.57 40.01
N ASP D 119 -27.75 14.34 39.83
CA ASP D 119 -28.55 13.13 40.00
C ASP D 119 -29.78 13.14 39.08
N LEU D 120 -29.65 13.78 37.91
CA LEU D 120 -30.72 13.84 36.93
C LEU D 120 -30.48 12.80 35.84
N ALA D 121 -31.57 12.16 35.41
CA ALA D 121 -31.47 11.20 34.33
C ALA D 121 -31.06 11.90 33.03
N PRO D 122 -30.35 11.20 32.13
CA PRO D 122 -29.94 11.85 30.88
C PRO D 122 -31.09 12.35 30.04
N LYS D 123 -32.17 11.56 29.91
CA LYS D 123 -33.32 12.01 29.13
C LYS D 123 -33.98 13.22 29.77
N ASP D 124 -34.09 13.22 31.10
CA ASP D 124 -34.62 14.39 31.80
C ASP D 124 -33.75 15.62 31.55
N LEU D 125 -32.43 15.42 31.50
CA LEU D 125 -31.55 16.54 31.19
C LEU D 125 -31.68 16.96 29.74
N GLU D 126 -31.99 16.02 28.84
CA GLU D 126 -32.19 16.37 27.44
C GLU D 126 -33.44 17.22 27.26
N LYS D 127 -34.48 16.94 28.04
CA LYS D 127 -35.71 17.73 27.93
C LYS D 127 -35.52 19.14 28.46
N ILE D 128 -34.63 19.33 29.44
CA ILE D 128 -34.43 20.64 30.03
C ILE D 128 -33.68 21.57 29.10
N ILE D 129 -32.50 21.13 28.63
CA ILE D 129 -31.62 22.01 27.86
C ILE D 129 -32.30 22.50 26.59
N TYR D 130 -32.99 21.60 25.89
CA TYR D 130 -33.53 21.89 24.57
C TYR D 130 -35.01 22.30 24.63
N PHE D 131 -35.44 22.83 25.79
CA PHE D 131 -36.72 23.52 25.92
C PHE D 131 -37.89 22.59 25.61
N ALA D 132 -37.87 21.41 26.22
CA ALA D 132 -39.00 20.49 26.17
C ALA D 132 -39.71 20.37 27.50
N ALA D 133 -39.11 20.83 28.60
CA ALA D 133 -39.71 20.74 29.91
C ALA D 133 -39.09 21.78 30.83
N TYR D 134 -39.92 22.42 31.64
CA TYR D 134 -39.42 23.31 32.67
C TYR D 134 -38.85 22.49 33.83
N VAL D 135 -38.02 23.16 34.63
CA VAL D 135 -37.42 22.54 35.81
C VAL D 135 -37.54 23.52 36.97
N ILE D 136 -37.84 22.98 38.15
CA ILE D 136 -38.02 23.79 39.35
C ILE D 136 -36.65 24.11 39.94
N THR D 137 -36.32 25.40 40.00
CA THR D 137 -35.03 25.83 40.53
C THR D 137 -35.09 26.08 42.03
N SER D 138 -36.20 26.63 42.52
CA SER D 138 -36.34 26.92 43.94
C SER D 138 -37.82 27.01 44.27
N VAL D 139 -38.14 26.74 45.53
CA VAL D 139 -39.52 26.81 46.03
C VAL D 139 -39.49 27.28 47.47
N ASP D 140 -40.26 28.34 47.76
CA ASP D 140 -40.38 28.84 49.13
C ASP D 140 -41.19 27.87 49.97
N GLU D 141 -40.52 26.92 50.63
CA GLU D 141 -41.24 25.86 51.31
C GLU D 141 -41.90 26.35 52.60
N GLU D 142 -41.38 27.40 53.22
CA GLU D 142 -42.00 27.91 54.43
C GLU D 142 -43.22 28.78 54.12
N MET D 143 -43.13 29.60 53.07
CA MET D 143 -44.29 30.39 52.65
C MET D 143 -45.42 29.50 52.19
N ARG D 144 -45.09 28.36 51.57
CA ARG D 144 -46.13 27.43 51.14
C ARG D 144 -46.85 26.82 52.35
N HIS D 145 -46.12 26.58 53.43
CA HIS D 145 -46.73 25.99 54.62
C HIS D 145 -47.61 26.99 55.34
N ASN D 146 -47.14 28.23 55.50
CA ASN D 146 -47.91 29.26 56.18
C ASN D 146 -49.14 29.69 55.41
N GLU D 147 -49.31 29.24 54.17
CA GLU D 147 -50.48 29.55 53.36
C GLU D 147 -51.16 28.30 52.81
N LEU D 148 -50.73 27.11 53.24
CA LEU D 148 -51.28 25.88 52.67
C LEU D 148 -52.75 25.71 52.99
N SER D 149 -53.16 26.09 54.20
CA SER D 149 -54.56 25.97 54.58
C SER D 149 -55.44 26.89 53.74
N THR D 150 -54.97 28.11 53.49
CA THR D 150 -55.75 29.06 52.72
C THR D 150 -55.84 28.64 51.26
N LEU D 151 -54.73 28.22 50.67
CA LEU D 151 -54.73 27.78 49.28
C LEU D 151 -55.52 26.50 49.07
N GLU D 152 -55.67 25.69 50.13
CA GLU D 152 -56.43 24.44 50.00
C GLU D 152 -57.92 24.71 49.89
N ALA D 153 -58.45 25.60 50.75
CA ALA D 153 -59.87 25.92 50.70
C ALA D 153 -60.23 26.61 49.39
N GLU D 154 -59.35 27.48 48.89
CA GLU D 154 -59.60 28.11 47.60
C GLU D 154 -59.62 27.07 46.48
N MET D 155 -58.71 26.10 46.55
CA MET D 155 -58.71 25.03 45.56
C MET D 155 -59.92 24.12 45.72
N ALA D 156 -60.34 23.87 46.97
CA ALA D 156 -61.51 23.04 47.21
C ALA D 156 -62.79 23.73 46.74
N VAL D 157 -62.89 25.04 46.96
CA VAL D 157 -64.06 25.79 46.51
C VAL D 157 -64.13 25.81 44.99
N GLU D 158 -62.97 25.99 44.34
CA GLU D 158 -62.94 26.00 42.88
C GLU D 158 -63.37 24.65 42.31
N ARG D 159 -62.99 23.55 42.98
CA ARG D 159 -63.42 22.24 42.52
C ARG D 159 -64.92 22.04 42.70
N LYS D 160 -65.46 22.54 43.81
CA LYS D 160 -66.90 22.40 44.04
C LYS D 160 -67.71 23.21 43.03
N ALA D 161 -67.26 24.42 42.71
CA ALA D 161 -67.97 25.23 41.72
C ALA D 161 -67.96 24.57 40.35
N VAL D 162 -66.91 23.80 40.04
CA VAL D 162 -66.90 23.04 38.79
C VAL D 162 -67.91 21.91 38.85
N GLU D 163 -68.00 21.22 39.98
CA GLU D 163 -68.98 20.15 40.12
C GLU D 163 -70.41 20.69 40.09
N ASP D 164 -70.63 21.87 40.68
CA ASP D 164 -71.97 22.46 40.67
C ASP D 164 -72.40 22.84 39.26
N GLN D 165 -71.46 23.33 38.45
CA GLN D 165 -71.80 23.73 37.09
C GLN D 165 -72.07 22.51 36.21
N ARG D 166 -71.33 21.43 36.43
CA ARG D 166 -71.54 20.20 35.65
C ARG D 166 -72.93 19.62 35.91
N ASP D 167 -73.25 19.41 37.19
CA ASP D 167 -74.54 18.81 37.54
C ASP D 167 -75.70 19.69 37.09
N GLY D 168 -75.54 21.01 37.14
CA GLY D 168 -76.58 21.89 36.65
C GLY D 168 -76.74 21.81 35.15
N GLU D 169 -75.63 21.75 34.42
CA GLU D 169 -75.69 21.62 32.97
C GLU D 169 -76.20 20.24 32.56
N LEU D 170 -75.88 19.20 33.34
CA LEU D 170 -76.37 17.86 33.01
C LEU D 170 -77.88 17.77 33.19
N GLU D 171 -78.42 18.47 34.19
CA GLU D 171 -79.86 18.40 34.45
C GLU D 171 -80.65 19.05 33.31
N ALA D 172 -80.26 20.25 32.90
CA ALA D 172 -80.98 20.94 31.84
C ALA D 172 -80.96 20.14 30.53
N ARG D 173 -79.86 19.43 30.27
CA ARG D 173 -79.80 18.58 29.08
C ARG D 173 -80.67 17.34 29.25
N ALA D 174 -80.65 16.73 30.44
CA ALA D 174 -81.45 15.54 30.67
C ALA D 174 -82.94 15.88 30.65
N GLN D 175 -83.32 17.05 31.18
CA GLN D 175 -84.72 17.46 31.14
C GLN D 175 -85.15 17.86 29.74
N LYS D 176 -84.24 18.45 28.95
CA LYS D 176 -84.55 18.73 27.56
C LYS D 176 -84.68 17.45 26.76
N LEU D 177 -83.88 16.43 27.09
CA LEU D 177 -83.99 15.14 26.43
C LEU D 177 -85.32 14.47 26.77
N GLU D 178 -85.71 14.50 28.04
CA GLU D 178 -86.97 13.89 28.43
C GLU D 178 -88.16 14.65 27.87
N ALA D 179 -88.01 15.97 27.68
CA ALA D 179 -89.09 16.76 27.10
C ALA D 179 -89.16 16.58 25.58
N ASP D 180 -88.02 16.44 24.93
CA ASP D 180 -88.02 16.21 23.48
C ASP D 180 -88.61 14.86 23.14
N LEU D 181 -88.33 13.83 23.95
CA LEU D 181 -88.91 12.52 23.70
C LEU D 181 -90.42 12.53 23.93
N ALA D 182 -90.89 13.28 24.91
CA ALA D 182 -92.32 13.40 25.12
C ALA D 182 -92.98 14.22 24.01
N GLU D 183 -92.24 15.17 23.43
CA GLU D 183 -92.79 15.97 22.33
C GLU D 183 -92.84 15.19 21.03
N LEU D 184 -91.87 14.31 20.80
CA LEU D 184 -91.88 13.43 19.63
C LEU D 184 -92.83 12.26 19.81
N GLU D 185 -93.44 12.11 20.97
CA GLU D 185 -94.47 11.09 21.17
C GLU D 185 -95.86 11.63 20.85
N ALA D 186 -96.12 12.91 21.17
CA ALA D 186 -97.36 13.54 20.72
C ALA D 186 -97.40 13.68 19.21
N GLU D 187 -96.24 13.85 18.57
CA GLU D 187 -96.16 13.87 17.12
C GLU D 187 -96.35 12.48 16.54
N GLY D 188 -96.23 11.43 17.35
CA GLY D 188 -96.51 10.09 16.89
C GLY D 188 -95.42 9.41 16.10
N ALA D 189 -94.18 9.87 16.22
CA ALA D 189 -93.07 9.23 15.51
C ALA D 189 -92.85 7.82 16.03
N LYS D 190 -92.29 6.97 15.16
CA LYS D 190 -92.05 5.58 15.53
C LYS D 190 -91.09 5.50 16.71
N ALA D 191 -91.32 4.51 17.58
CA ALA D 191 -90.51 4.39 18.79
C ALA D 191 -89.04 4.15 18.47
N ASP D 192 -88.74 3.55 17.33
CA ASP D 192 -87.35 3.36 16.94
C ASP D 192 -86.68 4.69 16.59
N ALA D 193 -87.45 5.65 16.07
CA ALA D 193 -86.90 6.96 15.79
C ALA D 193 -86.60 7.72 17.07
N ARG D 194 -87.38 7.50 18.13
CA ARG D 194 -87.08 8.11 19.42
C ARG D 194 -85.76 7.58 19.98
N ARG D 195 -85.45 6.32 19.72
CA ARG D 195 -84.21 5.73 20.21
C ARG D 195 -82.99 6.46 19.67
N LYS D 196 -83.10 7.04 18.46
CA LYS D 196 -82.01 7.84 17.92
C LYS D 196 -81.84 9.13 18.72
N VAL D 197 -82.96 9.80 19.06
CA VAL D 197 -82.89 10.98 19.90
C VAL D 197 -82.45 10.60 21.32
N ARG D 198 -82.85 9.42 21.79
CA ARG D 198 -82.42 8.95 23.10
C ARG D 198 -80.91 8.70 23.13
N ASP D 199 -80.39 7.97 22.15
CA ASP D 199 -78.96 7.70 22.09
C ASP D 199 -78.16 8.98 21.86
N GLY D 200 -78.76 9.97 21.20
CA GLY D 200 -78.07 11.23 21.02
C GLY D 200 -77.94 12.02 22.31
N GLY D 201 -78.99 12.00 23.14
CA GLY D 201 -78.92 12.70 24.42
C GLY D 201 -77.92 12.05 25.37
N GLU D 202 -77.93 10.72 25.45
CA GLU D 202 -76.94 10.03 26.27
C GLU D 202 -75.53 10.27 25.76
N ARG D 203 -75.37 10.47 24.45
CA ARG D 203 -74.07 10.79 23.90
C ARG D 203 -73.66 12.22 24.27
N GLU D 204 -74.62 13.15 24.26
CA GLU D 204 -74.32 14.52 24.65
C GLU D 204 -74.04 14.63 26.15
N MET D 205 -74.84 13.93 26.97
CA MET D 205 -74.63 13.97 28.41
C MET D 205 -73.28 13.38 28.79
N ARG D 206 -72.85 12.32 28.08
CA ARG D 206 -71.54 11.74 28.34
C ARG D 206 -70.42 12.73 28.07
N GLN D 207 -70.58 13.53 27.01
CA GLN D 207 -69.56 14.53 26.69
C GLN D 207 -69.48 15.61 27.75
N ILE D 208 -70.63 16.05 28.26
CA ILE D 208 -70.65 17.10 29.28
C ILE D 208 -69.98 16.60 30.57
N ARG D 209 -70.29 15.37 30.97
CA ARG D 209 -69.70 14.83 32.18
C ARG D 209 -68.20 14.64 32.05
N ASP D 210 -67.73 14.24 30.85
CA ASP D 210 -66.31 14.05 30.63
C ASP D 210 -65.56 15.36 30.53
N ARG D 211 -66.14 16.37 29.85
CA ARG D 211 -65.50 17.67 29.78
C ARG D 211 -65.29 18.27 31.16
N ALA D 212 -66.18 17.98 32.11
CA ALA D 212 -65.99 18.44 33.47
C ALA D 212 -64.96 17.60 34.20
N GLN D 213 -64.92 16.30 33.92
CA GLN D 213 -63.95 15.43 34.58
C GLN D 213 -62.52 15.78 34.16
N ARG D 214 -62.33 16.15 32.89
CA ARG D 214 -61.02 16.59 32.44
C ARG D 214 -60.62 17.89 33.13
N GLU D 215 -61.58 18.75 33.44
CA GLU D 215 -61.28 19.97 34.19
C GLU D 215 -60.95 19.65 35.65
N LEU D 216 -61.66 18.67 36.22
CA LEU D 216 -61.37 18.28 37.60
C LEU D 216 -60.03 17.58 37.72
N ASP D 217 -59.62 16.82 36.71
CA ASP D 217 -58.35 16.09 36.79
C ASP D 217 -57.16 17.03 36.68
N ARG D 218 -57.30 18.12 35.93
CA ARG D 218 -56.23 19.12 35.91
C ARG D 218 -56.05 19.75 37.28
N LEU D 219 -57.15 20.19 37.89
CA LEU D 219 -57.10 20.78 39.22
C LEU D 219 -56.57 19.81 40.27
N GLU D 220 -56.68 18.50 40.02
CA GLU D 220 -56.05 17.53 40.91
C GLU D 220 -54.55 17.47 40.67
N ASP D 221 -54.12 17.55 39.41
CA ASP D 221 -52.69 17.57 39.12
C ASP D 221 -52.06 18.91 39.48
N ILE D 222 -52.80 20.01 39.26
CA ILE D 222 -52.29 21.33 39.61
C ILE D 222 -52.03 21.43 41.11
N TRP D 223 -52.97 20.92 41.91
CA TRP D 223 -52.80 20.96 43.36
C TRP D 223 -51.79 19.91 43.85
N SER D 224 -51.74 18.75 43.18
CA SER D 224 -50.78 17.72 43.59
C SER D 224 -49.35 18.16 43.29
N THR D 225 -49.15 18.86 42.17
CA THR D 225 -47.79 19.27 41.79
C THR D 225 -47.27 20.35 42.72
N PHE D 226 -48.10 21.35 43.01
CA PHE D 226 -47.68 22.43 43.91
C PHE D 226 -47.48 21.94 45.34
N THR D 227 -48.23 20.91 45.75
CA THR D 227 -48.06 20.36 47.09
C THR D 227 -46.70 19.69 47.24
N LYS D 228 -46.32 18.86 46.27
CA LYS D 228 -45.06 18.13 46.32
C LYS D 228 -44.04 18.76 45.37
N LEU D 229 -43.80 20.05 45.53
CA LEU D 229 -42.90 20.79 44.66
C LEU D 229 -41.56 20.99 45.35
N ALA D 230 -40.51 20.44 44.77
CA ALA D 230 -39.15 20.55 45.26
C ALA D 230 -38.23 20.91 44.10
N PRO D 231 -37.05 21.46 44.38
CA PRO D 231 -36.11 21.77 43.30
C PRO D 231 -35.71 20.52 42.52
N LYS D 232 -35.23 20.75 41.30
CA LYS D 232 -34.78 19.74 40.34
C LYS D 232 -35.92 18.89 39.79
N GLN D 233 -37.17 19.18 40.14
CA GLN D 233 -38.30 18.49 39.54
C GLN D 233 -38.55 19.02 38.13
N LEU D 234 -39.03 18.13 37.25
CA LEU D 234 -39.32 18.48 35.88
C LEU D 234 -40.82 18.52 35.64
N ILE D 235 -41.24 19.44 34.78
CA ILE D 235 -42.65 19.62 34.41
C ILE D 235 -42.70 19.59 32.89
N VAL D 236 -42.99 18.43 32.31
CA VAL D 236 -42.99 18.31 30.86
C VAL D 236 -44.21 19.00 30.25
N ASP D 237 -45.33 19.02 30.97
CA ASP D 237 -46.53 19.67 30.46
C ASP D 237 -46.38 21.18 30.57
N GLU D 238 -46.48 21.87 29.44
CA GLU D 238 -46.31 23.32 29.43
C GLU D 238 -47.55 24.03 29.98
N ASN D 239 -48.74 23.50 29.70
CA ASN D 239 -49.96 24.10 30.23
C ASN D 239 -50.02 23.93 31.74
N LEU D 240 -49.55 22.81 32.27
CA LEU D 240 -49.52 22.61 33.71
C LEU D 240 -48.60 23.63 34.38
N TYR D 241 -47.39 23.81 33.83
CA TYR D 241 -46.48 24.81 34.38
C TYR D 241 -47.05 26.21 34.26
N ARG D 242 -47.80 26.49 33.20
CA ARG D 242 -48.42 27.80 33.04
C ARG D 242 -49.46 28.04 34.13
N GLU D 243 -50.20 26.99 34.50
CA GLU D 243 -51.15 27.13 35.61
C GLU D 243 -50.45 27.31 36.94
N LEU D 244 -49.30 26.65 37.12
CA LEU D 244 -48.58 26.73 38.38
C LEU D 244 -48.09 28.16 38.63
N VAL D 245 -47.64 28.85 37.58
CA VAL D 245 -47.20 30.23 37.73
C VAL D 245 -48.40 31.17 37.89
N ASP D 246 -49.50 30.86 37.22
CA ASP D 246 -50.66 31.75 37.27
C ASP D 246 -51.31 31.74 38.65
N ARG D 247 -51.14 30.65 39.41
CA ARG D 247 -51.74 30.50 40.73
C ARG D 247 -50.72 30.70 41.85
N TYR D 248 -49.71 29.85 41.93
CA TYR D 248 -48.75 29.85 43.02
C TYR D 248 -47.36 30.33 42.58
N GLY D 249 -47.32 31.27 41.64
CA GLY D 249 -46.04 31.80 41.17
C GLY D 249 -45.25 32.50 42.26
N GLU D 250 -45.92 33.01 43.29
CA GLU D 250 -45.23 33.67 44.39
C GLU D 250 -44.40 32.72 45.25
N TYR D 251 -44.56 31.41 45.05
CA TYR D 251 -43.99 30.43 45.97
C TYR D 251 -42.83 29.64 45.41
N PHE D 252 -42.66 29.58 44.09
CA PHE D 252 -41.59 28.80 43.49
C PHE D 252 -40.98 29.59 42.33
N THR D 253 -39.83 29.11 41.87
CA THR D 253 -39.12 29.71 40.74
C THR D 253 -38.61 28.60 39.84
N GLY D 254 -39.07 28.58 38.59
CA GLY D 254 -38.63 27.60 37.62
C GLY D 254 -38.14 28.27 36.35
N ALA D 255 -37.47 27.48 35.52
CA ALA D 255 -36.92 28.00 34.27
C ALA D 255 -36.72 26.84 33.31
N MET D 256 -36.34 27.18 32.08
CA MET D 256 -36.10 26.23 31.00
C MET D 256 -34.68 26.40 30.48
N GLY D 257 -34.29 25.53 29.55
CA GLY D 257 -33.05 25.65 28.82
C GLY D 257 -31.81 25.50 29.68
N ALA D 258 -30.70 26.00 29.13
CA ALA D 258 -29.41 25.86 29.79
C ALA D 258 -29.26 26.84 30.95
N GLU D 259 -29.89 28.01 30.86
CA GLU D 259 -29.81 29.00 31.94
C GLU D 259 -30.36 28.44 33.24
N SER D 260 -31.35 27.55 33.16
CA SER D 260 -31.87 26.91 34.37
C SER D 260 -30.83 26.03 35.03
N ILE D 261 -30.13 25.21 34.23
CA ILE D 261 -29.09 24.34 34.78
C ILE D 261 -27.96 25.15 35.37
N GLN D 262 -27.66 26.32 34.78
CA GLN D 262 -26.69 27.22 35.38
C GLN D 262 -27.12 27.64 36.78
N LYS D 263 -28.43 27.74 37.03
CA LYS D 263 -28.91 28.10 38.35
C LYS D 263 -28.88 26.92 39.31
N LEU D 264 -29.14 25.71 38.80
CA LEU D 264 -29.08 24.53 39.65
C LEU D 264 -27.66 24.29 40.16
N ILE D 265 -26.66 24.51 39.31
CA ILE D 265 -25.27 24.39 39.73
C ILE D 265 -24.94 25.43 40.80
N GLU D 266 -25.52 26.63 40.67
CA GLU D 266 -25.30 27.66 41.68
C GLU D 266 -25.96 27.28 43.00
N ASN D 267 -27.22 26.85 42.95
CA ASN D 267 -27.93 26.37 44.14
C ASN D 267 -27.64 24.88 44.34
N PHE D 268 -26.37 24.59 44.61
CA PHE D 268 -25.89 23.22 44.78
C PHE D 268 -24.80 23.21 45.83
N ASP D 269 -24.99 22.41 46.88
CA ASP D 269 -23.98 22.26 47.93
C ASP D 269 -23.03 21.14 47.53
N ILE D 270 -21.79 21.51 47.19
CA ILE D 270 -20.82 20.52 46.72
C ILE D 270 -20.42 19.60 47.85
N ASP D 271 -20.10 20.16 49.02
CA ASP D 271 -19.62 19.35 50.13
C ASP D 271 -20.73 18.47 50.71
N ALA D 272 -21.96 18.98 50.76
CA ALA D 272 -23.06 18.21 51.32
C ALA D 272 -23.43 17.04 50.41
N GLU D 273 -23.61 17.31 49.11
CA GLU D 273 -23.91 16.24 48.17
C GLU D 273 -22.78 15.22 48.09
N ALA D 274 -21.54 15.65 48.40
CA ALA D 274 -20.43 14.71 48.43
C ALA D 274 -20.53 13.78 49.64
N GLU D 275 -20.90 14.33 50.81
CA GLU D 275 -21.03 13.50 52.00
C GLU D 275 -22.24 12.60 51.93
N SER D 276 -23.30 13.02 51.23
CA SER D 276 -24.49 12.18 51.09
C SER D 276 -24.15 10.89 50.37
N LEU D 277 -23.32 10.96 49.32
CA LEU D 277 -22.87 9.76 48.64
C LEU D 277 -21.93 8.94 49.51
N ARG D 278 -21.12 9.60 50.34
CA ARG D 278 -20.21 8.87 51.21
C ARG D 278 -20.96 8.09 52.27
N ASP D 279 -22.06 8.65 52.80
CA ASP D 279 -22.87 7.93 53.77
C ASP D 279 -23.51 6.69 53.14
N VAL D 280 -23.90 6.80 51.87
CA VAL D 280 -24.45 5.64 51.16
C VAL D 280 -23.37 4.61 50.89
N ILE D 281 -22.14 5.07 50.64
CA ILE D 281 -21.06 4.14 50.27
C ILE D 281 -20.66 3.27 51.46
N ARG D 282 -20.60 3.86 52.66
CA ARG D 282 -20.16 3.10 53.83
C ARG D 282 -21.07 1.91 54.10
N ASN D 283 -22.38 2.12 54.06
CA ASN D 283 -23.36 1.06 54.26
C ASN D 283 -24.43 1.20 53.18
N GLY D 284 -24.44 0.29 52.22
CA GLY D 284 -25.40 0.36 51.14
C GLY D 284 -25.51 -0.97 50.41
N LYS D 285 -26.66 -1.15 49.76
CA LYS D 285 -26.90 -2.34 48.96
C LYS D 285 -26.24 -2.19 47.60
N GLY D 286 -25.58 -3.26 47.14
CA GLY D 286 -24.79 -3.18 45.93
C GLY D 286 -25.57 -2.76 44.71
N GLN D 287 -26.88 -3.00 44.70
CA GLN D 287 -27.71 -2.59 43.58
C GLN D 287 -27.72 -1.08 43.41
N LYS D 288 -27.90 -0.35 44.51
CA LYS D 288 -28.00 1.10 44.49
C LYS D 288 -26.76 1.79 45.03
N LYS D 289 -25.71 1.04 45.38
CA LYS D 289 -24.46 1.62 45.86
C LYS D 289 -23.46 1.84 44.73
N LEU D 290 -23.38 0.89 43.78
CA LEU D 290 -22.49 1.06 42.64
C LEU D 290 -22.84 2.31 41.85
N ARG D 291 -24.13 2.61 41.72
CA ARG D 291 -24.56 3.85 41.07
C ARG D 291 -24.21 5.08 41.89
N ALA D 292 -24.04 4.93 43.20
CA ALA D 292 -23.58 6.03 44.04
C ALA D 292 -22.06 6.15 44.08
N LEU D 293 -21.34 5.07 43.81
CA LEU D 293 -19.88 5.15 43.73
C LEU D 293 -19.45 6.04 42.57
N LYS D 294 -20.03 5.82 41.38
CA LYS D 294 -19.59 6.52 40.19
C LYS D 294 -19.97 8.00 40.24
N ARG D 295 -21.04 8.35 40.93
CA ARG D 295 -21.39 9.75 41.09
C ARG D 295 -20.32 10.49 41.88
N LEU D 296 -19.80 9.87 42.94
CA LEU D 296 -18.77 10.49 43.76
C LEU D 296 -17.52 10.80 42.94
N LYS D 297 -17.21 9.96 41.97
CA LYS D 297 -16.03 10.19 41.13
C LYS D 297 -16.11 11.55 40.44
N VAL D 298 -17.30 11.94 39.98
CA VAL D 298 -17.47 13.24 39.35
C VAL D 298 -17.56 14.33 40.40
N VAL D 299 -18.27 14.07 41.51
CA VAL D 299 -18.50 15.11 42.50
C VAL D 299 -17.23 15.40 43.30
N ALA D 300 -16.50 14.36 43.71
CA ALA D 300 -15.32 14.58 44.54
C ALA D 300 -14.23 15.34 43.78
N ALA D 301 -14.21 15.23 42.45
CA ALA D 301 -13.22 15.95 41.67
C ALA D 301 -13.45 17.46 41.74
N PHE D 302 -14.71 17.89 41.61
CA PHE D 302 -15.01 19.32 41.70
C PHE D 302 -14.75 19.87 43.10
N GLN D 303 -14.90 19.02 44.13
CA GLN D 303 -14.73 19.50 45.50
C GLN D 303 -13.27 19.81 45.81
N GLN D 304 -12.38 18.85 45.59
CA GLN D 304 -10.98 19.02 45.97
C GLN D 304 -10.25 20.00 45.05
N SER D 305 -10.55 19.95 43.75
CA SER D 305 -9.73 20.65 42.77
C SER D 305 -9.76 22.16 42.97
N GLY D 306 -10.93 22.71 43.29
CA GLY D 306 -11.08 24.14 43.38
C GLY D 306 -11.61 24.81 42.14
N ASN D 307 -11.82 24.05 41.06
CA ASN D 307 -12.47 24.58 39.86
C ASN D 307 -13.97 24.39 39.99
N SER D 308 -14.72 25.43 39.66
CA SER D 308 -16.17 25.37 39.86
C SER D 308 -16.81 24.49 38.79
N PRO D 309 -17.87 23.75 39.15
CA PRO D 309 -18.65 23.04 38.13
C PRO D 309 -19.39 23.97 37.17
N MET D 310 -19.42 25.27 37.46
CA MET D 310 -20.10 26.24 36.60
C MET D 310 -19.49 26.30 35.21
N GLY D 311 -18.25 25.86 35.05
CA GLY D 311 -17.59 25.91 33.75
C GLY D 311 -18.27 25.06 32.69
N MET D 312 -19.05 24.06 33.10
CA MET D 312 -19.76 23.24 32.13
C MET D 312 -20.84 24.03 31.39
N VAL D 313 -21.27 25.16 31.93
CA VAL D 313 -22.19 26.07 31.26
C VAL D 313 -21.41 27.29 30.80
N LEU D 314 -21.51 27.61 29.52
CA LEU D 314 -20.69 28.64 28.90
C LEU D 314 -21.49 29.93 28.70
N ASP D 315 -20.87 31.05 29.06
CA ASP D 315 -21.39 32.36 28.69
C ASP D 315 -20.65 32.96 27.50
N ALA D 316 -19.44 32.50 27.22
CA ALA D 316 -18.66 32.92 26.06
C ALA D 316 -17.98 31.71 25.46
N VAL D 317 -17.91 31.68 24.14
CA VAL D 317 -17.29 30.58 23.40
C VAL D 317 -16.05 31.13 22.69
N PRO D 318 -14.90 30.47 22.80
CA PRO D 318 -13.69 31.00 22.18
C PRO D 318 -13.60 30.67 20.70
N VAL D 319 -13.06 31.61 19.93
CA VAL D 319 -12.88 31.46 18.49
C VAL D 319 -11.43 31.10 18.21
N ILE D 320 -11.22 30.03 17.47
CA ILE D 320 -9.86 29.60 17.12
C ILE D 320 -9.27 30.58 16.12
N PRO D 321 -7.96 30.87 16.19
CA PRO D 321 -7.36 31.85 15.28
C PRO D 321 -7.65 31.53 13.82
N PRO D 322 -7.66 32.55 12.95
CA PRO D 322 -8.11 32.32 11.57
C PRO D 322 -7.22 31.40 10.76
N GLU D 323 -5.91 31.38 11.02
CA GLU D 323 -5.01 30.57 10.20
C GLU D 323 -5.22 29.07 10.42
N LEU D 324 -5.78 28.68 11.56
CA LEU D 324 -6.15 27.28 11.77
C LEU D 324 -7.49 26.93 11.14
N ARG D 325 -8.21 27.93 10.61
CA ARG D 325 -9.45 27.70 9.87
C ARG D 325 -9.43 28.53 8.59
N PRO D 326 -8.40 28.38 7.77
CA PRO D 326 -8.14 29.38 6.72
C PRO D 326 -9.15 29.32 5.60
N MET D 327 -9.33 30.46 4.93
CA MET D 327 -10.19 30.60 3.77
C MET D 327 -9.31 30.87 2.56
N VAL D 328 -9.30 29.95 1.62
CA VAL D 328 -8.42 30.02 0.46
C VAL D 328 -9.23 30.46 -0.76
N GLN D 329 -8.54 31.05 -1.72
CA GLN D 329 -9.13 31.44 -2.99
C GLN D 329 -8.87 30.38 -4.04
N LEU D 330 -9.87 30.11 -4.86
CA LEU D 330 -9.78 29.08 -5.89
C LEU D 330 -9.44 29.68 -7.23
N ASP D 331 -8.87 28.85 -8.11
CA ASP D 331 -8.48 29.31 -9.44
C ASP D 331 -9.66 29.64 -10.34
N GLY D 332 -10.88 29.35 -9.90
CA GLY D 332 -12.08 29.72 -10.63
C GLY D 332 -12.68 31.05 -10.22
N GLY D 333 -12.02 31.80 -9.34
CA GLY D 333 -12.49 33.08 -8.87
C GLY D 333 -13.25 33.02 -7.56
N ARG D 334 -13.87 31.88 -7.26
CA ARG D 334 -14.66 31.74 -6.05
C ARG D 334 -13.75 31.36 -4.88
N PHE D 335 -14.34 31.03 -3.73
CA PHE D 335 -13.58 30.80 -2.51
C PHE D 335 -13.96 29.46 -1.89
N ALA D 336 -13.24 29.12 -0.83
CA ALA D 336 -13.48 27.89 -0.08
C ALA D 336 -12.96 28.09 1.33
N THR D 337 -13.83 27.90 2.32
CA THR D 337 -13.49 28.13 3.72
C THR D 337 -13.65 26.85 4.53
N SER D 338 -12.97 26.79 5.67
CA SER D 338 -13.06 25.63 6.54
C SER D 338 -14.48 25.51 7.10
N ASP D 339 -14.87 24.28 7.45
CA ASP D 339 -16.21 24.06 7.98
C ASP D 339 -16.38 24.75 9.33
N LEU D 340 -15.29 24.96 10.07
CA LEU D 340 -15.38 25.65 11.35
C LEU D 340 -15.92 27.06 11.18
N ASN D 341 -15.62 27.70 10.05
CA ASN D 341 -16.14 29.03 9.79
C ASN D 341 -17.66 28.99 9.60
N ASP D 342 -18.17 27.98 8.90
CA ASP D 342 -19.61 27.84 8.75
C ASP D 342 -20.29 27.49 10.06
N LEU D 343 -19.56 26.84 10.97
CA LEU D 343 -20.13 26.56 12.29
C LEU D 343 -20.05 27.78 13.20
N TYR D 344 -18.93 28.52 13.16
CA TYR D 344 -18.87 29.78 13.89
C TYR D 344 -19.87 30.79 13.34
N ARG D 345 -20.12 30.76 12.03
CA ARG D 345 -21.05 31.71 11.43
C ARG D 345 -22.48 31.43 11.88
N ARG D 346 -22.85 30.17 12.02
CA ARG D 346 -24.20 29.84 12.46
C ARG D 346 -24.41 30.17 13.92
N VAL D 347 -23.36 30.08 14.74
CA VAL D 347 -23.45 30.52 16.13
C VAL D 347 -23.61 32.03 16.20
N ILE D 348 -22.85 32.77 15.38
CA ILE D 348 -22.94 34.22 15.38
C ILE D 348 -24.29 34.67 14.84
N ASN D 349 -24.79 34.00 13.80
CA ASN D 349 -26.07 34.39 13.20
C ASN D 349 -27.21 34.22 14.20
N ARG D 350 -27.24 33.12 14.92
CA ARG D 350 -28.34 32.86 15.84
C ARG D 350 -28.19 33.62 17.15
N ASN D 351 -26.96 33.91 17.58
CA ASN D 351 -26.77 34.66 18.81
C ASN D 351 -27.16 36.13 18.62
N ASN D 352 -26.89 36.69 17.44
CA ASN D 352 -27.27 38.07 17.18
C ASN D 352 -28.77 38.21 16.99
N ARG D 353 -29.44 37.17 16.46
CA ARG D 353 -30.88 37.19 16.35
C ARG D 353 -31.54 37.12 17.73
N LEU D 354 -30.92 36.39 18.66
CA LEU D 354 -31.43 36.34 20.03
C LEU D 354 -31.35 37.71 20.70
N LYS D 355 -30.29 38.47 20.39
CA LYS D 355 -30.17 39.81 20.94
C LYS D 355 -31.27 40.73 20.44
N ARG D 356 -31.76 40.50 19.22
CA ARG D 356 -32.89 41.27 18.73
C ARG D 356 -34.17 40.91 19.47
N LEU D 357 -34.41 39.61 19.68
CA LEU D 357 -35.63 39.18 20.35
C LEU D 357 -35.69 39.70 21.78
N ILE D 358 -34.54 39.72 22.47
CA ILE D 358 -34.51 40.23 23.84
C ILE D 358 -34.83 41.72 23.87
N ASP D 359 -34.29 42.48 22.92
CA ASP D 359 -34.57 43.91 22.87
C ASP D 359 -36.02 44.18 22.49
N LEU D 360 -36.53 43.47 21.48
CA LEU D 360 -37.90 43.69 21.03
C LEU D 360 -38.95 43.20 22.02
N GLY D 361 -38.56 42.40 23.01
CA GLY D 361 -39.54 41.79 23.88
C GLY D 361 -40.42 40.79 23.18
N ALA D 362 -39.88 40.07 22.19
CA ALA D 362 -40.63 39.09 21.44
C ALA D 362 -41.21 38.04 22.38
N PRO D 363 -42.29 37.37 21.97
CA PRO D 363 -42.92 36.39 22.86
C PRO D 363 -41.94 35.30 23.29
N GLU D 364 -42.18 34.77 24.49
CA GLU D 364 -41.31 33.75 25.05
C GLU D 364 -41.21 32.51 24.15
N ILE D 365 -42.19 32.30 23.28
CA ILE D 365 -42.13 31.14 22.39
C ILE D 365 -41.08 31.33 21.31
N ILE D 366 -40.86 32.56 20.87
CA ILE D 366 -39.80 32.80 19.88
C ILE D 366 -38.44 32.80 20.55
N VAL D 367 -38.33 33.43 21.73
CA VAL D 367 -37.04 33.54 22.40
C VAL D 367 -36.55 32.17 22.86
N ASN D 368 -37.44 31.38 23.47
CA ASN D 368 -37.05 30.06 23.95
C ASN D 368 -36.71 29.14 22.78
N ASN D 369 -37.50 29.18 21.71
CA ASN D 369 -37.18 28.36 20.54
C ASN D 369 -35.91 28.85 19.86
N GLU D 370 -35.57 30.13 20.01
CA GLU D 370 -34.30 30.66 19.50
C GLU D 370 -33.14 30.24 20.39
N LYS D 371 -33.32 30.31 21.71
CA LYS D 371 -32.27 29.87 22.63
C LYS D 371 -31.92 28.41 22.43
N ARG D 372 -32.91 27.59 22.04
CA ARG D 372 -32.63 26.18 21.79
C ARG D 372 -31.72 26.01 20.58
N MET D 373 -31.95 26.78 19.52
CA MET D 373 -31.10 26.67 18.33
C MET D 373 -29.68 27.12 18.60
N LEU D 374 -29.50 28.12 19.47
CA LEU D 374 -28.14 28.52 19.86
C LEU D 374 -27.43 27.40 20.60
N GLN D 375 -28.18 26.58 21.34
CA GLN D 375 -27.58 25.42 21.99
C GLN D 375 -27.10 24.40 20.97
N GLU D 376 -27.95 24.08 19.99
CA GLU D 376 -27.57 23.11 18.96
C GLU D 376 -26.43 23.61 18.09
N SER D 377 -26.30 24.94 17.96
CA SER D 377 -25.20 25.49 17.15
C SER D 377 -23.87 25.32 17.86
N VAL D 378 -23.80 25.72 19.14
CA VAL D 378 -22.59 25.51 19.92
C VAL D 378 -22.28 24.02 20.05
N ASP D 379 -23.31 23.19 20.12
CA ASP D 379 -23.10 21.75 20.12
C ASP D 379 -22.51 21.28 18.78
N ALA D 380 -22.88 21.93 17.68
CA ALA D 380 -22.33 21.55 16.39
C ALA D 380 -20.90 22.06 16.22
N LEU D 381 -20.60 23.24 16.78
CA LEU D 381 -19.25 23.78 16.69
C LEU D 381 -18.26 22.93 17.47
N PHE D 382 -18.68 22.39 18.62
CA PHE D 382 -17.79 21.62 19.48
C PHE D 382 -17.72 20.15 19.11
N ASP D 383 -18.86 19.56 18.73
CA ASP D 383 -18.91 18.15 18.37
C ASP D 383 -20.15 17.86 17.53
N ASN D 384 -20.12 18.27 16.27
CA ASN D 384 -21.28 18.10 15.39
C ASN D 384 -21.55 16.62 15.16
N GLY D 385 -22.83 16.23 15.29
CA GLY D 385 -23.23 14.85 15.14
C GLY D 385 -23.34 14.07 16.42
N ARG D 386 -22.80 14.59 17.52
CA ARG D 386 -22.89 13.89 18.81
C ARG D 386 -24.34 13.67 19.22
N ARG D 387 -25.16 14.72 19.11
CA ARG D 387 -26.59 14.62 19.40
C ARG D 387 -27.37 14.82 18.12
N GLY D 388 -28.25 13.87 17.82
CA GLY D 388 -29.09 13.99 16.65
C GLY D 388 -28.30 13.87 15.34
N ARG D 389 -28.95 14.31 14.26
CA ARG D 389 -28.32 14.25 12.95
C ARG D 389 -27.36 15.42 12.77
N PRO D 390 -26.19 15.18 12.18
CA PRO D 390 -25.19 16.24 12.06
C PRO D 390 -25.62 17.34 11.11
N VAL D 391 -25.02 18.51 11.28
CA VAL D 391 -25.28 19.65 10.40
C VAL D 391 -24.67 19.34 9.04
N THR D 392 -25.51 19.13 8.04
CA THR D 392 -25.03 18.81 6.70
C THR D 392 -24.65 20.08 5.95
N GLY D 393 -23.56 20.00 5.20
CA GLY D 393 -23.19 21.06 4.30
C GLY D 393 -23.84 20.87 2.95
N PRO D 394 -23.25 21.47 1.91
CA PRO D 394 -23.74 21.21 0.54
C PRO D 394 -23.41 19.79 0.12
N GLY D 395 -24.45 19.04 -0.25
CA GLY D 395 -24.26 17.67 -0.67
C GLY D 395 -24.42 16.63 0.42
N ASN D 396 -25.17 16.95 1.48
CA ASN D 396 -25.40 16.02 2.59
C ASN D 396 -24.11 15.55 3.24
N ARG D 397 -23.09 16.42 3.26
CA ARG D 397 -21.83 16.06 3.91
C ARG D 397 -21.79 16.63 5.30
N PRO D 398 -21.48 15.83 6.33
CA PRO D 398 -21.42 16.36 7.70
C PRO D 398 -20.21 17.28 7.86
N LEU D 399 -20.46 18.44 8.47
CA LEU D 399 -19.38 19.39 8.71
C LEU D 399 -18.47 18.89 9.83
N LYS D 400 -17.18 19.19 9.71
CA LYS D 400 -16.19 18.77 10.68
C LYS D 400 -16.13 19.78 11.83
N SER D 401 -16.29 19.29 13.06
CA SER D 401 -16.32 20.14 14.23
C SER D 401 -14.92 20.37 14.76
N LEU D 402 -14.83 21.12 15.87
CA LEU D 402 -13.54 21.34 16.51
C LEU D 402 -12.97 20.04 17.06
N SER D 403 -13.82 19.20 17.65
CA SER D 403 -13.35 17.92 18.17
C SER D 403 -12.99 16.96 17.04
N ASP D 404 -13.50 17.17 15.83
CA ASP D 404 -13.12 16.34 14.70
C ASP D 404 -11.65 16.52 14.32
N LEU D 405 -11.03 17.63 14.75
CA LEU D 405 -9.61 17.84 14.47
C LEU D 405 -8.71 16.98 15.35
N LEU D 406 -9.27 16.24 16.31
CA LEU D 406 -8.49 15.45 17.25
C LEU D 406 -8.80 13.97 17.19
N LYS D 407 -9.81 13.54 16.44
CA LYS D 407 -10.32 12.18 16.51
C LYS D 407 -9.77 11.32 15.38
N GLY D 408 -9.37 10.10 15.71
CA GLY D 408 -9.09 9.08 14.73
C GLY D 408 -7.75 9.19 14.04
N LYS D 409 -7.63 8.40 12.97
CA LYS D 409 -6.40 8.39 12.17
C LYS D 409 -6.15 9.74 11.52
N GLN D 410 -7.21 10.46 11.17
CA GLN D 410 -7.11 11.77 10.55
C GLN D 410 -7.01 12.90 11.56
N GLY D 411 -7.12 12.60 12.85
CA GLY D 411 -7.02 13.63 13.87
C GLY D 411 -5.62 14.17 14.02
N ARG D 412 -5.51 15.22 14.84
CA ARG D 412 -4.22 15.90 15.00
C ARG D 412 -3.16 14.99 15.61
N PHE D 413 -3.57 14.12 16.53
CA PHE D 413 -2.58 13.31 17.26
C PHE D 413 -1.93 12.27 16.35
N ARG D 414 -2.73 11.42 15.71
CA ARG D 414 -2.17 10.34 14.91
C ARG D 414 -1.63 10.81 13.57
N GLN D 415 -2.25 11.84 12.98
CA GLN D 415 -1.86 12.29 11.65
C GLN D 415 -0.71 13.28 11.67
N ASN D 416 -0.57 14.07 12.72
CA ASN D 416 0.43 15.14 12.73
C ASN D 416 1.36 15.15 13.94
N LEU D 417 1.14 14.29 14.94
CA LEU D 417 1.98 14.27 16.12
C LEU D 417 2.69 12.95 16.34
N LEU D 418 1.99 11.82 16.18
CA LEU D 418 2.65 10.52 16.26
C LEU D 418 3.43 10.22 14.98
N GLY D 419 3.00 10.76 13.85
CA GLY D 419 3.70 10.62 12.60
C GLY D 419 3.67 11.88 11.78
N LYS D 420 4.81 12.28 11.22
CA LYS D 420 4.92 13.50 10.43
C LYS D 420 5.60 13.19 9.11
N ARG D 421 5.60 14.19 8.23
CA ARG D 421 6.43 14.15 7.04
C ARG D 421 7.75 14.86 7.33
N VAL D 422 8.84 14.32 6.79
CA VAL D 422 10.18 14.74 7.18
C VAL D 422 10.94 15.24 5.96
N ASP D 423 11.86 16.17 6.21
CA ASP D 423 12.77 16.65 5.18
C ASP D 423 13.96 15.68 5.04
N TYR D 424 14.75 15.92 4.00
CA TYR D 424 15.92 15.08 3.69
C TYR D 424 15.51 13.62 3.57
N SER D 425 14.47 13.37 2.78
CA SER D 425 13.92 12.04 2.59
C SER D 425 13.65 11.80 1.12
N GLY D 426 13.69 10.52 0.73
CA GLY D 426 13.49 10.13 -0.66
C GLY D 426 12.70 8.86 -0.77
N ARG D 427 12.40 8.48 -2.01
CA ARG D 427 11.60 7.29 -2.30
C ARG D 427 11.88 6.83 -3.72
N SER D 428 12.01 5.52 -3.91
CA SER D 428 12.26 4.94 -5.23
C SER D 428 12.04 3.44 -5.14
N VAL D 429 12.00 2.80 -6.31
CA VAL D 429 11.90 1.35 -6.38
C VAL D 429 13.21 0.73 -5.91
N ILE D 430 13.11 -0.46 -5.30
CA ILE D 430 14.27 -1.18 -4.80
C ILE D 430 14.64 -2.28 -5.77
N VAL D 431 15.94 -2.48 -5.95
CA VAL D 431 16.48 -3.46 -6.89
C VAL D 431 17.62 -4.20 -6.20
N VAL D 432 17.65 -5.53 -6.36
CA VAL D 432 18.66 -6.34 -5.67
C VAL D 432 20.04 -6.03 -6.21
N GLY D 433 21.01 -5.95 -5.30
CA GLY D 433 22.39 -5.75 -5.67
C GLY D 433 23.30 -6.74 -4.95
N PRO D 434 23.63 -7.84 -5.63
CA PRO D 434 24.38 -8.91 -4.96
C PRO D 434 25.79 -8.52 -4.57
N GLN D 435 26.44 -7.65 -5.34
CA GLN D 435 27.83 -7.29 -5.07
C GLN D 435 27.99 -6.46 -3.79
N LEU D 436 26.90 -5.86 -3.30
CA LEU D 436 26.99 -5.00 -2.13
C LEU D 436 27.35 -5.81 -0.89
N LYS D 437 28.08 -5.17 0.01
CA LYS D 437 28.33 -5.77 1.31
C LYS D 437 27.14 -5.52 2.23
N LEU D 438 27.10 -6.26 3.34
CA LEU D 438 25.93 -6.24 4.20
C LEU D 438 25.66 -4.85 4.78
N HIS D 439 26.69 -4.01 4.90
CA HIS D 439 26.55 -2.68 5.44
C HIS D 439 26.37 -1.62 4.37
N GLN D 440 26.22 -2.01 3.11
CA GLN D 440 26.18 -1.07 1.99
C GLN D 440 24.83 -1.13 1.29
N CYS D 441 24.35 0.04 0.86
CA CYS D 441 23.19 0.13 -0.02
C CYS D 441 23.51 1.15 -1.11
N GLY D 442 22.90 0.96 -2.27
CA GLY D 442 23.16 1.85 -3.39
C GLY D 442 21.99 2.76 -3.70
N LEU D 443 22.19 4.07 -3.55
CA LEU D 443 21.16 5.02 -3.91
C LEU D 443 21.54 5.75 -5.20
N PRO D 444 20.57 6.10 -6.04
CA PRO D 444 20.89 6.76 -7.31
C PRO D 444 21.60 8.09 -7.08
N LYS D 445 22.47 8.43 -8.03
CA LYS D 445 23.23 9.68 -7.93
C LYS D 445 22.30 10.89 -7.84
N LEU D 446 21.22 10.89 -8.61
CA LEU D 446 20.29 12.02 -8.58
C LEU D 446 19.57 12.10 -7.24
N MET D 447 19.43 10.98 -6.54
CA MET D 447 18.82 10.99 -5.22
C MET D 447 19.74 11.65 -4.20
N ALA D 448 21.01 11.25 -4.20
CA ALA D 448 21.94 11.76 -3.19
C ALA D 448 22.19 13.26 -3.37
N LEU D 449 22.22 13.73 -4.61
CA LEU D 449 22.51 15.15 -4.86
C LEU D 449 21.45 16.04 -4.20
N GLU D 450 20.18 15.67 -4.33
CA GLU D 450 19.13 16.42 -3.65
C GLU D 450 19.09 16.12 -2.16
N LEU D 451 19.39 14.88 -1.76
CA LEU D 451 19.39 14.55 -0.34
C LEU D 451 20.51 15.26 0.40
N PHE D 452 21.70 15.31 -0.19
CA PHE D 452 22.85 15.99 0.39
C PHE D 452 23.07 17.39 -0.18
N LYS D 453 22.00 18.02 -0.68
CA LYS D 453 22.13 19.30 -1.37
C LYS D 453 22.85 20.37 -0.54
N PRO D 454 22.47 20.65 0.71
CA PRO D 454 23.21 21.68 1.46
C PRO D 454 24.65 21.28 1.76
N PHE D 455 24.93 19.99 1.89
CA PHE D 455 26.31 19.56 2.14
C PHE D 455 27.16 19.71 0.87
N VAL D 456 26.57 19.47 -0.30
CA VAL D 456 27.30 19.67 -1.55
C VAL D 456 27.53 21.16 -1.81
N MET D 457 26.53 22.00 -1.52
CA MET D 457 26.70 23.44 -1.69
C MET D 457 27.82 23.97 -0.80
N LYS D 458 28.00 23.37 0.38
CA LYS D 458 29.10 23.78 1.26
C LYS D 458 30.44 23.46 0.63
N ARG D 459 30.58 22.26 0.07
CA ARG D 459 31.87 21.86 -0.50
C ARG D 459 32.12 22.50 -1.85
N LEU D 460 31.07 22.84 -2.60
CA LEU D 460 31.26 23.53 -3.87
C LEU D 460 31.88 24.90 -3.67
N VAL D 461 31.59 25.55 -2.54
CA VAL D 461 32.19 26.86 -2.26
C VAL D 461 33.52 26.74 -1.53
N ASP D 462 33.81 25.60 -0.92
CA ASP D 462 35.11 25.40 -0.28
C ASP D 462 36.21 25.16 -1.31
N LEU D 463 35.98 24.21 -2.23
CA LEU D 463 36.94 23.89 -3.27
C LEU D 463 36.97 24.92 -4.39
N ASN D 464 36.27 26.04 -4.23
CA ASN D 464 36.25 27.14 -5.19
C ASN D 464 35.73 26.71 -6.56
N HIS D 465 34.83 25.73 -6.59
CA HIS D 465 34.05 25.48 -7.79
C HIS D 465 32.95 26.53 -7.95
N ALA D 466 32.51 27.12 -6.86
CA ALA D 466 31.52 28.18 -6.86
C ALA D 466 32.05 29.37 -6.09
N GLN D 467 31.65 30.57 -6.51
CA GLN D 467 32.12 31.79 -5.87
C GLN D 467 31.51 31.94 -4.47
N ASN D 468 30.18 32.01 -4.39
CA ASN D 468 29.48 32.13 -3.14
C ASN D 468 28.51 30.96 -2.96
N ILE D 469 27.90 30.90 -1.77
CA ILE D 469 26.93 29.86 -1.49
C ILE D 469 25.65 30.07 -2.29
N LYS D 470 25.37 31.31 -2.70
CA LYS D 470 24.18 31.58 -3.51
C LYS D 470 24.30 30.92 -4.88
N SER D 471 25.46 31.07 -5.54
CA SER D 471 25.68 30.42 -6.82
C SER D 471 25.89 28.92 -6.66
N ALA D 472 26.36 28.49 -5.48
CA ALA D 472 26.53 27.06 -5.24
C ALA D 472 25.21 26.32 -5.29
N LYS D 473 24.11 26.99 -4.89
CA LYS D 473 22.80 26.36 -5.00
C LYS D 473 22.36 26.23 -6.45
N ARG D 474 22.62 27.26 -7.26
CA ARG D 474 22.24 27.21 -8.66
C ARG D 474 23.01 26.13 -9.41
N MET D 475 24.23 25.81 -8.95
CA MET D 475 25.01 24.76 -9.60
C MET D 475 24.38 23.39 -9.37
N VAL D 476 23.85 23.14 -8.17
CA VAL D 476 23.24 21.85 -7.87
C VAL D 476 21.92 21.71 -8.62
N GLU D 477 21.13 22.78 -8.69
CA GLU D 477 19.87 22.72 -9.42
C GLU D 477 20.09 22.50 -10.90
N ARG D 478 21.16 23.07 -11.44
CA ARG D 478 21.50 22.91 -12.85
C ARG D 478 22.35 21.68 -13.12
N GLN D 479 22.85 21.02 -12.08
CA GLN D 479 23.63 19.79 -12.20
C GLN D 479 24.89 20.01 -13.04
N ARG D 480 25.68 21.00 -12.63
CA ARG D 480 26.95 21.23 -13.28
C ARG D 480 27.90 20.06 -13.02
N PRO D 481 28.74 19.70 -14.00
CA PRO D 481 29.51 18.45 -13.89
C PRO D 481 30.45 18.39 -12.69
N GLN D 482 30.71 19.51 -12.01
CA GLN D 482 31.60 19.47 -10.86
C GLN D 482 30.95 18.81 -9.65
N VAL D 483 29.62 18.76 -9.59
CA VAL D 483 28.95 18.30 -8.38
C VAL D 483 29.12 16.80 -8.17
N TRP D 484 29.23 16.03 -9.26
CA TRP D 484 29.31 14.58 -9.13
C TRP D 484 30.64 14.13 -8.52
N ASP D 485 31.71 14.87 -8.78
CA ASP D 485 32.97 14.62 -8.09
C ASP D 485 32.90 15.08 -6.64
N VAL D 486 32.17 16.16 -6.37
CA VAL D 486 32.03 16.66 -5.02
C VAL D 486 31.09 15.80 -4.20
N LEU D 487 30.00 15.34 -4.83
CA LEU D 487 29.01 14.52 -4.12
C LEU D 487 29.61 13.23 -3.58
N GLU D 488 30.63 12.70 -4.26
CA GLU D 488 31.25 11.47 -3.78
C GLU D 488 32.01 11.70 -2.47
N GLU D 489 32.66 12.85 -2.34
CA GLU D 489 33.36 13.17 -1.10
C GLU D 489 32.40 13.38 0.07
N VAL D 490 31.17 13.79 -0.23
CA VAL D 490 30.24 14.19 0.83
C VAL D 490 29.62 12.98 1.50
N ILE D 491 29.13 12.02 0.71
CA ILE D 491 28.38 10.89 1.24
C ILE D 491 29.32 9.85 1.82
N ALA D 492 30.60 10.16 1.88
CA ALA D 492 31.60 9.21 2.38
C ALA D 492 31.35 8.89 3.85
N GLU D 493 31.03 7.63 4.13
CA GLU D 493 30.84 7.14 5.49
C GLU D 493 29.74 7.91 6.22
N HIS D 494 28.81 8.48 5.46
CA HIS D 494 27.67 9.18 6.04
C HIS D 494 26.45 8.27 5.94
N PRO D 495 26.03 7.62 7.02
CA PRO D 495 24.99 6.60 6.91
C PRO D 495 23.63 7.18 6.55
N VAL D 496 22.81 6.32 5.94
CA VAL D 496 21.44 6.66 5.58
C VAL D 496 20.53 5.56 6.12
N LEU D 497 19.24 5.90 6.25
CA LEU D 497 18.25 5.00 6.82
C LEU D 497 17.31 4.53 5.71
N LEU D 498 17.19 3.22 5.55
CA LEU D 498 16.25 2.61 4.61
C LEU D 498 15.04 2.07 5.34
N ASN D 499 13.85 2.26 4.76
CA ASN D 499 12.60 1.89 5.40
C ASN D 499 11.64 1.34 4.36
N ARG D 500 10.97 0.25 4.69
CA ARG D 500 9.90 -0.31 3.88
C ARG D 500 8.67 -0.51 4.75
N ALA D 501 7.61 0.23 4.45
CA ALA D 501 6.34 -0.01 5.13
C ALA D 501 5.71 -1.30 4.63
N PRO D 502 5.01 -2.04 5.51
CA PRO D 502 4.76 -1.73 6.92
C PRO D 502 5.94 -2.01 7.84
N THR D 503 6.31 -1.02 8.66
CA THR D 503 7.37 -1.17 9.65
C THR D 503 6.84 -2.01 10.80
N LEU D 504 6.90 -3.34 10.62
CA LEU D 504 6.31 -4.24 11.60
C LEU D 504 7.17 -4.33 12.86
N HIS D 505 8.44 -4.70 12.71
CA HIS D 505 9.38 -4.72 13.82
C HIS D 505 10.49 -3.70 13.55
N ARG D 506 11.42 -3.58 14.52
CA ARG D 506 12.41 -2.52 14.46
C ARG D 506 13.38 -2.71 13.30
N LEU D 507 13.57 -3.93 12.81
CA LEU D 507 14.41 -4.15 11.64
C LEU D 507 13.74 -3.71 10.34
N GLY D 508 12.51 -3.17 10.42
CA GLY D 508 11.90 -2.53 9.27
C GLY D 508 12.57 -1.25 8.85
N ILE D 509 13.47 -0.71 9.67
CA ILE D 509 14.31 0.43 9.33
C ILE D 509 15.73 0.08 9.73
N GLN D 510 16.65 0.14 8.76
CA GLN D 510 18.05 -0.18 9.02
C GLN D 510 18.94 0.85 8.35
N ALA D 511 20.13 1.04 8.92
CA ALA D 511 21.09 2.00 8.42
C ALA D 511 22.11 1.30 7.52
N PHE D 512 22.50 1.98 6.45
CA PHE D 512 23.46 1.46 5.50
C PHE D 512 24.48 2.53 5.14
N GLU D 513 25.58 2.11 4.53
CA GLU D 513 26.54 3.04 3.98
C GLU D 513 26.22 3.27 2.51
N PRO D 514 25.96 4.51 2.08
CA PRO D 514 25.53 4.74 0.71
C PRO D 514 26.69 4.68 -0.28
N MET D 515 26.41 4.13 -1.46
CA MET D 515 27.38 4.04 -2.54
C MET D 515 26.72 4.56 -3.81
N LEU D 516 27.30 5.60 -4.41
CA LEU D 516 26.70 6.23 -5.58
C LEU D 516 26.65 5.26 -6.76
N VAL D 517 25.45 4.92 -7.20
CA VAL D 517 25.24 4.04 -8.35
C VAL D 517 24.41 4.79 -9.38
N GLU D 518 24.61 4.44 -10.64
CA GLU D 518 23.82 5.02 -11.73
C GLU D 518 22.40 4.47 -11.66
N GLY D 519 21.58 4.83 -12.65
CA GLY D 519 20.20 4.41 -12.66
C GLY D 519 19.35 5.24 -11.70
N LYS D 520 18.12 4.77 -11.52
CA LYS D 520 17.16 5.47 -10.66
C LYS D 520 16.55 4.54 -9.62
N ALA D 521 17.15 3.37 -9.37
CA ALA D 521 16.64 2.41 -8.41
C ALA D 521 17.58 2.29 -7.22
N ILE D 522 17.00 1.96 -6.07
CA ILE D 522 17.78 1.73 -4.86
C ILE D 522 18.27 0.29 -4.87
N GLN D 523 19.56 0.10 -4.60
CA GLN D 523 20.16 -1.22 -4.56
C GLN D 523 20.20 -1.71 -3.12
N LEU D 524 19.49 -2.80 -2.85
CA LEU D 524 19.33 -3.35 -1.51
C LEU D 524 20.10 -4.67 -1.39
N HIS D 525 20.66 -4.91 -0.21
CA HIS D 525 21.41 -6.14 0.00
C HIS D 525 20.45 -7.33 0.05
N PRO D 526 20.83 -8.47 -0.54
CA PRO D 526 19.90 -9.62 -0.59
C PRO D 526 19.65 -10.27 0.76
N LEU D 527 20.46 -10.00 1.78
CA LEU D 527 20.30 -10.67 3.06
C LEU D 527 19.33 -9.96 3.99
N VAL D 528 19.13 -8.64 3.82
CA VAL D 528 18.23 -7.89 4.67
C VAL D 528 16.82 -7.94 4.09
N CYS D 529 16.64 -8.72 3.03
CA CYS D 529 15.32 -8.84 2.43
C CYS D 529 14.33 -9.53 3.36
N GLU D 530 14.81 -10.42 4.23
CA GLU D 530 13.92 -11.09 5.17
C GLU D 530 13.42 -10.13 6.24
N ALA D 531 14.28 -9.22 6.70
CA ALA D 531 13.88 -8.29 7.74
C ALA D 531 12.82 -7.30 7.23
N PHE D 532 12.99 -6.81 6.01
CA PHE D 532 12.01 -5.89 5.44
C PHE D 532 10.79 -6.59 4.85
N ASN D 533 10.82 -7.92 4.74
CA ASN D 533 9.77 -8.68 4.06
C ASN D 533 9.56 -8.14 2.65
N ALA D 534 10.66 -7.87 1.97
CA ALA D 534 10.66 -7.18 0.68
C ALA D 534 10.99 -8.16 -0.43
N ASP D 535 10.05 -8.32 -1.36
CA ASP D 535 10.33 -8.95 -2.64
C ASP D 535 10.55 -7.86 -3.69
N PHE D 536 11.03 -8.27 -4.86
CA PHE D 536 11.37 -7.31 -5.89
C PHE D 536 10.39 -7.36 -7.06
N ASP D 537 9.12 -7.10 -6.78
CA ASP D 537 8.06 -7.05 -7.78
C ASP D 537 7.41 -5.68 -7.84
N GLY D 538 8.17 -4.63 -7.52
CA GLY D 538 7.68 -3.29 -7.55
C GLY D 538 7.63 -2.56 -6.21
N ASP D 539 8.34 -3.05 -5.19
CA ASP D 539 8.32 -2.40 -3.89
C ASP D 539 9.14 -1.12 -3.92
N GLN D 540 8.78 -0.19 -3.04
CA GLN D 540 9.48 1.08 -2.89
C GLN D 540 9.90 1.25 -1.43
N MET D 541 11.09 1.81 -1.24
CA MET D 541 11.60 2.12 0.09
C MET D 541 11.91 3.60 0.21
N ALA D 542 11.93 4.07 1.46
CA ALA D 542 12.23 5.45 1.78
C ALA D 542 13.61 5.57 2.37
N VAL D 543 14.28 6.68 2.08
CA VAL D 543 15.61 6.97 2.59
C VAL D 543 15.52 8.21 3.46
N HIS D 544 16.10 8.14 4.65
CA HIS D 544 16.12 9.26 5.59
C HIS D 544 17.57 9.59 5.94
N LEU D 545 17.93 10.86 5.83
CA LEU D 545 19.30 11.29 6.05
C LEU D 545 19.46 11.87 7.44
N PRO D 546 20.16 11.19 8.35
CA PRO D 546 20.43 11.80 9.67
C PRO D 546 21.45 12.92 9.54
N LEU D 547 21.21 14.01 10.26
CA LEU D 547 22.02 15.21 10.16
C LEU D 547 22.96 15.40 11.35
N SER D 548 22.42 15.35 12.57
CA SER D 548 23.22 15.63 13.75
C SER D 548 24.26 14.55 13.98
N ALA D 549 25.27 14.89 14.79
CA ALA D 549 26.31 13.93 15.13
C ALA D 549 25.75 12.77 15.93
N GLU D 550 24.76 13.03 16.78
CA GLU D 550 24.13 11.96 17.54
C GLU D 550 23.31 11.06 16.63
N ALA D 551 22.64 11.63 15.63
CA ALA D 551 21.80 10.84 14.75
C ALA D 551 22.63 9.89 13.89
N GLN D 552 23.76 10.37 13.37
CA GLN D 552 24.65 9.50 12.61
C GLN D 552 25.28 8.43 13.49
N ALA D 553 25.56 8.76 14.76
CA ALA D 553 26.14 7.77 15.68
C ALA D 553 25.12 6.69 16.01
N GLU D 554 23.84 7.07 16.14
CA GLU D 554 22.81 6.07 16.36
C GLU D 554 22.62 5.18 15.15
N ALA D 555 22.73 5.75 13.94
CA ALA D 555 22.65 4.94 12.73
C ALA D 555 23.91 4.09 12.55
N ARG D 556 25.06 4.59 13.01
CA ARG D 556 26.32 3.87 12.78
C ARG D 556 26.45 2.67 13.70
N ILE D 557 25.89 2.75 14.90
CA ILE D 557 26.11 1.76 15.94
C ILE D 557 24.84 0.98 16.26
N LEU D 558 23.72 1.68 16.43
CA LEU D 558 22.48 1.05 16.86
C LEU D 558 21.67 0.47 15.71
N MET D 559 21.68 1.11 14.55
CA MET D 559 20.78 0.75 13.46
C MET D 559 21.50 0.19 12.23
N LEU D 560 22.81 0.01 12.29
CA LEU D 560 23.54 -0.54 11.15
C LEU D 560 23.10 -1.96 10.88
N SER D 561 23.00 -2.32 9.60
CA SER D 561 22.48 -3.63 9.22
C SER D 561 23.40 -4.75 9.72
N SER D 562 24.71 -4.55 9.63
CA SER D 562 25.66 -5.59 10.03
C SER D 562 25.65 -5.83 11.54
N ASN D 563 25.10 -4.91 12.32
CA ASN D 563 25.00 -5.08 13.76
C ASN D 563 23.66 -5.67 14.21
N ASN D 564 22.78 -6.00 13.26
CA ASN D 564 21.46 -6.54 13.56
C ASN D 564 21.20 -7.78 12.69
N ILE D 565 21.99 -8.82 12.93
CA ILE D 565 21.83 -10.06 12.16
C ILE D 565 20.72 -10.92 12.74
N LEU D 566 20.56 -10.92 14.06
CA LEU D 566 19.61 -11.77 14.73
C LEU D 566 18.27 -11.08 14.88
N SER D 567 17.21 -11.88 14.88
CA SER D 567 15.87 -11.37 15.13
C SER D 567 15.71 -11.03 16.60
N PRO D 568 15.34 -9.79 16.95
CA PRO D 568 15.11 -9.47 18.37
C PRO D 568 13.97 -10.25 19.00
N ALA D 569 13.14 -10.90 18.19
CA ALA D 569 11.99 -11.63 18.71
C ALA D 569 12.37 -13.04 19.17
N SER D 570 13.28 -13.70 18.44
CA SER D 570 13.59 -15.09 18.70
C SER D 570 15.07 -15.38 18.83
N GLY D 571 15.96 -14.47 18.47
CA GLY D 571 17.39 -14.70 18.58
C GLY D 571 17.99 -15.52 17.44
N ARG D 572 17.17 -16.04 16.53
CA ARG D 572 17.68 -16.77 15.37
C ARG D 572 17.99 -15.79 14.23
N PRO D 573 18.98 -16.11 13.39
CA PRO D 573 19.42 -15.17 12.37
C PRO D 573 18.35 -14.89 11.33
N LEU D 574 18.43 -13.71 10.74
CA LEU D 574 17.57 -13.32 9.62
C LEU D 574 18.35 -13.02 8.36
N ALA D 575 19.53 -12.39 8.48
CA ALA D 575 20.39 -12.15 7.33
C ALA D 575 21.25 -13.40 7.11
N MET D 576 20.65 -14.37 6.42
CA MET D 576 21.28 -15.64 6.12
C MET D 576 20.86 -16.07 4.72
N PRO D 577 21.57 -17.01 4.11
CA PRO D 577 21.13 -17.56 2.82
C PRO D 577 19.69 -18.06 2.89
N ARG D 578 18.87 -17.60 1.95
CA ARG D 578 17.44 -17.84 2.07
C ARG D 578 16.80 -18.43 0.82
N LEU D 579 17.19 -18.00 -0.37
CA LEU D 579 16.57 -18.50 -1.59
C LEU D 579 17.59 -19.08 -2.56
N ASP D 580 18.11 -18.26 -3.46
CA ASP D 580 19.13 -18.75 -4.38
C ASP D 580 20.40 -19.14 -3.64
N MET D 581 20.70 -18.45 -2.54
CA MET D 581 21.94 -18.71 -1.82
C MET D 581 21.94 -20.09 -1.17
N VAL D 582 20.83 -20.47 -0.54
CA VAL D 582 20.77 -21.77 0.12
C VAL D 582 20.78 -22.90 -0.91
N THR D 583 20.13 -22.67 -2.06
CA THR D 583 20.17 -23.66 -3.13
C THR D 583 21.59 -23.84 -3.67
N GLY D 584 22.30 -22.74 -3.85
CA GLY D 584 23.67 -22.84 -4.34
C GLY D 584 24.60 -23.56 -3.37
N LEU D 585 24.48 -23.27 -2.08
CA LEU D 585 25.29 -23.96 -1.09
C LEU D 585 24.87 -25.41 -0.94
N TYR D 586 23.56 -25.67 -1.03
CA TYR D 586 23.06 -27.04 -0.99
C TYR D 586 23.59 -27.87 -2.15
N TYR D 587 24.00 -27.22 -3.24
CA TYR D 587 24.47 -27.95 -4.41
C TYR D 587 25.84 -28.56 -4.17
N LEU D 588 26.86 -27.73 -3.95
CA LEU D 588 28.22 -28.25 -3.84
C LEU D 588 28.43 -29.12 -2.60
N THR D 589 27.64 -28.92 -1.55
CA THR D 589 27.71 -29.74 -0.35
C THR D 589 26.85 -31.00 -0.44
N THR D 590 26.70 -31.55 -1.64
CA THR D 590 25.94 -32.78 -1.87
C THR D 590 26.90 -33.89 -2.26
N GLU D 591 26.74 -35.05 -1.64
CA GLU D 591 27.58 -36.21 -1.94
C GLU D 591 26.87 -37.05 -3.01
N VAL D 592 27.50 -37.18 -4.17
CA VAL D 592 26.96 -37.90 -5.31
C VAL D 592 27.76 -39.19 -5.48
N PRO D 593 27.12 -40.36 -5.47
CA PRO D 593 27.88 -41.62 -5.59
C PRO D 593 28.63 -41.76 -6.90
N GLY D 594 27.90 -42.08 -7.97
CA GLY D 594 28.53 -42.37 -9.25
C GLY D 594 29.16 -41.18 -9.95
N ASP D 595 29.30 -40.06 -9.23
CA ASP D 595 29.88 -38.86 -9.82
C ASP D 595 31.32 -39.11 -10.24
N THR D 596 31.72 -38.45 -11.32
CA THR D 596 33.04 -38.67 -11.90
C THR D 596 34.14 -38.19 -10.96
N GLY D 597 35.28 -38.89 -11.00
CA GLY D 597 36.40 -38.58 -10.14
C GLY D 597 36.26 -39.08 -8.72
N GLU D 598 35.33 -39.99 -8.46
CA GLU D 598 35.09 -40.47 -7.10
C GLU D 598 36.24 -41.35 -6.63
N TYR D 599 36.26 -41.60 -5.31
CA TYR D 599 37.29 -42.43 -4.73
C TYR D 599 37.05 -43.90 -5.04
N GLN D 600 38.14 -44.61 -5.34
CA GLN D 600 38.09 -46.05 -5.62
C GLN D 600 39.11 -46.74 -4.73
N PRO D 601 38.75 -47.81 -4.03
CA PRO D 601 39.72 -48.52 -3.20
C PRO D 601 40.75 -49.25 -4.05
N ALA D 602 41.95 -49.39 -3.48
CA ALA D 602 43.04 -50.03 -4.20
C ALA D 602 42.72 -51.49 -4.46
N SER D 603 42.60 -51.86 -5.74
CA SER D 603 42.30 -53.22 -6.15
C SER D 603 43.08 -53.55 -7.41
N GLY D 604 43.64 -54.76 -7.46
CA GLY D 604 44.38 -55.18 -8.63
C GLY D 604 45.72 -54.46 -8.74
N ASP D 605 46.08 -54.10 -9.97
CA ASP D 605 47.36 -53.43 -10.22
C ASP D 605 47.30 -51.93 -9.94
N HIS D 606 46.12 -51.32 -9.99
CA HIS D 606 46.16 -49.90 -9.72
C HIS D 606 45.93 -49.63 -8.23
N PRO D 607 46.61 -48.63 -7.66
CA PRO D 607 46.39 -48.30 -6.24
C PRO D 607 45.06 -47.60 -6.00
N GLU D 608 44.98 -46.79 -4.96
CA GLU D 608 43.76 -46.05 -4.67
C GLU D 608 43.56 -44.94 -5.68
N THR D 609 42.36 -44.87 -6.24
CA THR D 609 41.99 -43.84 -7.20
C THR D 609 41.12 -42.79 -6.53
N GLY D 610 41.50 -41.52 -6.68
CA GLY D 610 40.70 -40.44 -6.16
C GLY D 610 41.12 -39.93 -4.80
N VAL D 611 42.43 -39.77 -4.59
CA VAL D 611 42.97 -39.17 -3.38
C VAL D 611 43.93 -38.07 -3.79
N TYR D 612 43.64 -36.84 -3.39
CA TYR D 612 44.37 -35.67 -3.85
C TYR D 612 45.19 -35.07 -2.72
N SER D 613 46.41 -34.63 -3.06
CA SER D 613 47.33 -34.12 -2.05
C SER D 613 46.83 -32.80 -1.48
N SER D 614 46.42 -31.87 -2.34
CA SER D 614 45.98 -30.56 -1.91
C SER D 614 44.59 -30.27 -2.46
N PRO D 615 43.79 -29.47 -1.74
CA PRO D 615 42.54 -28.98 -2.32
C PRO D 615 42.78 -28.17 -3.58
N ALA D 616 43.96 -27.55 -3.71
CA ALA D 616 44.30 -26.87 -4.96
C ALA D 616 44.49 -27.86 -6.11
N GLU D 617 44.93 -29.08 -5.79
CA GLU D 617 45.02 -30.11 -6.83
C GLU D 617 43.64 -30.58 -7.26
N ALA D 618 42.75 -30.80 -6.30
CA ALA D 618 41.38 -31.18 -6.63
C ALA D 618 40.70 -30.12 -7.47
N ILE D 619 41.07 -28.85 -7.28
CA ILE D 619 40.57 -27.79 -8.15
C ILE D 619 41.07 -27.98 -9.57
N MET D 620 42.38 -28.26 -9.72
CA MET D 620 42.93 -28.49 -11.04
C MET D 620 42.34 -29.74 -11.69
N ALA D 621 42.01 -30.75 -10.89
CA ALA D 621 41.37 -31.94 -11.44
C ALA D 621 39.97 -31.62 -11.96
N ALA D 622 39.20 -30.86 -11.18
CA ALA D 622 37.86 -30.47 -11.61
C ALA D 622 37.91 -29.51 -12.80
N ASP D 623 38.98 -28.73 -12.90
CA ASP D 623 39.11 -27.82 -14.04
C ASP D 623 39.28 -28.58 -15.34
N ARG D 624 40.15 -29.61 -15.32
CA ARG D 624 40.37 -30.40 -16.54
C ARG D 624 39.12 -31.19 -16.92
N GLY D 625 38.40 -31.70 -15.94
CA GLY D 625 37.18 -32.44 -16.22
C GLY D 625 37.22 -33.87 -15.70
N VAL D 626 38.16 -34.14 -14.81
CA VAL D 626 38.29 -35.48 -14.23
C VAL D 626 37.47 -35.61 -12.96
N LEU D 627 37.59 -34.65 -12.07
CA LEU D 627 36.92 -34.69 -10.76
C LEU D 627 35.67 -33.83 -10.79
N SER D 628 34.64 -34.30 -10.09
CA SER D 628 33.42 -33.53 -9.90
C SER D 628 33.44 -32.86 -8.54
N VAL D 629 32.90 -31.65 -8.46
CA VAL D 629 32.91 -30.90 -7.21
C VAL D 629 32.08 -31.57 -6.14
N ARG D 630 31.22 -32.52 -6.51
CA ARG D 630 30.30 -33.17 -5.58
C ARG D 630 30.58 -34.66 -5.45
N ALA D 631 31.81 -35.08 -5.70
CA ALA D 631 32.19 -36.50 -5.63
C ALA D 631 32.99 -36.76 -4.36
N LYS D 632 32.72 -37.91 -3.74
CA LYS D 632 33.42 -38.29 -2.51
C LYS D 632 34.86 -38.68 -2.83
N ILE D 633 35.81 -37.97 -2.22
CA ILE D 633 37.24 -38.21 -2.41
C ILE D 633 37.93 -38.08 -1.07
N LYS D 634 39.24 -38.29 -1.08
CA LYS D 634 40.09 -38.11 0.10
C LYS D 634 41.09 -36.99 -0.21
N VAL D 635 41.09 -35.95 0.61
CA VAL D 635 41.93 -34.78 0.41
C VAL D 635 42.70 -34.50 1.69
N ARG D 636 44.01 -34.28 1.55
CA ARG D 636 44.84 -33.85 2.67
C ARG D 636 44.64 -32.35 2.88
N LEU D 637 44.00 -31.98 3.98
CA LEU D 637 43.71 -30.59 4.30
C LEU D 637 44.77 -30.04 5.23
N THR D 638 45.06 -28.75 5.07
CA THR D 638 46.13 -28.11 5.84
C THR D 638 45.74 -26.80 6.49
N GLN D 639 44.60 -26.19 6.14
CA GLN D 639 44.20 -24.92 6.70
C GLN D 639 42.77 -24.93 7.24
N LEU D 640 42.26 -26.10 7.61
CA LEU D 640 40.93 -26.23 8.19
C LEU D 640 41.03 -27.09 9.43
N ARG D 641 40.45 -26.62 10.53
CA ARG D 641 40.46 -27.40 11.76
C ARG D 641 39.58 -28.64 11.57
N PRO D 642 40.08 -29.83 11.87
CA PRO D 642 39.25 -31.03 11.77
C PRO D 642 38.14 -31.00 12.79
N PRO D 643 37.10 -31.82 12.63
CA PRO D 643 36.02 -31.84 13.62
C PRO D 643 36.55 -32.17 15.00
N VAL D 644 35.88 -31.62 16.02
CA VAL D 644 36.26 -31.87 17.41
C VAL D 644 36.22 -33.36 17.73
N GLU D 645 35.47 -34.14 16.94
CA GLU D 645 35.49 -35.59 17.09
C GLU D 645 36.86 -36.16 16.75
N ILE D 646 37.38 -35.80 15.57
CA ILE D 646 38.63 -36.37 15.07
C ILE D 646 39.84 -35.49 15.38
N GLU D 647 39.64 -34.23 15.74
CA GLU D 647 40.76 -33.40 16.20
C GLU D 647 41.37 -33.97 17.47
N ALA D 648 40.56 -34.62 18.31
CA ALA D 648 41.05 -35.16 19.57
C ALA D 648 41.99 -36.33 19.35
N GLU D 649 41.63 -37.25 18.45
CA GLU D 649 42.45 -38.44 18.26
C GLU D 649 43.76 -38.14 17.54
N LEU D 650 43.77 -37.10 16.70
CA LEU D 650 44.99 -36.75 15.99
C LEU D 650 45.91 -35.92 16.88
N PHE D 651 45.39 -34.82 17.43
CA PHE D 651 46.17 -33.97 18.31
C PHE D 651 45.63 -34.06 19.73
N GLY D 652 44.51 -33.41 20.01
CA GLY D 652 43.87 -33.51 21.30
C GLY D 652 44.59 -32.76 22.41
N HIS D 653 45.85 -33.12 22.67
CA HIS D 653 46.62 -32.44 23.70
C HIS D 653 46.77 -30.95 23.38
N SER D 654 47.01 -30.63 22.11
CA SER D 654 47.09 -29.25 21.65
C SER D 654 46.13 -29.08 20.48
N GLY D 655 45.53 -27.90 20.38
CA GLY D 655 44.63 -27.64 19.27
C GLY D 655 45.35 -27.74 17.94
N TRP D 656 44.60 -28.16 16.92
CA TRP D 656 45.14 -28.22 15.57
C TRP D 656 45.72 -26.87 15.17
N GLN D 657 46.82 -26.90 14.43
CA GLN D 657 47.48 -25.65 14.09
C GLN D 657 47.39 -25.38 12.59
N PRO D 658 47.18 -24.12 12.20
CA PRO D 658 47.24 -23.78 10.77
C PRO D 658 48.57 -24.17 10.15
N GLY D 659 48.57 -25.27 9.42
CA GLY D 659 49.79 -25.83 8.87
C GLY D 659 49.86 -27.33 9.07
N ASP D 660 49.17 -27.82 10.10
CA ASP D 660 49.10 -29.25 10.33
C ASP D 660 48.17 -29.90 9.32
N ALA D 661 48.47 -31.14 8.97
CA ALA D 661 47.75 -31.86 7.93
C ALA D 661 46.86 -32.94 8.52
N TRP D 662 45.85 -33.32 7.75
CA TRP D 662 44.91 -34.38 8.12
C TRP D 662 44.09 -34.75 6.89
N MET D 663 43.59 -35.99 6.89
CA MET D 663 42.82 -36.51 5.78
C MET D 663 41.32 -36.39 6.07
N ALA D 664 40.53 -36.24 5.01
CA ALA D 664 39.09 -36.09 5.12
C ALA D 664 38.41 -36.78 3.96
N GLU D 665 37.25 -37.37 4.23
CA GLU D 665 36.44 -38.06 3.21
C GLU D 665 35.23 -37.20 2.87
N THR D 666 35.49 -36.08 2.19
CA THR D 666 34.42 -35.17 1.80
C THR D 666 34.36 -35.06 0.28
N THR D 667 33.64 -34.04 -0.21
CA THR D 667 33.68 -33.65 -1.60
C THR D 667 34.46 -32.35 -1.72
N LEU D 668 34.93 -32.07 -2.94
CA LEU D 668 35.68 -30.83 -3.17
C LEU D 668 34.83 -29.61 -2.84
N GLY D 669 33.52 -29.69 -3.11
CA GLY D 669 32.65 -28.58 -2.79
C GLY D 669 32.50 -28.35 -1.30
N ARG D 670 32.38 -29.45 -0.54
CA ARG D 670 32.28 -29.31 0.91
C ARG D 670 33.53 -28.68 1.51
N VAL D 671 34.69 -28.88 0.87
CA VAL D 671 35.91 -28.20 1.30
C VAL D 671 35.82 -26.71 0.98
N MET D 672 35.30 -26.37 -0.20
CA MET D 672 35.15 -24.97 -0.57
C MET D 672 34.17 -24.25 0.35
N PHE D 673 33.17 -24.98 0.87
CA PHE D 673 32.20 -24.36 1.78
C PHE D 673 32.85 -24.01 3.10
N ASN D 674 33.65 -24.92 3.66
CA ASN D 674 34.29 -24.67 4.94
C ASN D 674 35.34 -23.56 4.86
N GLU D 675 35.88 -23.29 3.67
CA GLU D 675 36.81 -22.17 3.54
C GLU D 675 36.12 -20.84 3.75
N LEU D 676 34.80 -20.78 3.52
CA LEU D 676 34.08 -19.52 3.68
C LEU D 676 33.98 -19.12 5.15
N LEU D 677 33.50 -20.04 6.00
CA LEU D 677 33.44 -19.77 7.43
C LEU D 677 34.84 -19.53 7.98
N PRO D 678 34.94 -18.79 9.09
CA PRO D 678 36.26 -18.29 9.52
C PRO D 678 37.23 -19.40 9.85
N LEU D 679 38.52 -19.03 9.84
CA LEU D 679 39.58 -19.97 10.17
C LEU D 679 39.48 -20.42 11.62
N GLY D 680 39.78 -21.70 11.86
CA GLY D 680 39.67 -22.26 13.18
C GLY D 680 38.31 -22.85 13.51
N TYR D 681 37.36 -22.79 12.58
CA TYR D 681 36.06 -23.38 12.85
C TYR D 681 36.07 -24.87 12.51
N PRO D 682 35.49 -25.70 13.37
CA PRO D 682 35.50 -27.15 13.12
C PRO D 682 34.84 -27.49 11.78
N PHE D 683 35.51 -28.35 11.01
CA PHE D 683 34.99 -28.77 9.72
C PHE D 683 33.66 -29.50 9.89
N VAL D 684 32.71 -29.22 9.01
CA VAL D 684 31.41 -29.85 9.00
C VAL D 684 31.25 -30.57 7.67
N ASN D 685 31.13 -31.90 7.72
CA ASN D 685 30.98 -32.73 6.53
C ASN D 685 29.52 -33.03 6.22
N LYS D 686 28.61 -32.13 6.58
CA LYS D 686 27.19 -32.36 6.36
C LYS D 686 26.75 -31.79 5.01
N GLN D 687 25.48 -32.00 4.69
CA GLN D 687 24.84 -31.42 3.52
C GLN D 687 24.14 -30.14 3.96
N MET D 688 24.48 -29.02 3.31
CA MET D 688 24.06 -27.69 3.78
C MET D 688 22.60 -27.45 3.40
N HIS D 689 21.71 -27.96 4.25
CA HIS D 689 20.32 -27.54 4.24
C HIS D 689 20.20 -26.16 4.89
N LYS D 690 19.06 -25.51 4.70
CA LYS D 690 18.84 -24.23 5.35
C LYS D 690 18.92 -24.36 6.86
N LYS D 691 18.36 -25.44 7.42
CA LYS D 691 18.45 -25.67 8.85
C LYS D 691 19.91 -25.83 9.30
N VAL D 692 20.73 -26.47 8.46
CA VAL D 692 22.14 -26.66 8.82
C VAL D 692 22.87 -25.32 8.80
N GLN D 693 22.63 -24.51 7.77
CA GLN D 693 23.30 -23.22 7.68
C GLN D 693 22.85 -22.28 8.80
N ALA D 694 21.56 -22.36 9.17
CA ALA D 694 21.07 -21.51 10.26
C ALA D 694 21.72 -21.88 11.59
N ALA D 695 21.92 -23.19 11.83
CA ALA D 695 22.56 -23.61 13.06
C ALA D 695 24.01 -23.15 13.12
N ILE D 696 24.69 -23.07 11.97
CA ILE D 696 26.06 -22.59 11.95
C ILE D 696 26.11 -21.11 12.32
N ILE D 697 25.28 -20.30 11.64
CA ILE D 697 25.30 -18.85 11.86
C ILE D 697 24.85 -18.52 13.28
N ASN D 698 23.89 -19.28 13.81
CA ASN D 698 23.49 -19.07 15.20
C ASN D 698 24.64 -19.39 16.15
N ASP D 699 25.40 -20.44 15.86
CA ASP D 699 26.59 -20.75 16.65
C ASP D 699 27.70 -19.73 16.39
N LEU D 700 27.75 -19.15 15.19
CA LEU D 700 28.72 -18.09 14.92
C LEU D 700 28.36 -16.81 15.66
N ALA D 701 27.08 -16.54 15.85
CA ALA D 701 26.68 -15.31 16.55
C ALA D 701 26.92 -15.42 18.05
N GLU D 702 26.88 -16.63 18.61
CA GLU D 702 27.07 -16.81 20.04
C GLU D 702 28.55 -16.73 20.42
N ARG D 703 29.40 -17.45 19.70
CA ARG D 703 30.83 -17.52 20.04
C ARG D 703 31.64 -16.45 19.32
N TYR D 704 31.61 -16.46 18.00
CA TYR D 704 32.43 -15.55 17.22
C TYR D 704 31.87 -14.12 17.30
N PRO D 705 32.73 -13.11 17.15
CA PRO D 705 32.28 -11.72 17.31
C PRO D 705 31.36 -11.25 16.19
N MET D 706 30.87 -10.01 16.30
CA MET D 706 29.87 -9.50 15.36
C MET D 706 30.46 -9.31 13.97
N ILE D 707 31.60 -8.62 13.87
CA ILE D 707 32.16 -8.26 12.57
C ILE D 707 32.51 -9.52 11.77
N VAL D 708 32.87 -10.61 12.46
CA VAL D 708 33.12 -11.86 11.75
C VAL D 708 31.82 -12.43 11.19
N VAL D 709 30.73 -12.35 11.97
CA VAL D 709 29.45 -12.84 11.48
C VAL D 709 28.99 -12.04 10.27
N ALA D 710 29.24 -10.73 10.28
CA ALA D 710 28.84 -9.89 9.15
C ALA D 710 29.63 -10.25 7.90
N GLN D 711 30.94 -10.46 8.02
CA GLN D 711 31.76 -10.80 6.86
C GLN D 711 31.58 -12.25 6.45
N THR D 712 31.27 -13.15 7.39
CA THR D 712 31.09 -14.56 7.05
C THR D 712 29.85 -14.76 6.19
N VAL D 713 28.74 -14.11 6.53
CA VAL D 713 27.52 -14.29 5.79
C VAL D 713 27.56 -13.61 4.43
N ASP D 714 28.42 -12.59 4.26
CA ASP D 714 28.64 -12.04 2.94
C ASP D 714 29.34 -13.04 2.03
N LYS D 715 30.26 -13.83 2.60
CA LYS D 715 30.92 -14.88 1.83
C LYS D 715 29.93 -15.95 1.41
N LEU D 716 29.02 -16.34 2.31
CA LEU D 716 27.99 -17.32 1.96
C LEU D 716 27.07 -16.78 0.87
N LYS D 717 26.82 -15.47 0.88
CA LYS D 717 25.96 -14.87 -0.15
C LYS D 717 26.59 -14.96 -1.52
N ASP D 718 27.85 -14.53 -1.64
CA ASP D 718 28.53 -14.58 -2.94
C ASP D 718 28.69 -16.01 -3.42
N ALA D 719 28.98 -16.94 -2.50
CA ALA D 719 29.18 -18.33 -2.91
C ALA D 719 27.88 -18.99 -3.31
N GLY D 720 26.79 -18.71 -2.57
CA GLY D 720 25.51 -19.31 -2.90
C GLY D 720 24.99 -18.87 -4.26
N PHE D 721 25.19 -17.60 -4.60
CA PHE D 721 24.72 -17.10 -5.88
C PHE D 721 25.52 -17.69 -7.04
N TYR D 722 26.82 -17.91 -6.83
CA TYR D 722 27.66 -18.45 -7.90
C TYR D 722 27.22 -19.85 -8.28
N TRP D 723 27.00 -20.71 -7.28
CA TRP D 723 26.66 -22.10 -7.55
C TRP D 723 25.17 -22.31 -7.79
N ALA D 724 24.33 -21.36 -7.40
CA ALA D 724 22.93 -21.42 -7.82
C ALA D 724 22.80 -21.18 -9.31
N THR D 725 23.69 -20.35 -9.88
CA THR D 725 23.70 -20.14 -11.32
C THR D 725 24.07 -21.42 -12.06
N ARG D 726 24.93 -22.25 -11.47
CA ARG D 726 25.43 -23.45 -12.11
C ARG D 726 24.89 -24.73 -11.49
N SER D 727 23.76 -24.64 -10.78
CA SER D 727 23.13 -25.82 -10.19
C SER D 727 22.08 -26.45 -11.09
N GLY D 728 21.88 -25.93 -12.31
CA GLY D 728 20.93 -26.51 -13.22
C GLY D 728 19.49 -26.45 -12.76
N VAL D 729 19.18 -25.62 -11.77
CA VAL D 729 17.82 -25.51 -11.25
C VAL D 729 16.96 -24.83 -12.32
N THR D 730 16.02 -25.58 -12.89
CA THR D 730 15.21 -25.09 -13.99
C THR D 730 13.85 -25.75 -13.93
N VAL D 731 12.84 -25.06 -14.45
CA VAL D 731 11.47 -25.58 -14.51
C VAL D 731 11.08 -25.72 -15.97
N SER D 732 10.78 -26.95 -16.39
CA SER D 732 10.22 -27.25 -17.69
C SER D 732 9.01 -28.14 -17.51
N MET D 733 8.25 -28.32 -18.59
CA MET D 733 7.08 -29.18 -18.52
C MET D 733 7.48 -30.64 -18.32
N ALA D 734 8.65 -31.04 -18.82
CA ALA D 734 9.10 -32.42 -18.64
C ALA D 734 9.47 -32.70 -17.18
N ASP D 735 9.87 -31.68 -16.42
CA ASP D 735 10.22 -31.86 -15.03
C ASP D 735 9.01 -31.95 -14.10
N VAL D 736 7.82 -31.64 -14.61
CA VAL D 736 6.60 -31.76 -13.81
C VAL D 736 6.05 -33.15 -14.07
N LEU D 737 6.55 -34.13 -13.31
CA LEU D 737 6.12 -35.51 -13.48
C LEU D 737 4.77 -35.73 -12.80
N VAL D 738 3.95 -36.56 -13.42
CA VAL D 738 2.61 -36.86 -12.92
C VAL D 738 2.65 -38.23 -12.24
N PRO D 739 1.82 -38.49 -11.25
CA PRO D 739 1.83 -39.80 -10.57
C PRO D 739 1.57 -40.93 -11.55
N PRO D 740 2.32 -42.03 -11.44
CA PRO D 740 2.11 -43.13 -12.40
C PRO D 740 0.77 -43.82 -12.24
N ARG D 741 0.34 -44.05 -11.00
CA ARG D 741 -0.94 -44.70 -10.72
C ARG D 741 -2.07 -43.70 -10.52
N LYS D 742 -2.02 -42.55 -11.21
CA LYS D 742 -3.01 -41.51 -11.00
C LYS D 742 -4.43 -42.02 -11.27
N LYS D 743 -4.62 -42.75 -12.37
CA LYS D 743 -5.95 -43.27 -12.67
C LYS D 743 -6.36 -44.36 -11.69
N GLU D 744 -5.43 -45.23 -11.30
CA GLU D 744 -5.77 -46.34 -10.42
C GLU D 744 -6.15 -45.86 -9.03
N ILE D 745 -5.47 -44.82 -8.52
CA ILE D 745 -5.69 -44.39 -7.15
C ILE D 745 -7.07 -43.79 -6.98
N LEU D 746 -7.45 -42.88 -7.89
CA LEU D 746 -8.73 -42.17 -7.74
C LEU D 746 -9.92 -43.10 -7.97
N ASP D 747 -9.78 -44.09 -8.85
CA ASP D 747 -10.88 -45.02 -9.10
C ASP D 747 -11.20 -45.85 -7.86
N HIS D 748 -10.20 -46.14 -7.03
CA HIS D 748 -10.44 -46.83 -5.77
C HIS D 748 -11.25 -45.96 -4.83
N TYR D 749 -11.00 -44.65 -4.82
CA TYR D 749 -11.77 -43.75 -3.96
C TYR D 749 -13.08 -43.32 -4.60
N GLU D 750 -13.13 -43.27 -5.94
CA GLU D 750 -14.41 -43.09 -6.61
C GLU D 750 -15.34 -44.26 -6.33
N GLU D 751 -14.78 -45.46 -6.18
CA GLU D 751 -15.57 -46.60 -5.74
C GLU D 751 -16.10 -46.39 -4.33
N ARG D 752 -15.21 -46.01 -3.40
CA ARG D 752 -15.62 -45.77 -2.03
C ARG D 752 -16.57 -44.59 -1.92
N ALA D 753 -16.43 -43.60 -2.80
CA ALA D 753 -17.37 -42.48 -2.80
C ALA D 753 -18.73 -42.90 -3.36
N ASP D 754 -18.73 -43.78 -4.36
CA ASP D 754 -19.97 -44.26 -4.93
C ASP D 754 -20.73 -45.14 -3.95
N LYS D 755 -20.02 -45.84 -3.07
CA LYS D 755 -20.68 -46.67 -2.07
C LYS D 755 -21.24 -45.83 -0.93
N VAL D 756 -20.53 -44.75 -0.55
CA VAL D 756 -21.09 -43.83 0.44
C VAL D 756 -22.23 -43.02 -0.17
N GLU D 757 -22.16 -42.75 -1.48
CA GLU D 757 -23.28 -42.12 -2.15
C GLU D 757 -24.48 -43.05 -2.26
N LYS D 758 -24.24 -44.35 -2.41
CA LYS D 758 -25.34 -45.31 -2.39
C LYS D 758 -25.82 -45.60 -0.97
N GLN D 759 -24.93 -45.48 0.02
CA GLN D 759 -25.36 -45.57 1.41
C GLN D 759 -26.16 -44.35 1.84
N PHE D 760 -26.13 -43.27 1.06
CA PHE D 760 -26.98 -42.12 1.28
C PHE D 760 -28.28 -42.19 0.49
N GLN D 761 -28.31 -43.01 -0.57
CA GLN D 761 -29.53 -43.15 -1.35
C GLN D 761 -30.60 -43.91 -0.57
N ARG D 762 -30.19 -44.90 0.22
CA ARG D 762 -31.13 -45.66 1.04
C ARG D 762 -31.42 -45.00 2.38
N GLY D 763 -30.87 -43.81 2.63
CA GLY D 763 -31.14 -43.09 3.86
C GLY D 763 -30.39 -43.60 5.07
N ALA D 764 -29.42 -44.49 4.89
CA ALA D 764 -28.65 -45.01 6.02
C ALA D 764 -27.65 -44.01 6.57
N LEU D 765 -27.39 -42.92 5.85
CA LEU D 765 -26.45 -41.89 6.29
C LEU D 765 -27.14 -40.54 6.29
N ASN D 766 -26.95 -39.79 7.37
CA ASN D 766 -27.47 -38.42 7.44
C ASN D 766 -26.73 -37.54 6.43
N HIS D 767 -27.44 -36.52 5.93
CA HIS D 767 -26.84 -35.62 4.95
C HIS D 767 -25.63 -34.88 5.54
N ASP D 768 -25.73 -34.48 6.80
CA ASP D 768 -24.59 -33.85 7.47
C ASP D 768 -23.44 -34.82 7.68
N GLU D 769 -23.72 -36.12 7.73
CA GLU D 769 -22.69 -37.14 7.88
C GLU D 769 -22.08 -37.56 6.55
N ARG D 770 -22.86 -37.51 5.46
CA ARG D 770 -22.33 -37.86 4.15
C ARG D 770 -21.18 -36.96 3.75
N ASN D 771 -21.30 -35.66 4.04
CA ASN D 771 -20.20 -34.73 3.76
C ASN D 771 -18.97 -35.07 4.58
N GLU D 772 -19.16 -35.32 5.88
CA GLU D 772 -18.04 -35.70 6.73
C GLU D 772 -17.45 -37.05 6.31
N ALA D 773 -18.29 -37.95 5.78
CA ALA D 773 -17.79 -39.25 5.34
C ALA D 773 -16.98 -39.11 4.05
N LEU D 774 -17.47 -38.32 3.10
CA LEU D 774 -16.75 -38.15 1.84
C LEU D 774 -15.47 -37.34 2.01
N VAL D 775 -15.44 -36.42 2.99
CA VAL D 775 -14.24 -35.61 3.22
C VAL D 775 -13.07 -36.49 3.58
N GLU D 776 -13.28 -37.44 4.50
CA GLU D 776 -12.21 -38.34 4.90
C GLU D 776 -11.85 -39.34 3.81
N ILE D 777 -12.71 -39.51 2.80
CA ILE D 777 -12.36 -40.34 1.66
C ILE D 777 -11.39 -39.61 0.74
N TRP D 778 -11.62 -38.31 0.51
CA TRP D 778 -10.77 -37.54 -0.38
C TRP D 778 -9.56 -36.95 0.32
N LYS D 779 -9.65 -36.66 1.62
CA LYS D 779 -8.46 -36.32 2.38
C LYS D 779 -7.48 -37.49 2.40
N GLU D 780 -8.00 -38.71 2.48
CA GLU D 780 -7.16 -39.90 2.39
C GLU D 780 -6.67 -40.12 0.97
N ALA D 781 -7.43 -39.65 -0.03
CA ALA D 781 -7.03 -39.83 -1.41
C ALA D 781 -5.89 -38.89 -1.80
N THR D 782 -5.95 -37.65 -1.32
CA THR D 782 -4.89 -36.69 -1.64
C THR D 782 -3.56 -37.10 -1.03
N ASP D 783 -3.58 -37.81 0.10
CA ASP D 783 -2.34 -38.30 0.69
C ASP D 783 -1.74 -39.42 -0.15
N GLU D 784 -2.58 -40.30 -0.70
CA GLU D 784 -2.06 -41.39 -1.53
C GLU D 784 -1.52 -40.87 -2.85
N VAL D 785 -2.09 -39.79 -3.38
CA VAL D 785 -1.56 -39.20 -4.60
C VAL D 785 -0.25 -38.45 -4.31
N GLY D 786 -0.19 -37.75 -3.18
CA GLY D 786 1.04 -37.06 -2.82
C GLY D 786 2.18 -38.03 -2.54
N GLN D 787 1.88 -39.17 -1.91
CA GLN D 787 2.89 -40.19 -1.71
C GLN D 787 3.36 -40.79 -3.02
N ALA D 788 2.45 -40.88 -4.01
CA ALA D 788 2.82 -41.39 -5.32
C ALA D 788 3.77 -40.47 -6.07
N LEU D 789 3.88 -39.21 -5.65
CA LEU D 789 4.78 -38.25 -6.29
C LEU D 789 6.18 -38.29 -5.69
N ARG D 790 6.29 -38.38 -4.37
CA ARG D 790 7.61 -38.34 -3.74
C ARG D 790 8.49 -39.48 -4.23
N GLU D 791 7.94 -40.69 -4.33
CA GLU D 791 8.73 -41.84 -4.74
C GLU D 791 8.96 -41.87 -6.25
N HIS D 792 8.01 -41.36 -7.04
CA HIS D 792 8.21 -41.31 -8.48
C HIS D 792 9.18 -40.21 -8.89
N TYR D 793 9.22 -39.11 -8.15
CA TYR D 793 10.12 -38.00 -8.47
C TYR D 793 11.55 -38.37 -8.08
N PRO D 794 12.52 -38.30 -9.00
CA PRO D 794 13.93 -38.44 -8.60
C PRO D 794 14.39 -37.26 -7.76
N ASP D 795 15.62 -37.31 -7.26
CA ASP D 795 16.17 -36.19 -6.51
C ASP D 795 16.97 -35.22 -7.37
N ASP D 796 17.19 -35.56 -8.65
CA ASP D 796 17.78 -34.60 -9.58
C ASP D 796 16.74 -33.61 -10.10
N ASN D 797 15.46 -33.94 -10.00
CA ASN D 797 14.39 -33.06 -10.45
C ASN D 797 14.47 -31.73 -9.71
N PRO D 798 14.54 -30.60 -10.41
CA PRO D 798 14.76 -29.32 -9.72
C PRO D 798 13.60 -28.88 -8.86
N ILE D 799 12.37 -29.31 -9.16
CA ILE D 799 11.23 -28.93 -8.32
C ILE D 799 11.41 -29.50 -6.92
N ILE D 800 11.93 -30.72 -6.81
CA ILE D 800 12.17 -31.32 -5.50
C ILE D 800 13.39 -30.68 -4.86
N THR D 801 14.44 -30.41 -5.64
CA THR D 801 15.66 -29.83 -5.08
C THR D 801 15.40 -28.46 -4.47
N ILE D 802 14.45 -27.70 -5.02
CA ILE D 802 14.14 -26.39 -4.46
C ILE D 802 13.48 -26.54 -3.09
N VAL D 803 12.50 -27.43 -2.98
CA VAL D 803 11.75 -27.57 -1.74
C VAL D 803 12.59 -28.24 -0.66
N ASP D 804 13.27 -29.33 -1.02
CA ASP D 804 13.99 -30.13 -0.05
C ASP D 804 15.31 -29.50 0.40
N SER D 805 15.73 -28.40 -0.21
CA SER D 805 16.93 -27.68 0.21
C SER D 805 16.64 -26.58 1.20
N GLY D 806 15.37 -26.29 1.49
CA GLY D 806 15.02 -25.15 2.29
C GLY D 806 14.93 -23.85 1.53
N ALA D 807 15.05 -23.88 0.21
CA ALA D 807 14.95 -22.68 -0.60
C ALA D 807 13.58 -22.04 -0.46
N THR D 808 12.57 -22.62 -1.11
CA THR D 808 11.23 -22.08 -1.02
C THR D 808 10.23 -23.16 -1.42
N GLY D 809 9.00 -23.01 -0.94
CA GLY D 809 7.90 -23.85 -1.35
C GLY D 809 7.72 -25.07 -0.46
N ASN D 810 6.49 -25.55 -0.40
CA ASN D 810 6.15 -26.80 0.26
C ASN D 810 5.97 -27.88 -0.79
N PHE D 811 5.96 -29.14 -0.32
CA PHE D 811 5.57 -30.22 -1.21
C PHE D 811 4.07 -30.23 -1.46
N THR D 812 3.27 -29.66 -0.54
CA THR D 812 1.85 -29.49 -0.79
C THR D 812 1.62 -28.62 -2.02
N GLN D 813 2.52 -27.67 -2.28
CA GLN D 813 2.47 -26.92 -3.53
C GLN D 813 2.81 -27.80 -4.71
N THR D 814 3.84 -28.65 -4.57
CA THR D 814 4.20 -29.57 -5.64
C THR D 814 3.10 -30.59 -5.88
N ARG D 815 2.44 -31.04 -4.81
CA ARG D 815 1.32 -31.97 -4.97
C ARG D 815 0.17 -31.32 -5.73
N THR D 816 -0.16 -30.07 -5.39
CA THR D 816 -1.17 -29.33 -6.14
C THR D 816 -0.71 -29.07 -7.56
N LEU D 817 0.60 -28.98 -7.77
CA LEU D 817 1.14 -28.65 -9.10
C LEU D 817 1.12 -29.86 -10.02
N ALA D 818 1.45 -31.04 -9.52
CA ALA D 818 1.57 -32.24 -10.33
C ALA D 818 0.52 -33.30 -10.03
N GLY D 819 0.15 -33.48 -8.76
CA GLY D 819 -0.80 -34.51 -8.39
C GLY D 819 -2.25 -34.09 -8.52
N MET D 820 -2.77 -33.40 -7.50
CA MET D 820 -4.15 -32.97 -7.51
C MET D 820 -4.32 -31.79 -6.55
N LYS D 821 -5.26 -30.91 -6.87
CA LYS D 821 -5.55 -29.78 -6.00
C LYS D 821 -6.12 -30.23 -4.67
N GLY D 822 -7.09 -31.15 -4.70
CA GLY D 822 -7.69 -31.66 -3.50
C GLY D 822 -9.03 -31.01 -3.19
N LEU D 823 -9.44 -31.17 -1.93
CA LEU D 823 -10.70 -30.60 -1.48
C LEU D 823 -10.58 -29.09 -1.40
N VAL D 824 -11.54 -28.39 -2.01
CA VAL D 824 -11.59 -26.93 -1.97
C VAL D 824 -12.75 -26.51 -1.08
N THR D 825 -12.63 -25.32 -0.51
CA THR D 825 -13.62 -24.79 0.42
C THR D 825 -14.54 -23.81 -0.29
N ASN D 826 -15.84 -23.92 -0.01
CA ASN D 826 -16.80 -22.94 -0.47
C ASN D 826 -16.84 -21.76 0.50
N PRO D 827 -17.41 -20.63 0.09
CA PRO D 827 -17.47 -19.46 0.99
C PRO D 827 -18.13 -19.73 2.34
N LYS D 828 -18.71 -20.92 2.54
CA LYS D 828 -19.19 -21.29 3.86
C LYS D 828 -18.04 -21.57 4.81
N GLY D 829 -17.21 -22.55 4.49
CA GLY D 829 -16.07 -22.89 5.32
C GLY D 829 -15.72 -24.37 5.26
N GLU D 830 -16.74 -25.22 5.22
CA GLU D 830 -16.53 -26.65 5.13
C GLU D 830 -16.02 -27.03 3.74
N PHE D 831 -15.45 -28.23 3.65
CA PHE D 831 -14.92 -28.72 2.38
C PHE D 831 -16.03 -29.25 1.49
N ILE D 832 -15.93 -28.94 0.20
CA ILE D 832 -16.92 -29.42 -0.77
C ILE D 832 -16.86 -30.94 -0.85
N PRO D 833 -17.99 -31.65 -0.87
CA PRO D 833 -17.94 -33.12 -0.95
C PRO D 833 -17.31 -33.65 -2.24
N ARG D 834 -17.02 -32.79 -3.20
CA ARG D 834 -16.38 -33.19 -4.45
C ARG D 834 -15.04 -32.48 -4.58
N PRO D 835 -13.94 -33.20 -4.76
CA PRO D 835 -12.62 -32.55 -4.86
C PRO D 835 -12.23 -32.23 -6.29
N VAL D 836 -11.28 -31.30 -6.40
CA VAL D 836 -10.68 -30.95 -7.69
C VAL D 836 -9.65 -32.03 -7.99
N LYS D 837 -10.03 -33.01 -8.82
CA LYS D 837 -9.15 -34.15 -9.08
C LYS D 837 -7.99 -33.77 -9.99
N SER D 838 -8.19 -32.81 -10.88
CA SER D 838 -7.15 -32.44 -11.82
C SER D 838 -6.05 -31.64 -11.14
N SER D 839 -4.86 -31.69 -11.73
CA SER D 839 -3.73 -30.88 -11.31
C SER D 839 -3.57 -29.69 -12.25
N PHE D 840 -2.88 -28.66 -11.76
CA PHE D 840 -2.62 -27.50 -12.60
C PHE D 840 -1.70 -27.83 -13.77
N ARG D 841 -0.93 -28.91 -13.68
CA ARG D 841 -0.22 -29.39 -14.86
C ARG D 841 -1.18 -29.98 -15.88
N GLU D 842 -2.17 -30.76 -15.41
CA GLU D 842 -3.16 -31.32 -16.31
C GLU D 842 -4.08 -30.23 -16.86
N GLY D 843 -4.60 -29.37 -15.98
CA GLY D 843 -5.50 -28.33 -16.39
C GLY D 843 -6.90 -28.52 -15.86
N LEU D 844 -7.32 -27.66 -14.93
CA LEU D 844 -8.65 -27.77 -14.35
C LEU D 844 -9.72 -27.54 -15.41
N THR D 845 -10.85 -28.23 -15.25
CA THR D 845 -11.96 -28.06 -16.17
C THR D 845 -12.62 -26.69 -15.96
N VAL D 846 -13.59 -26.38 -16.82
CA VAL D 846 -14.30 -25.12 -16.71
C VAL D 846 -15.01 -25.02 -15.36
N LEU D 847 -15.64 -26.10 -14.92
CA LEU D 847 -16.30 -26.12 -13.64
C LEU D 847 -15.32 -26.30 -12.48
N GLU D 848 -14.23 -27.03 -12.71
CA GLU D 848 -13.20 -27.16 -11.67
C GLU D 848 -12.56 -25.81 -11.38
N TYR D 849 -12.22 -25.05 -12.43
CA TYR D 849 -11.59 -23.76 -12.24
C TYR D 849 -12.52 -22.79 -11.54
N PHE D 850 -13.81 -22.83 -11.88
CA PHE D 850 -14.75 -21.88 -11.29
C PHE D 850 -14.93 -22.10 -9.80
N ILE D 851 -15.01 -23.36 -9.37
CA ILE D 851 -15.17 -23.64 -7.95
C ILE D 851 -13.87 -23.38 -7.19
N ASN D 852 -12.73 -23.39 -7.88
CA ASN D 852 -11.45 -23.12 -7.21
C ASN D 852 -11.34 -21.65 -6.83
N THR D 853 -11.85 -20.75 -7.67
CA THR D 853 -11.74 -19.32 -7.40
C THR D 853 -12.56 -18.89 -6.19
N HIS D 854 -13.53 -19.70 -5.77
CA HIS D 854 -14.33 -19.36 -4.60
C HIS D 854 -13.47 -19.19 -3.36
N GLY D 855 -12.60 -20.17 -3.10
CA GLY D 855 -11.71 -20.07 -1.96
C GLY D 855 -10.51 -19.17 -2.20
N ALA D 856 -10.12 -18.99 -3.47
CA ALA D 856 -8.96 -18.16 -3.77
C ALA D 856 -9.28 -16.68 -3.55
N ARG D 857 -10.47 -16.24 -3.93
CA ARG D 857 -10.82 -14.82 -3.78
C ARG D 857 -11.07 -14.49 -2.31
N LYS D 858 -11.84 -15.31 -1.60
CA LYS D 858 -12.08 -15.05 -0.19
C LYS D 858 -10.80 -15.21 0.63
N GLY D 859 -9.82 -15.96 0.14
CA GLY D 859 -8.52 -15.97 0.78
C GLY D 859 -7.82 -14.63 0.71
N LEU D 860 -7.89 -13.97 -0.44
CA LEU D 860 -7.35 -12.62 -0.55
C LEU D 860 -8.24 -11.61 0.16
N ALA D 861 -9.54 -11.90 0.27
CA ALA D 861 -10.47 -10.93 0.83
C ALA D 861 -10.22 -10.70 2.31
N ASP D 862 -10.17 -11.78 3.10
CA ASP D 862 -9.97 -11.63 4.54
C ASP D 862 -8.55 -11.29 4.91
N THR D 863 -7.58 -11.53 4.02
CA THR D 863 -6.20 -11.18 4.31
C THR D 863 -6.03 -9.68 4.54
N ALA D 864 -6.83 -8.86 3.87
CA ALA D 864 -6.81 -7.43 4.14
C ALA D 864 -7.45 -7.11 5.49
N LEU D 865 -8.52 -7.83 5.84
CA LEU D 865 -9.16 -7.61 7.13
C LEU D 865 -8.33 -8.19 8.27
N ARG D 866 -7.71 -9.35 8.04
CA ARG D 866 -6.95 -10.00 9.09
C ARG D 866 -5.68 -9.22 9.44
N THR D 867 -5.15 -8.46 8.49
CA THR D 867 -4.02 -7.58 8.78
C THR D 867 -4.45 -6.34 9.57
N ALA D 868 -5.69 -5.90 9.40
CA ALA D 868 -6.16 -4.74 10.15
C ALA D 868 -6.32 -5.07 11.63
N ASP D 869 -6.95 -6.20 11.94
CA ASP D 869 -7.07 -6.62 13.33
C ASP D 869 -5.70 -6.95 13.93
N SER D 870 -4.76 -7.41 13.11
CA SER D 870 -3.42 -7.69 13.60
C SER D 870 -2.70 -6.40 13.98
N GLY D 871 -2.68 -5.42 13.06
CA GLY D 871 -2.05 -4.15 13.37
C GLY D 871 -2.75 -3.39 14.47
N TYR D 872 -4.07 -3.52 14.58
CA TYR D 872 -4.79 -2.90 15.68
C TYR D 872 -4.41 -3.53 17.01
N LEU D 873 -4.31 -4.86 17.05
CA LEU D 873 -3.81 -5.52 18.25
C LEU D 873 -2.37 -5.13 18.54
N THR D 874 -1.58 -4.86 17.49
CA THR D 874 -0.19 -4.49 17.68
C THR D 874 -0.07 -3.14 18.36
N ARG D 875 -0.81 -2.13 17.88
CA ARG D 875 -0.72 -0.80 18.47
C ARG D 875 -1.31 -0.73 19.86
N ARG D 876 -2.22 -1.65 20.20
CA ARG D 876 -2.68 -1.74 21.58
C ARG D 876 -1.60 -2.33 22.47
N LEU D 877 -0.81 -3.27 21.93
CA LEU D 877 0.30 -3.83 22.69
C LEU D 877 1.43 -2.81 22.86
N VAL D 878 1.55 -1.86 21.93
CA VAL D 878 2.60 -0.86 22.03
C VAL D 878 2.30 0.13 23.16
N ASP D 879 1.05 0.63 23.20
CA ASP D 879 0.71 1.65 24.20
C ASP D 879 0.70 1.08 25.61
N VAL D 880 0.39 -0.21 25.77
CA VAL D 880 0.34 -0.80 27.10
C VAL D 880 1.72 -1.07 27.66
N SER D 881 2.75 -1.16 26.81
CA SER D 881 4.11 -1.44 27.26
C SER D 881 5.12 -0.45 26.69
N GLN D 882 4.68 0.75 26.32
CA GLN D 882 5.58 1.69 25.68
C GLN D 882 6.65 2.20 26.65
N ASP D 883 6.32 2.35 27.92
CA ASP D 883 7.22 2.93 28.89
C ASP D 883 7.95 1.88 29.73
N VAL D 884 7.90 0.62 29.34
CA VAL D 884 8.60 -0.45 30.05
C VAL D 884 10.05 -0.41 29.60
N ILE D 885 10.92 0.14 30.46
CA ILE D 885 12.33 0.32 30.13
C ILE D 885 13.17 -0.41 31.16
N VAL D 886 14.35 -0.87 30.73
CA VAL D 886 15.32 -1.45 31.64
C VAL D 886 16.02 -0.31 32.37
N ARG D 887 15.70 -0.12 33.65
CA ARG D 887 16.26 0.97 34.43
C ARG D 887 17.25 0.52 35.50
N GLU D 888 17.23 -0.74 35.90
CA GLU D 888 18.09 -1.25 36.95
C GLU D 888 18.90 -2.42 36.42
N HIS D 889 20.07 -2.63 37.02
CA HIS D 889 20.90 -3.78 36.64
C HIS D 889 20.37 -5.06 37.29
N ASP D 890 20.01 -5.00 38.57
CA ASP D 890 19.53 -6.17 39.29
C ASP D 890 18.69 -5.71 40.48
N CYS D 891 17.46 -6.19 40.56
CA CYS D 891 16.57 -5.87 41.66
C CYS D 891 16.76 -6.80 42.87
N GLN D 892 17.61 -7.81 42.74
CA GLN D 892 18.09 -8.68 43.82
C GLN D 892 17.05 -9.66 44.33
N THR D 893 15.83 -9.67 43.79
CA THR D 893 14.81 -10.60 44.27
C THR D 893 15.14 -12.02 43.81
N GLU D 894 15.24 -12.94 44.78
CA GLU D 894 15.47 -14.34 44.46
C GLU D 894 14.26 -15.02 43.84
N ARG D 895 13.13 -14.33 43.72
CA ARG D 895 11.94 -14.92 43.12
C ARG D 895 12.18 -15.22 41.64
N GLY D 896 11.56 -16.29 41.18
CA GLY D 896 11.64 -16.67 39.79
C GLY D 896 10.45 -17.54 39.46
N ILE D 897 10.65 -18.51 38.57
CA ILE D 897 9.60 -19.45 38.23
C ILE D 897 10.25 -20.73 37.72
N VAL D 898 9.54 -21.84 37.87
CA VAL D 898 10.04 -23.16 37.49
C VAL D 898 9.73 -23.38 36.01
N VAL D 899 10.75 -23.80 35.25
CA VAL D 899 10.62 -24.06 33.83
C VAL D 899 10.87 -25.55 33.59
N GLU D 900 10.00 -26.17 32.80
CA GLU D 900 10.14 -27.58 32.45
C GLU D 900 11.29 -27.74 31.48
N LEU D 901 12.46 -28.12 31.99
CA LEU D 901 13.63 -28.27 31.14
C LEU D 901 13.50 -29.50 30.23
N ALA D 902 13.01 -30.61 30.78
CA ALA D 902 12.84 -31.83 30.00
C ALA D 902 11.83 -32.72 30.69
N GLU D 903 11.37 -33.74 29.96
CA GLU D 903 10.39 -34.68 30.48
C GLU D 903 10.98 -36.08 30.47
N ARG D 904 10.70 -36.85 31.52
CA ARG D 904 11.25 -38.19 31.70
C ARG D 904 10.24 -39.21 31.18
N ALA D 905 10.66 -40.00 30.18
CA ALA D 905 9.80 -41.02 29.64
C ALA D 905 9.70 -42.21 30.59
N PRO D 906 8.64 -43.02 30.47
CA PRO D 906 8.53 -44.18 31.38
C PRO D 906 9.58 -45.25 31.13
N ASP D 907 10.11 -45.34 29.90
CA ASP D 907 11.09 -46.37 29.60
C ASP D 907 12.42 -46.10 30.31
N GLY D 908 12.79 -44.83 30.44
CA GLY D 908 14.03 -44.48 31.12
C GLY D 908 14.71 -43.27 30.54
N THR D 909 14.63 -43.10 29.23
CA THR D 909 15.23 -41.95 28.57
C THR D 909 14.43 -40.69 28.89
N LEU D 910 15.10 -39.54 28.75
CA LEU D 910 14.48 -38.24 28.92
C LEU D 910 14.34 -37.55 27.57
N ILE D 911 13.18 -36.92 27.36
CA ILE D 911 12.88 -36.24 26.10
C ILE D 911 12.91 -34.74 26.35
N ARG D 912 13.60 -34.03 25.47
CA ARG D 912 13.68 -32.57 25.57
C ARG D 912 12.29 -31.97 25.45
N ASP D 913 11.95 -31.08 26.37
CA ASP D 913 10.69 -30.36 26.31
C ASP D 913 10.67 -29.50 25.05
N PRO D 914 9.62 -29.57 24.23
CA PRO D 914 9.53 -28.68 23.06
C PRO D 914 9.55 -27.20 23.42
N TYR D 915 9.31 -26.84 24.67
CA TYR D 915 9.24 -25.45 25.11
C TYR D 915 10.59 -24.89 25.58
N ILE D 916 11.68 -25.61 25.35
CA ILE D 916 12.99 -25.12 25.80
C ILE D 916 13.38 -23.85 25.05
N GLU D 917 13.15 -23.83 23.73
CA GLU D 917 13.59 -22.71 22.91
C GLU D 917 12.96 -21.40 23.35
N THR D 918 11.66 -21.42 23.65
CA THR D 918 10.93 -20.19 23.94
C THR D 918 10.83 -19.88 25.43
N SER D 919 10.98 -20.88 26.29
CA SER D 919 10.80 -20.69 27.73
C SER D 919 12.05 -20.91 28.57
N ALA D 920 13.06 -21.61 28.05
CA ALA D 920 14.25 -21.93 28.83
C ALA D 920 15.51 -21.23 28.35
N TYR D 921 15.75 -21.19 27.04
CA TYR D 921 16.95 -20.54 26.52
C TYR D 921 16.89 -19.04 26.76
N ALA D 922 18.07 -18.42 26.79
CA ALA D 922 18.29 -16.99 27.00
C ALA D 922 17.81 -16.51 28.36
N ARG D 923 17.46 -17.41 29.28
CA ARG D 923 17.07 -17.03 30.62
C ARG D 923 18.30 -16.84 31.50
N THR D 924 18.06 -16.36 32.73
CA THR D 924 19.09 -16.24 33.75
C THR D 924 18.60 -16.90 35.02
N LEU D 925 19.51 -17.57 35.73
CA LEU D 925 19.13 -18.37 36.88
C LEU D 925 18.86 -17.51 38.11
N GLY D 926 17.99 -18.01 38.97
CA GLY D 926 17.73 -17.42 40.26
C GLY D 926 17.93 -18.44 41.38
N THR D 927 18.41 -19.62 41.00
CA THR D 927 18.65 -20.71 41.95
C THR D 927 19.67 -21.65 41.34
N ASP D 928 20.67 -22.03 42.13
CA ASP D 928 21.71 -22.94 41.64
C ASP D 928 21.10 -24.29 41.26
N ALA D 929 21.53 -24.81 40.11
CA ALA D 929 21.06 -26.10 39.63
C ALA D 929 21.80 -27.21 40.36
N VAL D 930 21.07 -28.06 41.08
CA VAL D 930 21.64 -29.13 41.88
C VAL D 930 21.17 -30.46 41.30
N ASP D 931 22.12 -31.34 41.00
CA ASP D 931 21.82 -32.69 40.53
C ASP D 931 21.69 -33.61 41.74
N GLU D 932 21.78 -34.92 41.53
CA GLU D 932 21.75 -35.86 42.66
C GLU D 932 22.98 -35.70 43.55
N ALA D 933 24.11 -35.32 42.96
CA ALA D 933 25.30 -35.02 43.74
C ALA D 933 25.19 -33.63 44.36
N GLY D 934 26.11 -33.34 45.29
CA GLY D 934 26.11 -32.04 45.94
C GLY D 934 26.63 -30.92 45.07
N ASN D 935 27.30 -31.25 43.96
CA ASN D 935 27.88 -30.23 43.10
C ASN D 935 26.78 -29.49 42.33
N VAL D 936 26.97 -28.19 42.16
CA VAL D 936 26.08 -27.36 41.35
C VAL D 936 26.68 -27.23 39.96
N ILE D 937 25.84 -27.39 38.94
CA ILE D 937 26.32 -27.39 37.56
C ILE D 937 26.50 -25.97 37.04
N VAL D 938 25.52 -25.11 37.27
CA VAL D 938 25.57 -23.72 36.81
C VAL D 938 25.19 -22.81 37.97
N GLU D 939 26.00 -21.78 38.19
CA GLU D 939 25.77 -20.84 39.28
C GLU D 939 24.50 -20.02 39.03
N ARG D 940 24.04 -19.37 40.09
CA ARG D 940 22.89 -18.47 39.98
C ARG D 940 23.31 -17.18 39.28
N GLY D 941 22.45 -16.71 38.37
CA GLY D 941 22.74 -15.50 37.62
C GLY D 941 23.59 -15.69 36.39
N GLN D 942 23.60 -16.88 35.81
CA GLN D 942 24.37 -17.18 34.61
C GLN D 942 23.42 -17.32 33.42
N ASP D 943 23.76 -16.67 32.32
CA ASP D 943 22.90 -16.71 31.13
C ASP D 943 22.90 -18.11 30.53
N LEU D 944 21.72 -18.69 30.37
CA LEU D 944 21.59 -20.03 29.84
C LEU D 944 21.97 -20.10 28.37
N GLY D 945 23.23 -20.39 28.09
CA GLY D 945 23.70 -20.56 26.73
C GLY D 945 23.34 -21.93 26.18
N ASP D 946 23.90 -22.22 24.99
CA ASP D 946 23.62 -23.50 24.35
C ASP D 946 24.32 -24.67 25.05
N PRO D 947 25.62 -24.60 25.35
CA PRO D 947 26.22 -25.75 26.07
C PRO D 947 25.79 -25.83 27.53
N GLU D 948 25.39 -24.70 28.13
CA GLU D 948 24.99 -24.70 29.53
C GLU D 948 23.62 -25.34 29.75
N ILE D 949 22.84 -25.55 28.69
CA ILE D 949 21.62 -26.34 28.81
C ILE D 949 21.93 -27.82 28.74
N ASP D 950 22.87 -28.21 27.86
CA ASP D 950 23.34 -29.59 27.84
C ASP D 950 24.07 -29.98 29.12
N ALA D 951 24.62 -29.00 29.84
CA ALA D 951 25.28 -29.29 31.11
C ALA D 951 24.25 -29.75 32.15
N LEU D 952 23.09 -29.11 32.18
CA LEU D 952 22.01 -29.57 33.06
C LEU D 952 21.27 -30.75 32.47
N LEU D 953 21.24 -30.86 31.14
CA LEU D 953 20.56 -31.99 30.49
C LEU D 953 21.29 -33.30 30.77
N ALA D 954 22.61 -33.30 30.64
CA ALA D 954 23.41 -34.49 30.90
C ALA D 954 23.65 -34.71 32.39
N ALA D 955 23.16 -33.82 33.26
CA ALA D 955 23.31 -33.98 34.70
C ALA D 955 22.10 -34.66 35.34
N GLY D 956 21.02 -34.88 34.60
CA GLY D 956 19.84 -35.52 35.13
C GLY D 956 18.78 -34.58 35.65
N ILE D 957 19.14 -33.35 35.99
CA ILE D 957 18.17 -32.40 36.51
C ILE D 957 17.29 -31.89 35.37
N THR D 958 15.98 -31.84 35.61
CA THR D 958 15.01 -31.50 34.57
C THR D 958 14.20 -30.26 34.89
N GLN D 959 14.56 -29.51 35.93
CA GLN D 959 13.83 -28.30 36.30
C GLN D 959 14.79 -27.25 36.82
N VAL D 960 14.60 -26.01 36.38
CA VAL D 960 15.40 -24.88 36.81
C VAL D 960 14.47 -23.76 37.26
N LYS D 961 14.96 -22.94 38.19
CA LYS D 961 14.25 -21.75 38.64
C LYS D 961 14.99 -20.54 38.09
N VAL D 962 14.34 -19.82 37.17
CA VAL D 962 14.99 -18.75 36.43
C VAL D 962 14.36 -17.41 36.78
N ARG D 963 15.17 -16.36 36.72
CA ARG D 963 14.66 -15.01 36.93
C ARG D 963 13.75 -14.61 35.78
N SER D 964 12.61 -14.02 36.13
CA SER D 964 11.62 -13.65 35.13
C SER D 964 11.25 -12.17 35.29
N VAL D 965 10.80 -11.58 34.17
CA VAL D 965 10.29 -10.22 34.20
C VAL D 965 8.97 -10.15 34.97
N LEU D 966 8.31 -11.29 35.17
CA LEU D 966 7.09 -11.31 35.97
C LEU D 966 7.40 -11.08 37.45
N THR D 967 8.45 -11.72 37.97
CA THR D 967 8.81 -11.62 39.37
C THR D 967 9.70 -10.43 39.69
N CYS D 968 10.18 -9.72 38.68
CA CYS D 968 11.05 -8.56 38.89
C CYS D 968 10.35 -7.47 39.69
N ALA D 969 10.80 -7.25 40.92
CA ALA D 969 10.18 -6.25 41.80
C ALA D 969 10.93 -4.94 41.62
N THR D 970 10.42 -4.10 40.73
CA THR D 970 10.96 -2.77 40.50
C THR D 970 9.81 -1.79 40.40
N SER D 971 10.08 -0.54 40.77
CA SER D 971 9.01 0.45 40.92
C SER D 971 8.26 0.68 39.61
N THR D 972 9.00 0.95 38.54
CA THR D 972 8.39 1.23 37.23
C THR D 972 8.85 0.23 36.19
N GLY D 973 10.08 0.35 35.69
CA GLY D 973 10.59 -0.55 34.68
C GLY D 973 10.94 -1.91 35.24
N VAL D 974 11.87 -2.59 34.57
CA VAL D 974 12.34 -3.91 34.98
C VAL D 974 13.85 -3.91 34.97
N CYS D 975 14.43 -4.77 35.79
CA CYS D 975 15.88 -4.88 35.85
C CYS D 975 16.39 -5.78 34.73
N ALA D 976 17.66 -5.58 34.36
CA ALA D 976 18.22 -6.33 33.24
C ALA D 976 18.41 -7.80 33.59
N THR D 977 18.75 -8.09 34.85
CA THR D 977 19.04 -9.48 35.23
C THR D 977 17.80 -10.36 35.12
N CYS D 978 16.63 -9.84 35.49
CA CYS D 978 15.40 -10.62 35.37
C CYS D 978 14.92 -10.72 33.93
N TYR D 979 15.23 -9.73 33.10
CA TYR D 979 14.81 -9.79 31.70
C TYR D 979 15.48 -10.94 30.97
N GLY D 980 16.80 -11.03 31.05
CA GLY D 980 17.56 -12.04 30.36
C GLY D 980 18.33 -11.45 29.20
N ARG D 981 18.84 -12.35 28.36
CA ARG D 981 19.65 -11.95 27.23
C ARG D 981 18.80 -11.32 26.14
N SER D 982 19.25 -10.17 25.62
CA SER D 982 18.61 -9.56 24.47
C SER D 982 18.82 -10.45 23.25
N MET D 983 17.71 -10.88 22.64
CA MET D 983 17.79 -11.85 21.55
C MET D 983 18.59 -11.32 20.37
N ALA D 984 18.50 -10.01 20.10
CA ALA D 984 19.23 -9.44 18.98
C ALA D 984 20.70 -9.22 19.31
N THR D 985 21.00 -8.75 20.52
CA THR D 985 22.37 -8.46 20.90
C THR D 985 23.17 -9.69 21.29
N GLY D 986 22.49 -10.79 21.68
CA GLY D 986 23.16 -12.02 22.02
C GLY D 986 23.86 -11.94 23.37
N LYS D 987 23.60 -10.85 24.09
CA LYS D 987 24.16 -10.65 25.42
C LYS D 987 23.08 -10.08 26.33
N LEU D 988 23.47 -9.82 27.58
CA LEU D 988 22.52 -9.25 28.54
C LEU D 988 21.99 -7.92 28.05
N VAL D 989 20.70 -7.68 28.28
CA VAL D 989 20.06 -6.47 27.80
C VAL D 989 20.69 -5.26 28.46
N ASP D 990 21.02 -4.25 27.66
CA ASP D 990 21.57 -3.02 28.19
C ASP D 990 20.51 -2.24 28.95
N ILE D 991 20.96 -1.36 29.84
CA ILE D 991 20.06 -0.52 30.60
C ILE D 991 19.61 0.64 29.72
N GLY D 992 18.29 0.85 29.64
CA GLY D 992 17.71 1.89 28.84
C GLY D 992 17.01 1.42 27.58
N GLU D 993 17.15 0.14 27.23
CA GLU D 993 16.53 -0.38 26.03
C GLU D 993 15.02 -0.53 26.25
N ALA D 994 14.24 0.11 25.39
CA ALA D 994 12.78 0.09 25.50
C ALA D 994 12.29 -1.31 25.15
N VAL D 995 12.45 -2.22 26.12
CA VAL D 995 12.11 -3.63 25.90
C VAL D 995 10.62 -3.84 25.75
N GLY D 996 9.80 -2.89 26.20
CA GLY D 996 8.36 -3.04 26.06
C GLY D 996 7.90 -2.91 24.62
N ILE D 997 8.44 -1.92 23.90
CA ILE D 997 8.09 -1.75 22.49
C ILE D 997 8.63 -2.90 21.66
N VAL D 998 9.83 -3.38 22.00
CA VAL D 998 10.39 -4.54 21.31
C VAL D 998 9.52 -5.76 21.53
N ALA D 999 9.03 -5.94 22.76
CA ALA D 999 8.15 -7.07 23.04
C ALA D 999 6.84 -6.96 22.27
N ALA D 1000 6.30 -5.74 22.15
CA ALA D 1000 5.05 -5.57 21.42
C ALA D 1000 5.24 -5.84 19.93
N GLN D 1001 6.31 -5.31 19.34
CA GLN D 1001 6.58 -5.57 17.94
C GLN D 1001 6.89 -7.03 17.67
N SER D 1002 7.51 -7.71 18.63
CA SER D 1002 7.87 -9.11 18.44
C SER D 1002 6.64 -10.01 18.37
N ILE D 1003 5.54 -9.62 19.00
CA ILE D 1003 4.33 -10.41 18.97
C ILE D 1003 3.43 -10.02 17.79
N GLY D 1004 3.40 -8.74 17.43
CA GLY D 1004 2.53 -8.27 16.38
C GLY D 1004 3.03 -8.50 14.97
N GLU D 1005 4.33 -8.75 14.80
CA GLU D 1005 4.86 -8.98 13.45
C GLU D 1005 4.40 -10.31 12.88
N PRO D 1006 4.48 -11.45 13.59
CA PRO D 1006 3.98 -12.71 13.02
C PRO D 1006 2.47 -12.85 13.06
N GLY D 1007 1.74 -11.87 13.61
CA GLY D 1007 0.29 -11.96 13.69
C GLY D 1007 -0.41 -11.97 12.35
N THR D 1008 0.33 -11.77 11.25
CA THR D 1008 -0.26 -11.79 9.92
C THR D 1008 -0.75 -13.19 9.53
N GLN D 1009 -0.26 -14.23 10.18
CA GLN D 1009 -0.52 -15.63 9.81
C GLN D 1009 -1.24 -16.32 10.96
N LEU D 1010 -2.56 -16.15 11.01
CA LEU D 1010 -3.38 -16.74 12.08
C LEU D 1010 -4.72 -17.16 11.50
N THR D 1011 -5.55 -17.76 12.34
CA THR D 1011 -6.86 -18.26 11.95
C THR D 1011 -7.98 -17.52 12.69
N GLY D 1026 -9.56 -21.02 18.14
CA GLY D 1026 -8.29 -20.35 18.30
C GLY D 1026 -8.03 -19.26 17.27
N GLY D 1027 -6.77 -19.01 16.99
CA GLY D 1027 -6.40 -18.04 15.97
C GLY D 1027 -6.15 -16.66 16.54
N LEU D 1028 -6.15 -15.68 15.64
CA LEU D 1028 -5.97 -14.29 16.05
C LEU D 1028 -7.03 -13.79 17.03
N PRO D 1029 -8.33 -14.08 16.85
CA PRO D 1029 -9.31 -13.67 17.88
C PRO D 1029 -9.05 -14.30 19.24
N ARG D 1030 -8.44 -15.48 19.29
CA ARG D 1030 -8.09 -16.08 20.57
C ARG D 1030 -7.01 -15.29 21.28
N VAL D 1031 -6.02 -14.79 20.53
CA VAL D 1031 -4.98 -13.96 21.12
C VAL D 1031 -5.57 -12.69 21.69
N GLN D 1032 -6.59 -12.14 21.03
CA GLN D 1032 -7.26 -10.95 21.57
C GLN D 1032 -8.10 -11.29 22.80
N GLU D 1033 -8.63 -12.52 22.87
CA GLU D 1033 -9.39 -12.92 24.05
C GLU D 1033 -8.51 -12.97 25.30
N LEU D 1034 -7.21 -13.24 25.13
CA LEU D 1034 -6.30 -13.38 26.25
C LEU D 1034 -5.69 -12.04 26.68
N PHE D 1035 -5.24 -11.24 25.71
CA PHE D 1035 -4.63 -9.96 26.05
C PHE D 1035 -5.65 -8.94 26.54
N GLU D 1036 -6.93 -9.12 26.23
CA GLU D 1036 -7.98 -8.22 26.69
C GLU D 1036 -8.67 -8.70 27.95
N ALA D 1037 -8.24 -9.85 28.50
CA ALA D 1037 -8.83 -10.41 29.73
C ALA D 1037 -10.34 -10.60 29.58
N ARG D 1038 -10.76 -11.14 28.45
CA ARG D 1038 -12.18 -11.37 28.21
C ARG D 1038 -12.64 -12.65 28.87
N VAL D 1039 -13.93 -12.71 29.18
CA VAL D 1039 -14.58 -13.95 29.59
C VAL D 1039 -14.68 -14.82 28.35
N PRO D 1040 -13.89 -15.87 28.24
CA PRO D 1040 -13.67 -16.50 26.92
C PRO D 1040 -14.90 -17.21 26.40
N ARG D 1041 -14.79 -17.61 25.13
CA ARG D 1041 -15.84 -18.42 24.49
C ARG D 1041 -15.89 -19.81 25.10
N GLY D 1042 -14.72 -20.39 25.41
CA GLY D 1042 -14.71 -21.71 26.02
C GLY D 1042 -15.38 -21.73 27.38
N LYS D 1043 -15.03 -20.76 28.23
CA LYS D 1043 -15.62 -20.63 29.57
C LYS D 1043 -15.50 -21.94 30.36
N ALA D 1044 -14.32 -22.55 30.28
CA ALA D 1044 -14.12 -23.83 30.94
C ALA D 1044 -14.12 -23.67 32.46
N PRO D 1045 -14.72 -24.60 33.19
CA PRO D 1045 -14.72 -24.51 34.65
C PRO D 1045 -13.36 -24.87 35.22
N ILE D 1046 -13.23 -24.63 36.53
CA ILE D 1046 -11.98 -24.87 37.24
C ILE D 1046 -12.30 -25.44 38.62
N ALA D 1047 -11.27 -26.02 39.25
CA ALA D 1047 -11.41 -26.59 40.59
C ALA D 1047 -11.02 -25.52 41.61
N ASP D 1048 -12.03 -24.96 42.27
CA ASP D 1048 -11.77 -23.92 43.26
C ASP D 1048 -11.08 -24.48 44.50
N VAL D 1049 -11.36 -25.73 44.86
CA VAL D 1049 -10.76 -26.35 46.03
C VAL D 1049 -10.30 -27.76 45.66
N THR D 1050 -9.12 -28.13 46.11
CA THR D 1050 -8.61 -29.47 45.89
C THR D 1050 -9.33 -30.48 46.77
N GLY D 1051 -9.62 -31.65 46.22
CA GLY D 1051 -10.32 -32.68 46.96
C GLY D 1051 -10.71 -33.89 46.13
N ARG D 1052 -11.93 -34.36 46.33
CA ARG D 1052 -12.44 -35.54 45.64
C ARG D 1052 -13.52 -35.14 44.64
N VAL D 1053 -13.50 -35.79 43.48
CA VAL D 1053 -14.46 -35.49 42.42
C VAL D 1053 -15.77 -36.23 42.69
N ARG D 1054 -16.89 -35.54 42.51
CA ARG D 1054 -18.22 -36.09 42.70
C ARG D 1054 -18.99 -35.91 41.40
N LEU D 1055 -18.82 -36.86 40.48
CA LEU D 1055 -19.44 -36.79 39.16
C LEU D 1055 -20.91 -37.18 39.26
N GLU D 1056 -21.79 -36.22 38.98
CA GLU D 1056 -23.24 -36.44 38.98
C GLU D 1056 -23.77 -36.07 37.60
N ASP D 1057 -23.40 -36.86 36.60
CA ASP D 1057 -23.75 -36.56 35.22
C ASP D 1057 -25.12 -37.15 34.87
N GLY D 1058 -25.86 -36.42 34.05
CA GLY D 1058 -27.10 -36.89 33.46
C GLY D 1058 -27.07 -36.64 31.96
N GLU D 1059 -28.26 -36.52 31.37
CA GLU D 1059 -28.37 -36.12 29.98
C GLU D 1059 -29.09 -34.80 29.78
N ARG D 1060 -29.98 -34.43 30.70
CA ARG D 1060 -30.62 -33.11 30.65
C ARG D 1060 -29.61 -32.00 30.88
N PHE D 1061 -28.60 -32.25 31.69
CA PHE D 1061 -27.64 -31.23 32.10
C PHE D 1061 -26.48 -31.93 32.79
N TYR D 1062 -25.52 -31.15 33.27
CA TYR D 1062 -24.36 -31.66 33.98
C TYR D 1062 -24.14 -30.85 35.25
N LYS D 1063 -24.09 -31.54 36.39
CA LYS D 1063 -23.78 -30.90 37.67
C LYS D 1063 -22.72 -31.74 38.37
N ILE D 1064 -21.70 -31.07 38.89
CA ILE D 1064 -20.56 -31.74 39.52
C ILE D 1064 -20.20 -31.00 40.80
N THR D 1065 -20.01 -31.75 41.88
CA THR D 1065 -19.61 -31.21 43.16
C THR D 1065 -18.22 -31.73 43.52
N ILE D 1066 -17.59 -31.09 44.50
CA ILE D 1066 -16.27 -31.49 44.99
C ILE D 1066 -16.28 -31.40 46.50
N VAL D 1067 -15.99 -32.52 47.17
CA VAL D 1067 -15.82 -32.53 48.61
C VAL D 1067 -14.42 -32.01 48.94
N PRO D 1068 -14.30 -30.96 49.74
CA PRO D 1068 -12.96 -30.43 50.05
C PRO D 1068 -12.10 -31.44 50.78
N ASP D 1069 -10.84 -31.53 50.37
CA ASP D 1069 -9.92 -32.50 50.97
C ASP D 1069 -9.59 -32.16 52.42
N ASP D 1070 -9.88 -30.94 52.85
CA ASP D 1070 -9.61 -30.53 54.24
C ASP D 1070 -10.69 -29.54 54.66
N GLY D 1071 -11.57 -29.97 55.54
CA GLY D 1071 -12.62 -29.09 56.04
C GLY D 1071 -13.56 -28.65 54.93
N GLY D 1072 -13.98 -27.39 55.00
CA GLY D 1072 -14.84 -26.81 53.98
C GLY D 1072 -16.17 -27.52 53.81
N GLU D 1073 -16.87 -27.11 52.75
CA GLU D 1073 -18.15 -27.70 52.40
C GLU D 1073 -18.20 -27.88 50.89
N GLU D 1074 -19.17 -28.68 50.45
CA GLU D 1074 -19.30 -29.04 49.04
C GLU D 1074 -19.60 -27.82 48.19
N VAL D 1075 -18.93 -27.73 47.04
CA VAL D 1075 -19.07 -26.62 46.10
C VAL D 1075 -19.74 -27.15 44.84
N VAL D 1076 -20.91 -26.62 44.53
CA VAL D 1076 -21.76 -27.14 43.45
C VAL D 1076 -21.60 -26.28 42.20
N TYR D 1077 -21.52 -26.94 41.05
CA TYR D 1077 -21.46 -26.29 39.75
C TYR D 1077 -22.63 -26.74 38.89
N ASP D 1078 -22.82 -26.04 37.77
CA ASP D 1078 -23.88 -26.36 36.82
C ASP D 1078 -23.34 -26.10 35.42
N LYS D 1079 -23.20 -27.16 34.62
CA LYS D 1079 -22.59 -27.04 33.29
C LYS D 1079 -23.47 -27.73 32.25
N ILE D 1080 -23.33 -27.29 31.01
CA ILE D 1080 -24.08 -27.86 29.89
C ILE D 1080 -23.38 -29.13 29.43
N SER D 1081 -24.18 -30.12 29.01
CA SER D 1081 -23.66 -31.40 28.57
C SER D 1081 -22.92 -31.32 27.23
N LYS D 1082 -22.91 -30.15 26.57
CA LYS D 1082 -22.26 -30.04 25.27
C LYS D 1082 -20.74 -30.04 25.37
N ARG D 1083 -20.17 -29.88 26.56
CA ARG D 1083 -18.74 -29.93 26.73
C ARG D 1083 -18.29 -31.35 27.10
N GLN D 1084 -16.98 -31.54 27.19
CA GLN D 1084 -16.39 -32.81 27.59
C GLN D 1084 -15.23 -32.53 28.54
N ARG D 1085 -14.99 -33.49 29.44
CA ARG D 1085 -13.99 -33.31 30.48
C ARG D 1085 -12.59 -33.48 29.92
N LEU D 1086 -11.67 -32.64 30.40
CA LEU D 1086 -10.27 -32.75 30.03
C LEU D 1086 -9.64 -33.96 30.70
N ARG D 1087 -8.85 -34.71 29.94
CA ARG D 1087 -8.10 -35.86 30.48
C ARG D 1087 -7.04 -35.31 31.43
N VAL D 1088 -7.38 -35.28 32.71
CA VAL D 1088 -6.53 -34.70 33.74
C VAL D 1088 -5.50 -35.73 34.20
N PHE D 1089 -4.24 -35.28 34.32
CA PHE D 1089 -3.18 -36.10 34.89
C PHE D 1089 -3.51 -36.45 36.33
N LYS D 1090 -4.29 -37.52 36.52
CA LYS D 1090 -4.67 -37.94 37.86
C LYS D 1090 -3.44 -38.38 38.67
N HIS D 1091 -3.62 -38.46 39.98
CA HIS D 1091 -2.56 -38.91 40.87
C HIS D 1091 -2.05 -40.31 40.50
N GLU D 1092 -2.85 -41.08 39.75
CA GLU D 1092 -2.45 -42.40 39.27
C GLU D 1092 -1.26 -42.35 38.32
N ASP D 1093 -0.79 -41.15 37.94
CA ASP D 1093 0.25 -40.91 36.96
C ASP D 1093 -0.18 -41.26 35.54
N GLY D 1094 -1.47 -41.52 35.32
CA GLY D 1094 -1.99 -41.71 33.98
C GLY D 1094 -2.62 -40.45 33.44
N SER D 1095 -1.97 -39.83 32.46
CA SER D 1095 -2.42 -38.54 31.97
C SER D 1095 -3.78 -38.58 31.27
N GLU D 1096 -4.16 -39.74 30.72
CA GLU D 1096 -5.42 -39.88 30.00
C GLU D 1096 -6.58 -40.29 30.91
N ARG D 1097 -6.55 -39.90 32.18
CA ARG D 1097 -7.61 -40.25 33.12
C ARG D 1097 -8.76 -39.27 32.93
N VAL D 1098 -9.78 -39.70 32.18
CA VAL D 1098 -10.98 -38.89 32.01
C VAL D 1098 -11.63 -38.71 33.36
N LEU D 1099 -11.96 -37.45 33.70
CA LEU D 1099 -12.42 -37.12 35.04
C LEU D 1099 -13.73 -37.80 35.40
N SER D 1100 -13.64 -38.95 36.08
CA SER D 1100 -14.78 -39.60 36.70
C SER D 1100 -14.73 -39.38 38.20
N ASP D 1101 -15.84 -39.69 38.86
CA ASP D 1101 -15.91 -39.52 40.31
C ASP D 1101 -14.89 -40.42 40.99
N GLY D 1102 -14.25 -39.88 42.03
CA GLY D 1102 -13.19 -40.57 42.73
C GLY D 1102 -11.79 -40.09 42.40
N ASP D 1103 -11.63 -39.27 41.37
CA ASP D 1103 -10.33 -38.73 41.04
C ASP D 1103 -9.90 -37.68 42.06
N HIS D 1104 -8.59 -37.49 42.17
CA HIS D 1104 -8.00 -36.53 43.11
C HIS D 1104 -7.43 -35.37 42.29
N VAL D 1105 -8.25 -34.36 42.06
CA VAL D 1105 -7.84 -33.16 41.33
C VAL D 1105 -7.30 -32.15 42.33
N GLU D 1106 -6.36 -31.34 41.86
CA GLU D 1106 -5.75 -30.32 42.70
C GLU D 1106 -6.48 -28.99 42.55
N VAL D 1107 -6.07 -28.02 43.37
CA VAL D 1107 -6.69 -26.70 43.33
C VAL D 1107 -6.28 -25.99 42.05
N GLY D 1108 -7.26 -25.34 41.42
CA GLY D 1108 -7.00 -24.66 40.16
C GLY D 1108 -6.75 -25.59 39.00
N GLN D 1109 -7.39 -26.76 38.99
CA GLN D 1109 -7.24 -27.74 37.93
C GLN D 1109 -8.35 -27.58 36.90
N GLN D 1110 -7.99 -27.59 35.62
CA GLN D 1110 -8.97 -27.46 34.56
C GLN D 1110 -9.89 -28.68 34.55
N LEU D 1111 -11.20 -28.43 34.57
CA LEU D 1111 -12.19 -29.50 34.62
C LEU D 1111 -12.53 -29.98 33.22
N MET D 1112 -13.32 -29.21 32.49
CA MET D 1112 -13.70 -29.55 31.12
C MET D 1112 -12.82 -28.80 30.12
N GLU D 1113 -12.81 -29.30 28.89
CA GLU D 1113 -11.97 -28.73 27.85
C GLU D 1113 -12.45 -27.32 27.49
N GLY D 1114 -11.55 -26.58 26.84
CA GLY D 1114 -11.84 -25.22 26.43
C GLY D 1114 -10.81 -24.22 26.91
N SER D 1115 -11.27 -23.05 27.36
CA SER D 1115 -10.40 -21.99 27.85
C SER D 1115 -10.94 -21.51 29.18
N ALA D 1116 -10.21 -21.79 30.26
CA ALA D 1116 -10.62 -21.34 31.58
C ALA D 1116 -10.57 -19.82 31.66
N ASP D 1117 -11.57 -19.24 32.33
CA ASP D 1117 -11.68 -17.79 32.50
C ASP D 1117 -10.46 -17.26 33.25
N PRO D 1118 -9.61 -16.47 32.58
CA PRO D 1118 -8.43 -15.93 33.27
C PRO D 1118 -8.76 -15.05 34.45
N HIS D 1119 -9.96 -14.45 34.48
CA HIS D 1119 -10.39 -13.70 35.66
C HIS D 1119 -10.58 -14.63 36.85
N GLU D 1120 -11.15 -15.81 36.63
CA GLU D 1120 -11.35 -16.76 37.72
C GLU D 1120 -10.09 -17.53 38.08
N VAL D 1121 -9.15 -17.68 37.15
CA VAL D 1121 -7.88 -18.33 37.48
C VAL D 1121 -7.10 -17.48 38.49
N LEU D 1122 -7.27 -16.16 38.45
CA LEU D 1122 -6.58 -15.29 39.41
C LEU D 1122 -7.10 -15.51 40.82
N ARG D 1123 -8.42 -15.57 40.99
CA ARG D 1123 -9.04 -15.68 42.30
C ARG D 1123 -9.05 -17.12 42.81
N VAL D 1124 -8.08 -17.93 42.38
CA VAL D 1124 -8.01 -19.32 42.82
C VAL D 1124 -6.57 -19.66 43.19
N GLN D 1125 -5.65 -19.48 42.23
CA GLN D 1125 -4.27 -19.91 42.41
C GLN D 1125 -3.32 -18.75 42.73
N GLY D 1126 -3.68 -17.52 42.37
CA GLY D 1126 -2.85 -16.38 42.69
C GLY D 1126 -2.37 -15.64 41.47
N PRO D 1127 -1.88 -14.41 41.66
CA PRO D 1127 -1.37 -13.64 40.52
C PRO D 1127 -0.16 -14.27 39.85
N ARG D 1128 0.63 -15.06 40.59
CA ARG D 1128 1.81 -15.69 39.99
C ARG D 1128 1.40 -16.74 38.97
N GLU D 1129 0.34 -17.50 39.26
CA GLU D 1129 -0.04 -18.61 38.39
C GLU D 1129 -0.84 -18.15 37.17
N VAL D 1130 -1.71 -17.14 37.34
CA VAL D 1130 -2.50 -16.66 36.22
C VAL D 1130 -1.60 -16.03 35.16
N GLN D 1131 -0.45 -15.49 35.56
CA GLN D 1131 0.49 -14.99 34.58
C GLN D 1131 1.12 -16.11 33.77
N ILE D 1132 1.40 -17.25 34.42
CA ILE D 1132 1.97 -18.39 33.71
C ILE D 1132 0.96 -18.99 32.75
N HIS D 1133 -0.32 -18.99 33.13
CA HIS D 1133 -1.36 -19.51 32.26
C HIS D 1133 -1.46 -18.70 30.97
N LEU D 1134 -1.50 -17.37 31.08
CA LEU D 1134 -1.64 -16.52 29.91
C LEU D 1134 -0.44 -16.62 28.98
N VAL D 1135 0.75 -16.83 29.53
CA VAL D 1135 1.96 -16.87 28.71
C VAL D 1135 1.94 -18.07 27.77
N ARG D 1136 1.82 -19.27 28.34
CA ARG D 1136 1.83 -20.47 27.51
C ARG D 1136 0.48 -20.78 26.88
N GLU D 1137 -0.55 -19.98 27.17
CA GLU D 1137 -1.78 -20.08 26.38
C GLU D 1137 -1.69 -19.25 25.11
N VAL D 1138 -1.10 -18.05 25.21
CA VAL D 1138 -0.77 -17.28 24.02
C VAL D 1138 0.29 -18.00 23.21
N GLN D 1139 1.25 -18.63 23.89
CA GLN D 1139 2.34 -19.31 23.20
C GLN D 1139 1.83 -20.49 22.38
N GLU D 1140 0.72 -21.10 22.79
CA GLU D 1140 0.17 -22.23 22.03
C GLU D 1140 -0.39 -21.80 20.69
N VAL D 1141 -0.88 -20.55 20.59
CA VAL D 1141 -1.45 -20.10 19.33
C VAL D 1141 -0.36 -19.84 18.31
N TYR D 1142 0.77 -19.25 18.74
CA TYR D 1142 1.87 -18.98 17.83
C TYR D 1142 2.69 -20.23 17.54
N ARG D 1143 2.81 -21.14 18.52
CA ARG D 1143 3.51 -22.40 18.27
C ARG D 1143 2.74 -23.26 17.27
N ALA D 1144 1.41 -23.22 17.31
CA ALA D 1144 0.59 -24.05 16.44
C ALA D 1144 0.49 -23.43 15.06
N GLN D 1145 1.41 -22.51 14.75
CA GLN D 1145 1.45 -21.90 13.43
C GLN D 1145 2.86 -21.83 12.84
N GLY D 1146 3.89 -22.30 13.55
CA GLY D 1146 5.24 -22.21 13.05
C GLY D 1146 5.96 -20.93 13.41
N VAL D 1147 5.54 -20.25 14.48
CA VAL D 1147 6.13 -19.00 14.91
C VAL D 1147 6.72 -19.20 16.30
N SER D 1148 8.00 -18.88 16.45
CA SER D 1148 8.72 -19.04 17.71
C SER D 1148 8.98 -17.67 18.31
N ILE D 1149 8.17 -17.29 19.29
CA ILE D 1149 8.39 -16.08 20.07
C ILE D 1149 8.81 -16.50 21.47
N HIS D 1150 9.91 -15.96 21.97
CA HIS D 1150 10.36 -16.27 23.32
C HIS D 1150 9.32 -15.83 24.33
N ASP D 1151 9.10 -16.65 25.35
CA ASP D 1151 8.15 -16.29 26.41
C ASP D 1151 8.52 -14.98 27.08
N LYS D 1152 9.77 -14.54 26.94
CA LYS D 1152 10.22 -13.27 27.50
C LYS D 1152 9.30 -12.12 27.08
N HIS D 1153 9.02 -12.02 25.78
CA HIS D 1153 8.24 -10.89 25.28
C HIS D 1153 6.77 -10.99 25.70
N ILE D 1154 6.24 -12.21 25.75
CA ILE D 1154 4.85 -12.39 26.19
C ILE D 1154 4.71 -11.98 27.65
N GLU D 1155 5.72 -12.26 28.47
CA GLU D 1155 5.64 -11.96 29.89
C GLU D 1155 5.70 -10.45 30.15
N VAL D 1156 6.37 -9.69 29.28
CA VAL D 1156 6.46 -8.25 29.49
C VAL D 1156 5.08 -7.60 29.40
N ILE D 1157 4.19 -8.15 28.57
CA ILE D 1157 2.86 -7.59 28.44
C ILE D 1157 1.99 -7.98 29.64
N VAL D 1158 2.09 -9.23 30.09
CA VAL D 1158 1.28 -9.69 31.22
C VAL D 1158 1.64 -8.94 32.49
N ARG D 1159 2.90 -8.50 32.61
CA ARG D 1159 3.31 -7.72 33.77
C ARG D 1159 2.54 -6.41 33.87
N GLN D 1160 2.18 -5.81 32.74
CA GLN D 1160 1.42 -4.57 32.73
C GLN D 1160 -0.06 -4.80 32.98
N MET D 1161 -0.53 -6.05 32.94
CA MET D 1161 -1.93 -6.36 33.18
C MET D 1161 -2.24 -6.58 34.66
N LEU D 1162 -1.26 -6.97 35.46
CA LEU D 1162 -1.44 -7.21 36.88
C LEU D 1162 -0.74 -6.16 37.75
N ARG D 1163 -0.40 -5.01 37.17
CA ARG D 1163 0.24 -3.95 37.95
C ARG D 1163 -0.76 -3.23 38.87
N ARG D 1164 -2.05 -3.36 38.61
CA ARG D 1164 -3.06 -2.65 39.39
C ARG D 1164 -3.88 -3.61 40.23
N VAL D 1165 -4.28 -3.14 41.41
CA VAL D 1165 -5.16 -3.86 42.32
C VAL D 1165 -6.33 -2.96 42.65
N THR D 1166 -7.47 -3.58 42.98
CA THR D 1166 -8.65 -2.82 43.36
C THR D 1166 -8.69 -2.64 44.87
N ILE D 1167 -9.57 -1.74 45.31
CA ILE D 1167 -9.71 -1.39 46.73
C ILE D 1167 -11.01 -1.99 47.23
N ILE D 1168 -10.92 -2.84 48.25
CA ILE D 1168 -12.09 -3.40 48.91
C ILE D 1168 -12.57 -2.50 50.04
N ASP D 1169 -11.66 -2.17 50.96
CA ASP D 1169 -11.94 -1.27 52.08
C ASP D 1169 -10.95 -0.11 52.03
N SER D 1170 -11.48 1.12 52.17
CA SER D 1170 -10.62 2.30 52.10
C SER D 1170 -9.78 2.48 53.35
N GLY D 1171 -10.28 2.05 54.51
CA GLY D 1171 -9.59 2.27 55.77
C GLY D 1171 -9.47 3.73 56.15
N SER D 1172 -8.24 4.21 56.28
CA SER D 1172 -7.97 5.61 56.58
C SER D 1172 -7.36 6.35 55.40
N THR D 1173 -7.26 5.71 54.24
CA THR D 1173 -6.67 6.33 53.06
C THR D 1173 -7.73 7.06 52.25
N GLU D 1174 -7.27 7.84 51.27
CA GLU D 1174 -8.16 8.54 50.35
C GLU D 1174 -8.46 7.74 49.09
N PHE D 1175 -8.08 6.46 49.07
CA PHE D 1175 -8.36 5.62 47.91
C PHE D 1175 -9.85 5.28 47.85
N LEU D 1176 -10.50 5.69 46.78
CA LEU D 1176 -11.92 5.39 46.60
C LEU D 1176 -12.11 3.89 46.45
N PRO D 1177 -12.92 3.24 47.27
CA PRO D 1177 -13.09 1.79 47.15
C PRO D 1177 -13.73 1.41 45.83
N GLY D 1178 -13.19 0.36 45.20
CA GLY D 1178 -13.60 -0.07 43.89
C GLY D 1178 -12.74 0.45 42.76
N SER D 1179 -11.95 1.49 43.01
CA SER D 1179 -11.09 2.04 41.98
C SER D 1179 -9.87 1.14 41.76
N LEU D 1180 -9.39 1.13 40.52
CA LEU D 1180 -8.25 0.31 40.14
C LEU D 1180 -6.99 1.17 40.24
N ILE D 1181 -6.13 0.86 41.20
CA ILE D 1181 -4.95 1.67 41.49
C ILE D 1181 -3.71 0.79 41.34
N ASP D 1182 -2.61 1.43 40.93
CA ASP D 1182 -1.36 0.72 40.73
C ASP D 1182 -0.86 0.12 42.04
N ARG D 1183 -0.29 -1.08 41.97
CA ARG D 1183 0.20 -1.82 43.14
C ARG D 1183 1.49 -1.24 43.70
N ALA D 1184 1.91 -0.07 43.25
CA ALA D 1184 3.01 0.66 43.87
C ALA D 1184 2.53 1.86 44.67
N GLU D 1185 1.57 2.62 44.13
CA GLU D 1185 0.95 3.68 44.91
C GLU D 1185 0.07 3.10 46.02
N PHE D 1186 -0.47 1.89 45.81
CA PHE D 1186 -1.29 1.25 46.83
C PHE D 1186 -0.46 0.85 48.04
N GLU D 1187 0.71 0.28 47.83
CA GLU D 1187 1.58 -0.13 48.92
C GLU D 1187 2.43 1.01 49.46
N ALA D 1188 2.46 2.16 48.78
CA ALA D 1188 3.14 3.34 49.30
C ALA D 1188 2.25 4.18 50.20
N GLU D 1189 0.92 4.10 50.03
CA GLU D 1189 -0.01 4.78 50.91
C GLU D 1189 -0.32 3.97 52.16
N ASN D 1190 -0.47 2.65 52.02
CA ASN D 1190 -0.61 1.78 53.18
C ASN D 1190 0.66 1.68 53.99
N ARG D 1191 1.78 2.22 53.50
CA ARG D 1191 3.02 2.23 54.26
C ARG D 1191 3.09 3.41 55.21
N ARG D 1192 2.47 4.54 54.84
CA ARG D 1192 2.41 5.72 55.70
C ARG D 1192 1.28 5.63 56.71
N VAL D 1193 0.13 5.08 56.32
CA VAL D 1193 -1.02 5.01 57.21
C VAL D 1193 -0.78 3.96 58.31
N VAL D 1194 -0.07 2.87 57.98
CA VAL D 1194 0.28 1.88 59.00
C VAL D 1194 1.13 2.52 60.09
N ALA D 1195 2.08 3.39 59.70
CA ALA D 1195 2.91 4.09 60.66
C ALA D 1195 2.26 5.35 61.20
N GLU D 1196 1.13 5.78 60.64
CA GLU D 1196 0.43 6.97 61.12
C GLU D 1196 -0.59 6.64 62.21
N GLY D 1197 -1.08 5.41 62.27
CA GLY D 1197 -2.07 4.98 63.25
C GLY D 1197 -3.38 4.54 62.63
N GLY D 1198 -3.76 5.12 61.50
CA GLY D 1198 -4.99 4.77 60.84
C GLY D 1198 -4.95 3.37 60.23
N GLU D 1199 -6.08 2.97 59.67
CA GLU D 1199 -6.20 1.64 59.07
C GLU D 1199 -5.74 1.68 57.62
N PRO D 1200 -4.85 0.78 57.22
CA PRO D 1200 -4.45 0.72 55.81
C PRO D 1200 -5.58 0.18 54.94
N ALA D 1201 -5.56 0.57 53.67
CA ALA D 1201 -6.61 0.16 52.75
C ALA D 1201 -6.43 -1.30 52.35
N ALA D 1202 -7.56 -1.99 52.17
CA ALA D 1202 -7.53 -3.37 51.72
C ALA D 1202 -7.19 -3.45 50.24
N GLY D 1203 -6.74 -4.63 49.81
CA GLY D 1203 -6.32 -4.83 48.45
C GLY D 1203 -6.83 -6.14 47.88
N ARG D 1204 -6.76 -6.24 46.55
CA ARG D 1204 -7.15 -7.43 45.81
C ARG D 1204 -6.60 -7.34 44.39
N PRO D 1205 -5.79 -8.30 43.96
CA PRO D 1205 -5.24 -8.25 42.60
C PRO D 1205 -6.34 -8.34 41.56
N VAL D 1206 -6.13 -7.63 40.45
CA VAL D 1206 -7.14 -7.50 39.39
C VAL D 1206 -6.46 -7.67 38.05
N LEU D 1207 -7.05 -8.51 37.19
CA LEU D 1207 -6.59 -8.68 35.82
C LEU D 1207 -7.28 -7.67 34.91
N MET D 1208 -6.49 -6.94 34.14
CA MET D 1208 -7.00 -5.92 33.24
C MET D 1208 -6.61 -6.23 31.81
N GLY D 1209 -7.51 -5.93 30.88
CA GLY D 1209 -7.16 -5.99 29.48
C GLY D 1209 -6.18 -4.90 29.09
N ILE D 1210 -5.44 -5.14 28.00
CA ILE D 1210 -4.43 -4.19 27.58
C ILE D 1210 -5.06 -2.85 27.20
N THR D 1211 -6.26 -2.89 26.61
CA THR D 1211 -6.94 -1.65 26.24
C THR D 1211 -7.38 -0.87 27.49
N LYS D 1212 -7.80 -1.58 28.53
CA LYS D 1212 -8.23 -0.91 29.76
C LYS D 1212 -7.03 -0.35 30.52
N ALA D 1213 -5.94 -1.11 30.60
CA ALA D 1213 -4.75 -0.63 31.30
C ALA D 1213 -4.09 0.51 30.55
N SER D 1214 -4.19 0.53 29.22
CA SER D 1214 -3.60 1.62 28.45
C SER D 1214 -4.32 2.94 28.72
N LEU D 1215 -5.66 2.91 28.72
CA LEU D 1215 -6.42 4.12 29.03
C LEU D 1215 -6.31 4.51 30.49
N ALA D 1216 -6.01 3.57 31.37
CA ALA D 1216 -5.81 3.87 32.79
C ALA D 1216 -4.44 4.43 33.10
N THR D 1217 -3.62 4.69 32.08
CA THR D 1217 -2.29 5.25 32.33
C THR D 1217 -2.41 6.65 32.89
N ASP D 1218 -1.39 7.06 33.65
CA ASP D 1218 -1.46 8.33 34.37
C ASP D 1218 -1.33 9.54 33.45
N SER D 1219 -0.80 9.36 32.25
CA SER D 1219 -0.66 10.46 31.30
C SER D 1219 -1.94 10.59 30.49
N TRP D 1220 -2.61 11.75 30.60
CA TRP D 1220 -3.79 11.99 29.78
C TRP D 1220 -3.42 12.31 28.34
N LEU D 1221 -2.19 12.78 28.09
CA LEU D 1221 -1.75 13.04 26.73
C LEU D 1221 -1.44 11.74 26.00
N SER D 1222 -0.89 10.75 26.71
CA SER D 1222 -0.63 9.45 26.10
C SER D 1222 -1.92 8.68 25.84
N ALA D 1223 -2.97 8.97 26.60
CA ALA D 1223 -4.26 8.31 26.43
C ALA D 1223 -5.13 8.97 25.37
N ALA D 1224 -5.13 10.31 25.31
CA ALA D 1224 -5.95 11.01 24.34
C ALA D 1224 -5.52 10.72 22.90
N SER D 1225 -4.28 10.31 22.69
CA SER D 1225 -3.79 9.97 21.37
C SER D 1225 -3.91 8.48 21.05
N PHE D 1226 -4.54 7.71 21.94
CA PHE D 1226 -4.69 6.27 21.72
C PHE D 1226 -6.10 5.97 21.24
N GLN D 1227 -7.07 5.97 22.16
CA GLN D 1227 -8.46 5.71 21.83
C GLN D 1227 -9.36 6.61 22.66
N GLU D 1228 -10.58 6.82 22.16
CA GLU D 1228 -11.62 7.56 22.87
C GLU D 1228 -11.12 8.94 23.27
N THR D 1229 -10.82 9.75 22.26
CA THR D 1229 -10.19 11.06 22.49
C THR D 1229 -11.09 11.96 23.33
N THR D 1230 -12.37 12.03 22.97
CA THR D 1230 -13.29 12.90 23.71
C THR D 1230 -13.55 12.38 25.11
N ARG D 1231 -13.69 11.06 25.25
CA ARG D 1231 -13.98 10.50 26.57
C ARG D 1231 -12.82 10.70 27.55
N VAL D 1232 -11.59 10.78 27.04
CA VAL D 1232 -10.45 10.99 27.91
C VAL D 1232 -10.28 12.47 28.23
N LEU D 1233 -10.48 13.34 27.24
CA LEU D 1233 -10.32 14.77 27.47
C LEU D 1233 -11.39 15.33 28.39
N THR D 1234 -12.59 14.74 28.38
CA THR D 1234 -13.64 15.18 29.29
C THR D 1234 -13.26 14.88 30.74
N ASP D 1235 -12.88 13.64 31.02
CA ASP D 1235 -12.46 13.27 32.37
C ASP D 1235 -11.16 13.95 32.78
N ALA D 1236 -10.36 14.41 31.80
CA ALA D 1236 -9.11 15.07 32.13
C ALA D 1236 -9.34 16.44 32.74
N ALA D 1237 -10.28 17.21 32.18
CA ALA D 1237 -10.52 18.56 32.67
C ALA D 1237 -11.39 18.57 33.92
N ILE D 1238 -12.22 17.54 34.12
CA ILE D 1238 -13.05 17.47 35.31
C ILE D 1238 -12.19 17.19 36.54
N ASN D 1239 -11.43 16.10 36.50
CA ASN D 1239 -10.48 15.81 37.58
C ASN D 1239 -9.31 16.78 37.61
N CYS D 1240 -9.18 17.65 36.60
CA CYS D 1240 -8.11 18.64 36.52
C CYS D 1240 -6.74 17.98 36.61
N ARG D 1241 -6.55 16.93 35.80
CA ARG D 1241 -5.31 16.17 35.85
C ARG D 1241 -4.16 16.97 35.26
N SER D 1242 -2.99 16.83 35.89
CA SER D 1242 -1.75 17.40 35.39
C SER D 1242 -0.83 16.28 34.95
N ASP D 1243 -0.24 16.42 33.76
CA ASP D 1243 0.58 15.38 33.16
C ASP D 1243 2.05 15.73 33.33
N LYS D 1244 2.77 14.88 34.06
CA LYS D 1244 4.22 14.97 34.15
C LYS D 1244 4.81 14.43 32.85
N LEU D 1245 5.36 15.31 32.02
CA LEU D 1245 5.84 14.90 30.71
C LEU D 1245 7.06 13.99 30.81
N ASN D 1246 6.85 12.72 31.16
CA ASN D 1246 7.93 11.75 31.34
C ASN D 1246 7.40 10.42 30.78
N GLY D 1247 7.65 10.19 29.50
CA GLY D 1247 7.17 9.01 28.84
C GLY D 1247 7.48 9.08 27.37
N LEU D 1248 7.53 7.89 26.78
CA LEU D 1248 7.92 7.80 25.36
C LEU D 1248 6.91 8.51 24.47
N LYS D 1249 5.63 8.21 24.64
CA LYS D 1249 4.61 8.79 23.76
C LYS D 1249 4.46 10.29 24.01
N GLU D 1250 4.73 10.75 25.23
CA GLU D 1250 4.58 12.17 25.54
C GLU D 1250 5.72 13.00 24.96
N ASN D 1251 6.96 12.57 25.17
CA ASN D 1251 8.10 13.32 24.66
C ASN D 1251 8.16 13.35 23.14
N VAL D 1252 7.54 12.37 22.47
CA VAL D 1252 7.46 12.40 21.01
C VAL D 1252 6.62 13.57 20.54
N ILE D 1253 5.53 13.86 21.26
CA ILE D 1253 4.63 14.93 20.84
C ILE D 1253 5.28 16.29 21.04
N ILE D 1254 5.84 16.53 22.23
CA ILE D 1254 6.41 17.84 22.56
C ILE D 1254 7.80 18.04 22.00
N GLY D 1255 8.42 17.00 21.45
CA GLY D 1255 9.74 17.12 20.86
C GLY D 1255 10.91 16.88 21.80
N LYS D 1256 10.66 16.31 22.98
CA LYS D 1256 11.76 15.99 23.88
C LYS D 1256 12.36 14.63 23.53
N LEU D 1257 13.59 14.42 23.99
CA LEU D 1257 14.22 13.11 23.85
C LEU D 1257 13.45 12.07 24.65
N ILE D 1258 13.18 10.94 24.03
CA ILE D 1258 12.42 9.88 24.71
C ILE D 1258 13.25 9.31 25.84
N PRO D 1259 12.67 9.10 27.03
CA PRO D 1259 13.45 8.53 28.14
C PRO D 1259 13.74 7.05 27.95
N ALA D 1260 14.50 6.73 26.90
CA ALA D 1260 14.86 5.35 26.60
C ALA D 1260 16.09 5.34 25.72
N GLY D 1261 16.90 4.30 25.88
CA GLY D 1261 18.10 4.18 25.07
C GLY D 1261 19.08 5.29 25.38
N THR D 1262 19.45 6.05 24.34
CA THR D 1262 20.35 7.19 24.49
C THR D 1262 19.64 8.42 25.02
N GLY D 1263 18.39 8.30 25.45
CA GLY D 1263 17.62 9.44 25.89
C GLY D 1263 17.50 9.55 27.40
N ILE D 1264 17.80 8.47 28.12
CA ILE D 1264 17.75 8.52 29.58
C ILE D 1264 18.84 9.44 30.09
N ASN D 1265 18.63 9.99 31.28
CA ASN D 1265 19.57 10.94 31.86
C ASN D 1265 20.93 10.31 32.16
N ARG D 1266 21.01 8.98 32.22
CA ARG D 1266 22.27 8.32 32.54
C ARG D 1266 23.27 8.48 31.40
N TYR D 1267 22.85 8.19 30.17
CA TYR D 1267 23.73 8.34 29.02
C TYR D 1267 23.71 9.74 28.41
N ARG D 1268 22.64 10.50 28.64
CA ARG D 1268 22.51 11.80 27.99
C ARG D 1268 23.51 12.80 28.55
N ASN D 1269 23.44 13.09 29.84
CA ASN D 1269 24.34 14.04 30.49
C ASN D 1269 25.65 13.35 30.77
N ILE D 1270 26.53 13.33 29.77
CA ILE D 1270 27.85 12.70 29.88
C ILE D 1270 28.87 13.66 29.29
N ALA D 1271 29.97 13.87 30.02
CA ALA D 1271 31.06 14.73 29.58
C ALA D 1271 32.23 13.87 29.14
N VAL D 1272 32.79 14.19 27.97
CA VAL D 1272 33.93 13.49 27.42
C VAL D 1272 35.09 14.47 27.30
N GLN D 1273 36.24 14.11 27.89
CA GLN D 1273 37.45 14.89 27.83
C GLN D 1273 38.59 14.03 27.32
N PRO D 1274 39.50 14.60 26.52
CA PRO D 1274 40.63 13.81 26.04
C PRO D 1274 41.56 13.42 27.17
N THR D 1275 42.27 12.31 26.98
CA THR D 1275 43.31 11.94 27.92
C THR D 1275 44.43 12.97 27.88
N GLU D 1276 45.32 12.89 28.87
CA GLU D 1276 46.35 13.92 29.00
C GLU D 1276 47.38 13.82 27.90
N GLU D 1277 47.63 12.63 27.37
CA GLU D 1277 48.60 12.47 26.29
C GLU D 1277 48.08 13.10 25.01
N ALA D 1278 48.94 13.85 24.32
CA ALA D 1278 48.59 14.48 23.07
C ALA D 1278 49.86 14.74 22.28
N ARG D 1279 49.69 14.98 20.98
CA ARG D 1279 50.82 15.25 20.12
C ARG D 1279 51.30 16.69 20.29
N ALA D 1280 52.42 17.00 19.64
CA ALA D 1280 53.09 18.29 19.86
C ALA D 1280 52.20 19.45 19.43
N ALA D 1281 51.58 19.34 18.26
CA ALA D 1281 50.71 20.41 17.76
C ALA D 1281 49.24 20.10 18.01
N GLY E 28 41.56 -11.57 13.89
CA GLY E 28 40.91 -12.81 13.52
C GLY E 28 39.72 -12.55 12.60
N TYR E 29 39.90 -11.63 11.66
CA TYR E 29 38.84 -11.23 10.75
C TYR E 29 39.44 -10.48 9.57
N ASP E 30 38.67 -10.38 8.49
CA ASP E 30 39.09 -9.60 7.34
C ASP E 30 39.11 -8.12 7.69
N THR E 31 39.93 -7.36 6.97
CA THR E 31 40.10 -5.94 7.23
C THR E 31 38.76 -5.22 7.12
N PRO E 32 38.31 -4.53 8.17
CA PRO E 32 37.01 -3.83 8.09
C PRO E 32 37.08 -2.68 7.09
N LEU E 33 36.10 -2.64 6.20
CA LEU E 33 36.07 -1.67 5.12
C LEU E 33 34.94 -0.68 5.32
N GLY E 34 35.23 0.59 5.12
CA GLY E 34 34.19 1.62 5.14
C GLY E 34 33.69 1.88 6.55
N ILE E 35 32.36 1.93 6.69
CA ILE E 35 31.74 2.31 7.95
C ILE E 35 31.87 1.26 9.03
N THR E 36 32.26 0.04 8.67
CA THR E 36 32.46 -1.03 9.65
C THR E 36 33.77 -0.88 10.41
N ASN E 37 34.59 0.12 10.09
CA ASN E 37 35.85 0.35 10.77
C ASN E 37 35.75 1.61 11.62
N PRO E 38 36.18 1.57 12.90
CA PRO E 38 36.74 0.41 13.61
C PRO E 38 35.72 -0.69 13.84
N PRO E 39 36.18 -1.93 14.01
CA PRO E 39 35.25 -3.05 14.24
C PRO E 39 34.33 -2.77 15.42
N ILE E 40 33.05 -3.12 15.23
CA ILE E 40 32.05 -2.86 16.25
C ILE E 40 32.29 -3.70 17.50
N ASP E 41 33.09 -4.76 17.41
CA ASP E 41 33.35 -5.63 18.56
C ASP E 41 34.39 -5.03 19.48
N GLU E 42 35.50 -4.54 18.92
CA GLU E 42 36.53 -3.91 19.73
C GLU E 42 36.07 -2.58 20.29
N LEU E 43 35.12 -1.91 19.62
CA LEU E 43 34.60 -0.65 20.12
C LEU E 43 33.71 -0.86 21.34
N LEU E 44 33.05 -2.01 21.44
CA LEU E 44 32.18 -2.30 22.58
C LEU E 44 32.94 -2.79 23.80
N ASP E 45 34.27 -2.88 23.72
CA ASP E 45 35.07 -3.28 24.88
C ASP E 45 35.44 -2.09 25.76
N ARG E 46 35.68 -0.93 25.16
CA ARG E 46 36.00 0.28 25.93
C ARG E 46 34.77 1.01 26.41
N VAL E 47 33.58 0.42 26.27
CA VAL E 47 32.33 1.09 26.61
C VAL E 47 31.40 0.09 27.26
N SER E 48 30.38 0.63 27.94
CA SER E 48 29.53 -0.21 28.77
C SER E 48 28.38 -0.80 27.96
N SER E 49 27.85 -0.05 26.99
CA SER E 49 26.68 -0.50 26.24
C SER E 49 26.71 0.13 24.85
N LYS E 50 25.82 -0.36 23.98
CA LYS E 50 25.66 0.23 22.66
C LYS E 50 25.21 1.69 22.76
N TYR E 51 24.27 1.98 23.66
CA TYR E 51 23.75 3.33 23.79
C TYR E 51 24.79 4.28 24.36
N ALA E 52 25.71 3.77 25.19
CA ALA E 52 26.74 4.63 25.75
C ALA E 52 27.77 5.03 24.72
N LEU E 53 28.10 4.11 23.80
CA LEU E 53 29.09 4.41 22.77
C LEU E 53 28.59 5.49 21.82
N VAL E 54 27.27 5.57 21.62
CA VAL E 54 26.72 6.58 20.72
C VAL E 54 27.00 7.98 21.25
N ILE E 55 26.75 8.19 22.55
CA ILE E 55 26.96 9.51 23.13
C ILE E 55 28.44 9.86 23.18
N TYR E 56 29.29 8.87 23.51
CA TYR E 56 30.73 9.12 23.57
C TYR E 56 31.25 9.59 22.22
N ALA E 57 30.83 8.92 21.14
CA ALA E 57 31.33 9.28 19.82
C ALA E 57 30.72 10.59 19.33
N ALA E 58 29.43 10.82 19.62
CA ALA E 58 28.75 11.99 19.09
C ALA E 58 29.28 13.27 19.73
N LYS E 59 29.41 13.29 21.06
CA LYS E 59 29.86 14.50 21.74
C LYS E 59 31.32 14.81 21.42
N ARG E 60 32.14 13.77 21.22
CA ARG E 60 33.52 14.00 20.79
C ARG E 60 33.56 14.47 19.35
N ALA E 61 32.65 13.96 18.51
CA ALA E 61 32.57 14.42 17.12
C ALA E 61 32.19 15.89 17.05
N ARG E 62 31.41 16.37 18.03
CA ARG E 62 31.11 17.80 18.09
C ARG E 62 32.34 18.61 18.46
N GLN E 63 33.20 18.05 19.31
CA GLN E 63 34.44 18.74 19.67
C GLN E 63 35.36 18.87 18.45
N ILE E 64 35.57 17.78 17.72
CA ILE E 64 36.45 17.80 16.56
C ILE E 64 35.90 18.73 15.50
N ASN E 65 34.57 18.76 15.34
CA ASN E 65 33.96 19.62 14.33
C ASN E 65 34.11 21.09 14.69
N ASP E 66 34.03 21.42 15.97
CA ASP E 66 34.25 22.80 16.40
C ASP E 66 35.71 23.21 16.29
N TYR E 67 36.63 22.24 16.37
CA TYR E 67 38.04 22.56 16.17
C TYR E 67 38.32 22.96 14.73
N TYR E 68 37.71 22.27 13.76
CA TYR E 68 37.91 22.61 12.36
C TYR E 68 37.23 23.92 11.97
N ASN E 69 36.21 24.34 12.72
CA ASN E 69 35.53 25.60 12.47
C ASN E 69 36.03 26.74 13.33
N GLN E 70 36.86 26.45 14.34
CA GLN E 70 37.48 27.48 15.17
C GLN E 70 39.00 27.39 15.14
N LEU E 71 39.56 26.75 14.12
CA LEU E 71 41.01 26.69 13.98
C LEU E 71 41.60 27.99 13.46
N GLY E 72 40.86 28.70 12.61
CA GLY E 72 41.35 29.95 12.05
C GLY E 72 40.99 31.16 12.89
N GLU E 73 40.00 31.03 13.76
CA GLU E 73 39.53 32.14 14.59
C GLU E 73 39.25 31.66 16.00
N GLY E 74 39.61 32.49 16.98
CA GLY E 74 39.21 32.28 18.36
C GLY E 74 40.13 31.35 19.12
N ILE E 75 40.18 31.57 20.44
CA ILE E 75 40.89 30.67 21.34
C ILE E 75 39.86 29.78 22.02
N LEU E 76 40.28 29.01 23.01
CA LEU E 76 39.42 28.05 23.71
C LEU E 76 38.76 27.06 22.75
N GLU E 77 39.35 26.89 21.56
CA GLU E 77 38.82 25.92 20.61
C GLU E 77 38.95 24.51 21.17
N TYR E 78 37.96 23.67 20.85
CA TYR E 78 37.94 22.31 21.36
C TYR E 78 39.20 21.56 20.92
N VAL E 79 39.56 20.54 21.72
CA VAL E 79 40.79 19.80 21.48
C VAL E 79 40.74 19.14 20.11
N GLY E 80 41.84 19.27 19.36
CA GLY E 80 41.89 18.77 18.02
C GLY E 80 41.93 17.25 17.98
N PRO E 81 41.98 16.71 16.76
CA PRO E 81 42.04 15.25 16.61
C PRO E 81 43.33 14.68 17.19
N LEU E 82 43.18 13.55 17.88
CA LEU E 82 44.30 12.94 18.58
C LEU E 82 45.11 11.99 17.70
N VAL E 83 44.45 11.29 16.78
CA VAL E 83 45.13 10.43 15.83
C VAL E 83 45.35 11.19 14.54
N GLU E 84 46.18 10.66 13.67
CA GLU E 84 46.39 11.25 12.36
C GLU E 84 45.15 11.04 11.50
N PRO E 85 44.46 12.10 11.08
CA PRO E 85 43.26 11.91 10.28
C PRO E 85 43.56 11.71 8.81
N GLY E 86 42.69 10.98 8.14
CA GLY E 86 42.78 10.86 6.70
C GLY E 86 42.32 12.12 5.99
N LEU E 87 42.67 12.23 4.72
CA LEU E 87 42.28 13.40 3.94
C LEU E 87 40.76 13.42 3.77
N GLN E 88 40.15 14.52 4.22
CA GLN E 88 38.70 14.71 4.15
C GLN E 88 37.96 13.63 4.93
N GLU E 89 38.47 13.28 6.11
CA GLU E 89 37.84 12.29 6.95
C GLU E 89 36.73 12.92 7.78
N LYS E 90 35.64 12.19 7.96
CA LYS E 90 34.50 12.73 8.69
C LYS E 90 34.80 12.79 10.18
N PRO E 91 34.34 13.84 10.88
CA PRO E 91 34.63 13.95 12.32
C PRO E 91 34.11 12.79 13.14
N LEU E 92 33.04 12.12 12.69
CA LEU E 92 32.56 10.95 13.40
C LEU E 92 33.53 9.79 13.25
N SER E 93 34.12 9.63 12.07
CA SER E 93 35.08 8.55 11.85
C SER E 93 36.37 8.80 12.63
N ILE E 94 36.79 10.06 12.72
CA ILE E 94 37.98 10.41 13.50
C ILE E 94 37.76 10.09 14.97
N ALA E 95 36.60 10.47 15.50
CA ALA E 95 36.30 10.24 16.91
C ALA E 95 36.16 8.75 17.20
N LEU E 96 35.72 7.95 16.22
CA LEU E 96 35.52 6.53 16.46
C LEU E 96 36.84 5.77 16.46
N ARG E 97 37.86 6.27 15.76
CA ARG E 97 39.16 5.61 15.78
C ARG E 97 39.89 5.88 17.08
N GLU E 98 39.85 7.12 17.58
CA GLU E 98 40.54 7.44 18.82
C GLU E 98 39.89 6.79 20.03
N ILE E 99 38.59 6.48 19.96
CA ILE E 99 37.97 5.67 21.01
C ILE E 99 38.52 4.25 20.97
N HIS E 100 38.72 3.72 19.76
CA HIS E 100 39.34 2.40 19.64
C HIS E 100 40.80 2.41 20.08
N ALA E 101 41.47 3.55 19.98
CA ALA E 101 42.88 3.68 20.35
C ALA E 101 43.07 4.06 21.81
N ASP E 102 42.00 4.09 22.60
CA ASP E 102 42.07 4.37 24.04
C ASP E 102 42.72 5.72 24.32
N LEU E 103 42.36 6.72 23.51
CA LEU E 103 42.91 8.07 23.67
C LEU E 103 41.92 9.03 24.31
N LEU E 104 40.79 8.52 24.81
CA LEU E 104 39.76 9.36 25.41
C LEU E 104 39.33 8.79 26.75
N GLU E 105 38.67 9.64 27.53
CA GLU E 105 38.11 9.27 28.82
C GLU E 105 36.58 9.33 28.74
N HIS E 106 35.93 9.33 29.90
CA HIS E 106 34.47 9.35 29.95
C HIS E 106 34.03 9.79 31.33
N THR E 107 32.74 10.07 31.47
CA THR E 107 32.16 10.48 32.75
C THR E 107 30.67 10.11 32.72
N GLU E 108 30.33 9.00 33.36
CA GLU E 108 28.94 8.54 33.41
C GLU E 108 28.23 9.10 34.63
N VAL F 4 -52.14 45.21 28.72
CA VAL F 4 -51.87 44.78 30.09
C VAL F 4 -51.51 43.29 30.12
N SER F 5 -51.80 42.63 31.25
CA SER F 5 -51.51 41.21 31.36
C SER F 5 -52.36 40.39 30.40
N GLY F 6 -53.63 40.74 30.25
CA GLY F 6 -54.50 40.00 29.34
C GLY F 6 -54.08 40.14 27.89
N ALA F 7 -53.63 41.33 27.50
CA ALA F 7 -53.17 41.54 26.12
C ALA F 7 -51.87 40.79 25.87
N ALA F 8 -50.98 40.74 26.86
CA ALA F 8 -49.73 40.01 26.71
C ALA F 8 -49.97 38.51 26.61
N ALA F 9 -50.96 38.00 27.34
CA ALA F 9 -51.29 36.58 27.24
C ALA F 9 -51.97 36.25 25.91
N ALA F 10 -52.64 37.23 25.30
CA ALA F 10 -53.32 36.98 24.04
C ALA F 10 -52.32 36.76 22.91
N GLU F 11 -51.31 37.62 22.80
CA GLU F 11 -50.32 37.46 21.75
C GLU F 11 -49.45 36.23 21.97
N ALA F 12 -49.22 35.86 23.24
CA ALA F 12 -48.46 34.64 23.53
C ALA F 12 -49.23 33.40 23.10
N ALA F 13 -50.54 33.38 23.36
CA ALA F 13 -51.37 32.30 22.86
C ALA F 13 -51.48 32.35 21.34
N LEU F 14 -51.46 33.56 20.77
CA LEU F 14 -51.53 33.70 19.32
C LEU F 14 -50.27 33.17 18.65
N MET F 15 -49.10 33.60 19.11
CA MET F 15 -47.85 33.11 18.54
C MET F 15 -47.70 31.61 18.76
N ARG F 16 -48.15 31.12 19.91
CA ARG F 16 -48.14 29.68 20.15
C ARG F 16 -49.05 28.96 19.17
N ALA F 17 -50.17 29.58 18.80
CA ALA F 17 -51.09 28.95 17.86
C ALA F 17 -50.47 28.80 16.48
N LEU F 18 -49.81 29.84 15.98
CA LEU F 18 -49.15 29.74 14.67
C LEU F 18 -47.92 28.85 14.74
N TYR F 19 -47.27 28.77 15.91
CA TYR F 19 -46.15 27.86 16.08
C TYR F 19 -46.60 26.40 16.09
N ASP F 20 -47.88 26.13 16.31
CA ASP F 20 -48.36 24.75 16.42
C ASP F 20 -48.93 24.22 15.12
N GLU F 21 -49.45 25.09 14.26
CA GLU F 21 -50.10 24.67 13.02
C GLU F 21 -49.30 25.01 11.76
N HIS F 22 -48.25 25.81 11.87
CA HIS F 22 -47.54 26.28 10.69
C HIS F 22 -46.04 26.04 10.76
N ALA F 23 -45.48 26.02 11.97
CA ALA F 23 -44.03 25.97 12.11
C ALA F 23 -43.46 24.68 11.54
N ALA F 24 -43.98 23.53 11.96
CA ALA F 24 -43.48 22.25 11.47
C ALA F 24 -43.77 22.07 9.98
N VAL F 25 -44.82 22.71 9.48
CA VAL F 25 -45.12 22.62 8.05
C VAL F 25 -44.29 23.62 7.25
N LEU F 26 -44.00 24.79 7.83
CA LEU F 26 -43.15 25.76 7.15
C LEU F 26 -41.71 25.28 7.07
N TRP F 27 -41.28 24.43 8.01
CA TRP F 27 -39.90 23.96 8.01
C TRP F 27 -39.62 23.05 6.82
N ARG F 28 -40.52 22.13 6.52
CA ARG F 28 -40.33 21.23 5.38
C ARG F 28 -40.35 21.96 4.04
N TYR F 29 -40.98 23.14 3.99
CA TYR F 29 -41.03 23.90 2.73
C TYR F 29 -39.70 24.60 2.47
N ALA F 30 -39.19 25.34 3.45
CA ALA F 30 -37.88 25.97 3.29
C ALA F 30 -36.76 24.94 3.20
N LEU F 31 -36.99 23.73 3.73
CA LEU F 31 -35.98 22.68 3.66
C LEU F 31 -35.86 22.11 2.24
N ARG F 32 -36.95 22.13 1.47
CA ARG F 32 -36.87 21.76 0.07
C ARG F 32 -36.21 22.83 -0.78
N LEU F 33 -36.37 24.11 -0.40
CA LEU F 33 -35.79 25.20 -1.18
C LEU F 33 -34.29 25.35 -0.94
N THR F 34 -33.81 24.98 0.24
CA THR F 34 -32.41 25.11 0.59
C THR F 34 -31.66 23.79 0.62
N GLY F 35 -32.28 22.74 1.15
CA GLY F 35 -31.62 21.47 1.32
C GLY F 35 -30.82 21.33 2.60
N ASP F 36 -30.70 22.41 3.38
CA ASP F 36 -29.97 22.40 4.64
C ASP F 36 -30.95 22.57 5.78
N ALA F 37 -31.03 21.55 6.64
CA ALA F 37 -32.02 21.56 7.73
C ALA F 37 -31.73 22.67 8.73
N ALA F 38 -30.45 22.89 9.05
CA ALA F 38 -30.10 23.97 9.96
C ALA F 38 -30.45 25.33 9.39
N GLN F 39 -30.48 25.45 8.05
CA GLN F 39 -30.88 26.71 7.43
C GLN F 39 -32.39 26.90 7.50
N ALA F 40 -33.15 25.82 7.40
CA ALA F 40 -34.61 25.92 7.46
C ALA F 40 -35.08 26.39 8.83
N GLU F 41 -34.40 25.96 9.90
CA GLU F 41 -34.73 26.46 11.23
C GLU F 41 -34.45 27.96 11.34
N ASP F 42 -33.42 28.44 10.65
CA ASP F 42 -33.15 29.88 10.64
C ASP F 42 -34.24 30.65 9.90
N VAL F 43 -34.80 30.06 8.84
CA VAL F 43 -35.85 30.73 8.08
C VAL F 43 -37.15 30.78 8.88
N VAL F 44 -37.44 29.71 9.64
CA VAL F 44 -38.67 29.67 10.41
C VAL F 44 -38.70 30.76 11.48
N GLN F 45 -37.57 30.94 12.18
CA GLN F 45 -37.52 31.94 13.23
C GLN F 45 -37.61 33.35 12.65
N GLU F 46 -37.00 33.57 11.49
CA GLU F 46 -37.09 34.90 10.86
C GLU F 46 -38.48 35.16 10.30
N THR F 47 -39.18 34.11 9.87
CA THR F 47 -40.51 34.31 9.29
C THR F 47 -41.54 34.61 10.37
N LEU F 48 -41.55 33.81 11.44
CA LEU F 48 -42.53 34.03 12.51
C LEU F 48 -42.22 35.28 13.33
N LEU F 49 -40.97 35.73 13.33
CA LEU F 49 -40.65 37.01 13.96
C LEU F 49 -41.33 38.16 13.22
N ARG F 50 -41.38 38.09 11.89
CA ARG F 50 -42.09 39.11 11.12
C ARG F 50 -43.61 38.98 11.26
N ALA F 51 -44.11 37.79 11.58
CA ALA F 51 -45.54 37.64 11.85
C ALA F 51 -45.93 38.35 13.13
N TRP F 52 -45.04 38.38 14.12
CA TRP F 52 -45.27 39.10 15.36
C TRP F 52 -45.23 40.61 15.20
N GLN F 53 -44.86 41.10 14.01
CA GLN F 53 -44.69 42.52 13.77
C GLN F 53 -45.69 43.14 12.81
N HIS F 54 -46.49 42.33 12.11
CA HIS F 54 -47.48 42.84 11.15
C HIS F 54 -48.87 42.43 11.59
N PRO F 55 -49.62 43.32 12.25
CA PRO F 55 -50.98 42.94 12.70
C PRO F 55 -51.98 42.80 11.57
N GLU F 56 -51.65 43.26 10.35
CA GLU F 56 -52.56 43.12 9.23
C GLU F 56 -52.73 41.67 8.81
N VAL F 57 -51.65 40.88 8.88
CA VAL F 57 -51.73 39.48 8.50
C VAL F 57 -52.49 38.68 9.55
N ILE F 58 -52.47 39.13 10.81
CA ILE F 58 -53.14 38.44 11.89
C ILE F 58 -54.52 39.01 12.18
N GLY F 59 -54.91 40.09 11.51
CA GLY F 59 -56.20 40.68 11.75
C GLY F 59 -57.35 39.86 11.21
N ASP F 60 -57.33 39.58 9.91
CA ASP F 60 -58.40 38.85 9.25
C ASP F 60 -58.16 37.35 9.38
N THR F 61 -58.98 36.68 10.19
CA THR F 61 -59.00 35.22 10.19
C THR F 61 -59.76 34.65 9.00
N ALA F 62 -60.67 35.45 8.42
CA ALA F 62 -61.39 35.05 7.20
C ALA F 62 -60.50 35.05 5.97
N ARG F 63 -59.23 35.43 6.10
CA ARG F 63 -58.28 35.40 5.00
C ARG F 63 -57.17 34.40 5.34
N PRO F 64 -56.76 33.56 4.40
CA PRO F 64 -55.76 32.54 4.73
C PRO F 64 -54.43 33.16 5.14
N ALA F 65 -53.87 32.63 6.23
CA ALA F 65 -52.63 33.16 6.79
C ALA F 65 -51.42 32.30 6.51
N ARG F 66 -51.60 31.00 6.27
CA ARG F 66 -50.46 30.12 6.00
C ARG F 66 -49.77 30.50 4.69
N ALA F 67 -50.53 31.06 3.74
CA ALA F 67 -49.95 31.39 2.44
C ALA F 67 -48.99 32.57 2.54
N TRP F 68 -49.28 33.53 3.41
CA TRP F 68 -48.39 34.67 3.57
C TRP F 68 -47.01 34.25 4.09
N LEU F 69 -46.97 33.16 4.85
CA LEU F 69 -45.69 32.69 5.40
C LEU F 69 -44.79 32.12 4.32
N PHE F 70 -45.35 31.31 3.43
CA PHE F 70 -44.54 30.69 2.38
C PHE F 70 -43.98 31.73 1.43
N THR F 71 -44.67 32.85 1.25
CA THR F 71 -44.16 33.91 0.38
C THR F 71 -43.05 34.71 1.07
N VAL F 72 -43.14 34.90 2.39
CA VAL F 72 -42.07 35.57 3.11
C VAL F 72 -40.82 34.69 3.13
N ALA F 73 -40.99 33.40 3.41
CA ALA F 73 -39.84 32.50 3.44
C ALA F 73 -39.21 32.34 2.07
N ARG F 74 -40.04 32.31 1.02
CA ARG F 74 -39.50 32.18 -0.33
C ARG F 74 -38.66 33.38 -0.71
N ASN F 75 -39.13 34.59 -0.39
CA ASN F 75 -38.34 35.78 -0.69
C ASN F 75 -37.12 35.92 0.21
N MET F 76 -37.14 35.32 1.41
CA MET F 76 -35.94 35.28 2.22
C MET F 76 -34.88 34.38 1.60
N ILE F 77 -35.29 33.21 1.12
CA ILE F 77 -34.34 32.27 0.53
C ILE F 77 -33.82 32.78 -0.80
N ILE F 78 -34.65 33.49 -1.57
CA ILE F 78 -34.17 34.09 -2.81
C ILE F 78 -33.25 35.27 -2.53
N ASP F 79 -33.31 35.85 -1.33
CA ASP F 79 -32.35 36.85 -0.91
C ASP F 79 -31.09 36.21 -0.31
N GLU F 80 -31.26 35.10 0.42
CA GLU F 80 -30.09 34.33 0.87
C GLU F 80 -29.30 33.81 -0.31
N ARG F 81 -30.00 33.52 -1.42
CA ARG F 81 -29.38 32.94 -2.60
C ARG F 81 -28.66 33.97 -3.47
N ARG F 82 -28.33 35.14 -2.94
CA ARG F 82 -27.66 36.14 -3.75
C ARG F 82 -26.17 36.23 -3.43
N SER F 83 -25.64 37.45 -3.36
CA SER F 83 -24.20 37.68 -3.52
C SER F 83 -23.38 36.95 -2.47
N ALA F 84 -23.76 37.06 -1.19
CA ALA F 84 -22.96 36.47 -0.12
C ALA F 84 -22.80 34.96 -0.30
N ARG F 85 -23.89 34.28 -0.65
CA ARG F 85 -23.78 32.86 -0.95
C ARG F 85 -23.02 32.62 -2.25
N PHE F 86 -23.13 33.53 -3.22
CA PHE F 86 -22.64 33.28 -4.57
C PHE F 86 -21.16 32.91 -4.59
N ARG F 87 -20.33 33.68 -3.91
CA ARG F 87 -18.88 33.48 -3.95
C ARG F 87 -18.44 32.36 -3.01
N ASN F 88 -18.92 32.38 -1.76
CA ASN F 88 -18.28 31.60 -0.71
C ASN F 88 -18.75 30.14 -0.70
N VAL F 89 -20.04 29.91 -0.91
CA VAL F 89 -20.71 28.65 -0.57
C VAL F 89 -20.10 27.44 -1.27
N VAL F 90 -19.13 27.66 -2.15
CA VAL F 90 -18.73 26.63 -3.10
C VAL F 90 -17.94 25.52 -2.40
N GLY F 91 -16.88 25.89 -1.70
CA GLY F 91 -15.90 24.92 -1.24
C GLY F 91 -15.71 24.93 0.27
N SER F 92 -15.31 23.78 0.78
CA SER F 92 -14.91 23.59 2.17
C SER F 92 -13.54 22.95 2.21
N THR F 93 -12.64 23.50 3.03
CA THR F 93 -11.29 22.96 3.13
C THR F 93 -11.31 21.54 3.67
N ASP F 94 -12.19 21.26 4.65
CA ASP F 94 -12.31 19.90 5.16
C ASP F 94 -12.75 18.94 4.06
N GLN F 95 -13.57 19.43 3.12
CA GLN F 95 -13.98 18.60 2.00
C GLN F 95 -12.80 18.30 1.09
N SER F 96 -12.77 17.10 0.54
CA SER F 96 -11.70 16.69 -0.36
C SER F 96 -11.78 17.47 -1.67
N GLY F 97 -10.67 17.43 -2.42
CA GLY F 97 -10.60 18.10 -3.70
C GLY F 97 -10.12 19.53 -3.65
N THR F 98 -9.80 20.05 -2.47
CA THR F 98 -9.30 21.41 -2.31
C THR F 98 -7.84 21.38 -1.90
N PRO F 99 -6.97 22.07 -2.64
CA PRO F 99 -5.54 22.03 -2.31
C PRO F 99 -5.24 22.76 -1.01
N GLU F 100 -4.42 22.13 -0.17
CA GLU F 100 -4.01 22.76 1.07
C GLU F 100 -3.02 23.89 0.79
N GLN F 101 -3.07 24.93 1.63
CA GLN F 101 -2.19 26.07 1.46
C GLN F 101 -0.74 25.69 1.75
N SER F 102 0.16 26.11 0.86
CA SER F 102 1.58 25.85 1.01
C SER F 102 2.34 27.17 1.07
N THR F 103 3.48 27.16 1.77
CA THR F 103 4.36 28.32 1.80
C THR F 103 5.77 27.84 1.43
N PRO F 104 6.48 28.56 0.56
CA PRO F 104 7.80 28.10 0.13
C PRO F 104 8.80 28.11 1.28
N ASP F 105 9.89 27.37 1.08
CA ASP F 105 10.96 27.33 2.06
C ASP F 105 11.73 28.64 2.06
N GLU F 106 12.45 28.88 3.16
CA GLU F 106 13.23 30.10 3.33
C GLU F 106 14.68 29.93 2.91
N VAL F 107 14.96 28.99 2.00
CA VAL F 107 16.34 28.70 1.62
C VAL F 107 16.97 29.89 0.92
N ASN F 108 16.31 30.40 -0.14
CA ASN F 108 16.83 31.54 -0.86
C ASN F 108 16.91 32.77 0.03
N ALA F 109 15.96 32.93 0.97
CA ALA F 109 16.00 34.08 1.86
C ALA F 109 17.09 33.93 2.92
N ALA F 110 17.31 32.71 3.40
CA ALA F 110 18.33 32.50 4.43
C ALA F 110 19.73 32.68 3.86
N LEU F 111 19.95 32.27 2.61
CA LEU F 111 21.26 32.40 2.01
C LEU F 111 21.61 33.87 1.76
N ASP F 112 20.64 34.66 1.29
CA ASP F 112 20.87 36.09 1.12
C ASP F 112 21.17 36.75 2.45
N ARG F 113 20.40 36.42 3.49
CA ARG F 113 20.64 36.96 4.82
C ARG F 113 22.02 36.59 5.34
N LEU F 114 22.53 35.41 4.96
CA LEU F 114 23.88 35.01 5.38
C LEU F 114 24.93 35.86 4.69
N LEU F 115 24.80 36.07 3.38
CA LEU F 115 25.79 36.86 2.66
C LEU F 115 25.69 38.35 2.99
N ILE F 116 24.47 38.84 3.26
CA ILE F 116 24.32 40.23 3.69
C ILE F 116 25.00 40.43 5.05
N ALA F 117 24.91 39.42 5.93
CA ALA F 117 25.54 39.55 7.24
C ALA F 117 27.06 39.54 7.15
N ASP F 118 27.62 38.84 6.17
CA ASP F 118 29.07 38.84 6.00
C ASP F 118 29.57 40.19 5.49
N ALA F 119 28.90 40.74 4.46
CA ALA F 119 29.29 42.04 3.94
C ALA F 119 29.06 43.15 4.96
N LEU F 120 28.11 42.96 5.88
CA LEU F 120 27.88 43.96 6.92
C LEU F 120 29.03 44.01 7.93
N ALA F 121 29.72 42.88 8.13
CA ALA F 121 30.81 42.86 9.10
C ALA F 121 32.03 43.62 8.59
N GLN F 122 32.24 43.65 7.29
CA GLN F 122 33.37 44.37 6.70
C GLN F 122 33.08 45.85 6.48
N LEU F 123 32.10 46.41 7.19
CA LEU F 123 31.77 47.82 7.13
C LEU F 123 32.20 48.51 8.40
N SER F 124 32.44 49.82 8.31
CA SER F 124 32.77 50.60 9.49
C SER F 124 31.61 50.61 10.46
N ALA F 125 31.93 50.73 11.76
CA ALA F 125 30.90 50.77 12.78
C ALA F 125 29.93 51.91 12.57
N GLU F 126 30.34 52.96 11.86
CA GLU F 126 29.44 54.05 11.52
C GLU F 126 28.55 53.65 10.34
N HIS F 127 29.14 53.09 9.29
CA HIS F 127 28.35 52.68 8.13
C HIS F 127 27.42 51.53 8.47
N ARG F 128 27.89 50.56 9.26
CA ARG F 128 27.05 49.42 9.62
C ARG F 128 25.87 49.84 10.49
N ALA F 129 26.10 50.79 11.40
CA ALA F 129 25.04 51.27 12.27
C ALA F 129 24.12 52.29 11.60
N VAL F 130 24.30 52.55 10.30
CA VAL F 130 23.44 53.43 9.55
C VAL F 130 22.54 52.65 8.59
N ILE F 131 23.08 51.62 7.94
CA ILE F 131 22.25 50.79 7.07
C ILE F 131 21.32 49.91 7.90
N GLN F 132 21.73 49.54 9.11
CA GLN F 132 20.87 48.75 9.98
C GLN F 132 19.76 49.57 10.63
N ARG F 133 19.82 50.89 10.52
CA ARG F 133 18.77 51.76 11.02
C ARG F 133 17.84 52.29 9.92
N SER F 134 18.19 52.07 8.65
CA SER F 134 17.35 52.50 7.55
C SER F 134 16.64 51.35 6.85
N TYR F 135 17.25 50.16 6.84
CA TYR F 135 16.67 48.99 6.19
C TYR F 135 16.22 47.93 7.18
N TYR F 136 16.92 47.74 8.29
CA TYR F 136 16.48 46.77 9.29
C TYR F 136 15.46 47.36 10.26
N ARG F 137 15.56 48.66 10.54
CA ARG F 137 14.60 49.34 11.39
C ARG F 137 13.63 50.22 10.60
N GLY F 138 13.94 50.53 9.35
CA GLY F 138 13.01 51.24 8.49
C GLY F 138 12.73 52.67 8.89
N TRP F 139 13.66 53.32 9.58
CA TRP F 139 13.47 54.70 9.99
C TRP F 139 13.62 55.65 8.80
N SER F 140 13.25 56.91 9.01
CA SER F 140 13.40 57.93 7.99
C SER F 140 14.83 58.47 7.99
N THR F 141 15.11 59.38 7.07
CA THR F 141 16.44 59.98 6.99
C THR F 141 16.71 60.86 8.20
N ALA F 142 15.74 61.68 8.60
CA ALA F 142 15.90 62.56 9.76
C ALA F 142 15.79 61.81 11.08
N GLN F 143 15.14 60.65 11.10
CA GLN F 143 15.05 59.87 12.33
C GLN F 143 16.41 59.31 12.73
N ILE F 144 17.17 58.82 11.77
CA ILE F 144 18.51 58.31 12.06
C ILE F 144 19.44 59.44 12.45
N ALA F 145 19.27 60.61 11.85
CA ALA F 145 20.12 61.76 12.19
C ALA F 145 19.88 62.22 13.62
N THR F 146 18.63 62.13 14.09
CA THR F 146 18.33 62.52 15.46
C THR F 146 18.93 61.54 16.45
N ASP F 147 18.90 60.25 16.12
CA ASP F 147 19.41 59.23 17.04
C ASP F 147 20.92 59.30 17.16
N LEU F 148 21.62 59.25 16.03
CA LEU F 148 23.08 59.21 16.03
C LEU F 148 23.74 60.55 16.36
N GLY F 149 22.95 61.61 16.48
CA GLY F 149 23.53 62.92 16.78
C GLY F 149 24.43 63.44 15.69
N ILE F 150 24.05 63.22 14.43
CA ILE F 150 24.81 63.67 13.27
C ILE F 150 23.89 64.51 12.38
N ALA F 151 24.46 65.03 11.30
CA ALA F 151 23.74 65.93 10.42
C ALA F 151 22.79 65.15 9.51
N GLU F 152 21.88 65.90 8.87
CA GLU F 152 20.94 65.30 7.93
C GLU F 152 21.66 64.71 6.73
N GLY F 153 22.52 65.51 6.09
CA GLY F 153 23.28 65.04 4.95
C GLY F 153 24.33 64.01 5.30
N THR F 154 24.74 63.93 6.57
CA THR F 154 25.70 62.93 6.98
C THR F 154 25.12 61.52 6.85
N VAL F 155 23.83 61.36 7.18
CA VAL F 155 23.18 60.06 7.02
C VAL F 155 23.03 59.73 5.54
N LYS F 156 22.75 60.74 4.71
CA LYS F 156 22.59 60.50 3.28
C LYS F 156 23.89 60.04 2.65
N SER F 157 25.01 60.64 3.06
CA SER F 157 26.30 60.27 2.48
C SER F 157 26.78 58.92 2.98
N ARG F 158 26.57 58.61 4.26
CA ARG F 158 26.96 57.30 4.78
C ARG F 158 26.18 56.19 4.10
N LEU F 159 24.86 56.36 3.97
CA LEU F 159 24.05 55.38 3.26
C LEU F 159 24.50 55.26 1.81
N HIS F 160 24.85 56.37 1.17
CA HIS F 160 25.24 56.35 -0.23
C HIS F 160 26.50 55.51 -0.44
N TYR F 161 27.48 55.63 0.47
CA TYR F 161 28.68 54.84 0.32
C TYR F 161 28.49 53.40 0.83
N ALA F 162 27.93 53.25 2.03
CA ALA F 162 27.79 51.92 2.62
C ALA F 162 27.01 50.99 1.70
N VAL F 163 26.05 51.52 0.95
CA VAL F 163 25.37 50.71 -0.06
C VAL F 163 26.35 50.26 -1.14
N ARG F 164 27.15 51.20 -1.66
CA ARG F 164 28.15 50.85 -2.67
C ARG F 164 29.27 50.02 -2.06
N ALA F 165 29.57 50.21 -0.78
CA ALA F 165 30.59 49.40 -0.12
C ALA F 165 30.18 47.94 -0.05
N LEU F 166 28.88 47.67 0.12
CA LEU F 166 28.41 46.30 0.11
C LEU F 166 28.42 45.71 -1.30
N ARG F 167 28.05 46.53 -2.29
CA ARG F 167 28.09 46.09 -3.69
C ARG F 167 29.51 45.70 -4.10
N LEU F 168 30.51 46.40 -3.58
CA LEU F 168 31.89 45.99 -3.82
C LEU F 168 32.17 44.63 -3.20
N THR F 169 31.67 44.40 -1.98
CA THR F 169 31.93 43.13 -1.30
C THR F 169 31.17 41.98 -1.94
N LEU F 170 29.93 42.23 -2.40
CA LEU F 170 29.13 41.18 -3.00
C LEU F 170 29.66 40.79 -4.37
N GLN F 171 29.96 41.79 -5.22
CA GLN F 171 30.46 41.51 -6.55
C GLN F 171 31.82 40.83 -6.50
N GLU F 172 32.61 41.08 -5.45
CA GLU F 172 33.87 40.37 -5.28
C GLU F 172 33.66 38.90 -4.93
N LEU F 173 32.48 38.53 -4.46
CA LEU F 173 32.16 37.15 -4.14
C LEU F 173 31.21 36.52 -5.16
N GLY F 174 30.92 37.22 -6.25
CA GLY F 174 30.13 36.64 -7.33
C GLY F 174 28.64 36.63 -7.11
N VAL F 175 28.11 37.58 -6.33
CA VAL F 175 26.67 37.66 -6.14
C VAL F 175 26.02 38.17 -7.43
N THR F 176 24.97 37.49 -7.86
CA THR F 176 24.32 37.83 -9.13
C THR F 176 23.62 39.18 -9.01
N ARG F 177 23.81 40.02 -10.01
CA ARG F 177 23.21 41.36 -10.05
C ARG F 177 21.69 41.27 -10.11
ZN ZN I . 14.01 -8.12 38.32
ZN ZN J . -5.08 51.29 9.91
#